data_8Z9C
#
_entry.id   8Z9C
#
_cell.length_a   1.00
_cell.length_b   1.00
_cell.length_c   1.00
_cell.angle_alpha   90.00
_cell.angle_beta   90.00
_cell.angle_gamma   90.00
#
_symmetry.space_group_name_H-M   'P 1'
#
loop_
_entity.id
_entity.type
_entity.pdbx_description
1 polymer 'Protein structure'
2 polymer 'Protein structure'
3 polymer 'Protein structure'
4 polymer 'RNA (48-MER)'
5 polymer 'RNA (41-MER)'
6 non-polymer 'ZINC ION'
#
loop_
_entity_poly.entity_id
_entity_poly.type
_entity_poly.pdbx_seq_one_letter_code
_entity_poly.pdbx_strand_id
1 'polypeptide(L)'
;MAKTMKKIYVTMKTLSPLYTGEVRREDKEAAQKRVNFPVRKTATNKVLIPFKGALRSALEIMLKAKGENVCDTGESRARP
CGRCVTCSLFGSMGRAGRASVDFLISNDTKEQIVRESTHLRIERQTKSASDTFKGEEVIEGATFTATITISNPQEKDLSL
IQSALKFIEENGIGGWLNKGYGRVSFEVKSEDVATDRFLK
;
A,B,C,D,E,F,J
2 'polypeptide(L)'
;MKEIKGILESITGFSIPLDNGEYALYPAGRHLRGAIGYIAFNLDLPISSKFLDFDFDDIIFRDLLPISKCGKIFYPEKNS
NSLKCPSCNEIYGSSVLRNIMARGLSYKEVIEGKKYRLSIIVKDEKYLNEMEAIIRYILSYGIYLGNKVSKGYGKFKIKE
YSIVDILPVKDSEVLLLSDAIIDNGEKDIVFSKKEISSSKFEIIRKRGKAKGDIIRDNNHNGFYIGKYGGLGFGEIISLK
;
G
3 'polypeptide(L)'
;MIKFIGGASKVTGSAFLLETGNAKILIDCGIEQEKGIEKDNNEIIEKKINEIGKADICILTHAHLAASGLVPLLVKKRKV
NKIISTPATKELCRLLFNDFQRIQEENNDIPLYSYDDIESSFEIWDEIDDRNTIELFDTKITFYNNSHIIGSVSVFIETH
NGNYLFSGDIGSKLQQLMDYPPDMPDGNVDYLILESTYGNKSHDSSDRDRLLEIAKTTCENGGKVLIPSFAIGRLQEVLY
TFSNYNFNFPVYIDSPMGSKVTNLIKEYNIYLKKKLRRLSITDDLFNNKYIAINTSNQSKELSNSKEPAVIISASGMLEG
GRILNHLEQIKNDENSTLIFVGYQAQNTRGRKILDGEEKVRCRIEKLNSFSAHADQDELIDYIERLKYTPYKVFLVHGEK
EQREILAKRIISKKIRVELPENYSQGKEILIEKKVVLNINTDNMCNFASYRLMPFSGFIVEKDDRIEINDKNWFDMIWNE
EYNKMRSQIVAEDFSTDQNEDSMALPDMSHDKIIENIEYLFNIKILSKNRIKEFWEEFCKGQKAAIKYITQVHRKNPNTG
RRNWNPPEGDFTDNEIEKLYETAYNTLLSLIKYDKNKVYNILINFNPKL
;
H,I,K,L
4 'polyribonucleotide' GGUUAAAACUCUUCUCAUGCUGGAUUCGAAAUUAGGUGCGCUUCGCGUUUAAGUCCCAUA M
5 'polyribonucleotide' CAGAAGAACACCUAAACGCGAAGCGCACCUAAUUUCGAAUCCAGCAUGAGAAGC N
#
loop_
_chem_comp.id
_chem_comp.type
_chem_comp.name
_chem_comp.formula
A RNA linking ADENOSINE-5'-MONOPHOSPHATE 'C10 H14 N5 O7 P'
C RNA linking CYTIDINE-5'-MONOPHOSPHATE 'C9 H14 N3 O8 P'
G RNA linking GUANOSINE-5'-MONOPHOSPHATE 'C10 H14 N5 O8 P'
U RNA linking URIDINE-5'-MONOPHOSPHATE 'C9 H13 N2 O9 P'
ZN non-polymer 'ZINC ION' 'Zn 2'
#
# COMPACT_ATOMS: atom_id res chain seq x y z
N ALA A 2 -48.55 -10.97 46.15
CA ALA A 2 -49.60 -11.94 46.40
C ALA A 2 -49.60 -12.40 47.85
N LYS A 3 -48.59 -13.23 48.20
CA LYS A 3 -48.27 -13.77 49.52
C LYS A 3 -49.29 -14.78 50.05
N THR A 4 -50.39 -14.99 49.31
CA THR A 4 -51.44 -15.94 49.64
C THR A 4 -51.92 -16.57 48.36
N MET A 5 -52.61 -17.70 48.51
CA MET A 5 -53.13 -18.45 47.37
C MET A 5 -54.30 -19.29 47.88
N LYS A 6 -55.51 -18.96 47.43
CA LYS A 6 -56.68 -19.68 47.86
C LYS A 6 -56.68 -21.08 47.24
N LYS A 7 -57.08 -22.07 48.03
CA LYS A 7 -57.19 -23.46 47.60
C LYS A 7 -58.65 -23.87 47.80
N ILE A 8 -59.43 -23.81 46.72
CA ILE A 8 -60.83 -24.25 46.76
C ILE A 8 -60.87 -25.67 46.22
N TYR A 9 -60.84 -26.63 47.15
CA TYR A 9 -61.05 -28.02 46.81
C TYR A 9 -62.54 -28.25 46.60
N VAL A 10 -62.89 -28.91 45.49
CA VAL A 10 -64.27 -29.11 45.08
C VAL A 10 -64.52 -30.61 44.98
N THR A 11 -65.57 -31.07 45.64
CA THR A 11 -66.04 -32.44 45.55
C THR A 11 -67.43 -32.42 44.93
N MET A 12 -67.60 -33.20 43.88
CA MET A 12 -68.83 -33.22 43.09
C MET A 12 -69.38 -34.64 43.04
N LYS A 13 -70.50 -34.86 43.73
CA LYS A 13 -71.17 -36.16 43.76
C LYS A 13 -72.34 -36.12 42.80
N THR A 14 -72.38 -37.07 41.87
CA THR A 14 -73.44 -37.10 40.88
C THR A 14 -74.74 -37.54 41.51
N LEU A 15 -75.81 -36.78 41.29
CA LEU A 15 -77.14 -37.13 41.77
C LEU A 15 -78.01 -37.70 40.67
N SER A 16 -77.46 -37.88 39.47
CA SER A 16 -78.15 -38.34 38.27
C SER A 16 -77.08 -38.93 37.36
N PRO A 17 -77.43 -39.74 36.36
CA PRO A 17 -76.39 -40.28 35.46
C PRO A 17 -75.78 -39.18 34.60
N LEU A 18 -74.46 -39.11 34.58
CA LEU A 18 -73.74 -38.08 33.85
C LEU A 18 -73.05 -38.66 32.63
N TYR A 19 -72.95 -37.84 31.59
CA TYR A 19 -72.18 -38.16 30.40
C TYR A 19 -71.14 -37.07 30.18
N THR A 20 -69.99 -37.47 29.61
CA THR A 20 -68.97 -36.54 29.13
C THR A 20 -68.29 -37.16 27.92
N GLY A 21 -68.06 -36.34 26.90
CA GLY A 21 -67.48 -36.83 25.68
C GLY A 21 -66.02 -37.18 25.83
N GLU A 22 -65.53 -37.95 24.86
CA GLU A 22 -64.20 -38.52 24.96
C GLU A 22 -63.09 -37.54 24.63
N VAL A 23 -63.41 -36.41 23.97
CA VAL A 23 -62.52 -35.34 23.51
C VAL A 23 -61.52 -35.82 22.45
N ARG A 24 -60.79 -36.90 22.75
CA ARG A 24 -59.97 -37.63 21.77
C ARG A 24 -60.68 -38.01 20.47
N ASN A 45 -56.75 -45.23 33.90
CA ASN A 45 -57.99 -45.38 33.15
C ASN A 45 -59.16 -44.78 33.91
N LYS A 46 -59.20 -43.45 34.00
CA LYS A 46 -60.23 -42.79 34.79
C LYS A 46 -61.03 -41.80 33.95
N VAL A 47 -61.92 -41.04 34.59
CA VAL A 47 -62.84 -40.16 33.88
C VAL A 47 -62.41 -38.74 34.18
N LEU A 48 -62.57 -37.85 33.20
CA LEU A 48 -62.09 -36.49 33.29
C LEU A 48 -63.13 -35.55 32.70
N ILE A 49 -63.52 -34.54 33.46
CA ILE A 49 -64.59 -33.63 33.09
C ILE A 49 -63.96 -32.25 32.97
N PRO A 50 -64.06 -31.57 31.83
CA PRO A 50 -63.65 -30.16 31.76
C PRO A 50 -64.50 -29.27 32.64
N PHE A 51 -63.73 -28.45 33.48
CA PHE A 51 -64.44 -27.64 34.50
C PHE A 51 -64.46 -26.17 34.09
N LYS A 52 -63.42 -25.63 33.60
CA LYS A 52 -63.30 -24.18 33.40
C LYS A 52 -64.47 -23.62 32.60
N GLY A 53 -64.89 -24.35 31.58
CA GLY A 53 -66.00 -23.93 30.72
C GLY A 53 -67.30 -23.82 31.49
N ALA A 54 -67.57 -24.83 32.33
CA ALA A 54 -68.67 -24.87 33.29
C ALA A 54 -68.77 -23.62 34.14
N LEU A 55 -67.72 -23.38 34.93
CA LEU A 55 -67.74 -22.23 35.87
C LEU A 55 -67.84 -20.93 35.08
N ARG A 56 -67.00 -20.75 34.07
CA ARG A 56 -67.01 -19.50 33.33
C ARG A 56 -68.38 -19.23 32.73
N SER A 57 -69.00 -20.24 32.12
CA SER A 57 -70.32 -20.06 31.54
C SER A 57 -71.36 -19.78 32.63
N ALA A 58 -71.28 -20.51 33.75
CA ALA A 58 -72.22 -20.30 34.87
C ALA A 58 -72.09 -18.90 35.43
N LEU A 59 -70.86 -18.41 35.59
CA LEU A 59 -70.66 -17.05 36.08
C LEU A 59 -71.08 -16.00 35.06
N GLU A 60 -70.91 -16.29 33.77
CA GLU A 60 -71.37 -15.36 32.74
C GLU A 60 -72.89 -15.19 32.75
N ILE A 61 -73.64 -16.30 32.80
CA ILE A 61 -75.10 -16.22 32.85
C ILE A 61 -75.57 -15.58 34.16
N MET A 62 -74.93 -15.95 35.28
CA MET A 62 -75.32 -15.41 36.57
C MET A 62 -75.06 -13.90 36.64
N LEU A 63 -73.81 -13.47 36.48
CA LEU A 63 -73.48 -12.06 36.61
C LEU A 63 -74.11 -11.21 35.50
N LYS A 64 -74.42 -11.80 34.34
CA LYS A 64 -75.24 -11.09 33.37
C LYS A 64 -76.65 -10.87 33.89
N ALA A 65 -77.20 -11.87 34.60
CA ALA A 65 -78.50 -11.65 35.23
C ALA A 65 -78.41 -10.73 36.44
N LYS A 66 -77.25 -10.64 37.09
CA LYS A 66 -77.12 -9.75 38.25
C LYS A 66 -76.65 -8.35 37.90
N GLY A 67 -76.84 -7.93 36.65
CA GLY A 67 -76.51 -6.60 36.20
C GLY A 67 -75.04 -6.22 36.28
N GLU A 68 -74.17 -7.07 35.75
CA GLU A 68 -72.73 -6.83 35.77
C GLU A 68 -72.21 -6.83 34.35
N ASN A 69 -71.35 -5.86 34.04
CA ASN A 69 -70.83 -5.71 32.69
C ASN A 69 -69.75 -6.75 32.40
N VAL A 70 -70.17 -8.00 32.19
CA VAL A 70 -69.24 -9.10 31.91
C VAL A 70 -68.85 -9.13 30.44
N CYS A 71 -68.83 -10.34 29.86
CA CYS A 71 -68.52 -10.59 28.46
C CYS A 71 -68.99 -11.99 28.09
N ASP A 72 -69.31 -12.20 26.82
CA ASP A 72 -69.64 -13.53 26.32
C ASP A 72 -68.44 -14.08 25.59
N THR A 73 -67.97 -15.26 26.02
CA THR A 73 -66.78 -15.88 25.40
C THR A 73 -67.13 -17.32 25.03
N GLU A 75 -69.53 -17.70 21.90
CA GLU A 75 -69.65 -17.13 20.56
C GLU A 75 -68.36 -17.30 19.77
N SER A 76 -68.49 -17.54 18.47
CA SER A 76 -67.32 -17.56 17.59
C SER A 76 -66.77 -16.14 17.43
N ARG A 77 -65.43 -16.04 17.47
CA ARG A 77 -64.68 -14.78 17.42
C ARG A 77 -65.10 -13.82 18.54
N ALA A 78 -65.25 -14.36 19.74
CA ALA A 78 -65.62 -13.59 20.93
C ALA A 78 -64.39 -13.44 21.79
N ARG A 79 -63.71 -12.30 21.62
CA ARG A 79 -62.46 -12.03 22.39
C ARG A 79 -62.81 -11.60 23.82
N PRO A 80 -62.06 -12.05 24.84
CA PRO A 80 -62.30 -11.60 26.22
C PRO A 80 -62.00 -10.10 26.37
N CYS A 81 -62.83 -9.39 27.13
CA CYS A 81 -62.65 -7.97 27.37
C CYS A 81 -61.34 -7.69 28.11
N GLY A 82 -61.21 -8.22 29.33
CA GLY A 82 -60.01 -7.99 30.11
C GLY A 82 -60.22 -7.17 31.37
N ARG A 83 -61.48 -6.84 31.66
CA ARG A 83 -61.82 -6.06 32.84
C ARG A 83 -62.93 -6.67 33.69
N CYS A 84 -63.66 -7.67 33.20
CA CYS A 84 -64.77 -8.23 33.94
C CYS A 84 -64.29 -9.22 35.00
N VAL A 85 -65.23 -9.68 35.83
CA VAL A 85 -64.90 -10.58 36.91
C VAL A 85 -64.66 -12.00 36.39
N THR A 86 -65.23 -12.35 35.22
CA THR A 86 -64.85 -13.60 34.59
C THR A 86 -63.53 -13.49 33.84
N CYS A 87 -63.04 -12.27 33.60
CA CYS A 87 -61.73 -12.03 32.98
C CYS A 87 -60.72 -11.56 34.01
N SER A 88 -60.93 -11.92 35.27
CA SER A 88 -59.95 -11.69 36.33
C SER A 88 -59.77 -12.99 37.07
N LEU A 89 -60.75 -13.88 36.95
CA LEU A 89 -60.72 -15.21 37.51
C LEU A 89 -60.36 -16.26 36.47
N PHE A 90 -61.05 -16.27 35.34
CA PHE A 90 -60.75 -17.21 34.26
C PHE A 90 -59.90 -16.58 33.17
N GLY A 91 -59.66 -15.28 33.21
CA GLY A 91 -58.63 -14.65 32.40
C GLY A 91 -59.11 -14.15 31.06
N SER A 92 -58.19 -13.46 30.39
CA SER A 92 -58.46 -12.82 29.11
C SER A 92 -57.33 -13.06 28.12
N MET A 93 -57.36 -12.35 26.99
CA MET A 93 -56.39 -12.50 25.92
C MET A 93 -54.98 -12.09 26.33
N GLY A 94 -54.84 -11.23 27.35
CA GLY A 94 -53.58 -10.79 27.88
C GLY A 94 -53.27 -11.53 29.17
N ARG A 95 -53.60 -10.91 30.31
CA ARG A 95 -53.37 -11.52 31.61
C ARG A 95 -54.21 -12.79 31.79
N ALA A 96 -53.57 -13.83 32.33
CA ALA A 96 -54.21 -15.13 32.43
C ALA A 96 -55.14 -15.20 33.62
N GLY A 97 -55.80 -16.35 33.76
CA GLY A 97 -56.75 -16.53 34.84
C GLY A 97 -56.06 -16.72 36.17
N ARG A 98 -56.55 -16.01 37.19
CA ARG A 98 -56.09 -16.27 38.54
C ARG A 98 -56.55 -17.64 39.02
N ALA A 99 -57.81 -18.00 38.75
CA ALA A 99 -58.35 -19.29 39.17
C ALA A 99 -57.78 -20.36 38.26
N SER A 100 -56.75 -21.06 38.75
CA SER A 100 -56.18 -22.21 38.05
C SER A 100 -57.04 -23.44 38.33
N VAL A 101 -58.17 -23.50 37.62
CA VAL A 101 -59.15 -24.58 37.71
C VAL A 101 -58.50 -25.88 37.26
N ASP A 102 -58.79 -26.98 37.95
CA ASP A 102 -58.28 -28.28 37.55
C ASP A 102 -59.37 -29.04 36.79
N PHE A 103 -59.10 -30.31 36.52
CA PHE A 103 -60.02 -31.20 35.86
C PHE A 103 -60.75 -32.00 36.92
N LEU A 104 -62.08 -32.11 36.79
CA LEU A 104 -62.83 -33.02 37.63
C LEU A 104 -62.44 -34.44 37.26
N ILE A 105 -61.69 -35.10 38.13
CA ILE A 105 -61.15 -36.44 37.87
C ILE A 105 -61.83 -37.39 38.85
N SER A 106 -62.37 -38.48 38.31
CA SER A 106 -63.00 -39.51 39.13
C SER A 106 -61.98 -40.16 40.04
N ASN A 107 -62.29 -40.20 41.34
CA ASN A 107 -61.44 -40.90 42.29
C ASN A 107 -61.51 -42.41 42.10
N ASP A 108 -62.60 -42.91 41.54
CA ASP A 108 -62.77 -44.32 41.24
C ASP A 108 -62.53 -44.56 39.75
N THR A 109 -62.12 -45.79 39.43
CA THR A 109 -61.79 -46.17 38.07
C THR A 109 -63.06 -46.23 37.22
N LYS A 110 -62.91 -46.03 35.90
CA LYS A 110 -64.07 -45.95 35.01
C LYS A 110 -64.73 -47.30 34.77
N GLU A 111 -64.07 -48.41 35.17
CA GLU A 111 -64.63 -49.74 34.99
C GLU A 111 -65.89 -49.93 35.82
N GLN A 112 -65.89 -49.44 37.06
CA GLN A 112 -67.09 -49.46 37.88
C GLN A 112 -67.95 -48.23 37.62
N ILE A 113 -67.31 -47.07 37.39
CA ILE A 113 -68.05 -45.81 37.31
C ILE A 113 -68.81 -45.71 36.00
N VAL A 114 -68.10 -45.74 34.87
CA VAL A 114 -68.76 -45.58 33.58
C VAL A 114 -69.52 -46.85 33.23
N ARG A 115 -70.80 -46.67 32.89
CA ARG A 115 -71.69 -47.78 32.65
C ARG A 115 -72.85 -47.35 31.76
N GLU A 136 -72.58 -44.50 26.29
CA GLU A 136 -72.82 -44.97 27.65
C GLU A 136 -72.47 -43.88 28.66
N GLU A 137 -73.03 -44.00 29.87
CA GLU A 137 -72.92 -42.94 30.87
C GLU A 137 -72.20 -43.42 32.12
N VAL A 138 -72.20 -42.62 33.18
CA VAL A 138 -71.56 -42.97 34.44
C VAL A 138 -72.67 -43.33 35.43
N ILE A 139 -72.31 -44.08 36.46
CA ILE A 139 -73.26 -44.47 37.50
C ILE A 139 -73.52 -43.32 38.46
N GLU A 140 -74.50 -43.53 39.36
CA GLU A 140 -74.86 -42.51 40.33
C GLU A 140 -73.72 -42.21 41.30
N GLY A 141 -73.01 -43.25 41.75
CA GLY A 141 -71.98 -43.07 42.75
C GLY A 141 -70.63 -42.65 42.17
N ALA A 142 -70.34 -41.35 42.25
CA ALA A 142 -69.09 -40.80 41.73
C ALA A 142 -68.58 -39.73 42.67
N THR A 143 -67.24 -39.59 42.70
CA THR A 143 -66.57 -38.70 43.64
C THR A 143 -66.10 -37.40 43.00
N PHE A 144 -65.43 -37.49 41.84
CA PHE A 144 -65.12 -36.42 40.88
C PHE A 144 -64.55 -35.13 41.48
N THR A 145 -63.39 -35.22 42.12
CA THR A 145 -62.82 -34.09 42.84
C THR A 145 -61.91 -33.26 41.95
N ALA A 146 -61.75 -31.99 42.32
CA ALA A 146 -60.91 -31.05 41.59
C ALA A 146 -60.42 -29.97 42.56
N THR A 147 -59.50 -29.14 42.08
CA THR A 147 -58.93 -28.07 42.89
C THR A 147 -58.89 -26.79 42.07
N ILE A 148 -59.31 -25.68 42.67
CA ILE A 148 -59.31 -24.38 42.02
C ILE A 148 -58.39 -23.48 42.82
N THR A 149 -57.32 -23.02 42.19
CA THR A 149 -56.25 -22.38 42.95
C THR A 149 -56.09 -20.95 42.41
N ILE A 150 -56.64 -19.97 43.15
CA ILE A 150 -56.50 -18.57 42.76
C ILE A 150 -55.15 -18.03 43.20
N SER A 151 -54.45 -17.42 42.26
CA SER A 151 -53.09 -16.96 42.46
C SER A 151 -53.01 -15.71 43.33
N ASN A 152 -53.92 -14.75 43.13
CA ASN A 152 -53.99 -13.53 43.93
C ASN A 152 -55.39 -13.45 44.54
N PRO A 153 -55.57 -14.01 45.78
CA PRO A 153 -56.91 -14.09 46.39
C PRO A 153 -57.68 -12.78 46.52
N GLN A 154 -58.78 -12.71 45.78
CA GLN A 154 -59.78 -11.68 45.99
C GLN A 154 -60.88 -12.24 46.86
N GLU A 155 -61.60 -11.36 47.56
CA GLU A 155 -62.54 -11.79 48.59
C GLU A 155 -63.75 -12.50 48.01
N LYS A 156 -64.30 -11.99 46.90
CA LYS A 156 -65.53 -12.51 46.36
C LYS A 156 -65.37 -13.86 45.68
N ASP A 157 -64.12 -14.25 45.39
CA ASP A 157 -63.73 -15.35 44.50
C ASP A 157 -64.39 -16.68 44.83
N LEU A 158 -64.08 -17.20 46.03
CA LEU A 158 -64.71 -18.42 46.55
C LEU A 158 -66.22 -18.33 46.50
N SER A 159 -66.77 -17.16 46.89
CA SER A 159 -68.19 -16.84 46.84
C SER A 159 -68.70 -17.04 45.42
N LEU A 160 -68.01 -16.38 44.47
CA LEU A 160 -68.33 -16.50 43.05
C LEU A 160 -68.21 -17.94 42.59
N ILE A 161 -67.15 -18.62 43.07
CA ILE A 161 -66.91 -20.01 42.68
C ILE A 161 -68.06 -20.89 43.16
N GLN A 162 -68.48 -20.70 44.42
CA GLN A 162 -69.58 -21.50 44.94
C GLN A 162 -70.89 -21.11 44.28
N SER A 163 -71.00 -19.82 43.91
CA SER A 163 -72.17 -19.35 43.18
C SER A 163 -72.26 -20.07 41.84
N ALA A 164 -71.11 -20.20 41.16
CA ALA A 164 -71.08 -20.93 39.89
C ALA A 164 -71.40 -22.39 40.12
N LEU A 165 -70.92 -22.96 41.25
CA LEU A 165 -71.22 -24.34 41.61
C LEU A 165 -72.72 -24.53 41.76
N LYS A 166 -73.39 -23.54 42.38
CA LYS A 166 -74.83 -23.59 42.59
C LYS A 166 -75.54 -23.63 41.24
N PHE A 167 -75.05 -22.82 40.30
CA PHE A 167 -75.70 -22.73 38.99
C PHE A 167 -75.54 -24.04 38.23
N ILE A 168 -74.42 -24.75 38.48
CA ILE A 168 -74.21 -26.03 37.81
C ILE A 168 -75.17 -27.07 38.37
N GLU A 169 -75.50 -26.96 39.67
CA GLU A 169 -76.56 -27.81 40.20
C GLU A 169 -77.91 -27.37 39.66
N GLU A 170 -78.05 -26.08 39.34
CA GLU A 170 -79.31 -25.63 38.75
C GLU A 170 -79.39 -25.97 37.26
N ASN A 171 -78.28 -25.86 36.53
CA ASN A 171 -78.31 -26.08 35.09
C ASN A 171 -77.87 -27.49 34.69
N GLY A 172 -76.62 -27.85 34.99
CA GLY A 172 -76.11 -29.16 34.65
C GLY A 172 -74.64 -29.10 34.28
N ILE A 173 -74.14 -30.23 33.76
CA ILE A 173 -72.72 -30.40 33.44
C ILE A 173 -72.55 -31.53 32.43
N GLY A 174 -71.52 -31.40 31.58
CA GLY A 174 -71.12 -32.48 30.70
C GLY A 174 -72.02 -32.73 29.51
N GLY A 175 -72.92 -31.80 29.21
CA GLY A 175 -73.86 -32.01 28.13
C GLY A 175 -74.99 -32.93 28.51
N TRP A 176 -75.87 -33.15 27.54
CA TRP A 176 -77.13 -33.88 27.64
C TRP A 176 -78.05 -33.30 28.71
N LEU A 177 -77.79 -32.05 29.11
CA LEU A 177 -78.50 -31.46 30.26
C LEU A 177 -80.02 -31.54 30.09
N ASN A 178 -80.55 -31.05 28.97
CA ASN A 178 -81.99 -30.97 28.81
C ASN A 178 -82.64 -32.33 28.97
N LYS A 179 -81.94 -33.39 28.57
CA LYS A 179 -82.45 -34.76 28.62
C LYS A 179 -82.41 -35.37 30.02
N GLY A 180 -82.07 -34.58 31.03
CA GLY A 180 -81.96 -35.08 32.38
C GLY A 180 -80.71 -35.91 32.57
N TYR A 181 -79.55 -35.29 32.46
CA TYR A 181 -78.28 -35.97 32.66
C TYR A 181 -77.34 -35.03 33.40
N GLY A 182 -76.63 -35.57 34.38
CA GLY A 182 -75.56 -34.84 35.02
C GLY A 182 -75.96 -33.88 36.12
N ARG A 183 -77.11 -34.08 36.77
CA ARG A 183 -77.43 -33.32 37.97
C ARG A 183 -76.51 -33.77 39.09
N VAL A 184 -75.73 -32.82 39.63
CA VAL A 184 -74.71 -33.11 40.63
C VAL A 184 -74.88 -32.20 41.83
N SER A 185 -74.16 -32.53 42.90
CA SER A 185 -74.12 -31.73 44.11
C SER A 185 -72.65 -31.44 44.45
N PHE A 186 -72.36 -30.17 44.73
CA PHE A 186 -71.01 -29.75 45.09
C PHE A 186 -70.88 -29.62 46.61
N GLU A 187 -69.68 -29.96 47.10
CA GLU A 187 -69.42 -30.13 48.54
C GLU A 187 -68.12 -29.39 48.88
N VAL A 188 -68.08 -28.10 48.53
CA VAL A 188 -66.85 -27.33 48.47
C VAL A 188 -66.16 -27.17 49.84
N LYS A 189 -64.83 -27.10 49.81
CA LYS A 189 -64.01 -26.88 50.99
C LYS A 189 -62.84 -25.98 50.62
N SER A 190 -62.63 -24.90 51.36
CA SER A 190 -61.63 -23.94 50.94
C SER A 190 -60.67 -23.62 52.08
N GLU A 191 -59.49 -23.13 51.68
CA GLU A 191 -58.50 -22.64 52.63
C GLU A 191 -57.66 -21.60 51.90
N ASP A 192 -56.80 -20.92 52.65
CA ASP A 192 -55.86 -19.96 52.07
C ASP A 192 -54.46 -20.34 52.52
N VAL A 193 -53.61 -20.71 51.58
CA VAL A 193 -52.24 -21.09 51.88
C VAL A 193 -51.34 -19.90 51.60
N ALA A 194 -50.11 -19.96 52.09
CA ALA A 194 -49.06 -19.07 51.64
C ALA A 194 -48.41 -19.67 50.40
N THR A 195 -48.00 -18.81 49.46
CA THR A 195 -47.39 -19.32 48.24
C THR A 195 -45.97 -19.80 48.47
N ASP A 196 -45.37 -19.48 49.62
CA ASP A 196 -44.04 -19.95 49.99
C ASP A 196 -44.12 -21.12 50.98
N ARG A 197 -45.17 -21.93 50.87
CA ARG A 197 -45.37 -23.08 51.75
C ARG A 197 -44.43 -24.23 51.46
N PHE A 198 -43.74 -24.20 50.31
CA PHE A 198 -42.88 -25.30 49.92
C PHE A 198 -41.40 -25.01 50.15
N LEU A 199 -41.05 -23.74 50.29
CA LEU A 199 -39.66 -23.30 50.51
C LEU A 199 -39.26 -23.59 51.94
N LYS A 200 -38.85 -24.83 52.19
CA LYS A 200 -38.41 -25.23 53.52
C LYS A 200 -37.44 -26.40 53.45
N ALA B 2 -15.34 -26.23 41.14
CA ALA B 2 -15.43 -27.07 42.32
C ALA B 2 -15.07 -28.52 42.00
N LYS B 3 -14.90 -29.32 43.04
CA LYS B 3 -14.52 -30.72 42.89
C LYS B 3 -15.72 -31.64 42.96
N THR B 4 -16.91 -31.05 42.97
CA THR B 4 -18.15 -31.86 43.06
C THR B 4 -19.22 -31.27 42.15
N MET B 5 -20.21 -32.08 41.79
CA MET B 5 -21.31 -31.66 40.89
C MET B 5 -22.53 -32.41 41.39
N LYS B 6 -23.62 -31.70 41.69
CA LYS B 6 -24.84 -32.38 42.16
C LYS B 6 -25.71 -32.77 40.97
N LYS B 7 -25.93 -34.06 40.79
CA LYS B 7 -26.77 -34.57 39.72
C LYS B 7 -28.13 -34.96 40.29
N ILE B 8 -29.18 -34.31 39.81
CA ILE B 8 -30.55 -34.54 40.26
C ILE B 8 -31.33 -35.12 39.09
N TYR B 9 -31.77 -36.37 39.25
CA TYR B 9 -32.52 -37.07 38.23
C TYR B 9 -34.00 -36.93 38.56
N VAL B 10 -34.73 -36.23 37.69
CA VAL B 10 -36.14 -35.93 37.88
C VAL B 10 -36.96 -36.79 36.93
N THR B 11 -37.96 -37.48 37.49
CA THR B 11 -38.85 -38.36 36.74
C THR B 11 -40.27 -37.82 36.92
N MET B 12 -40.79 -37.17 35.90
CA MET B 12 -42.09 -36.51 35.98
C MET B 12 -43.15 -37.40 35.34
N LYS B 13 -44.18 -37.73 36.12
CA LYS B 13 -45.31 -38.52 35.64
C LYS B 13 -46.53 -37.63 35.56
N THR B 14 -47.19 -37.62 34.41
CA THR B 14 -48.35 -36.76 34.23
C THR B 14 -49.57 -37.38 34.91
N LEU B 15 -50.33 -36.52 35.60
CA LEU B 15 -51.56 -36.93 36.25
C LEU B 15 -52.79 -36.31 35.60
N SER B 16 -52.62 -35.29 34.77
CA SER B 16 -53.64 -34.63 33.99
C SER B 16 -53.14 -34.64 32.55
N PRO B 17 -53.99 -34.34 31.56
CA PRO B 17 -53.48 -34.15 30.20
C PRO B 17 -52.47 -33.01 30.14
N LEU B 18 -51.43 -33.19 29.35
CA LEU B 18 -50.34 -32.23 29.28
C LEU B 18 -50.23 -31.70 27.87
N TYR B 19 -50.00 -30.39 27.77
CA TYR B 19 -49.80 -29.75 26.49
C TYR B 19 -48.66 -28.74 26.60
N THR B 20 -47.57 -28.99 25.90
CA THR B 20 -46.57 -27.98 25.59
C THR B 20 -46.56 -27.83 24.07
N GLY B 21 -46.92 -26.64 23.59
CA GLY B 21 -47.14 -26.47 22.17
C GLY B 21 -45.84 -26.47 21.39
N GLU B 22 -45.95 -26.81 20.11
CA GLU B 22 -44.76 -26.91 19.26
C GLU B 22 -44.21 -25.53 18.95
N VAL B 23 -42.89 -25.41 18.99
CA VAL B 23 -42.28 -24.11 18.80
C VAL B 23 -41.73 -23.98 17.40
N ARG B 24 -41.37 -25.09 16.76
CA ARG B 24 -40.68 -25.07 15.49
C ARG B 24 -41.67 -24.73 14.41
N ARG B 25 -41.37 -23.65 13.68
CA ARG B 25 -42.31 -23.06 12.73
C ARG B 25 -42.64 -24.01 11.59
N GLU B 26 -41.62 -24.72 11.09
CA GLU B 26 -41.79 -25.67 10.00
C GLU B 26 -42.69 -26.82 10.42
N ASP B 27 -42.47 -27.35 11.63
CA ASP B 27 -43.31 -28.43 12.17
C ASP B 27 -44.73 -27.96 12.42
N LYS B 28 -44.89 -26.72 12.90
CA LYS B 28 -46.21 -26.14 13.12
C LYS B 28 -46.99 -25.99 11.82
N GLU B 29 -46.34 -25.45 10.79
CA GLU B 29 -46.96 -25.30 9.48
C GLU B 29 -47.30 -26.65 8.86
N ALA B 30 -46.38 -27.61 8.98
CA ALA B 30 -46.60 -28.94 8.41
C ALA B 30 -47.70 -29.70 9.15
N ALA B 31 -47.91 -29.38 10.43
CA ALA B 31 -48.95 -30.03 11.21
C ALA B 31 -50.22 -29.21 11.33
N GLN B 32 -50.32 -28.08 10.62
CA GLN B 32 -51.47 -27.18 10.72
C GLN B 32 -52.76 -27.81 10.21
N LYS B 33 -52.67 -28.69 9.22
CA LYS B 33 -53.83 -29.39 8.67
C LYS B 33 -54.44 -30.35 9.68
N ARG B 34 -53.59 -31.18 10.29
CA ARG B 34 -54.12 -32.23 11.21
C ARG B 34 -54.47 -31.63 12.56
N VAL B 35 -53.70 -30.64 13.02
CA VAL B 35 -53.95 -30.11 14.39
C VAL B 35 -53.59 -28.63 14.41
N ASN B 36 -54.46 -27.79 14.98
CA ASN B 36 -54.15 -26.35 15.13
C ASN B 36 -53.13 -26.22 16.25
N PHE B 37 -53.21 -27.10 17.25
CA PHE B 37 -52.30 -27.05 18.39
C PHE B 37 -51.47 -28.32 18.47
N PRO B 38 -50.38 -28.41 17.73
CA PRO B 38 -49.47 -29.53 17.91
C PRO B 38 -48.68 -29.40 19.21
N VAL B 39 -48.34 -30.55 19.78
CA VAL B 39 -47.48 -30.56 20.96
C VAL B 39 -46.04 -30.42 20.50
N ARG B 40 -45.15 -30.12 21.43
CA ARG B 40 -43.73 -29.95 21.13
C ARG B 40 -43.07 -31.32 21.10
N LYS B 41 -42.63 -31.74 19.92
CA LYS B 41 -41.97 -33.02 19.74
C LYS B 41 -40.54 -32.81 19.28
N THR B 42 -39.69 -33.79 19.60
CA THR B 42 -38.36 -33.85 19.03
C THR B 42 -38.44 -34.42 17.61
N ALA B 43 -37.28 -34.47 16.95
CA ALA B 43 -37.19 -35.10 15.64
C ALA B 43 -36.91 -36.59 15.77
N THR B 44 -37.13 -37.13 16.97
CA THR B 44 -37.03 -38.59 17.18
C THR B 44 -38.36 -38.97 17.82
N ASN B 45 -39.47 -38.49 17.25
CA ASN B 45 -40.78 -38.66 17.93
C ASN B 45 -40.56 -37.96 19.26
N LYS B 46 -41.07 -38.49 20.37
CA LYS B 46 -40.74 -37.94 21.72
C LYS B 46 -41.18 -36.48 21.93
N VAL B 47 -41.67 -36.18 23.12
CA VAL B 47 -42.17 -34.87 23.55
C VAL B 47 -41.12 -34.15 24.39
N LEU B 48 -40.89 -32.87 24.08
CA LEU B 48 -39.87 -32.05 24.70
C LEU B 48 -40.55 -30.88 25.40
N ILE B 49 -40.34 -30.75 26.71
CA ILE B 49 -40.96 -29.71 27.52
C ILE B 49 -39.87 -28.81 28.08
N PRO B 50 -40.02 -27.48 27.99
CA PRO B 50 -39.12 -26.57 28.72
C PRO B 50 -39.25 -26.76 30.23
N PHE B 51 -38.11 -26.72 30.91
CA PHE B 51 -38.06 -27.07 32.32
C PHE B 51 -37.37 -26.01 33.16
N LYS B 52 -36.33 -25.36 32.60
CA LYS B 52 -35.56 -24.40 33.38
C LYS B 52 -36.36 -23.13 33.68
N GLY B 53 -37.13 -22.67 32.70
CA GLY B 53 -37.94 -21.48 32.90
C GLY B 53 -39.05 -21.67 33.90
N ALA B 54 -39.63 -22.87 33.94
CA ALA B 54 -40.64 -23.18 34.94
C ALA B 54 -40.05 -23.23 36.34
N LEU B 55 -38.84 -23.80 36.46
CA LEU B 55 -38.16 -23.84 37.75
C LEU B 55 -37.82 -22.46 38.25
N ARG B 56 -37.30 -21.61 37.35
CA ARG B 56 -36.99 -20.25 37.72
C ARG B 56 -38.24 -19.47 38.09
N SER B 57 -39.32 -19.67 37.33
CA SER B 57 -40.62 -19.07 37.61
C SER B 57 -41.13 -19.45 39.00
N ALA B 58 -41.10 -20.74 39.30
CA ALA B 58 -41.47 -21.30 40.60
C ALA B 58 -40.69 -20.68 41.74
N LEU B 59 -39.36 -20.68 41.62
CA LEU B 59 -38.52 -20.18 42.71
C LEU B 59 -38.65 -18.66 42.87
N GLU B 60 -38.83 -17.94 41.76
CA GLU B 60 -38.96 -16.49 41.85
C GLU B 60 -40.31 -16.09 42.44
N ILE B 61 -41.37 -16.85 42.13
CA ILE B 61 -42.67 -16.62 42.75
C ILE B 61 -42.60 -16.91 44.25
N MET B 62 -42.00 -18.04 44.61
CA MET B 62 -42.02 -18.49 46.01
C MET B 62 -41.10 -17.66 46.89
N LEU B 63 -39.89 -17.36 46.42
CA LEU B 63 -38.92 -16.63 47.22
C LEU B 63 -39.26 -15.16 47.39
N LYS B 64 -40.11 -14.61 46.53
CA LYS B 64 -40.59 -13.25 46.76
C LYS B 64 -41.70 -13.21 47.80
N ALA B 65 -42.28 -14.35 48.16
CA ALA B 65 -43.24 -14.43 49.24
C ALA B 65 -42.59 -14.67 50.59
N LYS B 66 -41.32 -15.05 50.63
CA LYS B 66 -40.57 -15.08 51.87
C LYS B 66 -39.85 -13.76 52.14
N GLY B 67 -40.00 -12.78 51.26
CA GLY B 67 -39.30 -11.53 51.41
C GLY B 67 -37.86 -11.53 50.99
N GLU B 68 -37.42 -12.60 50.32
CA GLU B 68 -36.03 -12.68 49.89
C GLU B 68 -35.80 -11.81 48.66
N ASN B 69 -34.56 -11.33 48.52
CA ASN B 69 -34.19 -10.38 47.46
C ASN B 69 -33.97 -11.12 46.15
N VAL B 70 -35.08 -11.55 45.55
CA VAL B 70 -35.06 -12.21 44.25
C VAL B 70 -35.59 -11.24 43.21
N CYS B 71 -34.94 -11.22 42.05
CA CYS B 71 -35.37 -10.39 40.95
C CYS B 71 -36.54 -11.05 40.22
N ASP B 72 -37.12 -10.32 39.27
CA ASP B 72 -38.12 -10.86 38.36
C ASP B 72 -37.53 -10.86 36.97
N THR B 73 -37.30 -12.05 36.41
CA THR B 73 -36.80 -12.21 35.06
C THR B 73 -37.92 -12.63 34.12
N GLY B 74 -39.14 -12.20 34.40
CA GLY B 74 -40.29 -12.56 33.59
C GLY B 74 -40.96 -11.34 33.00
N GLU B 75 -40.68 -10.16 33.55
CA GLU B 75 -41.08 -8.93 32.92
C GLU B 75 -40.22 -8.68 31.69
N SER B 76 -40.77 -7.91 30.75
CA SER B 76 -40.20 -7.70 29.41
C SER B 76 -38.78 -7.17 29.44
N ARG B 77 -37.87 -7.96 28.85
CA ARG B 77 -36.42 -7.74 28.73
C ARG B 77 -35.80 -7.26 30.03
N ALA B 78 -36.14 -7.91 31.14
CA ALA B 78 -35.67 -7.52 32.46
C ALA B 78 -34.35 -8.21 32.74
N ARG B 79 -33.44 -7.48 33.33
CA ARG B 79 -32.10 -8.01 33.50
C ARG B 79 -31.96 -8.68 34.85
N PRO B 80 -31.41 -9.89 34.91
CA PRO B 80 -31.11 -10.50 36.22
C PRO B 80 -30.01 -9.72 36.90
N CYS B 81 -30.18 -9.50 38.21
CA CYS B 81 -29.24 -8.69 38.98
C CYS B 81 -27.87 -9.36 39.07
N GLY B 82 -27.85 -10.63 39.42
CA GLY B 82 -26.62 -11.39 39.58
C GLY B 82 -26.18 -11.53 41.02
N ARG B 83 -26.95 -11.02 41.97
CA ARG B 83 -26.62 -11.03 43.39
C ARG B 83 -27.79 -11.64 44.15
N CYS B 84 -28.28 -12.76 43.63
CA CYS B 84 -29.53 -13.36 44.07
C CYS B 84 -29.34 -14.84 44.32
N VAL B 85 -30.42 -15.54 44.67
CA VAL B 85 -30.40 -16.99 44.76
C VAL B 85 -30.72 -17.62 43.41
N THR B 86 -31.74 -17.09 42.73
CA THR B 86 -32.09 -17.61 41.41
C THR B 86 -31.06 -17.24 40.36
N CYS B 87 -30.48 -16.04 40.46
CA CYS B 87 -29.48 -15.60 39.49
C CYS B 87 -28.08 -16.11 39.84
N SER B 88 -27.99 -17.01 40.83
CA SER B 88 -26.83 -17.86 41.00
C SER B 88 -27.12 -19.29 40.56
N LEU B 89 -28.32 -19.80 40.85
CA LEU B 89 -28.69 -21.14 40.45
C LEU B 89 -29.13 -21.23 39.00
N PHE B 90 -29.65 -20.15 38.42
CA PHE B 90 -30.18 -20.21 37.06
C PHE B 90 -29.61 -19.17 36.10
N GLY B 91 -28.87 -18.17 36.57
CA GLY B 91 -28.11 -17.35 35.66
C GLY B 91 -28.44 -15.87 35.59
N SER B 92 -27.41 -15.08 35.35
CA SER B 92 -27.51 -13.66 35.03
C SER B 92 -26.90 -13.43 33.66
N MET B 93 -26.86 -12.16 33.24
CA MET B 93 -26.26 -11.78 31.96
C MET B 93 -24.75 -11.60 32.08
N GLY B 94 -24.19 -11.90 33.25
CA GLY B 94 -22.76 -12.03 33.47
C GLY B 94 -22.43 -13.49 33.68
N ARG B 95 -22.38 -13.92 34.95
CA ARG B 95 -22.20 -15.31 35.28
C ARG B 95 -23.36 -16.16 34.76
N ALA B 96 -23.04 -17.37 34.30
CA ALA B 96 -24.06 -18.29 33.83
C ALA B 96 -24.75 -18.98 35.01
N GLY B 97 -25.69 -19.86 34.70
CA GLY B 97 -26.39 -20.60 35.72
C GLY B 97 -25.59 -21.79 36.19
N ARG B 98 -25.53 -21.95 37.50
CA ARG B 98 -24.82 -23.09 38.08
C ARG B 98 -25.55 -24.41 37.89
N ALA B 99 -26.86 -24.38 37.60
CA ALA B 99 -27.64 -25.59 37.38
C ALA B 99 -28.00 -25.70 35.90
N SER B 100 -27.57 -26.79 35.27
CA SER B 100 -27.89 -27.07 33.88
C SER B 100 -29.12 -27.96 33.85
N VAL B 101 -30.28 -27.34 33.65
CA VAL B 101 -31.55 -28.05 33.65
C VAL B 101 -31.83 -28.56 32.24
N ASP B 102 -32.04 -29.85 32.11
CA ASP B 102 -32.31 -30.47 30.82
C ASP B 102 -33.82 -30.46 30.56
N PHE B 103 -34.20 -30.49 29.28
CA PHE B 103 -35.59 -30.64 28.88
C PHE B 103 -36.15 -31.96 29.41
N LEU B 104 -37.45 -31.96 29.69
CA LEU B 104 -38.12 -33.20 30.06
C LEU B 104 -38.49 -33.93 28.78
N ILE B 105 -37.60 -34.81 28.34
CA ILE B 105 -37.84 -35.66 27.18
C ILE B 105 -38.56 -36.91 27.67
N SER B 106 -39.55 -37.36 26.90
CA SER B 106 -40.38 -38.49 27.29
C SER B 106 -39.58 -39.80 27.28
N ASN B 107 -40.20 -40.83 27.86
CA ASN B 107 -39.54 -42.16 27.86
C ASN B 107 -40.24 -43.00 26.79
N ASP B 108 -41.36 -42.51 26.25
CA ASP B 108 -42.10 -43.24 25.20
C ASP B 108 -42.22 -42.36 23.95
N THR B 109 -42.66 -42.93 22.84
CA THR B 109 -42.77 -42.19 21.59
C THR B 109 -44.09 -41.44 21.51
N LYS B 110 -44.14 -40.48 20.58
CA LYS B 110 -45.32 -39.62 20.43
C LYS B 110 -46.54 -40.40 19.94
N GLU B 111 -46.33 -41.51 19.24
CA GLU B 111 -47.44 -42.37 18.84
C GLU B 111 -48.03 -43.15 20.01
N GLN B 112 -47.40 -43.13 21.18
CA GLN B 112 -47.90 -43.79 22.37
C GLN B 112 -48.37 -42.84 23.45
N ILE B 113 -48.07 -41.54 23.36
CA ILE B 113 -48.47 -40.61 24.39
C ILE B 113 -49.34 -39.48 23.84
N VAL B 114 -49.01 -38.99 22.65
CA VAL B 114 -49.72 -37.84 22.10
C VAL B 114 -51.04 -38.33 21.56
N ARG B 115 -52.13 -38.00 22.24
CA ARG B 115 -53.45 -38.24 21.73
C ARG B 115 -54.02 -36.95 21.14
N GLU B 116 -54.87 -37.12 20.15
CA GLU B 116 -55.58 -36.00 19.57
C GLU B 116 -56.67 -35.52 20.50
N SER B 117 -57.18 -34.32 20.23
CA SER B 117 -58.29 -33.78 20.99
C SER B 117 -58.96 -32.67 20.18
N THR B 118 -60.23 -32.88 19.84
CA THR B 118 -61.01 -31.83 19.12
C THR B 118 -61.68 -30.92 20.14
N HIS B 119 -60.94 -29.98 20.71
CA HIS B 119 -61.52 -29.02 21.66
C HIS B 119 -62.62 -28.22 20.96
N LEU B 120 -63.54 -27.63 21.71
CA LEU B 120 -64.58 -26.78 21.07
C LEU B 120 -65.20 -25.81 22.08
N ARG B 121 -65.44 -24.57 21.64
CA ARG B 121 -66.12 -23.59 22.54
C ARG B 121 -67.63 -23.80 22.39
N ILE B 122 -68.37 -23.72 23.49
CA ILE B 122 -69.82 -23.88 23.47
C ILE B 122 -70.47 -22.52 23.70
N GLU B 123 -71.53 -22.24 22.94
CA GLU B 123 -72.31 -21.04 23.15
C GLU B 123 -72.99 -21.08 24.51
N ARG B 124 -73.01 -19.93 25.19
CA ARG B 124 -73.59 -19.82 26.51
C ARG B 124 -75.09 -19.50 26.47
N GLN B 125 -75.66 -19.34 25.27
CA GLN B 125 -77.08 -19.05 25.17
C GLN B 125 -77.87 -20.02 24.30
N THR B 126 -77.26 -20.67 23.31
CA THR B 126 -77.93 -21.66 22.48
C THR B 126 -77.37 -23.07 22.68
N LYS B 127 -76.32 -23.20 23.52
CA LYS B 127 -75.64 -24.47 23.82
C LYS B 127 -75.14 -25.16 22.56
N SER B 128 -74.60 -24.37 21.63
CA SER B 128 -74.15 -24.87 20.35
C SER B 128 -72.65 -24.68 20.21
N ALA B 129 -71.98 -25.68 19.67
CA ALA B 129 -70.54 -25.63 19.46
C ALA B 129 -70.20 -24.77 18.26
N SER B 130 -69.93 -23.48 18.50
CA SER B 130 -69.63 -22.55 17.42
C SER B 130 -68.32 -22.89 16.74
N ASP B 131 -67.22 -22.85 17.48
CA ASP B 131 -65.93 -23.28 16.99
C ASP B 131 -65.59 -24.66 17.53
N THR B 132 -64.89 -25.44 16.73
CA THR B 132 -64.47 -26.79 17.09
C THR B 132 -63.05 -26.96 16.55
N PHE B 133 -62.07 -27.08 17.44
CA PHE B 133 -60.67 -26.96 17.06
C PHE B 133 -59.86 -28.13 17.59
N LYS B 134 -59.05 -28.74 16.72
CA LYS B 134 -58.23 -29.88 17.09
C LYS B 134 -56.87 -29.44 17.59
N GLY B 135 -56.34 -30.20 18.55
CA GLY B 135 -55.05 -29.96 19.15
C GLY B 135 -54.61 -31.19 19.90
N GLU B 136 -53.30 -31.30 20.11
CA GLU B 136 -52.73 -32.51 20.67
C GLU B 136 -52.50 -32.38 22.17
N GLU B 137 -52.52 -33.51 22.87
CA GLU B 137 -52.28 -33.52 24.31
C GLU B 137 -51.59 -34.81 24.72
N VAL B 138 -50.57 -34.68 25.58
CA VAL B 138 -49.92 -35.84 26.18
C VAL B 138 -50.87 -36.48 27.19
N ILE B 139 -50.90 -37.81 27.24
CA ILE B 139 -51.86 -38.54 28.06
C ILE B 139 -51.48 -38.49 29.52
N GLU B 140 -52.36 -39.00 30.37
CA GLU B 140 -52.19 -39.07 31.81
C GLU B 140 -51.57 -40.42 32.13
N GLY B 141 -50.27 -40.42 32.40
CA GLY B 141 -49.56 -41.66 32.66
C GLY B 141 -48.23 -41.72 31.95
N ALA B 142 -47.94 -40.67 31.19
CA ALA B 142 -46.67 -40.55 30.51
C ALA B 142 -45.54 -40.31 31.51
N THR B 143 -44.31 -40.54 31.07
CA THR B 143 -43.16 -40.45 31.94
C THR B 143 -42.05 -39.71 31.23
N PHE B 144 -41.60 -38.62 31.82
CA PHE B 144 -40.57 -37.76 31.27
C PHE B 144 -39.39 -37.74 32.23
N THR B 145 -38.19 -37.56 31.69
CA THR B 145 -36.99 -37.58 32.51
C THR B 145 -36.11 -36.40 32.18
N ALA B 146 -35.49 -35.83 33.22
CA ALA B 146 -34.53 -34.75 33.05
C ALA B 146 -33.43 -34.90 34.07
N THR B 147 -32.26 -34.36 33.77
CA THR B 147 -31.13 -34.36 34.69
C THR B 147 -30.68 -32.93 34.91
N ILE B 148 -30.95 -32.40 36.10
CA ILE B 148 -30.40 -31.12 36.50
C ILE B 148 -28.99 -31.35 37.05
N THR B 149 -28.02 -30.62 36.54
CA THR B 149 -26.64 -30.78 36.95
C THR B 149 -26.15 -29.47 37.53
N ILE B 150 -26.06 -29.40 38.86
CA ILE B 150 -25.62 -28.20 39.56
C ILE B 150 -24.11 -28.24 39.68
N SER B 151 -23.46 -27.28 39.05
CA SER B 151 -22.03 -27.05 39.17
C SER B 151 -21.78 -26.08 40.30
N ASN B 152 -20.61 -26.20 40.94
CA ASN B 152 -20.23 -25.51 42.18
C ASN B 152 -21.33 -25.66 43.24
N PRO B 153 -21.59 -26.89 43.72
CA PRO B 153 -22.82 -27.14 44.47
C PRO B 153 -22.79 -26.52 45.86
N GLN B 154 -23.88 -25.84 46.20
CA GLN B 154 -24.05 -25.22 47.49
C GLN B 154 -25.08 -26.00 48.30
N GLU B 155 -25.19 -25.64 49.58
CA GLU B 155 -25.94 -26.50 50.50
C GLU B 155 -27.43 -26.42 50.26
N LYS B 156 -27.94 -25.22 49.94
CA LYS B 156 -29.37 -25.04 49.72
C LYS B 156 -29.87 -25.82 48.51
N ASP B 157 -29.44 -25.40 47.30
CA ASP B 157 -29.63 -25.99 45.97
C ASP B 157 -30.79 -26.96 45.77
N LEU B 158 -30.53 -28.23 46.10
CA LEU B 158 -31.54 -29.31 46.05
C LEU B 158 -32.80 -28.98 46.82
N SER B 159 -32.65 -28.45 48.04
CA SER B 159 -33.80 -28.05 48.84
C SER B 159 -34.57 -26.91 48.20
N LEU B 160 -33.89 -26.05 47.44
CA LEU B 160 -34.61 -25.12 46.58
C LEU B 160 -35.21 -25.86 45.40
N ILE B 161 -34.40 -26.68 44.73
CA ILE B 161 -34.83 -27.31 43.48
C ILE B 161 -35.90 -28.36 43.71
N GLN B 162 -35.93 -29.02 44.86
CA GLN B 162 -37.09 -29.85 45.19
C GLN B 162 -38.34 -29.03 45.49
N SER B 163 -38.18 -27.89 46.18
CA SER B 163 -39.31 -27.07 46.59
C SER B 163 -40.05 -26.51 45.38
N ALA B 164 -39.30 -26.04 44.38
CA ALA B 164 -39.85 -25.62 43.10
C ALA B 164 -40.61 -26.76 42.44
N LEU B 165 -40.08 -27.99 42.51
CA LEU B 165 -40.78 -29.16 41.97
C LEU B 165 -42.01 -29.57 42.75
N LYS B 166 -42.29 -28.96 43.90
CA LYS B 166 -43.63 -29.14 44.43
C LYS B 166 -44.58 -28.10 43.86
N PHE B 167 -44.06 -26.89 43.60
CA PHE B 167 -44.83 -25.79 43.03
C PHE B 167 -45.39 -26.15 41.66
N ILE B 168 -44.52 -26.71 40.79
CA ILE B 168 -44.90 -27.20 39.46
C ILE B 168 -45.86 -28.38 39.58
N GLU B 169 -45.86 -29.07 40.72
CA GLU B 169 -46.90 -30.05 40.94
C GLU B 169 -48.25 -29.39 41.22
N GLU B 170 -48.24 -28.32 42.01
CA GLU B 170 -49.46 -27.56 42.31
C GLU B 170 -49.98 -26.80 41.10
N ASN B 171 -49.20 -25.83 40.64
CA ASN B 171 -49.60 -24.95 39.54
C ASN B 171 -49.68 -25.69 38.21
N GLY B 172 -48.56 -26.22 37.75
CA GLY B 172 -48.56 -26.99 36.53
C GLY B 172 -47.33 -26.72 35.70
N ILE B 173 -47.14 -27.56 34.68
CA ILE B 173 -46.05 -27.46 33.72
C ILE B 173 -46.64 -27.30 32.32
N GLY B 174 -46.09 -26.35 31.56
CA GLY B 174 -46.49 -26.23 30.17
C GLY B 174 -47.61 -25.25 29.91
N GLY B 175 -48.69 -25.72 29.28
CA GLY B 175 -49.73 -24.85 28.79
C GLY B 175 -51.12 -25.35 29.16
N TRP B 176 -52.10 -24.48 28.86
CA TRP B 176 -53.52 -24.66 29.21
C TRP B 176 -53.69 -24.92 30.70
N LEU B 177 -52.87 -24.23 31.51
CA LEU B 177 -52.70 -24.56 32.92
C LEU B 177 -53.92 -24.18 33.74
N ASN B 178 -54.66 -23.17 33.30
CA ASN B 178 -55.89 -22.77 33.98
C ASN B 178 -57.06 -23.68 33.61
N LYS B 179 -56.93 -24.42 32.51
CA LYS B 179 -57.97 -25.33 32.06
C LYS B 179 -57.87 -26.71 32.71
N GLY B 180 -56.89 -26.94 33.58
CA GLY B 180 -56.69 -28.21 34.24
C GLY B 180 -55.44 -28.92 33.81
N TYR B 181 -54.81 -28.47 32.73
CA TYR B 181 -53.70 -29.19 32.14
C TYR B 181 -52.43 -29.01 32.96
N GLY B 182 -51.52 -29.97 32.82
CA GLY B 182 -50.19 -29.86 33.37
C GLY B 182 -49.99 -30.33 34.79
N ARG B 183 -50.93 -31.06 35.37
CA ARG B 183 -50.81 -31.51 36.75
C ARG B 183 -49.97 -32.79 36.76
N VAL B 184 -48.85 -32.75 37.48
CA VAL B 184 -47.81 -33.77 37.35
C VAL B 184 -47.34 -34.18 38.74
N SER B 185 -46.45 -35.18 38.75
CA SER B 185 -45.81 -35.66 39.97
C SER B 185 -44.35 -35.90 39.65
N PHE B 186 -43.46 -35.11 40.25
CA PHE B 186 -42.03 -35.29 40.08
C PHE B 186 -41.48 -36.23 41.14
N GLU B 187 -40.59 -37.12 40.74
CA GLU B 187 -39.85 -37.98 41.65
C GLU B 187 -38.37 -37.75 41.39
N VAL B 188 -37.68 -37.14 42.34
CA VAL B 188 -36.28 -36.78 42.15
C VAL B 188 -35.41 -37.72 42.95
N LYS B 189 -34.17 -37.89 42.50
CA LYS B 189 -33.14 -38.58 43.26
C LYS B 189 -31.81 -37.93 42.96
N SER B 190 -30.97 -37.76 43.98
CA SER B 190 -29.78 -36.95 43.83
C SER B 190 -28.54 -37.71 44.25
N GLU B 191 -27.45 -37.40 43.54
CA GLU B 191 -26.14 -37.96 43.80
C GLU B 191 -25.12 -36.84 43.69
N ASP B 192 -23.99 -36.97 44.44
CA ASP B 192 -23.04 -35.83 44.39
C ASP B 192 -21.74 -36.32 43.77
N VAL B 193 -21.67 -36.29 42.42
CA VAL B 193 -20.50 -36.83 41.74
C VAL B 193 -19.30 -35.91 41.92
N ALA B 194 -18.11 -36.41 41.59
CA ALA B 194 -16.94 -35.57 41.53
C ALA B 194 -16.69 -35.19 40.08
N THR B 195 -16.25 -33.95 39.85
CA THR B 195 -16.08 -33.43 38.46
C THR B 195 -15.15 -34.35 37.66
N ASP B 196 -13.98 -34.65 38.20
CA ASP B 196 -13.01 -35.55 37.51
C ASP B 196 -13.47 -36.99 37.67
N ARG B 197 -14.65 -37.34 37.14
CA ARG B 197 -15.18 -38.72 37.25
C ARG B 197 -14.93 -39.44 35.93
N PHE B 198 -14.75 -38.69 34.84
CA PHE B 198 -14.46 -39.29 33.56
C PHE B 198 -12.97 -39.38 33.27
N LEU B 199 -12.14 -38.69 34.06
CA LEU B 199 -10.69 -38.77 33.92
C LEU B 199 -10.20 -40.11 34.44
N LYS B 200 -9.70 -40.95 33.54
CA LYS B 200 -9.22 -42.28 33.91
C LYS B 200 -7.91 -42.19 34.69
N ALA C 2 5.92 -37.12 14.64
CA ALA C 2 6.91 -38.18 14.75
C ALA C 2 6.80 -39.12 13.55
N LYS C 3 6.85 -40.43 13.81
CA LYS C 3 6.67 -41.44 12.77
C LYS C 3 5.26 -42.01 12.78
N THR C 4 4.33 -41.35 13.46
CA THR C 4 2.95 -41.77 13.54
C THR C 4 2.10 -40.55 13.88
N MET C 5 0.80 -40.69 13.63
CA MET C 5 -0.21 -39.71 13.99
C MET C 5 -1.43 -40.46 14.46
N LYS C 6 -2.14 -39.91 15.43
CA LYS C 6 -3.36 -40.57 15.91
C LYS C 6 -4.58 -39.84 15.35
N LYS C 7 -5.40 -40.58 14.61
CA LYS C 7 -6.62 -40.04 14.03
C LYS C 7 -7.78 -40.51 14.89
N ILE C 8 -8.54 -39.55 15.43
CA ILE C 8 -9.79 -39.83 16.12
C ILE C 8 -10.94 -39.26 15.29
N TYR C 9 -11.80 -40.15 14.81
CA TYR C 9 -12.96 -39.78 14.01
C TYR C 9 -14.15 -39.76 14.95
N VAL C 10 -14.63 -38.55 15.24
CA VAL C 10 -15.69 -38.28 16.19
C VAL C 10 -16.99 -38.11 15.42
N THR C 11 -18.09 -38.64 15.97
CA THR C 11 -19.39 -38.60 15.32
C THR C 11 -20.43 -38.23 16.37
N MET C 12 -20.96 -37.03 16.26
CA MET C 12 -21.88 -36.50 17.23
C MET C 12 -23.30 -36.72 16.74
N LYS C 13 -24.18 -37.20 17.61
CA LYS C 13 -25.61 -37.33 17.29
C LYS C 13 -26.37 -36.59 18.38
N THR C 14 -26.86 -35.40 18.05
CA THR C 14 -27.67 -34.56 18.93
C THR C 14 -28.88 -35.28 19.48
N LEU C 15 -29.07 -35.21 20.80
CA LEU C 15 -30.19 -35.84 21.48
C LEU C 15 -31.23 -34.84 21.98
N SER C 16 -30.84 -33.58 22.10
CA SER C 16 -31.65 -32.44 22.49
C SER C 16 -31.40 -31.44 21.38
N PRO C 17 -32.22 -30.37 21.24
CA PRO C 17 -31.91 -29.34 20.23
C PRO C 17 -30.54 -28.71 20.46
N LEU C 18 -29.90 -28.37 19.37
CA LEU C 18 -28.56 -27.83 19.45
C LEU C 18 -28.56 -26.40 18.93
N TYR C 19 -27.85 -25.53 19.62
CA TYR C 19 -27.66 -24.16 19.15
C TYR C 19 -26.21 -23.76 19.29
N THR C 20 -25.60 -23.36 18.19
CA THR C 20 -24.37 -22.58 18.21
C THR C 20 -24.64 -21.35 17.35
N GLY C 21 -24.35 -20.17 17.86
CA GLY C 21 -24.76 -18.96 17.21
C GLY C 21 -23.88 -18.61 16.03
N GLU C 22 -24.49 -17.95 15.04
CA GLU C 22 -23.76 -17.47 13.88
C GLU C 22 -22.74 -16.43 14.30
N VAL C 23 -21.55 -16.52 13.72
CA VAL C 23 -20.45 -15.63 14.04
C VAL C 23 -20.20 -14.59 12.96
N ARG C 24 -20.78 -14.76 11.78
CA ARG C 24 -20.49 -13.90 10.66
C ARG C 24 -21.38 -12.67 10.74
N ARG C 25 -20.74 -11.49 10.74
CA ARG C 25 -21.48 -10.22 10.79
C ARG C 25 -22.40 -10.06 9.61
N GLU C 26 -21.95 -10.48 8.42
CA GLU C 26 -22.77 -10.41 7.23
C GLU C 26 -23.93 -11.40 7.28
N ASP C 27 -23.71 -12.58 7.87
CA ASP C 27 -24.75 -13.57 7.99
C ASP C 27 -25.68 -13.31 9.16
N LYS C 28 -25.21 -12.65 10.21
CA LYS C 28 -26.10 -12.23 11.29
C LYS C 28 -26.97 -11.06 10.86
N GLU C 29 -26.39 -10.08 10.16
CA GLU C 29 -27.13 -8.87 9.81
C GLU C 29 -28.11 -9.09 8.66
N ALA C 30 -27.90 -10.11 7.84
CA ALA C 30 -28.88 -10.47 6.82
C ALA C 30 -30.05 -11.24 7.41
N ALA C 31 -29.77 -12.13 8.36
CA ALA C 31 -30.81 -12.83 9.10
C ALA C 31 -31.06 -12.13 10.43
N GLN C 32 -31.52 -10.88 10.33
CA GLN C 32 -32.02 -10.13 11.48
C GLN C 32 -33.52 -9.89 11.38
N LYS C 33 -34.12 -10.21 10.24
CA LYS C 33 -35.56 -10.07 10.03
C LYS C 33 -36.22 -11.41 9.77
N ARG C 34 -35.49 -12.51 9.92
CA ARG C 34 -36.06 -13.85 9.83
C ARG C 34 -35.96 -14.62 11.13
N VAL C 35 -34.79 -14.62 11.77
CA VAL C 35 -34.56 -15.22 13.08
C VAL C 35 -33.68 -14.29 13.89
N ASN C 36 -33.96 -14.20 15.19
CA ASN C 36 -33.15 -13.36 16.05
C ASN C 36 -31.91 -14.08 16.58
N PHE C 37 -31.91 -15.41 16.50
CA PHE C 37 -30.77 -16.23 16.93
C PHE C 37 -30.45 -17.19 15.79
N PRO C 38 -29.66 -16.76 14.80
CA PRO C 38 -29.30 -17.67 13.71
C PRO C 38 -28.23 -18.66 14.13
N VAL C 39 -28.32 -19.88 13.61
CA VAL C 39 -27.32 -20.89 13.95
C VAL C 39 -26.06 -20.65 13.11
N ARG C 40 -24.96 -21.27 13.52
CA ARG C 40 -23.69 -21.15 12.82
C ARG C 40 -23.71 -22.11 11.65
N LYS C 41 -23.55 -21.57 10.45
CA LYS C 41 -23.66 -22.38 9.25
C LYS C 41 -22.47 -22.10 8.34
N THR C 42 -22.09 -23.10 7.56
CA THR C 42 -21.07 -22.88 6.55
C THR C 42 -21.67 -22.15 5.36
N ALA C 43 -20.81 -21.77 4.41
CA ALA C 43 -21.29 -21.27 3.13
C ALA C 43 -21.66 -22.39 2.16
N THR C 44 -21.55 -23.64 2.60
CA THR C 44 -22.12 -24.79 1.91
C THR C 44 -23.37 -25.31 2.62
N ASN C 45 -24.01 -24.44 3.42
CA ASN C 45 -25.28 -24.66 4.10
C ASN C 45 -25.23 -25.80 5.12
N LYS C 46 -24.06 -26.08 5.66
CA LYS C 46 -23.88 -27.11 6.68
C LYS C 46 -23.53 -26.43 8.00
N VAL C 47 -23.94 -27.04 9.11
CA VAL C 47 -23.82 -26.39 10.40
C VAL C 47 -22.44 -26.67 10.99
N LEU C 48 -21.78 -25.61 11.48
CA LEU C 48 -20.39 -25.64 11.93
C LEU C 48 -20.36 -25.33 13.43
N ILE C 49 -19.95 -26.31 14.22
CA ILE C 49 -19.82 -26.17 15.68
C ILE C 49 -18.33 -26.07 16.01
N PRO C 50 -17.89 -25.14 16.86
CA PRO C 50 -16.49 -25.10 17.29
C PRO C 50 -16.12 -26.19 18.32
N PHE C 51 -15.36 -27.22 17.93
CA PHE C 51 -14.98 -28.32 18.85
C PHE C 51 -13.77 -27.94 19.70
N LYS C 52 -12.70 -27.49 19.15
CA LYS C 52 -11.58 -27.09 19.99
C LYS C 52 -11.94 -25.85 20.79
N GLY C 53 -12.02 -26.02 22.10
CA GLY C 53 -12.54 -25.00 22.98
C GLY C 53 -13.52 -25.63 23.94
N ALA C 54 -14.29 -26.61 23.46
CA ALA C 54 -15.10 -27.43 24.35
C ALA C 54 -14.29 -28.57 24.95
N LEU C 55 -13.42 -29.18 24.16
CA LEU C 55 -12.51 -30.21 24.64
C LEU C 55 -11.50 -29.64 25.62
N ARG C 56 -10.92 -28.47 25.28
CA ARG C 56 -9.94 -27.83 26.15
C ARG C 56 -10.58 -27.41 27.47
N SER C 57 -11.77 -26.80 27.42
CA SER C 57 -12.45 -26.39 28.64
C SER C 57 -12.87 -27.58 29.48
N ALA C 58 -13.32 -28.66 28.84
CA ALA C 58 -13.70 -29.88 29.57
C ALA C 58 -12.50 -30.48 30.30
N LEU C 59 -11.36 -30.59 29.61
CA LEU C 59 -10.17 -31.17 30.24
C LEU C 59 -9.60 -30.24 31.30
N GLU C 60 -9.66 -28.92 31.10
CA GLU C 60 -9.18 -27.97 32.10
C GLU C 60 -10.01 -28.03 33.38
N ILE C 61 -11.35 -28.10 33.25
CA ILE C 61 -12.24 -28.21 34.40
C ILE C 61 -11.97 -29.50 35.17
N MET C 62 -11.93 -30.64 34.46
CA MET C 62 -11.78 -31.92 35.14
C MET C 62 -10.38 -32.10 35.71
N LEU C 63 -9.35 -31.62 35.02
CA LEU C 63 -7.99 -31.81 35.50
C LEU C 63 -7.65 -30.82 36.60
N LYS C 64 -8.29 -29.65 36.64
CA LYS C 64 -8.21 -28.81 37.82
C LYS C 64 -8.90 -29.47 39.00
N ALA C 65 -10.04 -30.11 38.76
CA ALA C 65 -10.74 -30.78 39.86
C ALA C 65 -10.07 -32.07 40.30
N LYS C 66 -9.15 -32.62 39.52
CA LYS C 66 -8.40 -33.81 39.94
C LYS C 66 -7.17 -33.46 40.77
N GLY C 67 -6.63 -32.25 40.62
CA GLY C 67 -5.45 -31.85 41.37
C GLY C 67 -4.19 -31.89 40.54
N GLU C 68 -4.29 -31.44 39.30
CA GLU C 68 -3.18 -31.46 38.35
C GLU C 68 -2.71 -30.04 38.06
N ASN C 69 -1.63 -29.95 37.29
CA ASN C 69 -0.95 -28.68 37.05
C ASN C 69 -1.50 -27.91 35.86
N VAL C 70 -2.74 -28.17 35.45
CA VAL C 70 -3.29 -27.51 34.29
C VAL C 70 -3.55 -26.04 34.59
N CYS C 71 -3.47 -25.21 33.55
CA CYS C 71 -3.75 -23.80 33.68
C CYS C 71 -5.16 -23.51 33.16
N ASP C 72 -5.55 -22.25 33.23
CA ASP C 72 -6.85 -21.80 32.75
C ASP C 72 -6.60 -20.87 31.58
N THR C 73 -7.16 -21.20 30.42
CA THR C 73 -7.13 -20.36 29.24
C THR C 73 -8.47 -19.68 28.98
N GLY C 74 -9.34 -19.62 29.97
CA GLY C 74 -10.62 -18.97 29.81
C GLY C 74 -10.68 -17.65 30.55
N GLU C 75 -9.79 -17.47 31.52
CA GLU C 75 -9.60 -16.15 32.12
C GLU C 75 -9.03 -15.21 31.07
N SER C 76 -9.40 -13.95 31.17
CA SER C 76 -9.19 -12.97 30.11
C SER C 76 -7.72 -12.71 29.84
N ARG C 77 -7.35 -12.88 28.57
CA ARG C 77 -5.99 -12.69 28.07
C ARG C 77 -4.97 -13.55 28.82
N ALA C 78 -5.36 -14.79 29.11
CA ALA C 78 -4.48 -15.69 29.82
C ALA C 78 -3.32 -16.12 28.94
N ARG C 79 -2.25 -16.59 29.68
CA ARG C 79 -1.04 -17.03 28.97
C ARG C 79 -0.92 -18.52 29.24
N PRO C 80 -1.13 -19.41 28.19
CA PRO C 80 -0.90 -20.83 28.41
C PRO C 80 0.54 -21.06 28.86
N CYS C 81 0.69 -21.80 29.96
CA CYS C 81 1.98 -21.91 30.64
C CYS C 81 2.98 -22.73 29.84
N GLY C 82 2.56 -23.87 29.32
CA GLY C 82 3.42 -24.66 28.47
C GLY C 82 3.76 -26.03 29.03
N ARG C 83 3.50 -26.23 30.32
CA ARG C 83 3.86 -27.48 31.01
C ARG C 83 2.63 -28.26 31.45
N CYS C 84 1.45 -27.93 30.92
CA CYS C 84 0.25 -28.71 31.20
C CYS C 84 0.14 -29.85 30.19
N VAL C 85 -0.87 -30.69 30.39
CA VAL C 85 -1.22 -31.66 29.36
C VAL C 85 -2.33 -31.12 28.46
N THR C 86 -3.01 -30.05 28.87
CA THR C 86 -3.86 -29.28 27.97
C THR C 86 -3.07 -28.21 27.22
N CYS C 87 -1.80 -28.01 27.55
CA CYS C 87 -0.92 -27.13 26.83
C CYS C 87 -0.10 -27.87 25.78
N SER C 88 0.02 -29.18 25.91
CA SER C 88 0.64 -30.01 24.88
C SER C 88 -0.38 -30.50 23.86
N LEU C 89 -1.59 -30.78 24.29
CA LEU C 89 -2.65 -31.23 23.41
C LEU C 89 -3.24 -30.06 22.62
N PHE C 90 -3.75 -29.06 23.33
CA PHE C 90 -4.46 -27.96 22.70
C PHE C 90 -3.63 -26.69 22.54
N GLY C 91 -2.39 -26.68 23.00
CA GLY C 91 -1.47 -25.63 22.60
C GLY C 91 -1.03 -24.64 23.65
N SER C 92 0.18 -24.10 23.46
CA SER C 92 0.71 -23.03 24.28
C SER C 92 0.99 -21.81 23.39
N MET C 93 1.63 -20.79 23.93
CA MET C 93 1.89 -19.58 23.17
C MET C 93 3.24 -19.61 22.47
N GLY C 94 4.04 -20.65 22.68
CA GLY C 94 5.25 -20.86 21.92
C GLY C 94 5.19 -22.15 21.14
N ARG C 95 4.51 -23.16 21.69
CA ARG C 95 4.36 -24.46 20.99
C ARG C 95 2.90 -24.67 20.65
N ALA C 96 2.61 -24.98 19.40
CA ALA C 96 1.26 -25.22 18.92
C ALA C 96 0.70 -26.51 19.50
N GLY C 97 -0.60 -26.72 19.28
CA GLY C 97 -1.27 -27.90 19.78
C GLY C 97 -0.95 -29.10 18.93
N ARG C 98 -0.58 -30.20 19.60
CA ARG C 98 -0.38 -31.46 18.90
C ARG C 98 -1.69 -31.98 18.32
N ALA C 99 -2.80 -31.75 19.00
CA ALA C 99 -4.12 -32.19 18.53
C ALA C 99 -4.72 -31.12 17.65
N SER C 100 -4.88 -31.43 16.38
CA SER C 100 -5.59 -30.59 15.42
C SER C 100 -7.06 -31.05 15.46
N VAL C 101 -7.90 -30.29 16.14
CA VAL C 101 -9.31 -30.60 16.28
C VAL C 101 -10.07 -29.89 15.18
N ASP C 102 -10.82 -30.65 14.39
CA ASP C 102 -11.58 -30.10 13.28
C ASP C 102 -12.97 -29.70 13.80
N PHE C 103 -13.58 -28.72 13.13
CA PHE C 103 -14.96 -28.33 13.38
C PHE C 103 -15.90 -29.51 13.22
N LEU C 104 -17.01 -29.48 13.96
CA LEU C 104 -18.06 -30.46 13.80
C LEU C 104 -19.00 -29.97 12.71
N ILE C 105 -18.91 -30.59 11.53
CA ILE C 105 -19.69 -30.19 10.36
C ILE C 105 -20.73 -31.26 10.13
N SER C 106 -21.98 -30.84 9.94
CA SER C 106 -23.09 -31.77 9.80
C SER C 106 -22.98 -32.56 8.51
N ASN C 107 -23.49 -33.79 8.55
CA ASN C 107 -23.57 -34.60 7.34
C ASN C 107 -24.70 -34.16 6.44
N ASP C 108 -25.69 -33.46 6.97
CA ASP C 108 -26.81 -32.92 6.22
C ASP C 108 -26.70 -31.41 6.14
N THR C 109 -27.67 -30.80 5.48
CA THR C 109 -27.66 -29.37 5.22
C THR C 109 -28.68 -28.66 6.11
N LYS C 110 -28.71 -27.34 6.01
CA LYS C 110 -29.53 -26.49 6.87
C LYS C 110 -31.00 -26.47 6.52
N GLU C 111 -31.40 -27.27 5.54
CA GLU C 111 -32.80 -27.38 5.15
C GLU C 111 -33.39 -28.69 5.62
N GLN C 112 -32.60 -29.54 6.26
CA GLN C 112 -33.07 -30.76 6.86
C GLN C 112 -32.84 -30.84 8.36
N ILE C 113 -31.93 -30.03 8.91
CA ILE C 113 -31.63 -30.11 10.34
C ILE C 113 -31.97 -28.81 11.08
N VAL C 114 -32.00 -27.69 10.38
CA VAL C 114 -32.20 -26.40 11.02
C VAL C 114 -33.67 -26.03 10.93
N ARG C 115 -34.28 -25.77 12.09
CA ARG C 115 -35.66 -25.32 12.16
C ARG C 115 -35.74 -24.06 13.00
N GLU C 116 -36.71 -23.21 12.64
CA GLU C 116 -36.88 -21.92 13.28
C GLU C 116 -37.98 -22.03 14.33
N SER C 117 -37.69 -21.57 15.55
CA SER C 117 -38.52 -21.81 16.72
C SER C 117 -38.83 -20.51 17.44
N THR C 118 -39.97 -20.50 18.13
CA THR C 118 -40.41 -19.38 18.94
C THR C 118 -40.05 -19.66 20.40
N HIS C 119 -39.24 -18.81 21.00
CA HIS C 119 -39.00 -18.90 22.43
C HIS C 119 -39.65 -17.71 23.13
N LEU C 120 -40.03 -17.91 24.39
CA LEU C 120 -40.82 -16.90 25.08
C LEU C 120 -40.25 -16.57 26.45
N ARG C 121 -40.64 -15.41 26.94
CA ARG C 121 -40.45 -14.99 28.32
C ARG C 121 -41.83 -14.68 28.89
N ILE C 122 -42.26 -15.48 29.86
CA ILE C 122 -43.58 -15.41 30.46
C ILE C 122 -43.49 -14.66 31.78
N GLU C 123 -44.42 -13.73 32.01
CA GLU C 123 -44.51 -13.04 33.30
C GLU C 123 -44.88 -14.02 34.40
N ARG C 124 -44.28 -13.85 35.57
CA ARG C 124 -44.51 -14.77 36.67
C ARG C 124 -45.75 -14.42 37.48
N GLN C 125 -46.45 -13.34 37.15
CA GLN C 125 -47.69 -12.98 37.82
C GLN C 125 -48.90 -13.10 36.92
N THR C 126 -48.86 -12.53 35.72
CA THR C 126 -50.00 -12.52 34.80
C THR C 126 -49.98 -13.71 33.85
N LYS C 127 -48.96 -14.57 33.93
CA LYS C 127 -48.73 -15.76 33.11
C LYS C 127 -48.94 -15.54 31.62
N SER C 128 -48.29 -14.52 31.07
CA SER C 128 -48.49 -14.16 29.67
C SER C 128 -47.15 -13.86 29.02
N ALA C 129 -47.15 -13.94 27.70
CA ALA C 129 -45.93 -13.85 26.90
C ALA C 129 -45.40 -12.43 26.94
N SER C 130 -44.47 -12.17 27.86
CA SER C 130 -43.95 -10.81 27.95
C SER C 130 -42.98 -10.52 26.82
N ASP C 131 -42.20 -11.52 26.41
CA ASP C 131 -41.26 -11.39 25.29
C ASP C 131 -41.43 -12.57 24.35
N THR C 132 -41.40 -12.30 23.04
CA THR C 132 -41.34 -13.34 22.03
C THR C 132 -40.11 -13.13 21.17
N PHE C 133 -39.39 -14.21 20.87
CA PHE C 133 -38.24 -14.09 19.99
C PHE C 133 -38.06 -15.41 19.25
N LYS C 134 -37.42 -15.35 18.10
CA LYS C 134 -37.22 -16.53 17.26
C LYS C 134 -35.75 -16.91 17.23
N GLY C 135 -35.49 -18.20 17.11
CA GLY C 135 -34.13 -18.69 17.01
C GLY C 135 -34.08 -19.92 16.13
N GLU C 136 -32.89 -20.24 15.66
CA GLU C 136 -32.71 -21.45 14.89
C GLU C 136 -32.12 -22.53 15.78
N GLU C 137 -32.48 -23.79 15.48
CA GLU C 137 -32.01 -24.90 16.30
C GLU C 137 -31.90 -26.20 15.52
N VAL C 138 -30.67 -26.73 15.45
CA VAL C 138 -30.37 -28.06 14.93
C VAL C 138 -31.19 -29.10 15.65
N ILE C 139 -31.85 -29.98 14.90
CA ILE C 139 -32.83 -30.93 15.41
C ILE C 139 -32.20 -32.04 16.24
N GLU C 140 -33.07 -32.87 16.82
CA GLU C 140 -32.70 -33.86 17.81
C GLU C 140 -32.50 -35.20 17.10
N GLY C 141 -31.33 -35.36 16.51
CA GLY C 141 -31.13 -36.52 15.66
C GLY C 141 -30.27 -36.25 14.45
N ALA C 142 -29.76 -35.03 14.32
CA ALA C 142 -28.78 -34.72 13.29
C ALA C 142 -27.45 -35.40 13.61
N THR C 143 -26.54 -35.38 12.63
CA THR C 143 -25.27 -36.09 12.77
C THR C 143 -24.14 -35.16 12.34
N PHE C 144 -23.17 -34.99 13.23
CA PHE C 144 -22.00 -34.16 12.97
C PHE C 144 -20.75 -35.01 13.04
N THR C 145 -19.74 -34.60 12.30
CA THR C 145 -18.51 -35.39 12.18
C THR C 145 -17.31 -34.47 12.26
N ALA C 146 -16.29 -34.90 12.99
CA ALA C 146 -15.04 -34.17 13.11
C ALA C 146 -13.90 -35.17 13.06
N THR C 147 -12.67 -34.66 13.15
CA THR C 147 -11.48 -35.50 13.13
C THR C 147 -10.37 -34.79 13.89
N ILE C 148 -9.84 -35.44 14.91
CA ILE C 148 -8.72 -34.91 15.69
C ILE C 148 -7.46 -35.64 15.27
N THR C 149 -6.49 -34.88 14.77
CA THR C 149 -5.21 -35.41 14.34
C THR C 149 -4.17 -35.03 15.40
N ILE C 150 -3.78 -35.99 16.24
CA ILE C 150 -2.65 -35.77 17.13
C ILE C 150 -1.37 -36.04 16.36
N SER C 151 -0.48 -35.04 16.34
CA SER C 151 0.76 -35.13 15.52
C SER C 151 1.87 -35.92 16.20
N ASN C 152 2.02 -35.85 17.52
CA ASN C 152 3.04 -36.70 18.18
C ASN C 152 2.34 -37.59 19.20
N PRO C 153 1.72 -38.70 18.78
CA PRO C 153 0.94 -39.53 19.70
C PRO C 153 1.62 -39.94 21.03
N GLN C 154 1.12 -39.46 22.17
CA GLN C 154 1.57 -39.86 23.49
C GLN C 154 0.57 -40.87 24.02
N GLU C 155 0.83 -41.42 25.20
CA GLU C 155 -0.01 -42.50 25.73
C GLU C 155 -1.39 -41.98 26.15
N LYS C 156 -1.42 -40.89 26.91
CA LYS C 156 -2.68 -40.37 27.44
C LYS C 156 -3.20 -39.26 26.54
N ASP C 157 -3.60 -39.63 25.32
CA ASP C 157 -4.28 -38.73 24.41
C ASP C 157 -5.64 -39.23 23.92
N LEU C 158 -5.83 -40.52 23.69
CA LEU C 158 -7.17 -41.03 23.48
C LEU C 158 -7.92 -41.16 24.80
N SER C 159 -7.21 -41.47 25.88
CA SER C 159 -7.81 -41.53 27.20
C SER C 159 -8.15 -40.15 27.76
N LEU C 160 -7.56 -39.09 27.22
CA LEU C 160 -7.88 -37.74 27.64
C LEU C 160 -8.91 -37.06 26.75
N ILE C 161 -8.95 -37.41 25.46
CA ILE C 161 -10.00 -36.87 24.59
C ILE C 161 -11.34 -37.55 24.88
N GLN C 162 -11.35 -38.87 25.08
CA GLN C 162 -12.57 -39.60 25.43
C GLN C 162 -13.07 -39.29 26.83
N SER C 163 -12.25 -38.69 27.68
CA SER C 163 -12.68 -38.18 28.97
C SER C 163 -13.29 -36.80 28.89
N ALA C 164 -12.84 -35.97 27.96
CA ALA C 164 -13.49 -34.70 27.68
C ALA C 164 -14.77 -34.88 26.88
N LEU C 165 -14.87 -35.96 26.12
CA LEU C 165 -16.08 -36.23 25.37
C LEU C 165 -17.24 -36.59 26.27
N LYS C 166 -17.03 -37.36 27.33
CA LYS C 166 -18.10 -37.64 28.28
C LYS C 166 -18.51 -36.39 29.04
N PHE C 167 -17.57 -35.47 29.29
CA PHE C 167 -17.91 -34.19 29.90
C PHE C 167 -18.75 -33.33 28.96
N ILE C 168 -18.46 -33.35 27.66
CA ILE C 168 -19.32 -32.64 26.71
C ILE C 168 -20.68 -33.35 26.54
N GLU C 169 -20.72 -34.68 26.61
CA GLU C 169 -21.97 -35.43 26.62
C GLU C 169 -22.83 -35.15 27.85
N GLU C 170 -22.23 -34.79 28.98
CA GLU C 170 -23.01 -34.42 30.16
C GLU C 170 -23.35 -32.93 30.20
N ASN C 171 -22.42 -32.05 29.84
CA ASN C 171 -22.61 -30.61 29.93
C ASN C 171 -23.30 -30.05 28.70
N GLY C 172 -22.77 -30.32 27.52
CA GLY C 172 -23.35 -29.80 26.31
C GLY C 172 -22.32 -29.11 25.43
N ILE C 173 -22.67 -28.89 24.17
CA ILE C 173 -21.79 -28.21 23.23
C ILE C 173 -22.60 -27.14 22.51
N GLY C 174 -22.06 -25.93 22.43
CA GLY C 174 -22.77 -24.84 21.80
C GLY C 174 -23.34 -23.90 22.83
N GLY C 175 -24.54 -23.40 22.59
CA GLY C 175 -25.14 -22.42 23.46
C GLY C 175 -26.42 -22.94 24.09
N TRP C 176 -26.92 -22.15 25.04
CA TRP C 176 -28.18 -22.38 25.78
C TRP C 176 -28.13 -23.70 26.54
N LEU C 177 -26.95 -24.02 27.09
CA LEU C 177 -26.72 -25.34 27.67
C LEU C 177 -27.35 -25.53 29.04
N ASN C 178 -27.74 -24.45 29.72
CA ASN C 178 -28.38 -24.56 31.02
C ASN C 178 -29.88 -24.77 30.93
N LYS C 179 -30.49 -24.47 29.79
CA LYS C 179 -31.92 -24.64 29.59
C LYS C 179 -32.25 -25.92 28.85
N GLY C 180 -31.25 -26.71 28.49
CA GLY C 180 -31.47 -28.02 27.91
C GLY C 180 -30.88 -28.23 26.54
N TYR C 181 -30.20 -27.26 25.94
CA TYR C 181 -29.69 -27.40 24.59
C TYR C 181 -28.31 -28.03 24.56
N GLY C 182 -28.05 -28.78 23.51
CA GLY C 182 -26.72 -29.29 23.24
C GLY C 182 -26.37 -30.64 23.81
N ARG C 183 -27.35 -31.44 24.24
CA ARG C 183 -27.09 -32.74 24.84
C ARG C 183 -26.83 -33.74 23.73
N VAL C 184 -25.62 -34.29 23.70
CA VAL C 184 -25.15 -34.99 22.52
C VAL C 184 -24.66 -36.38 22.90
N SER C 185 -24.19 -37.14 21.93
CA SER C 185 -23.68 -38.49 22.20
C SER C 185 -22.61 -38.80 21.17
N PHE C 186 -21.35 -38.81 21.59
CA PHE C 186 -20.24 -38.99 20.66
C PHE C 186 -19.94 -40.46 20.45
N GLU C 187 -19.55 -40.79 19.22
CA GLU C 187 -19.02 -42.10 18.86
C GLU C 187 -17.66 -41.89 18.23
N VAL C 188 -16.68 -42.67 18.67
CA VAL C 188 -15.27 -42.44 18.33
C VAL C 188 -14.68 -43.69 17.70
N LYS C 189 -14.06 -43.52 16.54
CA LYS C 189 -13.23 -44.57 15.95
C LYS C 189 -11.82 -44.02 15.80
N SER C 190 -10.84 -44.71 16.38
CA SER C 190 -9.47 -44.21 16.37
C SER C 190 -8.57 -45.14 15.57
N GLU C 191 -7.44 -44.60 15.12
CA GLU C 191 -6.46 -45.35 14.36
C GLU C 191 -5.10 -44.65 14.45
N ASP C 192 -4.04 -45.45 14.42
CA ASP C 192 -2.68 -44.92 14.36
C ASP C 192 -2.19 -45.03 12.93
N VAL C 193 -2.02 -43.89 12.27
CA VAL C 193 -1.55 -43.84 10.90
C VAL C 193 -0.07 -43.48 10.92
N ALA C 194 0.61 -43.76 9.82
CA ALA C 194 1.96 -43.26 9.67
C ALA C 194 1.92 -41.82 9.18
N THR C 195 3.04 -41.12 9.33
CA THR C 195 3.15 -39.79 8.74
C THR C 195 3.46 -39.88 7.25
N ASP C 196 3.89 -41.04 6.76
CA ASP C 196 4.29 -41.20 5.37
C ASP C 196 3.33 -42.08 4.59
N ARG C 197 2.03 -42.00 4.93
CA ARG C 197 1.04 -42.76 4.20
C ARG C 197 0.73 -42.17 2.83
N PHE C 198 1.00 -40.89 2.64
CA PHE C 198 0.70 -40.23 1.37
C PHE C 198 1.87 -40.31 0.40
N LEU C 199 3.08 -40.46 0.94
CA LEU C 199 4.28 -40.63 0.09
C LEU C 199 4.15 -42.00 -0.57
N LYS C 200 4.17 -42.06 -1.89
CA LYS C 200 3.93 -43.32 -2.60
C LYS C 200 5.19 -43.70 -3.39
N ALA D 2 20.91 2.28 -39.43
CA ALA D 2 19.90 2.13 -40.47
C ALA D 2 19.05 3.38 -40.58
N LYS D 3 17.97 3.30 -41.36
CA LYS D 3 17.01 4.38 -41.48
C LYS D 3 15.77 4.17 -40.63
N THR D 4 15.71 3.06 -39.90
CA THR D 4 14.59 2.74 -39.04
C THR D 4 15.10 2.26 -37.68
N MET D 5 14.24 2.40 -36.67
CA MET D 5 14.58 1.94 -35.31
C MET D 5 13.28 1.44 -34.68
N LYS D 6 13.25 0.17 -34.24
CA LYS D 6 12.07 -0.39 -33.62
C LYS D 6 11.99 0.03 -32.16
N LYS D 7 10.86 0.61 -31.78
CA LYS D 7 10.64 1.06 -30.42
C LYS D 7 9.45 0.30 -29.87
N ILE D 8 9.74 -0.59 -28.93
CA ILE D 8 8.76 -1.41 -28.24
C ILE D 8 8.48 -0.77 -26.88
N TYR D 9 7.23 -0.35 -26.66
CA TYR D 9 6.84 0.34 -25.43
C TYR D 9 6.10 -0.68 -24.56
N VAL D 10 6.77 -1.13 -23.51
CA VAL D 10 6.29 -2.22 -22.67
C VAL D 10 5.59 -1.66 -21.45
N THR D 11 4.42 -2.22 -21.14
CA THR D 11 3.65 -1.87 -19.95
C THR D 11 3.39 -3.14 -19.15
N MET D 12 3.88 -3.19 -17.92
CA MET D 12 3.84 -4.39 -17.11
C MET D 12 2.96 -4.14 -15.89
N LYS D 13 2.11 -5.11 -15.58
CA LYS D 13 1.21 -5.03 -14.43
C LYS D 13 1.44 -6.24 -13.55
N THR D 14 1.74 -6.00 -12.28
CA THR D 14 1.99 -7.08 -11.34
C THR D 14 0.69 -7.80 -10.99
N LEU D 15 0.72 -9.13 -11.08
CA LEU D 15 -0.39 -9.98 -10.72
C LEU D 15 -0.17 -10.68 -9.39
N SER D 16 1.02 -10.54 -8.83
CA SER D 16 1.46 -11.10 -7.56
C SER D 16 2.30 -10.02 -6.90
N PRO D 17 2.56 -10.14 -5.59
CA PRO D 17 3.55 -9.25 -4.97
C PRO D 17 4.91 -9.35 -5.65
N LEU D 18 5.54 -8.21 -5.85
CA LEU D 18 6.81 -8.18 -6.56
C LEU D 18 7.89 -7.66 -5.62
N TYR D 19 9.01 -8.37 -5.62
CA TYR D 19 10.18 -7.98 -4.84
C TYR D 19 11.37 -8.01 -5.77
N THR D 20 12.06 -6.90 -5.95
CA THR D 20 13.39 -6.90 -6.51
C THR D 20 14.30 -6.11 -5.56
N GLY D 21 15.31 -6.77 -5.03
CA GLY D 21 15.99 -6.27 -3.86
C GLY D 21 16.98 -5.17 -4.14
N GLU D 22 17.29 -4.41 -3.09
CA GLU D 22 18.09 -3.21 -3.22
C GLU D 22 19.55 -3.56 -3.51
N VAL D 23 20.12 -2.83 -4.48
CA VAL D 23 21.49 -3.02 -4.89
C VAL D 23 22.41 -1.94 -4.32
N ARG D 24 21.87 -0.74 -4.11
CA ARG D 24 22.67 0.37 -3.64
C ARG D 24 22.99 0.17 -2.16
N ARG D 25 24.28 0.02 -1.87
CA ARG D 25 24.73 -0.45 -0.56
C ARG D 25 24.44 0.56 0.53
N GLU D 26 24.55 1.86 0.21
CA GLU D 26 24.15 2.90 1.15
C GLU D 26 22.67 2.84 1.44
N ASP D 27 21.84 2.66 0.39
CA ASP D 27 20.40 2.60 0.57
C ASP D 27 19.97 1.30 1.24
N LYS D 28 20.65 0.19 0.94
CA LYS D 28 20.36 -1.05 1.64
C LYS D 28 20.77 -1.00 3.10
N GLU D 29 21.91 -0.39 3.41
CA GLU D 29 22.38 -0.29 4.78
C GLU D 29 21.68 0.83 5.56
N ALA D 30 20.93 1.69 4.88
CA ALA D 30 20.10 2.69 5.54
C ALA D 30 18.63 2.35 5.42
N ALA D 31 18.33 1.11 5.03
CA ALA D 31 16.97 0.57 5.10
C ALA D 31 16.89 -0.79 5.75
N GLN D 32 18.01 -1.47 6.01
CA GLN D 32 18.05 -2.68 6.82
C GLN D 32 18.10 -2.40 8.31
N LYS D 33 17.80 -1.17 8.69
CA LYS D 33 17.49 -0.79 10.06
C LYS D 33 16.02 -1.02 10.38
N ARG D 34 15.16 -1.08 9.36
CA ARG D 34 13.73 -1.26 9.54
C ARG D 34 13.18 -2.48 8.82
N VAL D 35 13.62 -2.71 7.59
CA VAL D 35 13.12 -3.81 6.77
C VAL D 35 14.32 -4.65 6.32
N ASN D 36 14.24 -5.96 6.55
CA ASN D 36 15.39 -6.82 6.30
C ASN D 36 15.62 -7.05 4.82
N PHE D 37 14.58 -6.89 4.00
CA PHE D 37 14.68 -7.04 2.55
C PHE D 37 14.10 -5.81 1.88
N PRO D 38 14.89 -4.75 1.71
CA PRO D 38 14.44 -3.60 0.95
C PRO D 38 14.26 -3.94 -0.53
N VAL D 39 13.41 -3.17 -1.20
CA VAL D 39 13.28 -3.26 -2.65
C VAL D 39 14.19 -2.22 -3.26
N ARG D 40 14.66 -2.48 -4.48
CA ARG D 40 15.47 -1.48 -5.16
C ARG D 40 14.58 -0.36 -5.65
N LYS D 41 14.97 0.86 -5.31
CA LYS D 41 14.17 2.02 -5.57
C LYS D 41 15.03 3.06 -6.25
N THR D 42 14.38 3.97 -6.96
CA THR D 42 15.08 5.12 -7.51
C THR D 42 15.28 6.15 -6.40
N ALA D 43 16.05 7.19 -6.70
CA ALA D 43 16.13 8.34 -5.81
C ALA D 43 14.98 9.32 -6.02
N THR D 44 14.21 9.13 -7.10
CA THR D 44 12.93 9.80 -7.31
C THR D 44 11.78 8.99 -6.73
N ASN D 45 12.09 8.01 -5.87
CA ASN D 45 11.15 7.22 -5.08
C ASN D 45 10.22 6.37 -5.93
N LYS D 46 10.67 5.93 -7.10
CA LYS D 46 9.98 4.93 -7.90
C LYS D 46 10.69 3.60 -7.67
N VAL D 47 10.29 2.57 -8.41
CA VAL D 47 10.87 1.23 -8.27
C VAL D 47 11.50 0.82 -9.59
N LEU D 48 12.79 0.49 -9.55
CA LEU D 48 13.53 -0.03 -10.69
C LEU D 48 13.40 -1.54 -10.71
N ILE D 49 13.26 -2.13 -11.90
CA ILE D 49 13.46 -3.58 -12.04
C ILE D 49 14.45 -3.79 -13.19
N PRO D 50 15.53 -4.57 -13.00
CA PRO D 50 16.44 -4.87 -14.11
C PRO D 50 15.74 -5.72 -15.19
N PHE D 51 15.59 -5.20 -16.42
CA PHE D 51 14.81 -5.93 -17.45
C PHE D 51 15.68 -6.69 -18.46
N LYS D 52 16.79 -6.12 -18.93
CA LYS D 52 17.58 -6.77 -20.00
C LYS D 52 17.94 -8.21 -19.66
N GLY D 53 18.59 -8.44 -18.51
CA GLY D 53 19.04 -9.77 -18.20
C GLY D 53 17.94 -10.80 -18.09
N ALA D 54 16.73 -10.37 -17.71
CA ALA D 54 15.58 -11.28 -17.74
C ALA D 54 15.20 -11.66 -19.17
N LEU D 55 15.24 -10.69 -20.09
CA LEU D 55 14.97 -10.96 -21.51
C LEU D 55 16.04 -11.85 -22.12
N ARG D 56 17.32 -11.58 -21.81
CA ARG D 56 18.40 -12.41 -22.32
C ARG D 56 18.34 -13.83 -21.76
N SER D 57 18.05 -13.97 -20.46
CA SER D 57 17.90 -15.28 -19.85
C SER D 57 16.72 -16.04 -20.43
N ALA D 58 15.60 -15.35 -20.68
CA ALA D 58 14.42 -15.97 -21.25
C ALA D 58 14.68 -16.50 -22.65
N LEU D 59 15.24 -15.66 -23.52
CA LEU D 59 15.58 -16.12 -24.87
C LEU D 59 16.71 -17.13 -24.90
N GLU D 60 17.64 -17.09 -23.94
CA GLU D 60 18.71 -18.08 -23.90
C GLU D 60 18.19 -19.46 -23.51
N ILE D 61 17.36 -19.53 -22.46
CA ILE D 61 16.74 -20.78 -22.04
C ILE D 61 15.81 -21.32 -23.12
N MET D 62 15.06 -20.43 -23.78
CA MET D 62 14.10 -20.86 -24.79
C MET D 62 14.79 -21.34 -26.07
N LEU D 63 15.81 -20.61 -26.53
CA LEU D 63 16.46 -20.93 -27.79
C LEU D 63 17.55 -21.98 -27.67
N LYS D 64 18.02 -22.28 -26.45
CA LYS D 64 18.82 -23.47 -26.26
C LYS D 64 17.97 -24.73 -26.29
N ALA D 65 16.68 -24.61 -25.94
CA ALA D 65 15.73 -25.73 -25.96
C ALA D 65 15.13 -25.96 -27.34
N LYS D 66 14.92 -24.89 -28.12
CA LYS D 66 14.51 -25.04 -29.51
C LYS D 66 15.55 -25.76 -30.36
N GLY D 67 16.82 -25.65 -30.01
CA GLY D 67 17.89 -26.26 -30.78
C GLY D 67 18.71 -25.29 -31.59
N GLU D 68 18.61 -24.00 -31.33
CA GLU D 68 19.42 -23.01 -32.01
C GLU D 68 20.81 -22.94 -31.38
N ASN D 69 21.68 -22.09 -31.93
CA ASN D 69 23.08 -22.04 -31.53
C ASN D 69 23.36 -20.91 -30.55
N VAL D 70 22.41 -20.63 -29.67
CA VAL D 70 22.54 -19.59 -28.68
C VAL D 70 23.52 -20.00 -27.59
N CYS D 71 24.39 -19.06 -27.20
CA CYS D 71 25.39 -19.27 -26.16
C CYS D 71 24.80 -18.96 -24.78
N ASP D 72 25.49 -19.45 -23.76
CA ASP D 72 25.13 -19.16 -22.38
C ASP D 72 26.02 -18.06 -21.84
N THR D 73 25.40 -16.94 -21.44
CA THR D 73 26.10 -15.86 -20.75
C THR D 73 25.71 -15.80 -19.27
N GLY D 74 25.26 -16.93 -18.73
CA GLY D 74 24.84 -16.99 -17.34
C GLY D 74 25.88 -17.64 -16.46
N GLU D 75 26.62 -18.61 -17.02
CA GLU D 75 27.72 -19.26 -16.33
C GLU D 75 28.84 -18.26 -16.07
N SER D 76 29.66 -18.53 -15.05
CA SER D 76 30.54 -17.51 -14.49
C SER D 76 31.63 -17.09 -15.45
N ARG D 77 31.71 -15.77 -15.67
CA ARG D 77 32.63 -15.09 -16.59
C ARG D 77 32.65 -15.73 -17.98
N ALA D 78 31.45 -15.85 -18.55
CA ALA D 78 31.28 -16.43 -19.87
C ALA D 78 31.51 -15.36 -20.93
N ARG D 79 32.16 -15.76 -22.02
CA ARG D 79 32.35 -14.86 -23.14
C ARG D 79 31.18 -15.01 -24.11
N PRO D 80 30.42 -13.94 -24.36
CA PRO D 80 29.41 -14.01 -25.42
C PRO D 80 30.08 -14.13 -26.78
N CYS D 81 29.65 -15.13 -27.55
CA CYS D 81 30.33 -15.53 -28.78
C CYS D 81 30.25 -14.46 -29.85
N GLY D 82 29.04 -14.09 -30.26
CA GLY D 82 28.89 -13.05 -31.25
C GLY D 82 28.07 -13.48 -32.45
N ARG D 83 27.83 -14.79 -32.57
CA ARG D 83 27.25 -15.36 -33.77
C ARG D 83 25.90 -16.02 -33.52
N CYS D 84 25.18 -15.59 -32.47
CA CYS D 84 23.82 -16.07 -32.23
C CYS D 84 22.86 -14.89 -32.27
N VAL D 85 21.60 -15.17 -31.98
CA VAL D 85 20.61 -14.12 -32.04
C VAL D 85 20.56 -13.34 -30.75
N THR D 86 20.87 -14.00 -29.63
CA THR D 86 20.95 -13.30 -28.36
C THR D 86 22.17 -12.39 -28.32
N CYS D 87 23.26 -12.80 -28.95
CA CYS D 87 24.42 -11.92 -29.09
C CYS D 87 24.17 -10.80 -30.09
N SER D 88 23.32 -11.01 -31.08
CA SER D 88 22.97 -9.92 -31.99
C SER D 88 22.05 -8.93 -31.32
N LEU D 89 21.12 -9.40 -30.50
CA LEU D 89 20.10 -8.55 -29.90
C LEU D 89 20.56 -7.93 -28.59
N PHE D 90 21.26 -8.68 -27.75
CA PHE D 90 21.63 -8.22 -26.43
C PHE D 90 23.11 -8.02 -26.22
N GLY D 91 23.96 -8.50 -27.11
CA GLY D 91 25.34 -8.06 -27.09
C GLY D 91 26.41 -9.11 -26.92
N SER D 92 27.50 -8.95 -27.68
CA SER D 92 28.69 -9.76 -27.64
C SER D 92 29.81 -8.97 -26.93
N MET D 93 31.02 -9.50 -26.92
CA MET D 93 32.13 -8.72 -26.41
C MET D 93 32.57 -7.65 -27.38
N GLY D 94 32.65 -7.98 -28.67
CA GLY D 94 32.96 -7.00 -29.69
C GLY D 94 31.82 -6.05 -29.96
N ARG D 95 30.72 -6.57 -30.50
CA ARG D 95 29.56 -5.74 -30.81
C ARG D 95 28.72 -5.49 -29.56
N ALA D 96 27.95 -4.41 -29.60
CA ALA D 96 26.94 -4.16 -28.59
C ALA D 96 25.59 -4.61 -29.11
N GLY D 97 24.67 -4.88 -28.18
CA GLY D 97 23.36 -5.34 -28.55
C GLY D 97 22.54 -4.25 -29.19
N ARG D 98 21.74 -4.65 -30.18
CA ARG D 98 20.89 -3.69 -30.87
C ARG D 98 19.72 -3.28 -29.99
N ALA D 99 19.15 -4.22 -29.24
CA ALA D 99 18.07 -3.91 -28.32
C ALA D 99 18.61 -3.17 -27.11
N SER D 100 18.16 -1.93 -26.93
CA SER D 100 18.55 -1.11 -25.78
C SER D 100 17.39 -1.14 -24.79
N VAL D 101 17.45 -2.09 -23.85
CA VAL D 101 16.35 -2.32 -22.92
C VAL D 101 16.46 -1.33 -21.77
N ASP D 102 15.38 -0.58 -21.53
CA ASP D 102 15.30 0.27 -20.35
C ASP D 102 15.09 -0.57 -19.10
N PHE D 103 15.14 0.10 -17.96
CA PHE D 103 14.67 -0.51 -16.74
C PHE D 103 13.14 -0.51 -16.72
N LEU D 104 12.57 -1.31 -15.83
CA LEU D 104 11.13 -1.22 -15.58
C LEU D 104 10.90 -0.29 -14.39
N ILE D 105 10.98 1.01 -14.68
CA ILE D 105 10.62 2.03 -13.69
C ILE D 105 9.10 2.07 -13.53
N SER D 106 8.64 2.12 -12.29
CA SER D 106 7.21 2.20 -12.02
C SER D 106 6.64 3.55 -12.44
N ASN D 107 5.33 3.58 -12.57
CA ASN D 107 4.62 4.84 -12.79
C ASN D 107 4.28 5.54 -11.49
N ASP D 108 4.07 4.78 -10.42
CA ASP D 108 3.72 5.32 -9.12
C ASP D 108 4.93 5.30 -8.20
N THR D 109 4.79 6.02 -7.08
CA THR D 109 5.92 6.17 -6.12
C THR D 109 5.83 5.08 -5.05
N LYS D 110 6.79 5.01 -4.13
CA LYS D 110 6.87 3.92 -3.14
C LYS D 110 5.96 4.07 -1.94
N GLU D 111 4.92 4.91 -1.96
CA GLU D 111 3.99 4.93 -0.85
C GLU D 111 2.63 4.45 -1.31
N GLN D 112 2.44 4.33 -2.63
CA GLN D 112 1.25 3.78 -3.21
C GLN D 112 1.45 2.38 -3.76
N ILE D 113 2.69 1.90 -3.84
CA ILE D 113 2.98 0.59 -4.42
C ILE D 113 3.79 -0.30 -3.50
N VAL D 114 4.58 0.28 -2.60
CA VAL D 114 5.53 -0.51 -1.81
C VAL D 114 4.99 -0.66 -0.39
N ARG D 115 4.82 -1.91 0.03
CA ARG D 115 4.37 -2.24 1.37
C ARG D 115 5.39 -3.14 2.06
N GLU D 116 5.45 -3.03 3.38
CA GLU D 116 6.32 -3.85 4.21
C GLU D 116 5.53 -5.04 4.72
N SER D 117 6.01 -6.24 4.42
CA SER D 117 5.40 -7.50 4.82
C SER D 117 6.26 -8.20 5.85
N THR D 118 5.65 -9.19 6.50
CA THR D 118 6.29 -9.99 7.53
C THR D 118 6.26 -11.44 7.07
N HIS D 119 7.42 -11.99 6.76
CA HIS D 119 7.51 -13.39 6.38
C HIS D 119 8.07 -14.20 7.55
N LEU D 120 7.78 -15.50 7.53
CA LEU D 120 8.17 -16.36 8.63
C LEU D 120 8.93 -17.58 8.16
N ARG D 121 9.53 -18.24 9.15
CA ARG D 121 10.05 -19.59 9.03
C ARG D 121 9.48 -20.37 10.20
N ILE D 122 8.70 -21.41 9.88
CA ILE D 122 7.88 -22.15 10.83
C ILE D 122 8.53 -23.50 11.09
N GLU D 123 8.76 -23.82 12.36
CA GLU D 123 9.27 -25.14 12.76
C GLU D 123 8.26 -26.22 12.40
N ARG D 124 8.76 -27.37 11.96
CA ARG D 124 7.89 -28.42 11.43
C ARG D 124 7.34 -29.33 12.51
N GLN D 125 7.89 -29.32 13.72
CA GLN D 125 7.46 -30.18 14.82
C GLN D 125 6.98 -29.38 16.01
N THR D 126 6.73 -28.09 15.79
CA THR D 126 6.29 -27.19 16.85
C THR D 126 5.20 -26.32 16.24
N LYS D 127 5.05 -26.42 14.92
CA LYS D 127 4.18 -25.62 14.04
C LYS D 127 4.12 -24.15 14.42
N SER D 128 5.26 -23.56 14.75
CA SER D 128 5.32 -22.20 15.23
C SER D 128 6.53 -21.54 14.61
N ALA D 129 6.54 -20.20 14.66
CA ALA D 129 7.61 -19.40 14.09
C ALA D 129 8.94 -19.70 14.78
N SER D 130 9.95 -19.96 13.96
CA SER D 130 11.33 -20.03 14.43
C SER D 130 12.14 -18.89 13.87
N ASP D 131 11.67 -18.24 12.82
CA ASP D 131 12.31 -17.01 12.37
C ASP D 131 11.25 -16.07 11.85
N THR D 132 11.53 -14.79 11.97
CA THR D 132 10.66 -13.76 11.43
C THR D 132 11.55 -12.76 10.71
N PHE D 133 11.17 -12.38 9.51
CA PHE D 133 11.86 -11.29 8.85
C PHE D 133 10.83 -10.40 8.18
N LYS D 134 11.25 -9.20 7.85
CA LYS D 134 10.40 -8.28 7.13
C LYS D 134 10.96 -8.12 5.73
N GLY D 135 10.09 -7.70 4.83
CA GLY D 135 10.46 -7.55 3.44
C GLY D 135 9.66 -6.44 2.82
N GLU D 136 10.25 -5.80 1.83
CA GLU D 136 9.49 -4.80 1.10
C GLU D 136 9.02 -5.44 -0.20
N GLU D 137 7.85 -5.01 -0.66
CA GLU D 137 7.30 -5.62 -1.86
C GLU D 137 6.43 -4.63 -2.59
N VAL D 138 6.24 -4.88 -3.87
CA VAL D 138 5.39 -4.05 -4.71
C VAL D 138 4.03 -4.74 -4.84
N ILE D 139 2.95 -3.96 -4.68
CA ILE D 139 1.58 -4.48 -4.68
C ILE D 139 1.18 -5.07 -6.02
N GLU D 140 0.07 -5.80 -6.02
CA GLU D 140 -0.53 -6.34 -7.21
C GLU D 140 -1.28 -5.24 -7.95
N GLY D 141 -1.25 -5.31 -9.28
CA GLY D 141 -1.86 -4.27 -10.06
C GLY D 141 -1.07 -2.98 -10.13
N ALA D 142 0.23 -3.04 -9.88
CA ALA D 142 1.11 -1.90 -10.01
C ALA D 142 1.75 -1.91 -11.39
N THR D 143 1.90 -0.72 -11.97
CA THR D 143 2.23 -0.57 -13.38
C THR D 143 3.64 -0.05 -13.55
N PHE D 144 4.43 -0.76 -14.33
CA PHE D 144 5.81 -0.42 -14.65
C PHE D 144 5.92 -0.25 -16.15
N THR D 145 6.86 0.57 -16.60
CA THR D 145 6.97 0.87 -18.02
C THR D 145 8.42 0.79 -18.47
N ALA D 146 8.64 0.30 -19.69
CA ALA D 146 9.97 0.22 -20.28
C ALA D 146 9.85 0.47 -21.78
N THR D 147 11.01 0.56 -22.45
CA THR D 147 11.04 0.79 -23.90
C THR D 147 12.28 0.10 -24.45
N ILE D 148 12.09 -1.06 -25.08
CA ILE D 148 13.19 -1.66 -25.83
C ILE D 148 13.34 -0.96 -27.16
N THR D 149 14.59 -0.64 -27.53
CA THR D 149 14.86 0.15 -28.72
C THR D 149 15.90 -0.55 -29.59
N ILE D 150 15.44 -1.33 -30.56
CA ILE D 150 16.36 -1.99 -31.49
C ILE D 150 16.79 -1.00 -32.55
N SER D 151 18.11 -0.88 -32.73
CA SER D 151 18.73 0.15 -33.56
C SER D 151 18.92 -0.26 -35.00
N ASN D 152 19.29 -1.52 -35.26
CA ASN D 152 19.30 -2.04 -36.62
C ASN D 152 18.23 -3.12 -36.69
N PRO D 153 16.98 -2.74 -36.97
CA PRO D 153 15.85 -3.66 -36.80
C PRO D 153 15.80 -4.79 -37.82
N GLN D 154 15.98 -6.01 -37.34
CA GLN D 154 15.73 -7.19 -38.14
C GLN D 154 14.28 -7.61 -37.97
N GLU D 155 13.86 -8.62 -38.73
CA GLU D 155 12.43 -8.98 -38.74
C GLU D 155 12.06 -9.76 -37.47
N LYS D 156 12.73 -10.88 -37.21
CA LYS D 156 12.52 -11.61 -35.97
C LYS D 156 13.15 -10.93 -34.76
N ASP D 157 12.74 -9.71 -34.50
CA ASP D 157 13.24 -9.01 -33.33
C ASP D 157 12.13 -8.51 -32.44
N LEU D 158 10.90 -8.49 -32.91
CA LEU D 158 9.74 -8.30 -32.05
C LEU D 158 9.20 -9.64 -31.59
N SER D 159 9.17 -10.63 -32.49
CA SER D 159 8.71 -11.97 -32.19
C SER D 159 9.64 -12.73 -31.26
N LEU D 160 10.87 -12.25 -31.02
CA LEU D 160 11.76 -12.79 -30.01
C LEU D 160 11.61 -12.08 -28.67
N ILE D 161 11.48 -10.77 -28.69
CA ILE D 161 11.28 -9.97 -27.49
C ILE D 161 9.87 -10.14 -26.92
N GLN D 162 8.89 -10.46 -27.77
CA GLN D 162 7.57 -10.86 -27.29
C GLN D 162 7.48 -12.32 -26.86
N SER D 163 8.32 -13.19 -27.39
CA SER D 163 8.36 -14.56 -26.91
C SER D 163 9.11 -14.68 -25.59
N ALA D 164 10.04 -13.78 -25.32
CA ALA D 164 10.66 -13.70 -24.01
C ALA D 164 9.72 -13.11 -22.99
N LEU D 165 8.88 -12.17 -23.43
CA LEU D 165 7.95 -11.56 -22.51
C LEU D 165 6.82 -12.46 -22.08
N LYS D 166 6.60 -13.60 -22.73
CA LYS D 166 5.71 -14.63 -22.20
C LYS D 166 6.43 -15.55 -21.22
N PHE D 167 7.73 -15.73 -21.42
CA PHE D 167 8.55 -16.49 -20.49
C PHE D 167 8.74 -15.74 -19.17
N ILE D 168 8.69 -14.41 -19.19
CA ILE D 168 8.80 -13.60 -17.98
C ILE D 168 7.39 -13.30 -17.45
N GLU D 169 6.37 -13.87 -18.09
CA GLU D 169 5.02 -13.99 -17.52
C GLU D 169 4.76 -15.31 -16.82
N GLU D 170 5.28 -16.41 -17.34
CA GLU D 170 5.11 -17.70 -16.69
C GLU D 170 6.15 -17.99 -15.60
N ASN D 171 7.32 -17.34 -15.62
CA ASN D 171 8.33 -17.62 -14.60
C ASN D 171 8.37 -16.53 -13.55
N GLY D 172 8.60 -15.30 -13.98
CA GLY D 172 8.78 -14.20 -13.06
C GLY D 172 9.87 -13.28 -13.53
N ILE D 173 9.88 -12.09 -12.96
CA ILE D 173 10.72 -11.01 -13.45
C ILE D 173 11.91 -10.76 -12.54
N GLY D 174 11.70 -10.71 -11.22
CA GLY D 174 12.80 -10.56 -10.31
C GLY D 174 12.47 -11.00 -8.90
N GLY D 175 13.45 -11.50 -8.18
CA GLY D 175 13.29 -11.79 -6.78
C GLY D 175 12.80 -13.18 -6.45
N TRP D 176 12.02 -13.32 -5.40
CA TRP D 176 11.65 -14.62 -4.85
C TRP D 176 10.62 -15.29 -5.75
N LEU D 177 11.04 -15.79 -6.91
CA LEU D 177 10.09 -16.30 -7.89
C LEU D 177 9.60 -17.72 -7.60
N ASN D 178 10.20 -18.40 -6.64
CA ASN D 178 9.73 -19.74 -6.29
C ASN D 178 8.65 -19.71 -5.22
N LYS D 179 8.64 -18.66 -4.39
CA LYS D 179 7.59 -18.51 -3.39
C LYS D 179 6.28 -18.05 -4.02
N GLY D 180 6.34 -17.38 -5.16
CA GLY D 180 5.15 -16.95 -5.85
C GLY D 180 5.22 -15.52 -6.29
N TYR D 181 6.36 -14.87 -6.06
CA TYR D 181 6.47 -13.45 -6.34
C TYR D 181 6.82 -13.21 -7.80
N GLY D 182 6.57 -11.98 -8.23
CA GLY D 182 7.01 -11.54 -9.55
C GLY D 182 6.18 -12.04 -10.71
N ARG D 183 4.94 -12.46 -10.47
CA ARG D 183 4.07 -12.90 -11.55
C ARG D 183 3.40 -11.67 -12.14
N VAL D 184 3.61 -11.42 -13.42
CA VAL D 184 3.27 -10.16 -14.04
C VAL D 184 2.58 -10.41 -15.37
N SER D 185 2.16 -9.33 -16.02
CA SER D 185 1.57 -9.38 -17.35
C SER D 185 2.11 -8.23 -18.17
N PHE D 186 2.48 -8.52 -19.43
CA PHE D 186 3.11 -7.55 -20.30
C PHE D 186 2.16 -7.15 -21.42
N GLU D 187 2.26 -5.88 -21.82
CA GLU D 187 1.47 -5.34 -22.92
C GLU D 187 2.39 -4.50 -23.78
N VAL D 188 2.44 -4.86 -25.06
CA VAL D 188 3.40 -4.33 -26.02
C VAL D 188 2.68 -3.52 -27.08
N LYS D 189 3.12 -2.28 -27.28
CA LYS D 189 2.64 -1.44 -28.39
C LYS D 189 3.85 -1.07 -29.23
N SER D 190 4.21 -1.89 -30.21
CA SER D 190 5.45 -1.65 -30.94
C SER D 190 5.27 -0.54 -31.98
N GLU D 191 6.42 -0.04 -32.47
CA GLU D 191 6.49 1.03 -33.47
C GLU D 191 7.88 1.10 -34.08
N ASP D 192 7.97 1.25 -35.40
CA ASP D 192 9.26 1.39 -36.09
C ASP D 192 9.40 2.83 -36.57
N VAL D 193 10.01 3.67 -35.74
CA VAL D 193 10.26 5.07 -36.08
C VAL D 193 11.41 5.15 -37.06
N ALA D 194 11.65 6.33 -37.62
CA ALA D 194 12.85 6.60 -38.37
C ALA D 194 13.94 7.07 -37.42
N THR D 195 15.20 6.83 -37.80
CA THR D 195 16.33 7.27 -36.97
C THR D 195 16.42 8.79 -36.96
N ASP D 196 16.13 9.43 -38.08
CA ASP D 196 16.24 10.88 -38.23
C ASP D 196 14.99 11.64 -37.77
N ARG D 197 14.16 11.02 -36.92
CA ARG D 197 12.89 11.61 -36.52
C ARG D 197 13.03 12.82 -35.61
N PHE D 198 14.22 13.12 -35.10
CA PHE D 198 14.47 14.34 -34.36
C PHE D 198 15.09 15.44 -35.21
N LEU D 199 15.71 15.06 -36.33
CA LEU D 199 16.41 16.01 -37.19
C LEU D 199 15.43 16.93 -37.90
N LYS D 200 14.29 16.39 -38.31
CA LYS D 200 13.37 17.03 -39.25
C LYS D 200 12.75 18.34 -38.74
N ALA E 2 32.61 34.77 -35.02
CA ALA E 2 32.79 35.99 -35.78
C ALA E 2 32.61 37.22 -34.91
N LYS E 3 31.41 37.80 -34.96
CA LYS E 3 31.04 38.90 -34.08
C LYS E 3 30.15 38.45 -32.93
N THR E 4 29.48 37.30 -33.08
CA THR E 4 28.60 36.76 -32.05
C THR E 4 29.00 35.32 -31.75
N MET E 5 28.43 34.79 -30.67
CA MET E 5 28.70 33.43 -30.22
C MET E 5 27.41 32.87 -29.63
N LYS E 6 26.89 31.79 -30.19
CA LYS E 6 25.73 31.15 -29.59
C LYS E 6 26.16 30.36 -28.36
N LYS E 7 25.57 30.71 -27.21
CA LYS E 7 25.93 30.11 -25.93
C LYS E 7 24.79 29.20 -25.47
N ILE E 8 24.86 27.94 -25.88
CA ILE E 8 23.90 26.95 -25.41
C ILE E 8 24.25 26.54 -23.98
N TYR E 9 23.24 26.54 -23.11
CA TYR E 9 23.42 26.16 -21.71
C TYR E 9 22.54 24.93 -21.46
N VAL E 10 23.17 23.79 -21.29
CA VAL E 10 22.47 22.52 -21.17
C VAL E 10 22.39 22.10 -19.71
N THR E 11 21.20 21.69 -19.29
CA THR E 11 20.98 21.15 -17.96
C THR E 11 20.32 19.79 -18.10
N MET E 12 20.98 18.76 -17.56
CA MET E 12 20.58 17.37 -17.72
C MET E 12 20.21 16.74 -16.38
N LYS E 13 19.06 16.09 -16.35
CA LYS E 13 18.60 15.37 -15.17
C LYS E 13 18.57 13.88 -15.48
N THR E 14 19.12 13.08 -14.58
CA THR E 14 19.11 11.63 -14.75
C THR E 14 17.73 11.06 -14.44
N LEU E 15 17.14 10.39 -15.42
CA LEU E 15 15.86 9.70 -15.25
C LEU E 15 16.06 8.22 -14.95
N SER E 16 17.30 7.76 -14.90
CA SER E 16 17.69 6.38 -14.68
C SER E 16 19.07 6.42 -14.03
N PRO E 17 19.56 5.29 -13.49
CA PRO E 17 20.95 5.28 -13.00
C PRO E 17 21.91 5.60 -14.12
N LEU E 18 22.96 6.35 -13.81
CA LEU E 18 23.92 6.74 -14.82
C LEU E 18 25.28 6.18 -14.50
N TYR E 19 25.96 5.69 -15.53
CA TYR E 19 27.33 5.24 -15.38
C TYR E 19 28.16 5.78 -16.53
N THR E 20 29.23 6.49 -16.19
CA THR E 20 30.34 6.72 -17.10
C THR E 20 31.61 6.34 -16.36
N GLY E 21 32.44 5.56 -17.00
CA GLY E 21 33.55 4.95 -16.29
C GLY E 21 34.70 5.90 -16.06
N GLU E 22 35.46 5.59 -15.01
CA GLU E 22 36.64 6.39 -14.68
C GLU E 22 37.72 6.18 -15.74
N VAL E 23 38.28 7.29 -16.22
CA VAL E 23 39.29 7.21 -17.26
C VAL E 23 40.68 7.24 -16.63
N ARG E 24 40.77 7.81 -15.42
CA ARG E 24 42.06 7.98 -14.79
C ARG E 24 42.54 6.65 -14.23
N ARG E 25 43.72 6.22 -14.65
CA ARG E 25 44.23 4.91 -14.28
C ARG E 25 44.55 4.85 -12.80
N GLU E 26 45.12 5.94 -12.26
CA GLU E 26 45.42 6.03 -10.83
C GLU E 26 44.14 5.99 -10.00
N ASP E 27 43.12 6.75 -10.41
CA ASP E 27 41.87 6.79 -9.68
C ASP E 27 41.09 5.49 -9.81
N LYS E 28 41.19 4.84 -10.98
CA LYS E 28 40.53 3.55 -11.18
C LYS E 28 41.20 2.47 -10.32
N GLU E 29 42.54 2.36 -10.40
CA GLU E 29 43.27 1.29 -9.71
C GLU E 29 43.22 1.44 -8.20
N ALA E 30 43.08 2.66 -7.70
CA ALA E 30 42.88 2.89 -6.27
C ALA E 30 41.43 2.72 -5.86
N ALA E 31 40.54 2.41 -6.81
CA ALA E 31 39.16 2.13 -6.52
C ALA E 31 38.79 0.66 -6.67
N GLN E 32 39.59 -0.15 -7.38
CA GLN E 32 39.33 -1.58 -7.58
C GLN E 32 39.39 -2.39 -6.29
N LYS E 33 39.96 -1.80 -5.24
CA LYS E 33 39.91 -2.40 -3.91
C LYS E 33 38.47 -2.52 -3.42
N ARG E 34 37.67 -1.46 -3.60
CA ARG E 34 36.30 -1.47 -3.15
C ARG E 34 35.33 -1.73 -4.29
N VAL E 35 35.39 -0.89 -5.32
CA VAL E 35 34.40 -0.94 -6.41
C VAL E 35 35.07 -1.39 -7.70
N ASN E 36 34.43 -2.34 -8.38
CA ASN E 36 35.01 -2.83 -9.62
C ASN E 36 34.85 -1.85 -10.77
N PHE E 37 33.81 -1.02 -10.73
CA PHE E 37 33.51 -0.05 -11.77
C PHE E 37 33.29 1.32 -11.13
N PRO E 38 34.36 2.06 -10.86
CA PRO E 38 34.20 3.44 -10.39
C PRO E 38 33.69 4.34 -11.51
N VAL E 39 33.07 5.44 -11.12
CA VAL E 39 32.57 6.40 -12.08
C VAL E 39 33.63 7.47 -12.33
N ARG E 40 33.47 8.19 -13.44
CA ARG E 40 34.33 9.31 -13.75
C ARG E 40 34.06 10.43 -12.78
N LYS E 41 35.07 10.81 -11.99
CA LYS E 41 34.92 11.84 -11.00
C LYS E 41 36.08 12.81 -11.08
N THR E 42 35.81 14.07 -10.71
CA THR E 42 36.83 15.10 -10.66
C THR E 42 37.70 14.89 -9.43
N ALA E 43 38.71 15.73 -9.25
CA ALA E 43 39.36 15.88 -7.95
C ALA E 43 38.68 16.94 -7.10
N THR E 44 37.58 17.51 -7.60
CA THR E 44 36.68 18.33 -6.81
C THR E 44 35.46 17.52 -6.38
N ASN E 45 35.53 16.20 -6.54
CA ASN E 45 34.55 15.18 -6.13
C ASN E 45 33.22 15.29 -6.87
N LYS E 46 33.20 15.94 -8.03
CA LYS E 46 32.03 16.02 -8.89
C LYS E 46 32.23 15.09 -10.08
N VAL E 47 31.13 14.71 -10.73
CA VAL E 47 31.15 13.65 -11.74
C VAL E 47 31.23 14.28 -13.13
N LEU E 48 32.22 13.86 -13.91
CA LEU E 48 32.37 14.23 -15.31
C LEU E 48 31.67 13.22 -16.18
N ILE E 49 30.99 13.68 -17.23
CA ILE E 49 30.53 12.84 -18.33
C ILE E 49 31.08 13.46 -19.61
N PRO E 50 31.71 12.68 -20.52
CA PRO E 50 32.13 13.23 -21.80
C PRO E 50 30.88 13.55 -22.64
N PHE E 51 30.75 14.77 -23.16
CA PHE E 51 29.51 15.17 -23.88
C PHE E 51 29.73 15.31 -25.39
N LYS E 52 30.86 15.86 -25.84
CA LYS E 52 31.03 16.14 -27.30
C LYS E 52 30.79 14.89 -28.14
N GLY E 53 31.49 13.80 -27.85
CA GLY E 53 31.36 12.60 -28.65
C GLY E 53 29.95 12.05 -28.72
N ALA E 54 29.15 12.24 -27.67
CA ALA E 54 27.75 11.84 -27.70
C ALA E 54 26.96 12.67 -28.70
N LEU E 55 27.17 14.00 -28.68
CA LEU E 55 26.51 14.90 -29.62
C LEU E 55 26.93 14.59 -31.05
N ARG E 56 28.23 14.35 -31.27
CA ARG E 56 28.72 14.06 -32.61
C ARG E 56 28.23 12.71 -33.11
N SER E 57 28.18 11.71 -32.24
CA SER E 57 27.63 10.41 -32.61
C SER E 57 26.15 10.49 -32.95
N ALA E 58 25.39 11.26 -32.17
CA ALA E 58 23.96 11.44 -32.43
C ALA E 58 23.73 12.12 -33.77
N LEU E 59 24.45 13.20 -34.04
CA LEU E 59 24.27 13.91 -35.30
C LEU E 59 24.79 13.12 -36.49
N GLU E 60 25.89 12.37 -36.35
CA GLU E 60 26.39 11.57 -37.46
C GLU E 60 25.46 10.42 -37.79
N ILE E 61 24.90 9.75 -36.78
CA ILE E 61 23.96 8.65 -37.02
C ILE E 61 22.67 9.16 -37.66
N MET E 62 22.09 10.24 -37.09
CA MET E 62 20.85 10.79 -37.64
C MET E 62 21.03 11.42 -39.01
N LEU E 63 22.20 12.00 -39.27
CA LEU E 63 22.42 12.68 -40.54
C LEU E 63 22.81 11.69 -41.64
N LYS E 64 23.46 10.59 -41.28
CA LYS E 64 23.61 9.50 -42.24
C LYS E 64 22.26 8.88 -42.58
N ALA E 65 21.38 8.78 -41.57
CA ALA E 65 20.05 8.20 -41.80
C ALA E 65 19.18 9.10 -42.67
N LYS E 66 19.21 10.42 -42.43
CA LYS E 66 18.40 11.39 -43.17
C LYS E 66 18.71 11.42 -44.66
N GLY E 67 19.93 11.10 -45.05
CA GLY E 67 20.36 11.18 -46.43
C GLY E 67 21.40 12.25 -46.69
N GLU E 68 21.72 13.07 -45.69
CA GLU E 68 22.79 14.03 -45.80
C GLU E 68 24.14 13.30 -45.83
N ASN E 69 25.15 13.98 -46.32
CA ASN E 69 26.49 13.40 -46.44
C ASN E 69 27.30 13.82 -45.23
N VAL E 70 27.57 12.87 -44.34
CA VAL E 70 28.40 13.12 -43.17
C VAL E 70 29.47 12.03 -43.09
N CYS E 71 30.60 12.41 -42.52
CA CYS E 71 31.71 11.50 -42.31
C CYS E 71 31.48 10.67 -41.05
N ASP E 72 32.11 9.50 -41.01
CA ASP E 72 32.05 8.63 -39.84
C ASP E 72 33.40 8.72 -39.14
N THR E 73 33.49 9.60 -38.15
CA THR E 73 34.67 9.69 -37.29
C THR E 73 34.48 8.79 -36.07
N GLY E 74 34.17 7.52 -36.35
CA GLY E 74 34.05 6.54 -35.30
C GLY E 74 34.75 5.23 -35.63
N GLU E 75 35.09 5.04 -36.89
CA GLU E 75 35.73 3.80 -37.33
C GLU E 75 37.24 3.89 -37.13
N SER E 76 37.88 2.73 -37.01
CA SER E 76 39.33 2.66 -36.96
C SER E 76 39.92 3.10 -38.29
N ARG E 77 40.90 4.02 -38.22
CA ARG E 77 41.56 4.67 -39.36
C ARG E 77 40.54 5.29 -40.32
N ALA E 78 39.75 6.20 -39.74
CA ALA E 78 38.74 6.93 -40.49
C ALA E 78 38.92 8.40 -40.21
N ARG E 79 39.22 9.14 -41.23
CA ARG E 79 39.49 10.56 -41.06
C ARG E 79 38.21 11.38 -41.28
N PRO E 80 38.10 12.54 -40.64
CA PRO E 80 37.02 13.46 -40.98
C PRO E 80 37.17 14.04 -42.38
N CYS E 81 36.13 14.73 -42.84
CA CYS E 81 36.09 15.25 -44.20
C CYS E 81 36.44 16.73 -44.28
N GLY E 82 35.91 17.55 -43.39
CA GLY E 82 36.08 18.98 -43.49
C GLY E 82 35.15 19.60 -44.51
N ARG E 83 34.07 18.90 -44.81
CA ARG E 83 33.05 19.43 -45.72
C ARG E 83 31.65 19.13 -45.21
N CYS E 84 31.55 18.22 -44.24
CA CYS E 84 30.27 17.89 -43.66
C CYS E 84 29.87 18.94 -42.63
N VAL E 85 28.63 18.83 -42.14
CA VAL E 85 28.15 19.77 -41.15
C VAL E 85 28.58 19.36 -39.74
N THR E 86 28.81 18.07 -39.50
CA THR E 86 29.46 17.65 -38.27
C THR E 86 30.95 17.95 -38.27
N CYS E 87 31.58 18.02 -39.44
CA CYS E 87 32.95 18.50 -39.55
C CYS E 87 33.06 20.00 -39.38
N SER E 88 31.98 20.74 -39.58
CA SER E 88 32.01 22.17 -39.31
C SER E 88 31.66 22.45 -37.86
N LEU E 89 30.65 21.76 -37.33
CA LEU E 89 30.21 21.99 -35.96
C LEU E 89 31.17 21.41 -34.94
N PHE E 90 31.68 20.20 -35.19
CA PHE E 90 32.51 19.52 -34.22
C PHE E 90 33.96 19.34 -34.66
N GLY E 91 34.25 19.39 -35.96
CA GLY E 91 35.63 19.55 -36.38
C GLY E 91 36.24 18.47 -37.24
N SER E 92 37.36 18.81 -37.86
CA SER E 92 38.11 17.90 -38.71
C SER E 92 39.56 17.86 -38.23
N MET E 93 40.42 17.19 -39.01
CA MET E 93 41.86 17.07 -38.65
C MET E 93 42.58 18.34 -39.08
N GLY E 94 41.90 19.19 -39.84
CA GLY E 94 42.41 20.47 -40.26
C GLY E 94 41.78 21.58 -39.44
N ARG E 95 40.70 22.13 -39.98
CA ARG E 95 39.90 23.14 -39.29
C ARG E 95 39.38 22.64 -37.95
N ALA E 96 39.47 23.50 -36.94
CA ALA E 96 38.96 23.22 -35.61
C ALA E 96 37.43 23.17 -35.62
N GLY E 97 36.88 22.54 -34.59
CA GLY E 97 35.45 22.55 -34.38
C GLY E 97 34.95 23.93 -34.02
N ARG E 98 33.66 24.13 -34.25
CA ARG E 98 33.03 25.39 -33.91
C ARG E 98 32.34 25.35 -32.56
N ALA E 99 31.77 24.20 -32.19
CA ALA E 99 31.16 24.03 -30.88
C ALA E 99 32.21 23.52 -29.90
N SER E 100 32.45 24.28 -28.83
CA SER E 100 33.35 23.86 -27.77
C SER E 100 32.49 23.28 -26.64
N VAL E 101 32.20 21.99 -26.77
CA VAL E 101 31.28 21.30 -25.87
C VAL E 101 32.02 21.00 -24.57
N ASP E 102 31.61 21.66 -23.49
CA ASP E 102 32.18 21.39 -22.18
C ASP E 102 31.71 20.03 -21.66
N PHE E 103 32.38 19.58 -20.61
CA PHE E 103 31.96 18.36 -19.92
C PHE E 103 30.65 18.59 -19.20
N LEU E 104 29.92 17.50 -18.99
CA LEU E 104 28.71 17.54 -18.18
C LEU E 104 29.13 17.33 -16.73
N ILE E 105 29.36 18.43 -16.05
CA ILE E 105 29.81 18.44 -14.67
C ILE E 105 28.58 18.50 -13.77
N SER E 106 28.53 17.63 -12.76
CA SER E 106 27.38 17.59 -11.85
C SER E 106 27.33 18.83 -10.97
N ASN E 107 26.13 19.11 -10.47
CA ASN E 107 25.92 20.21 -9.54
C ASN E 107 26.10 19.79 -8.08
N ASP E 108 26.26 18.50 -7.82
CA ASP E 108 26.51 17.97 -6.48
C ASP E 108 27.82 17.20 -6.48
N THR E 109 28.22 16.75 -5.30
CA THR E 109 29.45 15.99 -5.12
C THR E 109 29.15 14.49 -5.16
N LYS E 110 30.23 13.70 -5.13
CA LYS E 110 30.13 12.23 -5.25
C LYS E 110 29.33 11.62 -4.10
N GLU E 111 29.49 12.17 -2.89
CA GLU E 111 28.84 11.63 -1.70
C GLU E 111 27.33 11.80 -1.70
N GLN E 112 26.77 12.59 -2.63
CA GLN E 112 25.34 12.83 -2.70
C GLN E 112 24.71 12.31 -3.98
N ILE E 113 25.50 11.86 -4.96
CA ILE E 113 24.90 11.34 -6.19
C ILE E 113 25.40 9.94 -6.53
N VAL E 114 26.57 9.56 -6.05
CA VAL E 114 27.21 8.31 -6.46
C VAL E 114 27.03 7.28 -5.37
N ARG E 115 26.46 6.14 -5.72
CA ARG E 115 26.33 5.02 -4.78
C ARG E 115 26.96 3.77 -5.38
N GLU E 116 27.63 3.00 -4.54
CA GLU E 116 28.02 1.65 -4.91
C GLU E 116 26.78 0.78 -5.05
N SER E 117 26.83 -0.15 -5.99
CA SER E 117 25.67 -0.99 -6.30
C SER E 117 26.15 -2.38 -6.65
N THR E 118 25.40 -3.36 -6.17
CA THR E 118 25.66 -4.76 -6.45
C THR E 118 25.09 -5.13 -7.81
N HIS E 119 25.92 -5.76 -8.64
CA HIS E 119 25.47 -6.27 -9.93
C HIS E 119 25.82 -7.75 -10.00
N LEU E 120 25.03 -8.49 -10.76
CA LEU E 120 25.07 -9.93 -10.74
C LEU E 120 25.21 -10.51 -12.14
N ARG E 121 25.67 -11.75 -12.16
CA ARG E 121 25.53 -12.64 -13.29
C ARG E 121 24.93 -13.93 -12.74
N ILE E 122 23.71 -14.25 -13.16
CA ILE E 122 22.95 -15.38 -12.66
C ILE E 122 22.95 -16.47 -13.72
N GLU E 123 23.30 -17.70 -13.30
CA GLU E 123 23.26 -18.87 -14.17
C GLU E 123 21.84 -19.10 -14.67
N ARG E 124 21.73 -19.41 -15.96
CA ARG E 124 20.41 -19.52 -16.58
C ARG E 124 19.72 -20.83 -16.19
N GLN E 125 20.47 -21.88 -15.95
CA GLN E 125 19.89 -23.18 -15.59
C GLN E 125 19.51 -23.23 -14.11
N THR E 126 20.49 -22.99 -13.23
CA THR E 126 20.28 -23.22 -11.80
C THR E 126 19.72 -22.00 -11.07
N LYS E 127 19.41 -20.94 -11.83
CA LYS E 127 18.86 -19.66 -11.37
C LYS E 127 19.51 -19.09 -10.10
N SER E 128 20.84 -19.10 -10.07
CA SER E 128 21.58 -18.62 -8.92
C SER E 128 22.76 -17.80 -9.44
N ALA E 129 23.24 -16.89 -8.58
CA ALA E 129 24.31 -15.98 -8.96
C ALA E 129 25.61 -16.74 -9.21
N SER E 130 26.21 -16.47 -10.37
CA SER E 130 27.52 -17.00 -10.71
C SER E 130 28.63 -15.97 -10.60
N ASP E 131 28.32 -14.68 -10.74
CA ASP E 131 29.30 -13.65 -10.50
C ASP E 131 28.63 -12.50 -9.77
N THR E 132 29.43 -11.80 -8.97
CA THR E 132 29.01 -10.58 -8.31
C THR E 132 30.09 -9.53 -8.51
N PHE E 133 29.67 -8.28 -8.67
CA PHE E 133 30.62 -7.19 -8.80
C PHE E 133 29.97 -5.92 -8.29
N LYS E 134 30.80 -4.92 -8.03
CA LYS E 134 30.34 -3.65 -7.50
C LYS E 134 30.59 -2.58 -8.55
N GLY E 135 29.57 -1.78 -8.84
CA GLY E 135 29.72 -0.64 -9.71
C GLY E 135 29.35 0.62 -8.96
N GLU E 136 29.82 1.74 -9.46
CA GLU E 136 29.32 3.01 -8.96
C GLU E 136 28.31 3.55 -9.94
N GLU E 137 27.30 4.25 -9.43
CA GLU E 137 26.29 4.79 -10.31
C GLU E 137 25.79 6.11 -9.78
N VAL E 138 25.53 7.03 -10.71
CA VAL E 138 24.94 8.32 -10.40
C VAL E 138 23.43 8.14 -10.29
N ILE E 139 22.85 8.63 -9.19
CA ILE E 139 21.43 8.43 -8.89
C ILE E 139 20.54 9.21 -9.84
N GLU E 140 19.24 8.90 -9.75
CA GLU E 140 18.22 9.46 -10.62
C GLU E 140 17.76 10.77 -9.99
N GLY E 141 17.84 11.86 -10.75
CA GLY E 141 17.51 13.16 -10.20
C GLY E 141 18.72 14.06 -10.03
N ALA E 142 19.92 13.57 -10.28
CA ALA E 142 21.10 14.40 -10.28
C ALA E 142 21.09 15.31 -11.50
N THR E 143 21.50 16.56 -11.29
CA THR E 143 21.51 17.57 -12.33
C THR E 143 22.95 17.88 -12.72
N PHE E 144 23.25 17.71 -14.00
CA PHE E 144 24.55 18.00 -14.61
C PHE E 144 24.38 19.22 -15.50
N THR E 145 25.47 19.98 -15.65
CA THR E 145 25.42 21.20 -16.47
C THR E 145 26.64 21.26 -17.37
N ALA E 146 26.40 21.45 -18.67
CA ALA E 146 27.49 21.73 -19.60
C ALA E 146 27.25 23.07 -20.29
N THR E 147 28.12 23.43 -21.23
CA THR E 147 27.96 24.67 -22.00
C THR E 147 28.55 24.50 -23.39
N ILE E 148 27.70 24.29 -24.39
CA ILE E 148 28.15 24.37 -25.77
C ILE E 148 28.28 25.84 -26.18
N THR E 149 29.33 26.13 -26.96
CA THR E 149 29.64 27.49 -27.38
C THR E 149 30.07 27.42 -28.85
N ILE E 150 29.14 27.73 -29.75
CA ILE E 150 29.45 27.73 -31.17
C ILE E 150 30.01 29.10 -31.55
N SER E 151 31.25 29.11 -32.06
CA SER E 151 31.81 30.27 -32.71
C SER E 151 31.45 30.25 -34.19
N ASN E 152 31.37 31.44 -34.77
CA ASN E 152 30.76 31.67 -36.08
C ASN E 152 29.38 30.99 -36.19
N PRO E 153 28.36 31.51 -35.49
CA PRO E 153 27.11 30.76 -35.36
C PRO E 153 26.28 30.71 -36.64
N GLN E 154 26.68 29.82 -37.54
CA GLN E 154 25.93 29.54 -38.77
C GLN E 154 24.63 28.88 -38.39
N GLU E 155 23.52 29.61 -38.56
CA GLU E 155 22.14 29.20 -38.29
C GLU E 155 21.82 27.81 -38.81
N LYS E 156 20.92 27.09 -38.09
CA LYS E 156 20.68 25.65 -37.90
C LYS E 156 21.52 24.99 -36.81
N ASP E 157 22.41 25.71 -36.12
CA ASP E 157 23.19 25.12 -35.02
C ASP E 157 22.35 24.62 -33.84
N LEU E 158 21.47 25.49 -33.32
CA LEU E 158 20.66 25.14 -32.17
C LEU E 158 19.70 24.00 -32.47
N SER E 159 19.19 23.95 -33.70
CA SER E 159 18.28 22.87 -34.11
C SER E 159 19.01 21.53 -34.17
N LEU E 160 20.23 21.52 -34.74
CA LEU E 160 21.03 20.30 -34.80
C LEU E 160 21.42 19.82 -33.41
N ILE E 161 21.83 20.75 -32.54
CA ILE E 161 22.22 20.40 -31.17
C ILE E 161 21.03 19.86 -30.40
N GLN E 162 19.86 20.48 -30.56
CA GLN E 162 18.66 20.02 -29.86
C GLN E 162 18.17 18.68 -30.40
N SER E 163 18.30 18.43 -31.69
CA SER E 163 17.98 17.12 -32.25
C SER E 163 18.93 16.05 -31.74
N ALA E 164 20.22 16.37 -31.62
CA ALA E 164 21.18 15.45 -31.02
C ALA E 164 20.89 15.21 -29.55
N LEU E 165 20.45 16.23 -28.81
CA LEU E 165 20.06 16.05 -27.42
C LEU E 165 18.81 15.20 -27.28
N LYS E 166 17.88 15.28 -28.23
CA LYS E 166 16.74 14.36 -28.23
C LYS E 166 17.19 12.93 -28.50
N PHE E 167 18.17 12.75 -29.39
CA PHE E 167 18.73 11.41 -29.62
C PHE E 167 19.42 10.86 -28.38
N ILE E 168 20.19 11.70 -27.70
CA ILE E 168 20.87 11.28 -26.48
C ILE E 168 19.86 10.99 -25.37
N GLU E 169 18.77 11.78 -25.33
CA GLU E 169 17.68 11.54 -24.39
C GLU E 169 17.03 10.19 -24.60
N GLU E 170 16.82 9.81 -25.87
CA GLU E 170 16.22 8.50 -26.15
C GLU E 170 17.21 7.37 -25.93
N ASN E 171 18.46 7.54 -26.36
CA ASN E 171 19.45 6.46 -26.37
C ASN E 171 20.22 6.38 -25.05
N GLY E 172 20.76 7.49 -24.58
CA GLY E 172 21.52 7.48 -23.34
C GLY E 172 22.89 8.13 -23.48
N ILE E 173 23.45 8.56 -22.35
CA ILE E 173 24.81 9.08 -22.31
C ILE E 173 25.59 8.29 -21.26
N GLY E 174 26.83 7.95 -21.58
CA GLY E 174 27.66 7.20 -20.66
C GLY E 174 27.77 5.76 -21.04
N GLY E 175 27.85 4.88 -20.04
CA GLY E 175 28.02 3.46 -20.25
C GLY E 175 26.83 2.67 -19.78
N TRP E 176 26.88 1.37 -20.09
CA TRP E 176 25.83 0.38 -19.80
C TRP E 176 24.48 0.81 -20.36
N LEU E 177 24.52 1.37 -21.56
CA LEU E 177 23.35 2.01 -22.17
C LEU E 177 22.35 1.01 -22.72
N ASN E 178 22.66 -0.28 -22.69
CA ASN E 178 21.77 -1.33 -23.14
C ASN E 178 21.02 -2.01 -22.01
N LYS E 179 21.33 -1.65 -20.77
CA LYS E 179 20.73 -2.27 -19.59
C LYS E 179 19.73 -1.37 -18.90
N GLY E 180 19.56 -0.13 -19.37
CA GLY E 180 18.65 0.79 -18.75
C GLY E 180 19.35 1.97 -18.15
N TYR E 181 20.67 1.99 -18.24
CA TYR E 181 21.44 3.06 -17.64
C TYR E 181 21.55 4.25 -18.59
N GLY E 182 21.65 5.43 -18.00
CA GLY E 182 21.99 6.63 -18.74
C GLY E 182 20.83 7.38 -19.36
N ARG E 183 19.58 7.07 -18.99
CA ARG E 183 18.43 7.74 -19.58
C ARG E 183 18.27 9.11 -18.92
N VAL E 184 18.22 10.16 -19.74
CA VAL E 184 18.42 11.52 -19.26
C VAL E 184 17.30 12.43 -19.74
N SER E 185 17.37 13.70 -19.34
CA SER E 185 16.43 14.72 -19.80
C SER E 185 17.18 16.04 -19.86
N PHE E 186 17.33 16.59 -21.05
CA PHE E 186 18.09 17.83 -21.25
C PHE E 186 17.16 19.04 -21.22
N GLU E 187 17.76 20.21 -20.95
CA GLU E 187 16.99 21.45 -20.85
C GLU E 187 17.86 22.57 -21.41
N VAL E 188 17.57 22.95 -22.65
CA VAL E 188 18.34 23.96 -23.37
C VAL E 188 17.91 25.36 -22.95
N LYS E 189 18.89 26.25 -22.75
CA LYS E 189 18.63 27.68 -22.58
C LYS E 189 19.72 28.40 -23.38
N SER E 190 19.43 28.64 -24.66
CA SER E 190 20.48 29.20 -25.54
C SER E 190 20.69 30.69 -25.31
N GLU E 191 21.27 31.37 -26.29
CA GLU E 191 21.56 32.82 -26.18
C GLU E 191 22.40 33.19 -27.39
N ASP E 192 22.74 34.47 -27.57
CA ASP E 192 23.63 34.86 -28.69
C ASP E 192 24.55 35.98 -28.21
N VAL E 193 25.25 35.83 -27.17
CA VAL E 193 26.04 36.96 -26.62
C VAL E 193 27.27 37.18 -27.50
N ALA E 194 27.70 38.36 -27.69
CA ALA E 194 28.79 38.75 -28.57
C ALA E 194 30.15 38.28 -28.08
N THR E 195 31.10 38.20 -29.02
CA THR E 195 32.48 37.86 -28.71
C THR E 195 33.15 38.93 -27.84
N ASP E 196 32.84 40.19 -28.10
CA ASP E 196 33.49 41.33 -27.45
C ASP E 196 32.98 41.60 -26.04
N ARG E 197 32.13 40.74 -25.49
CA ARG E 197 31.37 40.93 -24.26
C ARG E 197 32.21 41.30 -23.03
N PHE E 198 33.44 40.80 -22.92
CA PHE E 198 34.17 40.98 -21.68
C PHE E 198 34.88 42.32 -21.64
N LEU E 199 35.18 42.88 -22.81
CA LEU E 199 35.90 44.14 -22.99
C LEU E 199 35.20 45.28 -22.27
N LYS E 200 35.87 45.88 -21.29
CA LYS E 200 35.23 46.81 -20.37
C LYS E 200 35.28 48.26 -20.86
N LYS F 3 60.67 54.98 -13.93
CA LYS F 3 59.58 54.59 -14.82
C LYS F 3 58.51 53.81 -14.08
N THR F 4 57.60 53.19 -14.82
CA THR F 4 56.52 52.40 -14.25
C THR F 4 56.44 51.07 -14.97
N MET F 5 56.17 50.00 -14.20
CA MET F 5 56.00 48.66 -14.77
C MET F 5 54.89 47.96 -13.99
N LYS F 6 54.01 47.27 -14.70
CA LYS F 6 52.97 46.47 -14.05
C LYS F 6 53.50 45.07 -13.73
N LYS F 7 52.95 44.45 -12.68
CA LYS F 7 53.35 43.13 -12.17
C LYS F 7 52.15 42.24 -11.87
N ILE F 8 51.30 42.03 -12.87
CA ILE F 8 50.11 41.18 -12.75
C ILE F 8 50.52 39.75 -12.43
N TYR F 9 50.28 39.31 -11.18
CA TYR F 9 50.51 37.94 -10.76
C TYR F 9 49.20 37.16 -10.94
N VAL F 10 49.18 36.26 -11.89
CA VAL F 10 48.00 35.47 -12.19
C VAL F 10 48.06 34.14 -11.45
N THR F 11 46.94 33.78 -10.81
CA THR F 11 46.81 32.48 -10.17
C THR F 11 45.61 31.79 -10.78
N MET F 12 45.86 30.64 -11.41
CA MET F 12 44.87 29.77 -12.04
C MET F 12 44.47 28.61 -11.14
N LYS F 13 43.18 28.24 -11.22
CA LYS F 13 42.70 27.00 -10.63
C LYS F 13 41.88 26.26 -11.67
N THR F 14 42.22 24.99 -11.90
CA THR F 14 41.60 24.20 -12.96
C THR F 14 40.21 23.71 -12.53
N LEU F 15 39.22 23.92 -13.39
CA LEU F 15 37.83 23.54 -13.10
C LEU F 15 37.37 22.30 -13.88
N SER F 16 38.03 21.98 -14.99
CA SER F 16 37.77 20.78 -15.78
C SER F 16 39.10 20.39 -16.39
N PRO F 17 39.35 19.02 -16.63
CA PRO F 17 40.73 18.51 -16.79
C PRO F 17 41.61 19.21 -17.82
N LEU F 18 42.88 19.44 -17.51
CA LEU F 18 43.70 20.28 -18.34
C LEU F 18 44.65 19.43 -19.18
N TYR F 19 44.91 19.88 -20.40
CA TYR F 19 45.89 19.21 -21.23
C TYR F 19 46.63 20.25 -22.06
N THR F 20 47.94 20.29 -21.93
CA THR F 20 48.81 20.96 -22.89
C THR F 20 49.90 19.96 -23.25
N GLY F 21 50.17 19.82 -24.55
CA GLY F 21 51.00 18.73 -25.00
C GLY F 21 52.48 18.96 -24.69
N GLU F 22 53.20 17.85 -24.56
CA GLU F 22 54.62 17.90 -24.30
C GLU F 22 55.37 18.16 -25.59
N VAL F 23 56.37 19.03 -25.50
CA VAL F 23 56.97 19.66 -26.65
C VAL F 23 58.43 19.25 -26.83
N ARG F 24 59.12 18.92 -25.75
CA ARG F 24 60.44 18.32 -25.83
C ARG F 24 60.34 16.97 -26.49
N ARG F 25 61.09 16.77 -27.59
CA ARG F 25 60.99 15.52 -28.34
C ARG F 25 61.48 14.35 -27.50
N GLU F 26 62.56 14.53 -26.74
CA GLU F 26 63.14 13.44 -25.96
C GLU F 26 62.23 13.04 -24.82
N ASP F 27 61.66 14.03 -24.12
CA ASP F 27 60.72 13.74 -23.04
C ASP F 27 59.42 13.16 -23.59
N LYS F 28 59.02 13.56 -24.80
CA LYS F 28 57.85 12.96 -25.45
C LYS F 28 58.10 11.50 -25.77
N GLU F 29 59.20 11.20 -26.47
CA GLU F 29 59.51 9.83 -26.90
C GLU F 29 59.81 8.91 -25.71
N ALA F 30 60.30 9.49 -24.61
CA ALA F 30 60.51 8.74 -23.38
C ALA F 30 59.22 8.61 -22.58
N ALA F 31 58.11 9.03 -23.19
CA ALA F 31 56.77 8.79 -22.67
C ALA F 31 55.86 8.11 -23.68
N GLN F 32 56.22 8.04 -24.97
CA GLN F 32 55.38 7.44 -25.99
C GLN F 32 55.29 5.91 -25.87
N LYS F 33 56.12 5.29 -25.04
CA LYS F 33 55.88 3.92 -24.66
C LYS F 33 54.60 3.79 -23.83
N ARG F 34 54.38 4.68 -22.86
CA ARG F 34 53.20 4.58 -22.03
C ARG F 34 52.06 5.47 -22.51
N VAL F 35 52.23 6.80 -22.42
CA VAL F 35 51.16 7.70 -22.85
C VAL F 35 51.33 8.02 -24.32
N ASN F 36 50.24 8.41 -24.95
CA ASN F 36 50.32 8.92 -26.32
C ASN F 36 50.17 10.42 -26.40
N PHE F 37 49.70 11.07 -25.33
CA PHE F 37 49.69 12.53 -25.24
C PHE F 37 50.21 12.92 -23.87
N PRO F 38 51.53 13.02 -23.71
CA PRO F 38 52.07 13.46 -22.42
C PRO F 38 51.87 14.95 -22.21
N VAL F 39 51.67 15.31 -20.97
CA VAL F 39 51.45 16.70 -20.57
C VAL F 39 52.81 17.38 -20.43
N ARG F 40 52.87 18.64 -20.89
CA ARG F 40 54.08 19.45 -20.81
C ARG F 40 54.57 19.60 -19.38
N LYS F 41 55.83 19.24 -19.16
CA LYS F 41 56.37 19.14 -17.82
C LYS F 41 57.78 19.70 -17.78
N THR F 42 58.11 20.40 -16.70
CA THR F 42 59.48 20.82 -16.46
C THR F 42 60.33 19.63 -16.03
N ALA F 43 61.64 19.84 -15.98
CA ALA F 43 62.55 18.87 -15.40
C ALA F 43 62.54 18.91 -13.87
N THR F 44 61.88 19.89 -13.27
CA THR F 44 61.56 19.93 -11.84
C THR F 44 60.22 19.30 -11.55
N ASN F 45 59.69 18.54 -12.52
CA ASN F 45 58.50 17.71 -12.43
C ASN F 45 57.25 18.56 -12.22
N LYS F 46 57.28 19.80 -12.69
CA LYS F 46 56.17 20.73 -12.60
C LYS F 46 55.58 20.93 -13.99
N VAL F 47 54.27 21.18 -14.04
CA VAL F 47 53.56 21.30 -15.31
C VAL F 47 53.51 22.76 -15.71
N LEU F 48 54.02 23.07 -16.91
CA LEU F 48 54.04 24.42 -17.44
C LEU F 48 53.11 24.52 -18.63
N ILE F 49 52.35 25.62 -18.71
CA ILE F 49 51.40 25.86 -19.79
C ILE F 49 51.81 27.13 -20.51
N PRO F 50 51.80 27.16 -21.84
CA PRO F 50 52.00 28.42 -22.57
C PRO F 50 50.85 29.39 -22.33
N PHE F 51 51.19 30.64 -22.04
CA PHE F 51 50.23 31.67 -21.63
C PHE F 51 50.13 32.83 -22.61
N LYS F 52 51.27 33.28 -23.15
CA LYS F 52 51.33 34.48 -23.99
C LYS F 52 50.44 34.38 -25.22
N GLY F 53 50.53 33.24 -25.91
CA GLY F 53 49.72 32.97 -27.08
C GLY F 53 48.24 32.99 -26.82
N ALA F 54 47.84 32.43 -25.68
CA ALA F 54 46.43 32.40 -25.31
C ALA F 54 45.88 33.79 -25.04
N LEU F 55 46.62 34.59 -24.24
CA LEU F 55 46.28 35.98 -23.94
C LEU F 55 46.16 36.82 -25.20
N ARG F 56 47.21 36.76 -26.05
CA ARG F 56 47.23 37.44 -27.33
C ARG F 56 46.06 37.07 -28.22
N SER F 57 45.85 35.76 -28.44
CA SER F 57 44.75 35.25 -29.26
C SER F 57 43.39 35.74 -28.78
N ALA F 58 43.17 35.69 -27.45
CA ALA F 58 41.92 36.13 -26.87
C ALA F 58 41.68 37.62 -27.10
N LEU F 59 42.70 38.45 -26.86
CA LEU F 59 42.55 39.88 -27.10
C LEU F 59 42.42 40.21 -28.58
N GLU F 60 43.11 39.48 -29.46
CA GLU F 60 43.00 39.66 -30.90
C GLU F 60 41.58 39.40 -31.38
N ILE F 61 41.02 38.25 -31.02
CA ILE F 61 39.65 37.87 -31.36
C ILE F 61 38.65 38.87 -30.81
N MET F 62 38.79 39.23 -29.53
CA MET F 62 37.86 40.14 -28.88
C MET F 62 37.90 41.56 -29.44
N LEU F 63 39.09 42.16 -29.49
CA LEU F 63 39.30 43.50 -30.04
C LEU F 63 38.95 43.58 -31.52
N LYS F 64 39.11 42.48 -32.26
CA LYS F 64 38.65 42.48 -33.65
C LYS F 64 37.14 42.51 -33.73
N ALA F 65 36.46 41.71 -32.89
CA ALA F 65 35.00 41.67 -32.89
C ALA F 65 34.38 42.97 -32.40
N LYS F 66 35.03 43.64 -31.44
CA LYS F 66 34.61 44.98 -31.03
C LYS F 66 34.76 46.02 -32.17
N GLY F 67 35.76 45.91 -33.08
CA GLY F 67 35.86 46.80 -34.27
C GLY F 67 37.23 47.42 -34.57
N GLU F 68 38.04 47.43 -33.53
CA GLU F 68 39.43 47.88 -33.47
C GLU F 68 40.31 47.02 -34.32
N ASN F 69 41.12 47.71 -35.06
CA ASN F 69 41.95 47.03 -36.03
C ASN F 69 43.09 46.40 -35.26
N VAL F 70 43.11 45.08 -35.24
CA VAL F 70 44.18 44.33 -34.61
C VAL F 70 44.72 43.35 -35.65
N CYS F 71 45.96 42.93 -35.43
CA CYS F 71 46.62 41.98 -36.32
C CYS F 71 46.25 40.58 -35.88
N ASP F 72 45.47 39.88 -36.70
CA ASP F 72 45.24 38.47 -36.45
C ASP F 72 46.51 37.70 -36.81
N THR F 73 47.17 37.15 -35.80
CA THR F 73 48.40 36.39 -35.98
C THR F 73 48.18 34.89 -35.81
N GLY F 74 46.93 34.44 -35.84
CA GLY F 74 46.61 33.02 -35.82
C GLY F 74 46.74 32.33 -37.15
N GLU F 75 47.01 33.08 -38.21
CA GLU F 75 47.27 32.51 -39.53
C GLU F 75 48.76 32.28 -39.71
N SER F 76 49.19 32.04 -40.94
CA SER F 76 50.59 31.85 -41.28
C SER F 76 51.15 33.12 -41.91
N ARG F 77 50.75 34.27 -41.34
CA ARG F 77 51.19 35.57 -41.84
C ARG F 77 52.68 35.78 -41.69
N ALA F 78 53.27 35.31 -40.58
CA ALA F 78 54.67 35.47 -40.19
C ALA F 78 55.11 36.93 -40.11
N ARG F 79 54.16 37.85 -39.92
CA ARG F 79 54.40 39.27 -39.67
C ARG F 79 53.15 39.92 -39.11
N PRO F 80 53.23 40.55 -37.94
CA PRO F 80 52.20 41.51 -37.50
C PRO F 80 52.52 42.92 -37.98
N CYS F 81 51.75 43.95 -37.60
CA CYS F 81 52.21 45.31 -37.83
C CYS F 81 52.65 45.89 -36.50
N GLY F 82 52.92 47.19 -36.50
CA GLY F 82 53.48 47.82 -35.33
C GLY F 82 52.59 48.80 -34.59
N ARG F 83 51.33 48.94 -35.06
CA ARG F 83 50.41 49.93 -34.46
C ARG F 83 49.18 49.23 -33.89
N CYS F 84 49.20 47.91 -33.79
CA CYS F 84 48.02 47.15 -33.30
C CYS F 84 47.83 47.35 -31.79
N VAL F 85 46.64 47.09 -31.28
CA VAL F 85 46.38 47.19 -29.81
C VAL F 85 47.12 46.05 -29.11
N THR F 86 47.12 44.84 -29.71
CA THR F 86 47.85 43.71 -29.14
C THR F 86 49.33 43.78 -29.47
N CYS F 87 49.67 44.32 -30.65
CA CYS F 87 51.06 44.39 -31.08
C CYS F 87 51.88 45.36 -30.24
N SER F 88 51.25 46.35 -29.61
CA SER F 88 51.93 47.07 -28.57
C SER F 88 52.11 46.20 -27.34
N LEU F 89 51.06 45.45 -26.98
CA LEU F 89 51.09 44.70 -25.72
C LEU F 89 51.87 43.40 -25.87
N PHE F 90 51.38 42.48 -26.69
CA PHE F 90 52.07 41.22 -26.94
C PHE F 90 52.93 41.28 -28.19
N GLY F 91 53.71 42.37 -28.31
CA GLY F 91 54.78 42.49 -29.26
C GLY F 91 54.52 42.50 -30.75
N SER F 92 55.55 42.89 -31.49
CA SER F 92 55.51 42.95 -32.95
C SER F 92 56.84 42.44 -33.49
N MET F 93 56.93 42.29 -34.81
CA MET F 93 58.12 41.69 -35.40
C MET F 93 59.28 42.68 -35.57
N GLY F 94 59.13 43.91 -35.09
CA GLY F 94 60.22 44.85 -35.03
C GLY F 94 60.47 45.41 -33.65
N ARG F 95 59.43 45.42 -32.82
CA ARG F 95 59.49 45.99 -31.47
C ARG F 95 59.02 44.96 -30.46
N ALA F 96 59.69 44.94 -29.30
CA ALA F 96 59.40 43.96 -28.26
C ALA F 96 58.05 44.25 -27.61
N GLY F 97 57.59 43.28 -26.82
CA GLY F 97 56.33 43.40 -26.14
C GLY F 97 56.43 44.23 -24.87
N ARG F 98 55.41 45.05 -24.64
CA ARG F 98 55.28 45.64 -23.32
C ARG F 98 55.03 44.59 -22.26
N ALA F 99 54.17 43.60 -22.54
CA ALA F 99 53.94 42.46 -21.67
C ALA F 99 54.98 41.39 -21.89
N SER F 100 55.44 40.79 -20.80
CA SER F 100 56.32 39.64 -20.84
C SER F 100 55.64 38.52 -20.06
N VAL F 101 54.77 37.79 -20.75
CA VAL F 101 53.94 36.78 -20.09
C VAL F 101 54.78 35.54 -19.82
N ASP F 102 54.66 35.02 -18.61
CA ASP F 102 55.46 33.88 -18.20
C ASP F 102 54.65 32.60 -18.28
N PHE F 103 55.36 31.48 -18.34
CA PHE F 103 54.74 30.17 -18.36
C PHE F 103 53.95 29.92 -17.10
N LEU F 104 52.75 29.33 -17.27
CA LEU F 104 51.87 29.09 -16.10
C LEU F 104 52.34 27.83 -15.37
N ILE F 105 53.51 27.88 -14.71
CA ILE F 105 54.07 26.77 -13.97
C ILE F 105 53.13 26.43 -12.81
N SER F 106 53.21 25.18 -12.36
CA SER F 106 52.29 24.72 -11.34
C SER F 106 52.79 25.12 -9.97
N ASN F 107 52.03 24.75 -8.94
CA ASN F 107 52.48 24.85 -7.56
C ASN F 107 52.79 23.49 -6.97
N ASP F 108 52.15 22.44 -7.47
CA ASP F 108 52.42 21.07 -7.09
C ASP F 108 53.19 20.38 -8.22
N THR F 109 53.82 19.26 -7.89
CA THR F 109 54.59 18.50 -8.85
C THR F 109 53.69 17.49 -9.54
N LYS F 110 54.23 16.89 -10.61
CA LYS F 110 53.56 15.74 -11.20
C LYS F 110 53.68 14.56 -10.24
N GLU F 111 52.78 13.59 -10.41
CA GLU F 111 52.35 12.49 -9.52
C GLU F 111 51.46 13.06 -8.42
N GLN F 112 51.16 14.36 -8.45
CA GLN F 112 50.14 14.99 -7.62
C GLN F 112 49.13 15.78 -8.43
N ILE F 113 49.41 16.13 -9.68
CA ILE F 113 48.45 16.84 -10.52
C ILE F 113 48.17 16.03 -11.79
N VAL F 114 49.22 15.49 -12.41
CA VAL F 114 49.06 14.78 -13.72
C VAL F 114 48.61 13.34 -13.49
N ARG F 115 47.55 12.92 -14.18
CA ARG F 115 47.02 11.54 -14.06
C ARG F 115 46.86 10.96 -15.45
N GLU F 116 47.39 9.77 -15.70
CA GLU F 116 47.17 9.12 -17.02
C GLU F 116 45.68 8.94 -17.19
N SER F 117 45.27 8.83 -18.46
CA SER F 117 43.83 8.71 -18.74
C SER F 117 43.57 7.84 -19.96
N THR F 118 42.30 7.53 -20.18
CA THR F 118 41.86 6.72 -21.31
C THR F 118 40.90 7.55 -22.15
N HIS F 119 41.21 7.70 -23.44
CA HIS F 119 40.22 8.22 -24.36
C HIS F 119 39.91 7.19 -25.43
N LEU F 120 38.74 7.34 -26.06
CA LEU F 120 38.17 6.32 -26.91
C LEU F 120 37.76 6.90 -28.24
N ARG F 121 37.65 6.02 -29.24
CA ARG F 121 36.88 6.25 -30.45
C ARG F 121 35.88 5.12 -30.57
N ILE F 122 34.60 5.46 -30.65
CA ILE F 122 33.52 4.48 -30.65
C ILE F 122 32.91 4.43 -32.03
N GLU F 123 32.89 3.21 -32.61
CA GLU F 123 32.17 2.94 -33.85
C GLU F 123 30.70 3.26 -33.68
N ARG F 124 30.17 4.13 -34.54
CA ARG F 124 28.83 4.66 -34.39
C ARG F 124 27.74 3.60 -34.50
N GLN F 125 27.98 2.53 -35.26
CA GLN F 125 27.00 1.48 -35.44
C GLN F 125 27.16 0.35 -34.42
N THR F 126 28.39 -0.10 -34.23
CA THR F 126 28.74 -1.16 -33.28
C THR F 126 28.58 -0.70 -31.83
N LYS F 127 28.63 0.61 -31.57
CA LYS F 127 28.54 1.25 -30.25
C LYS F 127 29.64 0.78 -29.30
N SER F 128 30.80 0.42 -29.85
CA SER F 128 31.91 -0.07 -29.07
C SER F 128 33.19 0.55 -29.56
N ALA F 129 34.24 0.42 -28.75
CA ALA F 129 35.53 1.06 -29.00
C ALA F 129 36.18 0.56 -30.28
N SER F 130 36.53 1.49 -31.16
CA SER F 130 37.32 1.19 -32.35
C SER F 130 38.80 1.34 -32.05
N ASP F 131 39.21 2.50 -31.59
CA ASP F 131 40.56 2.76 -31.11
C ASP F 131 40.49 3.25 -29.68
N THR F 132 41.59 3.05 -28.97
CA THR F 132 41.74 3.46 -27.59
C THR F 132 43.12 4.10 -27.49
N PHE F 133 43.24 5.15 -26.67
CA PHE F 133 44.56 5.73 -26.49
C PHE F 133 44.71 6.30 -25.10
N LYS F 134 45.95 6.42 -24.65
CA LYS F 134 46.28 7.00 -23.36
C LYS F 134 46.70 8.45 -23.55
N GLY F 135 46.35 9.27 -22.58
CA GLY F 135 46.81 10.64 -22.56
C GLY F 135 46.85 11.13 -21.14
N GLU F 136 47.80 12.01 -20.85
CA GLU F 136 47.92 12.55 -19.51
C GLU F 136 47.00 13.76 -19.38
N GLU F 137 46.70 14.11 -18.12
CA GLU F 137 45.89 15.29 -17.87
C GLU F 137 46.19 15.82 -16.49
N VAL F 138 45.86 17.09 -16.27
CA VAL F 138 46.05 17.74 -14.98
C VAL F 138 44.70 17.79 -14.27
N ILE F 139 44.68 17.42 -12.98
CA ILE F 139 43.45 17.29 -12.21
C ILE F 139 42.78 18.64 -11.98
N GLU F 140 41.54 18.60 -11.52
CA GLU F 140 40.74 19.77 -11.24
C GLU F 140 41.03 20.24 -9.83
N GLY F 141 41.20 21.56 -9.65
CA GLY F 141 41.61 22.14 -8.40
C GLY F 141 43.09 22.43 -8.34
N ALA F 142 43.86 21.88 -9.27
CA ALA F 142 45.28 22.15 -9.40
C ALA F 142 45.54 23.62 -9.63
N THR F 143 46.53 24.15 -8.92
CA THR F 143 46.81 25.57 -8.92
C THR F 143 48.05 25.86 -9.76
N PHE F 144 47.96 26.88 -10.60
CA PHE F 144 49.06 27.33 -11.44
C PHE F 144 49.30 28.80 -11.18
N THR F 145 50.52 29.26 -11.44
CA THR F 145 50.87 30.66 -11.24
C THR F 145 51.65 31.17 -12.44
N ALA F 146 51.55 32.48 -12.67
CA ALA F 146 52.32 33.15 -13.70
C ALA F 146 52.57 34.58 -13.24
N THR F 147 53.15 35.39 -14.12
CA THR F 147 53.45 36.78 -13.82
C THR F 147 53.51 37.59 -15.12
N ILE F 148 52.47 38.39 -15.40
CA ILE F 148 52.60 39.33 -16.51
C ILE F 148 53.32 40.58 -16.03
N THR F 149 54.16 41.12 -16.90
CA THR F 149 55.12 42.17 -16.61
C THR F 149 55.01 43.27 -17.65
N ILE F 150 53.79 43.82 -17.81
CA ILE F 150 53.61 44.95 -18.71
C ILE F 150 54.45 46.14 -18.25
N SER F 151 55.44 46.48 -19.07
CA SER F 151 56.26 47.66 -18.84
C SER F 151 55.76 48.78 -19.74
N ASN F 152 55.89 50.01 -19.24
CA ASN F 152 55.18 51.19 -19.72
C ASN F 152 53.68 50.81 -19.72
N PRO F 153 53.02 50.87 -18.54
CA PRO F 153 51.56 50.65 -18.53
C PRO F 153 50.82 51.74 -19.30
N GLN F 154 49.70 51.37 -19.93
CA GLN F 154 48.93 52.29 -20.77
C GLN F 154 47.48 52.36 -20.30
N GLU F 155 47.26 52.11 -19.01
CA GLU F 155 46.03 52.19 -18.21
C GLU F 155 44.96 51.19 -18.63
N LYS F 156 44.80 50.98 -19.94
CA LYS F 156 43.83 50.01 -20.45
C LYS F 156 44.39 48.61 -20.38
N ASP F 157 45.72 48.49 -20.30
CA ASP F 157 46.48 47.25 -20.35
C ASP F 157 46.03 46.20 -19.33
N LEU F 158 45.82 46.61 -18.09
CA LEU F 158 45.34 45.70 -17.05
C LEU F 158 43.93 45.20 -17.35
N SER F 159 43.06 46.11 -17.82
CA SER F 159 41.70 45.74 -18.17
C SER F 159 41.65 44.80 -19.36
N LEU F 160 42.52 45.04 -20.35
CA LEU F 160 42.62 44.16 -21.50
C LEU F 160 43.14 42.78 -21.10
N ILE F 161 44.12 42.74 -20.19
CA ILE F 161 44.67 41.47 -19.73
C ILE F 161 43.63 40.68 -18.94
N GLN F 162 42.83 41.36 -18.12
CA GLN F 162 41.80 40.66 -17.34
C GLN F 162 40.61 40.24 -18.18
N SER F 163 40.24 40.92 -19.19
CA SER F 163 39.17 40.43 -20.08
C SER F 163 39.73 39.25 -20.87
N ALA F 164 41.02 39.40 -21.36
CA ALA F 164 41.64 38.26 -21.99
C ALA F 164 41.46 37.04 -21.11
N LEU F 165 41.82 37.16 -19.82
CA LEU F 165 41.60 36.10 -18.83
C LEU F 165 40.17 35.60 -18.74
N LYS F 166 39.20 36.50 -18.84
CA LYS F 166 37.80 36.09 -18.90
C LYS F 166 37.50 35.29 -20.17
N PHE F 167 38.10 35.67 -21.30
CA PHE F 167 37.96 34.89 -22.53
C PHE F 167 38.60 33.49 -22.40
N ILE F 168 39.78 33.40 -21.78
CA ILE F 168 40.45 32.09 -21.62
C ILE F 168 39.80 31.30 -20.49
N GLU F 169 38.92 31.93 -19.72
CA GLU F 169 38.02 31.19 -18.86
C GLU F 169 36.80 30.66 -19.58
N GLU F 170 36.28 31.39 -20.56
CA GLU F 170 35.21 30.84 -21.38
C GLU F 170 35.74 29.82 -22.40
N ASN F 171 36.83 30.16 -23.09
CA ASN F 171 37.32 29.35 -24.21
C ASN F 171 38.18 28.20 -23.71
N GLY F 172 39.20 28.51 -22.92
CA GLY F 172 40.05 27.49 -22.34
C GLY F 172 41.51 27.67 -22.67
N ILE F 173 42.37 27.15 -21.80
CA ILE F 173 43.81 27.17 -22.02
C ILE F 173 44.28 25.73 -22.23
N GLY F 174 45.32 25.58 -23.06
CA GLY F 174 45.84 24.27 -23.34
C GLY F 174 45.26 23.67 -24.60
N GLY F 175 45.09 22.34 -24.60
CA GLY F 175 44.57 21.64 -25.76
C GLY F 175 43.29 20.90 -25.43
N TRP F 176 42.74 20.28 -26.47
CA TRP F 176 41.47 19.53 -26.45
C TRP F 176 40.32 20.40 -25.94
N LEU F 177 40.32 21.68 -26.34
CA LEU F 177 39.41 22.65 -25.77
C LEU F 177 37.99 22.52 -26.30
N ASN F 178 37.78 21.79 -27.39
CA ASN F 178 36.42 21.55 -27.85
C ASN F 178 35.83 20.29 -27.22
N LYS F 179 36.63 19.49 -26.53
CA LYS F 179 36.17 18.28 -25.86
C LYS F 179 35.65 18.56 -24.47
N GLY F 180 36.04 19.67 -23.85
CA GLY F 180 35.65 20.00 -22.50
C GLY F 180 36.84 20.26 -21.62
N TYR F 181 38.03 20.20 -22.20
CA TYR F 181 39.26 20.28 -21.44
C TYR F 181 39.69 21.73 -21.23
N GLY F 182 40.40 21.96 -20.14
CA GLY F 182 41.07 23.23 -19.91
C GLY F 182 40.20 24.38 -19.47
N ARG F 183 39.11 24.12 -18.75
CA ARG F 183 38.22 25.17 -18.26
C ARG F 183 38.75 25.64 -16.92
N VAL F 184 39.12 26.93 -16.84
CA VAL F 184 39.97 27.40 -15.76
C VAL F 184 39.30 28.57 -15.03
N SER F 185 39.97 29.11 -14.01
CA SER F 185 39.47 30.25 -13.26
C SER F 185 40.66 31.03 -12.74
N PHE F 186 40.91 32.20 -13.33
CA PHE F 186 42.04 33.05 -12.97
C PHE F 186 41.66 33.97 -11.81
N GLU F 187 42.68 34.57 -11.20
CA GLU F 187 42.54 35.63 -10.21
C GLU F 187 43.74 36.55 -10.35
N VAL F 188 43.48 37.86 -10.26
CA VAL F 188 44.47 38.91 -10.50
C VAL F 188 44.75 39.68 -9.22
N LYS F 189 46.03 39.78 -8.86
CA LYS F 189 46.48 40.64 -7.77
C LYS F 189 47.64 41.48 -8.31
N SER F 190 47.31 42.62 -8.91
CA SER F 190 48.29 43.42 -9.62
C SER F 190 48.99 44.40 -8.68
N GLU F 191 50.15 44.88 -9.11
CA GLU F 191 50.96 45.82 -8.34
C GLU F 191 51.89 46.54 -9.31
N ASP F 192 52.09 47.83 -9.07
CA ASP F 192 52.92 48.70 -9.91
C ASP F 192 54.30 48.86 -9.26
N VAL F 193 55.29 48.12 -9.77
CA VAL F 193 56.64 48.24 -9.23
C VAL F 193 57.22 49.57 -9.72
N ALA F 194 58.05 50.19 -8.90
CA ALA F 194 58.73 51.43 -9.26
C ALA F 194 60.20 51.32 -8.87
N THR F 195 60.90 52.46 -8.79
CA THR F 195 62.28 52.50 -8.32
C THR F 195 62.37 52.10 -6.86
N ASP F 196 63.08 51.00 -6.60
CA ASP F 196 63.37 50.42 -5.27
C ASP F 196 62.18 50.32 -4.33
N MET G 1 86.12 47.19 -5.36
CA MET G 1 85.82 45.91 -5.98
C MET G 1 84.96 45.05 -5.07
N LYS G 2 83.64 45.07 -5.30
CA LYS G 2 82.67 44.40 -4.42
C LYS G 2 81.76 43.52 -5.27
N GLU G 3 82.15 42.26 -5.45
CA GLU G 3 81.50 41.41 -6.42
C GLU G 3 80.32 40.67 -5.80
N ILE G 4 79.20 40.60 -6.52
CA ILE G 4 77.98 39.94 -5.99
C ILE G 4 77.98 38.50 -6.51
N LYS G 5 78.34 37.57 -5.61
CA LYS G 5 78.25 36.14 -5.91
C LYS G 5 76.87 35.58 -5.62
N GLY G 6 76.63 34.43 -6.25
CA GLY G 6 75.39 33.71 -6.06
C GLY G 6 75.40 32.42 -6.86
N ILE G 7 74.35 31.64 -6.63
CA ILE G 7 74.03 30.48 -7.47
C ILE G 7 72.60 30.69 -7.93
N LEU G 8 72.44 30.96 -9.21
CA LEU G 8 71.12 31.06 -9.81
C LEU G 8 70.59 29.67 -10.10
N GLU G 9 69.27 29.55 -10.13
CA GLU G 9 68.62 28.29 -10.48
C GLU G 9 67.64 28.56 -11.61
N SER G 10 67.70 27.73 -12.64
CA SER G 10 66.75 27.82 -13.75
C SER G 10 65.41 27.27 -13.30
N ILE G 11 64.42 28.16 -13.17
CA ILE G 11 63.05 27.74 -12.87
C ILE G 11 62.35 27.27 -14.15
N THR G 12 62.64 27.89 -15.29
CA THR G 12 62.10 27.51 -16.58
C THR G 12 63.28 27.46 -17.54
N GLY G 13 63.33 26.44 -18.40
CA GLY G 13 64.42 26.23 -19.34
C GLY G 13 64.69 27.37 -20.30
N PHE G 14 65.93 27.46 -20.78
CA PHE G 14 66.40 28.56 -21.60
C PHE G 14 66.90 28.03 -22.93
N SER G 15 66.95 28.93 -23.91
CA SER G 15 67.28 28.55 -25.28
C SER G 15 68.27 29.57 -25.82
N ILE G 16 69.48 29.12 -26.15
CA ILE G 16 70.51 29.98 -26.72
C ILE G 16 70.96 29.36 -28.02
N PRO G 17 70.31 29.66 -29.15
CA PRO G 17 70.85 29.20 -30.45
C PRO G 17 72.05 30.02 -30.87
N LEU G 18 73.20 29.36 -31.01
CA LEU G 18 74.35 30.17 -31.35
C LEU G 18 74.50 30.26 -32.87
N ASP G 19 74.98 29.20 -33.50
CA ASP G 19 75.43 29.27 -34.88
C ASP G 19 75.62 27.86 -35.38
N ASN G 20 75.20 27.62 -36.63
CA ASN G 20 75.30 26.35 -37.36
C ASN G 20 74.52 25.20 -36.70
N GLY G 21 73.50 25.53 -35.93
CA GLY G 21 72.69 24.55 -35.23
C GLY G 21 73.04 24.31 -33.77
N GLU G 22 74.31 24.54 -33.39
CA GLU G 22 74.72 24.31 -32.00
C GLU G 22 74.11 25.35 -31.05
N TYR G 23 73.95 24.92 -29.81
CA TYR G 23 73.35 25.73 -28.78
C TYR G 23 74.35 25.95 -27.66
N ALA G 24 73.90 26.53 -26.56
CA ALA G 24 74.80 26.86 -25.45
C ALA G 24 74.21 26.31 -24.17
N LEU G 25 74.86 25.27 -23.64
CA LEU G 25 74.44 24.46 -22.49
C LEU G 25 74.19 25.28 -21.24
N TYR G 26 74.89 26.39 -21.09
CA TYR G 26 74.74 27.32 -19.99
C TYR G 26 74.70 28.72 -20.57
N PRO G 27 73.99 29.66 -19.93
CA PRO G 27 73.98 31.03 -20.46
C PRO G 27 75.26 31.76 -20.10
N ALA G 28 75.57 32.77 -20.91
CA ALA G 28 76.85 33.45 -20.86
C ALA G 28 76.69 34.83 -20.26
N GLY G 29 77.83 35.51 -20.09
CA GLY G 29 77.82 36.82 -19.44
C GLY G 29 77.17 37.89 -20.28
N ARG G 30 77.16 37.68 -21.60
CA ARG G 30 76.46 38.52 -22.57
C ARG G 30 75.00 38.66 -22.23
N HIS G 31 74.36 37.51 -22.00
CA HIS G 31 72.95 37.43 -21.66
C HIS G 31 72.68 38.10 -20.33
N LEU G 32 73.59 37.89 -19.36
CA LEU G 32 73.50 38.53 -18.06
C LEU G 32 73.51 40.04 -18.23
N ARG G 33 74.54 40.53 -18.98
CA ARG G 33 74.62 41.98 -19.23
C ARG G 33 73.28 42.44 -19.79
N GLY G 34 72.89 41.94 -20.93
CA GLY G 34 71.68 42.37 -21.61
C GLY G 34 70.45 42.44 -20.71
N ALA G 35 70.21 41.38 -19.94
CA ALA G 35 69.05 41.30 -19.07
C ALA G 35 69.11 42.32 -17.93
N ILE G 36 70.29 42.45 -17.30
CA ILE G 36 70.47 43.46 -16.26
C ILE G 36 70.30 44.86 -16.85
N GLY G 37 70.69 45.05 -18.12
CA GLY G 37 70.46 46.28 -18.84
C GLY G 37 69.06 46.70 -19.02
N TYR G 38 68.29 45.69 -19.37
CA TYR G 38 66.86 45.87 -19.49
C TYR G 38 66.25 46.25 -18.15
N ILE G 39 66.64 45.54 -17.09
CA ILE G 39 66.06 45.72 -15.76
C ILE G 39 66.35 47.12 -15.25
N ALA G 40 67.59 47.55 -15.44
CA ALA G 40 68.06 48.89 -15.11
C ALA G 40 67.32 49.98 -15.87
N PHE G 41 67.27 49.87 -17.21
CA PHE G 41 66.61 50.85 -18.05
C PHE G 41 65.10 50.94 -17.78
N ASN G 42 64.45 49.79 -17.61
CA ASN G 42 63.03 49.76 -17.32
C ASN G 42 62.73 50.27 -15.92
N LEU G 43 63.67 50.16 -14.99
CA LEU G 43 63.54 50.82 -13.71
C LEU G 43 64.23 52.18 -13.66
N ASP G 44 64.79 52.66 -14.78
CA ASP G 44 65.48 53.94 -14.90
C ASP G 44 66.65 54.10 -13.92
N LEU G 45 67.28 52.99 -13.53
CA LEU G 45 68.53 53.04 -12.78
C LEU G 45 69.61 53.66 -13.66
N PRO G 46 70.41 54.63 -13.13
CA PRO G 46 71.33 55.44 -13.97
C PRO G 46 72.34 54.67 -14.81
N ILE G 47 72.87 53.59 -14.22
CA ILE G 47 73.95 52.75 -14.72
C ILE G 47 73.69 52.23 -16.14
N SER G 48 72.40 52.11 -16.49
CA SER G 48 71.85 51.80 -17.80
C SER G 48 72.57 52.47 -18.97
N SER G 49 72.93 53.76 -18.81
CA SER G 49 73.69 54.50 -19.82
C SER G 49 74.97 53.78 -20.20
N LYS G 50 75.79 53.45 -19.20
CA LYS G 50 77.07 52.75 -19.47
C LYS G 50 76.84 51.37 -20.09
N PHE G 51 75.75 50.68 -19.75
CA PHE G 51 75.53 49.29 -20.23
C PHE G 51 75.36 49.27 -21.75
N LEU G 52 74.92 50.51 -22.33
CA LEU G 52 74.88 50.50 -23.79
C LEU G 52 76.25 50.25 -24.40
N ASP G 53 77.26 50.98 -23.93
CA ASP G 53 78.63 50.82 -24.39
C ASP G 53 79.19 49.46 -23.98
N PHE G 54 79.47 48.62 -24.98
CA PHE G 54 79.97 47.27 -24.72
C PHE G 54 81.45 47.28 -24.35
N ASP G 55 82.23 48.19 -24.94
CA ASP G 55 83.64 48.30 -24.59
C ASP G 55 83.79 49.03 -23.26
N PHE G 56 83.29 48.29 -22.20
CA PHE G 56 83.32 48.88 -20.85
C PHE G 56 83.95 47.83 -19.94
N ASP G 57 83.97 48.06 -18.63
CA ASP G 57 84.38 47.02 -17.66
C ASP G 57 84.47 47.61 -16.24
N ASP G 58 83.58 48.52 -15.83
CA ASP G 58 83.41 48.87 -14.41
C ASP G 58 82.53 47.87 -13.65
N ILE G 59 81.66 47.15 -14.37
CA ILE G 59 81.00 45.95 -13.84
C ILE G 59 81.18 44.83 -14.86
N ILE G 60 82.08 43.89 -14.60
CA ILE G 60 82.25 42.78 -15.54
C ILE G 60 81.30 41.66 -15.15
N PHE G 61 80.40 41.32 -16.08
CA PHE G 61 79.38 40.29 -15.90
C PHE G 61 79.93 38.99 -16.47
N ARG G 62 80.57 38.20 -15.61
CA ARG G 62 81.07 36.90 -16.02
C ARG G 62 79.91 35.94 -16.23
N ASP G 63 80.21 34.82 -16.89
CA ASP G 63 79.16 33.94 -17.40
C ASP G 63 78.45 33.17 -16.29
N LEU G 64 77.46 32.36 -16.70
CA LEU G 64 76.64 31.60 -15.76
C LEU G 64 76.98 30.14 -15.92
N LEU G 65 78.28 29.85 -15.89
CA LEU G 65 78.87 28.52 -15.87
C LEU G 65 78.30 27.74 -14.68
N PRO G 66 77.92 26.47 -14.86
CA PRO G 66 77.13 25.77 -13.84
C PRO G 66 77.96 25.34 -12.64
N ILE G 67 77.31 25.26 -11.47
CA ILE G 67 77.91 24.67 -10.29
C ILE G 67 77.34 23.28 -10.11
N SER G 68 78.09 22.44 -9.39
CA SER G 68 77.75 21.03 -9.26
C SER G 68 77.50 20.63 -7.82
N LYS G 69 77.32 19.32 -7.63
CA LYS G 69 77.39 18.71 -6.31
C LYS G 69 78.81 18.73 -5.73
N CYS G 70 79.83 18.93 -6.56
CA CYS G 70 81.18 19.17 -6.07
C CYS G 70 81.45 20.64 -5.74
N GLY G 71 80.41 21.48 -5.69
CA GLY G 71 80.51 22.82 -5.16
C GLY G 71 81.16 23.80 -6.11
N LYS G 72 82.43 23.54 -6.42
CA LYS G 72 83.19 24.24 -7.45
C LYS G 72 82.46 24.23 -8.77
N ILE G 73 82.44 25.39 -9.43
CA ILE G 73 81.83 25.60 -10.75
C ILE G 73 82.42 24.62 -11.76
N PHE G 74 81.59 24.12 -12.69
CA PHE G 74 82.06 23.34 -13.83
C PHE G 74 83.01 24.18 -14.67
N TYR G 75 83.99 23.60 -15.38
CA TYR G 75 84.94 24.41 -16.19
C TYR G 75 85.14 23.87 -17.60
N PRO G 76 85.27 24.77 -18.62
CA PRO G 76 85.38 24.32 -20.01
C PRO G 76 86.62 23.50 -20.37
N GLU G 77 86.40 22.29 -20.86
CA GLU G 77 87.49 21.39 -21.21
C GLU G 77 88.11 21.72 -22.56
N LYS G 78 89.30 21.15 -22.78
CA LYS G 78 90.07 21.34 -24.00
C LYS G 78 89.31 20.81 -25.22
N ASN G 79 88.82 21.75 -26.02
CA ASN G 79 88.11 21.50 -27.29
C ASN G 79 86.98 20.49 -27.14
N SER G 80 86.04 20.81 -26.23
CA SER G 80 85.00 19.87 -25.89
C SER G 80 83.72 20.64 -25.58
N ASN G 81 82.58 20.07 -25.99
CA ASN G 81 81.27 20.59 -25.60
C ASN G 81 80.78 19.94 -24.32
N SER G 82 81.66 19.94 -23.31
CA SER G 82 81.40 19.37 -21.99
C SER G 82 82.35 20.05 -21.02
N LEU G 83 81.98 20.03 -19.74
CA LEU G 83 82.63 20.93 -18.78
C LEU G 83 83.04 20.27 -17.46
N LYS G 84 83.63 19.08 -17.56
CA LYS G 84 84.06 18.29 -16.37
C LYS G 84 84.41 19.19 -15.18
N CYS G 85 83.93 18.84 -13.99
CA CYS G 85 84.19 19.66 -12.79
C CYS G 85 85.67 19.56 -12.40
N PRO G 86 86.29 20.62 -11.82
CA PRO G 86 87.67 20.52 -11.34
C PRO G 86 87.62 19.48 -10.22
N SER G 87 87.18 19.89 -9.03
CA SER G 87 87.00 18.89 -7.94
C SER G 87 85.96 17.88 -8.41
N CYS G 88 86.09 16.61 -8.03
CA CYS G 88 85.17 15.56 -8.51
C CYS G 88 85.35 15.38 -10.02
N ASN G 89 84.59 14.48 -10.64
CA ASN G 89 84.74 14.23 -12.10
C ASN G 89 83.37 14.02 -12.74
N GLU G 90 82.52 15.05 -12.73
CA GLU G 90 81.21 14.96 -13.37
C GLU G 90 81.17 15.94 -14.53
N ILE G 91 80.54 15.53 -15.63
CA ILE G 91 80.44 16.37 -16.81
C ILE G 91 79.06 17.03 -16.87
N TYR G 92 79.01 18.21 -17.48
CA TYR G 92 77.72 18.86 -17.74
C TYR G 92 77.10 18.33 -19.02
N GLY G 93 77.86 18.40 -20.13
CA GLY G 93 77.51 17.70 -21.35
C GLY G 93 76.36 18.27 -22.14
N SER G 94 76.09 17.68 -23.29
CA SER G 94 74.94 18.02 -24.12
C SER G 94 73.71 17.21 -23.75
N SER G 95 73.74 16.50 -22.61
CA SER G 95 72.58 15.80 -22.07
C SER G 95 71.54 16.76 -21.49
N VAL G 96 71.88 18.04 -21.33
CA VAL G 96 70.90 19.03 -20.90
C VAL G 96 70.09 19.58 -22.07
N LEU G 97 70.58 19.45 -23.31
CA LEU G 97 69.88 19.96 -24.47
C LEU G 97 68.75 19.01 -24.88
N ARG G 98 67.64 19.62 -25.30
CA ARG G 98 66.45 18.88 -25.72
C ARG G 98 65.89 19.56 -26.96
N ASN G 99 65.73 18.79 -28.03
CA ASN G 99 65.07 19.28 -29.24
C ASN G 99 63.58 19.43 -28.95
N ILE G 100 63.08 20.65 -29.05
CA ILE G 100 61.68 20.95 -28.86
C ILE G 100 61.03 21.36 -30.18
N MET G 101 59.90 20.72 -30.48
CA MET G 101 59.10 21.02 -31.66
C MET G 101 57.73 21.47 -31.19
N ALA G 102 57.40 22.74 -31.43
CA ALA G 102 56.17 23.31 -30.91
C ALA G 102 55.56 24.25 -31.94
N ARG G 103 54.31 23.95 -32.32
CA ARG G 103 53.48 24.65 -33.29
C ARG G 103 54.21 25.04 -34.57
N GLY G 104 54.86 24.08 -35.20
CA GLY G 104 55.66 24.35 -36.38
C GLY G 104 57.09 24.72 -36.11
N LEU G 105 57.34 25.45 -35.03
CA LEU G 105 58.68 25.86 -34.67
C LEU G 105 59.49 24.66 -34.17
N SER G 106 60.82 24.76 -34.29
CA SER G 106 61.70 23.68 -33.88
C SER G 106 62.99 24.32 -33.35
N TYR G 107 63.08 24.46 -32.03
CA TYR G 107 64.29 25.00 -31.43
C TYR G 107 64.85 23.98 -30.45
N LYS G 108 65.85 24.37 -29.66
CA LYS G 108 66.44 23.49 -28.68
C LYS G 108 66.46 24.23 -27.36
N GLU G 109 66.50 23.48 -26.26
CA GLU G 109 66.49 24.16 -24.97
C GLU G 109 67.23 23.34 -23.93
N VAL G 110 67.80 24.02 -22.95
CA VAL G 110 68.44 23.36 -21.83
C VAL G 110 67.38 23.12 -20.75
N ILE G 111 67.41 21.93 -20.13
CA ILE G 111 66.47 21.60 -19.07
C ILE G 111 66.65 22.52 -17.86
N GLU G 112 65.57 22.68 -17.11
CA GLU G 112 65.55 23.49 -15.90
C GLU G 112 65.87 22.62 -14.69
N GLY G 113 65.91 23.24 -13.52
CA GLY G 113 66.34 22.56 -12.32
C GLY G 113 67.83 22.28 -12.31
N LYS G 114 68.60 23.31 -12.63
CA LYS G 114 70.05 23.27 -12.60
C LYS G 114 70.53 24.42 -11.72
N LYS G 115 71.83 24.44 -11.42
CA LYS G 115 72.38 25.44 -10.51
C LYS G 115 73.63 26.03 -11.16
N TYR G 116 73.60 27.33 -11.42
CA TYR G 116 74.67 28.04 -12.13
C TYR G 116 75.24 29.13 -11.24
N ARG G 117 76.38 29.67 -11.66
CA ARG G 117 77.15 30.63 -10.86
C ARG G 117 76.84 32.06 -11.28
N LEU G 118 76.59 32.92 -10.30
CA LEU G 118 76.42 34.36 -10.48
C LEU G 118 77.65 35.06 -9.96
N SER G 119 78.34 35.82 -10.82
CA SER G 119 79.58 36.48 -10.42
C SER G 119 79.70 37.78 -11.22
N ILE G 120 79.32 38.89 -10.60
CA ILE G 120 79.41 40.22 -11.27
C ILE G 120 80.54 41.00 -10.61
N ILE G 121 81.75 40.93 -11.17
CA ILE G 121 82.87 41.58 -10.48
C ILE G 121 82.74 43.08 -10.66
N VAL G 122 82.47 43.77 -9.54
CA VAL G 122 82.36 45.22 -9.53
C VAL G 122 83.73 45.79 -9.21
N LYS G 123 84.29 46.53 -10.17
CA LYS G 123 85.65 47.03 -10.04
C LYS G 123 85.72 48.22 -9.08
N ASP G 124 84.75 49.13 -9.17
CA ASP G 124 84.71 50.31 -8.31
C ASP G 124 83.36 50.37 -7.61
N GLU G 125 83.39 50.59 -6.29
CA GLU G 125 82.21 50.59 -5.43
C GLU G 125 81.21 51.71 -5.72
N LYS G 126 81.58 52.62 -6.64
CA LYS G 126 80.69 53.65 -7.19
C LYS G 126 79.39 53.04 -7.67
N TYR G 127 79.44 51.95 -8.44
CA TYR G 127 78.22 51.38 -8.98
C TYR G 127 77.72 50.19 -8.18
N LEU G 128 78.36 49.87 -7.05
CA LEU G 128 77.97 48.71 -6.25
C LEU G 128 76.61 48.92 -5.58
N ASN G 129 76.28 50.17 -5.26
CA ASN G 129 74.97 50.47 -4.66
C ASN G 129 73.84 50.25 -5.65
N GLU G 130 74.06 50.60 -6.93
CA GLU G 130 73.09 50.26 -7.97
C GLU G 130 73.09 48.77 -8.24
N MET G 131 74.25 48.12 -8.05
CA MET G 131 74.33 46.67 -8.17
C MET G 131 73.49 45.96 -7.12
N GLU G 132 73.38 46.56 -5.94
CA GLU G 132 72.46 46.07 -4.91
C GLU G 132 71.02 46.11 -5.41
N ALA G 133 70.66 47.20 -6.10
CA ALA G 133 69.30 47.35 -6.60
C ALA G 133 68.98 46.36 -7.70
N ILE G 134 69.93 46.13 -8.61
CA ILE G 134 69.63 45.18 -9.68
C ILE G 134 69.52 43.78 -9.11
N ILE G 135 70.38 43.41 -8.14
CA ILE G 135 70.21 42.07 -7.54
C ILE G 135 68.97 42.02 -6.62
N ARG G 136 68.48 43.16 -6.13
CA ARG G 136 67.20 43.19 -5.42
C ARG G 136 66.04 42.83 -6.34
N TYR G 137 66.04 43.43 -7.54
CA TYR G 137 65.00 43.11 -8.52
C TYR G 137 65.10 41.65 -8.97
N ILE G 138 66.33 41.14 -9.08
CA ILE G 138 66.50 39.73 -9.44
C ILE G 138 66.03 38.82 -8.30
N LEU G 139 66.32 39.21 -7.06
CA LEU G 139 65.92 38.46 -5.88
C LEU G 139 64.42 38.36 -5.73
N SER G 140 63.70 39.39 -6.17
CA SER G 140 62.26 39.29 -6.02
C SER G 140 61.62 38.72 -7.28
N TYR G 141 61.80 39.39 -8.41
CA TYR G 141 60.97 39.20 -9.61
C TYR G 141 61.65 38.38 -10.70
N GLY G 142 62.76 37.73 -10.38
CA GLY G 142 63.45 36.84 -11.29
C GLY G 142 64.21 37.56 -12.39
N ILE G 143 64.96 36.81 -13.20
CA ILE G 143 65.64 37.38 -14.36
C ILE G 143 65.53 36.39 -15.51
N TYR G 144 65.17 36.88 -16.68
CA TYR G 144 64.89 36.01 -17.81
C TYR G 144 66.01 36.15 -18.83
N LEU G 145 66.85 35.11 -18.93
CA LEU G 145 68.02 35.13 -19.80
C LEU G 145 67.80 34.21 -20.99
N GLY G 146 68.00 34.73 -22.20
CA GLY G 146 67.98 33.92 -23.39
C GLY G 146 66.92 34.36 -24.35
N ASN G 147 66.47 33.41 -25.18
CA ASN G 147 65.41 33.61 -26.15
C ASN G 147 64.03 33.50 -25.52
N LYS G 148 63.06 34.15 -26.19
CA LYS G 148 61.63 34.05 -25.90
C LYS G 148 61.31 34.47 -24.47
N VAL G 149 61.95 35.56 -24.04
CA VAL G 149 61.77 36.11 -22.70
C VAL G 149 60.34 36.57 -22.49
N SER G 150 59.74 37.19 -23.50
CA SER G 150 58.35 37.60 -23.40
C SER G 150 57.39 36.40 -23.43
N LYS G 151 57.84 35.26 -23.96
CA LYS G 151 57.02 34.05 -23.91
C LYS G 151 57.19 33.28 -22.62
N GLY G 152 58.22 33.57 -21.83
CA GLY G 152 58.38 32.97 -20.52
C GLY G 152 59.61 32.10 -20.36
N TYR G 153 60.48 31.98 -21.35
CA TYR G 153 61.62 31.08 -21.26
C TYR G 153 62.77 31.72 -20.50
N GLY G 154 63.64 30.86 -19.95
CA GLY G 154 64.85 31.33 -19.31
C GLY G 154 64.67 31.92 -17.94
N LYS G 155 63.66 31.48 -17.17
CA LYS G 155 63.38 32.05 -15.86
C LYS G 155 64.44 31.60 -14.86
N PHE G 156 65.45 32.43 -14.69
CA PHE G 156 66.44 32.22 -13.64
C PHE G 156 66.04 33.00 -12.40
N LYS G 157 66.24 32.37 -11.24
CA LYS G 157 66.01 33.03 -9.97
C LYS G 157 67.21 32.80 -9.06
N ILE G 158 67.70 33.87 -8.45
CA ILE G 158 68.86 33.78 -7.59
C ILE G 158 68.45 33.18 -6.25
N LYS G 159 69.35 32.42 -5.65
CA LYS G 159 69.08 31.80 -4.36
C LYS G 159 69.96 32.35 -3.25
N GLU G 160 71.13 32.91 -3.57
CA GLU G 160 71.94 33.56 -2.55
C GLU G 160 72.50 34.85 -3.12
N TYR G 161 72.46 35.90 -2.32
CA TYR G 161 73.08 37.17 -2.67
C TYR G 161 74.23 37.38 -1.68
N SER G 162 75.40 36.87 -2.04
CA SER G 162 76.59 37.04 -1.20
C SER G 162 77.45 38.14 -1.82
N ILE G 163 77.41 39.33 -1.20
CA ILE G 163 78.15 40.47 -1.73
C ILE G 163 79.55 40.44 -1.11
N VAL G 164 80.50 39.87 -1.83
CA VAL G 164 81.83 39.55 -1.33
C VAL G 164 82.84 40.41 -2.08
N ASP G 165 83.72 41.08 -1.33
CA ASP G 165 84.82 41.78 -1.98
C ASP G 165 85.82 40.78 -2.55
N ILE G 166 86.30 41.04 -3.78
CA ILE G 166 87.21 40.05 -4.43
C ILE G 166 88.44 40.75 -5.00
N LEU G 167 89.56 40.03 -5.10
CA LEU G 167 90.80 40.60 -5.69
C LEU G 167 90.87 40.17 -7.16
N PRO G 168 91.67 40.84 -8.02
CA PRO G 168 91.74 40.50 -9.43
C PRO G 168 92.48 39.17 -9.64
N VAL G 169 93.01 38.59 -8.57
CA VAL G 169 93.77 37.34 -8.66
C VAL G 169 94.33 37.12 -10.08
N LYS G 170 95.32 37.92 -10.43
CA LYS G 170 95.83 37.93 -11.80
C LYS G 170 96.65 36.67 -12.09
N ASP G 171 97.75 36.48 -11.33
CA ASP G 171 98.78 35.44 -11.43
C ASP G 171 99.18 35.11 -12.87
N SER G 172 99.46 33.84 -13.14
CA SER G 172 99.84 33.38 -14.48
C SER G 172 99.64 31.88 -14.62
N VAL G 174 94.48 34.04 -18.53
CA VAL G 174 95.33 33.06 -17.88
C VAL G 174 94.92 31.64 -18.28
N LEU G 175 93.70 31.27 -17.90
CA LEU G 175 93.14 29.98 -18.28
C LEU G 175 91.99 30.10 -19.27
N LEU G 176 91.50 31.32 -19.52
CA LEU G 176 90.43 31.63 -20.47
C LEU G 176 89.16 30.83 -20.17
N LEU G 177 88.50 31.22 -19.09
CA LEU G 177 87.28 30.53 -18.65
C LEU G 177 86.04 30.91 -19.45
N SER G 178 86.20 31.75 -20.47
CA SER G 178 85.14 32.11 -21.40
C SER G 178 85.81 32.58 -22.67
N ASP G 179 85.49 31.92 -23.80
CA ASP G 179 86.02 32.21 -25.13
C ASP G 179 85.95 33.69 -25.40
N ALA G 180 87.09 34.31 -25.71
CA ALA G 180 87.23 35.75 -25.73
C ALA G 180 87.90 36.18 -27.02
N ILE G 181 87.64 37.42 -27.42
CA ILE G 181 88.18 37.92 -28.68
C ILE G 181 89.56 38.52 -28.45
N ILE G 182 90.58 37.66 -28.40
CA ILE G 182 91.96 38.10 -28.38
C ILE G 182 92.38 38.33 -29.83
N ASP G 183 92.42 39.61 -30.23
CA ASP G 183 92.60 40.11 -31.60
C ASP G 183 91.91 39.27 -32.67
N ASN G 184 92.68 38.46 -33.40
CA ASN G 184 92.14 37.64 -34.48
C ASN G 184 92.38 36.16 -34.20
N GLY G 185 91.99 35.70 -33.01
CA GLY G 185 92.00 34.29 -32.69
C GLY G 185 90.94 33.50 -33.48
N GLU G 186 90.92 32.20 -33.21
CA GLU G 186 90.28 31.25 -34.13
C GLU G 186 88.76 31.20 -34.03
N LYS G 187 88.23 30.85 -32.85
CA LYS G 187 86.80 30.66 -32.61
C LYS G 187 85.98 31.91 -32.90
N ASP G 188 84.94 31.77 -33.71
CA ASP G 188 84.11 32.90 -34.09
C ASP G 188 83.08 33.19 -33.02
N ILE G 189 83.10 34.41 -32.50
CA ILE G 189 82.23 34.79 -31.41
C ILE G 189 81.29 35.86 -31.96
N VAL G 190 80.00 35.74 -31.63
CA VAL G 190 78.95 36.62 -32.16
C VAL G 190 78.11 37.17 -31.00
N PHE G 191 77.90 38.50 -30.97
CA PHE G 191 77.19 39.21 -29.88
C PHE G 191 75.99 39.96 -30.46
N SER G 192 75.38 40.85 -29.65
CA SER G 192 74.38 41.79 -30.16
C SER G 192 74.19 43.01 -29.26
N LYS G 193 73.91 44.16 -29.86
CA LYS G 193 73.48 45.35 -29.13
C LYS G 193 72.09 45.75 -29.63
N LYS G 194 71.06 45.15 -29.03
CA LYS G 194 69.67 45.48 -29.39
C LYS G 194 69.18 46.68 -28.59
N GLU G 195 69.43 47.88 -29.10
CA GLU G 195 69.11 49.11 -28.38
C GLU G 195 67.69 49.55 -28.64
N ILE G 196 66.92 49.75 -27.58
CA ILE G 196 65.61 50.40 -27.62
C ILE G 196 65.86 51.89 -27.77
N SER G 197 64.96 52.61 -28.46
CA SER G 197 64.99 54.04 -28.81
C SER G 197 65.98 54.31 -29.94
N SER G 198 66.36 53.26 -30.67
CA SER G 198 66.82 53.43 -32.04
C SER G 198 66.38 52.28 -32.94
N SER G 199 65.71 51.28 -32.35
CA SER G 199 65.30 50.01 -32.96
C SER G 199 66.46 49.31 -33.68
N LYS G 200 67.67 49.45 -33.15
CA LYS G 200 68.87 49.01 -33.85
C LYS G 200 69.30 47.67 -33.29
N PHE G 201 69.27 46.64 -34.13
CA PHE G 201 69.75 45.32 -33.79
C PHE G 201 70.96 45.03 -34.65
N GLU G 202 72.13 44.90 -34.01
CA GLU G 202 73.39 44.70 -34.70
C GLU G 202 73.98 43.36 -34.28
N ILE G 203 74.15 42.45 -35.24
CA ILE G 203 74.77 41.16 -34.98
C ILE G 203 76.27 41.37 -35.12
N ILE G 204 76.92 41.77 -34.02
CA ILE G 204 78.35 42.04 -34.09
C ILE G 204 79.12 40.75 -33.87
N ARG G 205 80.25 40.63 -34.57
CA ARG G 205 81.09 39.44 -34.53
C ARG G 205 82.54 39.86 -34.30
N LYS G 206 83.22 39.10 -33.44
CA LYS G 206 84.62 39.37 -33.06
C LYS G 206 85.30 38.02 -32.82
N ARG G 207 86.10 37.58 -33.79
CA ARG G 207 86.79 36.30 -33.71
C ARG G 207 87.82 36.30 -32.58
N GLY G 208 88.00 35.14 -31.96
CA GLY G 208 88.91 35.03 -30.85
C GLY G 208 89.22 33.60 -30.46
N LYS G 209 89.77 33.46 -29.26
CA LYS G 209 90.24 32.17 -28.75
C LYS G 209 89.04 31.39 -28.19
N ALA G 210 89.24 30.12 -27.83
CA ALA G 210 88.17 29.25 -27.37
C ALA G 210 88.50 28.73 -25.98
N LYS G 211 87.52 28.80 -25.07
CA LYS G 211 87.68 28.43 -23.67
C LYS G 211 88.05 26.95 -23.54
N GLY G 212 89.07 26.68 -22.72
CA GLY G 212 89.62 25.35 -22.60
C GLY G 212 91.11 25.30 -22.85
N ASP G 213 91.78 26.44 -22.65
CA ASP G 213 93.24 26.49 -22.73
C ASP G 213 93.88 27.41 -21.68
N HIS G 220 96.81 39.40 -17.89
CA HIS G 220 95.82 39.33 -16.82
C HIS G 220 95.59 40.72 -16.21
N ASN G 221 94.98 41.61 -17.00
CA ASN G 221 94.69 42.95 -16.54
C ASN G 221 93.45 42.98 -15.64
N GLY G 222 93.59 42.44 -14.43
CA GLY G 222 92.46 42.27 -13.54
C GLY G 222 91.93 40.85 -13.58
N PHE G 223 90.65 40.70 -13.89
CA PHE G 223 90.04 39.39 -14.02
C PHE G 223 89.55 39.16 -15.46
N PHE G 233 83.45 38.59 -23.16
CA PHE G 233 84.00 37.63 -22.23
C PHE G 233 85.38 38.06 -21.74
N GLY G 234 86.26 37.09 -21.48
CA GLY G 234 87.62 37.41 -21.06
C GLY G 234 87.98 37.01 -19.65
N GLU G 235 87.38 35.93 -19.14
CA GLU G 235 87.63 35.49 -17.78
C GLU G 235 88.98 34.77 -17.68
N ILE G 236 89.43 34.55 -16.45
CA ILE G 236 90.70 33.89 -16.18
C ILE G 236 90.58 33.11 -14.89
N ILE G 237 91.41 32.06 -14.76
CA ILE G 237 91.43 31.20 -13.60
C ILE G 237 92.87 30.81 -13.30
N SER G 238 93.12 30.45 -12.04
CA SER G 238 94.48 30.10 -11.60
C SER G 238 94.96 28.80 -12.23
N LEU G 239 96.15 28.83 -12.80
CA LEU G 239 96.75 27.67 -13.43
C LEU G 239 98.27 27.73 -13.35
N MET H 1 -18.41 5.09 -20.99
CA MET H 1 -18.92 4.05 -21.88
C MET H 1 -20.10 3.31 -21.24
N ILE H 2 -21.16 3.13 -22.01
CA ILE H 2 -22.36 2.45 -21.53
C ILE H 2 -22.73 1.34 -22.52
N LYS H 3 -23.00 0.16 -21.99
CA LYS H 3 -23.47 -0.99 -22.74
C LYS H 3 -24.92 -1.26 -22.38
N PHE H 4 -25.70 -1.69 -23.38
CA PHE H 4 -27.15 -1.88 -23.27
C PHE H 4 -27.43 -3.36 -23.49
N ILE H 5 -27.35 -4.13 -22.41
CA ILE H 5 -27.43 -5.58 -22.49
C ILE H 5 -28.88 -6.02 -22.55
N GLY H 6 -29.38 -6.27 -23.76
CA GLY H 6 -30.78 -6.63 -23.91
C GLY H 6 -31.74 -5.47 -23.77
N GLY H 7 -31.33 -4.26 -24.17
CA GLY H 7 -32.16 -3.09 -24.02
C GLY H 7 -33.09 -2.81 -25.19
N ALA H 8 -33.72 -3.85 -25.74
CA ALA H 8 -34.65 -3.67 -26.84
C ALA H 8 -36.05 -4.13 -26.44
N SER H 9 -36.14 -5.32 -25.83
CA SER H 9 -37.41 -5.90 -25.42
C SER H 9 -37.48 -6.25 -23.95
N LYS H 10 -36.35 -6.27 -23.24
CA LYS H 10 -36.14 -6.55 -21.81
C LYS H 10 -36.38 -8.04 -21.47
N VAL H 11 -36.83 -8.83 -22.45
CA VAL H 11 -36.91 -10.27 -22.28
C VAL H 11 -35.51 -10.84 -22.43
N THR H 12 -35.37 -12.12 -22.08
CA THR H 12 -34.05 -12.78 -22.18
C THR H 12 -33.07 -12.02 -21.28
N GLY H 13 -33.58 -11.05 -20.52
CA GLY H 13 -32.71 -10.32 -19.58
C GLY H 13 -32.65 -8.84 -19.91
N SER H 14 -32.08 -8.06 -19.01
CA SER H 14 -31.93 -6.59 -19.22
C SER H 14 -30.76 -6.09 -18.36
N ALA H 15 -29.98 -5.02 -18.90
CA ALA H 15 -28.97 -4.48 -18.01
C ALA H 15 -28.37 -3.24 -18.64
N PHE H 16 -27.90 -2.33 -17.79
CA PHE H 16 -27.20 -1.12 -18.24
C PHE H 16 -25.83 -1.10 -17.57
N LEU H 17 -24.77 -1.37 -18.34
CA LEU H 17 -23.44 -1.51 -17.77
C LEU H 17 -22.62 -0.26 -18.09
N LEU H 18 -22.37 0.56 -17.07
CA LEU H 18 -21.55 1.75 -17.22
C LEU H 18 -20.12 1.37 -16.84
N GLU H 19 -19.21 1.41 -17.83
CA GLU H 19 -17.84 0.94 -17.63
C GLU H 19 -16.89 2.13 -17.46
N THR H 20 -16.81 2.62 -16.24
CA THR H 20 -15.71 3.49 -15.84
C THR H 20 -14.45 2.63 -15.76
N GLY H 21 -13.29 3.25 -16.03
CA GLY H 21 -12.02 2.53 -16.02
C GLY H 21 -11.60 1.97 -14.68
N ASN H 22 -12.23 2.41 -13.59
CA ASN H 22 -12.03 1.86 -12.27
C ASN H 22 -13.21 1.01 -11.83
N ALA H 23 -14.32 1.03 -12.58
CA ALA H 23 -15.55 0.39 -12.12
C ALA H 23 -16.52 -0.05 -13.21
N LYS H 24 -16.92 -1.31 -13.17
CA LYS H 24 -18.07 -1.77 -13.95
C LYS H 24 -19.31 -1.67 -13.08
N ILE H 25 -20.13 -0.65 -13.30
CA ILE H 25 -21.32 -0.42 -12.50
C ILE H 25 -22.54 -0.86 -13.30
N LEU H 26 -23.34 -1.74 -12.73
CA LEU H 26 -24.51 -2.26 -13.43
C LEU H 26 -25.77 -1.60 -12.86
N ILE H 27 -26.76 -1.37 -13.72
CA ILE H 27 -28.06 -0.82 -13.33
C ILE H 27 -29.16 -1.68 -13.95
N ASP H 28 -30.23 -1.94 -13.16
CA ASP H 28 -31.48 -2.57 -13.59
C ASP H 28 -31.29 -4.00 -14.08
N CYS H 29 -30.78 -4.86 -13.30
CA CYS H 29 -30.63 -6.28 -13.71
C CYS H 29 -32.01 -6.87 -13.63
N GLY H 30 -32.63 -7.12 -14.67
CA GLY H 30 -34.01 -7.55 -14.78
C GLY H 30 -34.31 -8.50 -15.92
N ILE H 31 -35.53 -9.04 -15.84
CA ILE H 31 -36.16 -9.90 -16.84
C ILE H 31 -37.60 -9.44 -17.05
N GLU H 32 -38.05 -9.42 -18.31
CA GLU H 32 -39.45 -9.15 -18.62
C GLU H 32 -40.13 -10.45 -19.00
N GLN H 33 -41.25 -10.76 -18.33
CA GLN H 33 -41.98 -11.98 -18.60
C GLN H 33 -42.68 -11.94 -19.95
N GLU H 34 -42.96 -13.12 -20.48
CA GLU H 34 -43.63 -13.25 -21.77
C GLU H 34 -44.50 -14.49 -21.82
N ASN H 41 -35.75 -19.99 -22.79
CA ASN H 41 -35.53 -18.62 -22.36
C ASN H 41 -34.43 -18.51 -21.33
N ASN H 42 -34.34 -19.55 -20.48
CA ASN H 42 -33.46 -19.54 -19.30
C ASN H 42 -32.00 -19.49 -19.75
N GLU H 43 -31.63 -20.32 -20.73
CA GLU H 43 -30.22 -20.48 -21.07
C GLU H 43 -29.65 -19.21 -21.71
N ILE H 44 -30.49 -18.49 -22.46
CA ILE H 44 -30.11 -17.19 -23.00
C ILE H 44 -29.97 -16.17 -21.88
N ILE H 45 -30.81 -16.28 -20.84
CA ILE H 45 -30.64 -15.45 -19.66
C ILE H 45 -29.28 -15.72 -19.01
N GLU H 46 -28.91 -17.00 -18.82
CA GLU H 46 -27.59 -17.37 -18.31
C GLU H 46 -26.45 -16.79 -19.15
N LYS H 47 -26.55 -16.97 -20.46
CA LYS H 47 -25.49 -16.46 -21.38
C LYS H 47 -25.49 -14.93 -21.38
N LYS H 48 -26.63 -14.29 -21.11
CA LYS H 48 -26.62 -12.82 -21.00
C LYS H 48 -25.90 -12.42 -19.71
N ILE H 49 -26.07 -13.22 -18.65
CA ILE H 49 -25.41 -12.92 -17.34
C ILE H 49 -23.91 -13.22 -17.47
N ASN H 50 -23.55 -14.24 -18.25
CA ASN H 50 -22.13 -14.53 -18.46
C ASN H 50 -21.44 -13.40 -19.21
N GLU H 51 -22.14 -12.79 -20.18
CA GLU H 51 -21.56 -11.70 -20.96
C GLU H 51 -21.31 -10.48 -20.09
N ILE H 52 -22.15 -10.30 -19.06
CA ILE H 52 -22.11 -9.12 -18.16
C ILE H 52 -20.74 -8.91 -17.49
N GLY H 53 -20.07 -9.98 -17.08
CA GLY H 53 -18.76 -9.85 -16.47
C GLY H 53 -18.83 -9.43 -15.02
N LYS H 54 -17.70 -9.44 -14.31
CA LYS H 54 -17.70 -9.04 -12.91
C LYS H 54 -17.99 -7.56 -12.77
N ALA H 55 -19.17 -7.25 -12.25
CA ALA H 55 -19.59 -5.88 -12.00
C ALA H 55 -19.43 -5.61 -10.51
N ASP H 56 -18.79 -4.48 -10.19
CA ASP H 56 -18.58 -4.13 -8.79
C ASP H 56 -19.90 -3.85 -8.07
N ILE H 57 -20.90 -3.39 -8.80
CA ILE H 57 -22.18 -3.02 -8.20
C ILE H 57 -23.29 -3.13 -9.23
N CYS H 58 -24.37 -3.74 -8.74
CA CYS H 58 -25.62 -3.81 -9.51
C CYS H 58 -26.51 -2.83 -8.79
N ILE H 59 -27.08 -1.87 -9.51
CA ILE H 59 -28.01 -0.91 -8.92
C ILE H 59 -29.42 -1.23 -9.41
N LEU H 60 -30.41 -1.14 -8.53
CA LEU H 60 -31.77 -1.50 -8.90
C LEU H 60 -32.62 -0.28 -8.61
N THR H 61 -33.24 0.26 -9.64
CA THR H 61 -34.13 1.40 -9.49
C THR H 61 -35.36 1.02 -8.70
N HIS H 62 -36.24 0.22 -9.29
CA HIS H 62 -37.45 -0.20 -8.61
C HIS H 62 -37.35 -1.67 -8.22
N ALA H 63 -38.44 -2.23 -7.72
CA ALA H 63 -38.48 -3.60 -7.27
C ALA H 63 -39.31 -4.51 -8.16
N HIS H 64 -39.73 -4.02 -9.33
CA HIS H 64 -40.31 -4.90 -10.32
C HIS H 64 -39.25 -5.86 -10.84
N LEU H 65 -39.69 -7.02 -11.29
CA LEU H 65 -38.78 -8.00 -11.88
C LEU H 65 -38.21 -7.49 -13.22
N ALA H 66 -38.88 -6.52 -13.83
CA ALA H 66 -38.39 -5.83 -15.02
C ALA H 66 -37.02 -5.18 -14.77
N ALA H 67 -36.81 -4.63 -13.58
CA ALA H 67 -35.50 -4.09 -13.22
C ALA H 67 -34.80 -4.88 -12.15
N SER H 68 -35.52 -5.59 -11.27
CA SER H 68 -34.81 -6.40 -10.25
C SER H 68 -35.35 -7.82 -10.26
N GLY H 69 -34.93 -8.62 -11.22
CA GLY H 69 -35.39 -9.98 -11.37
C GLY H 69 -34.25 -10.91 -11.70
N LEU H 70 -33.05 -10.35 -11.79
CA LEU H 70 -31.87 -11.09 -12.23
C LEU H 70 -30.69 -10.88 -11.30
N VAL H 71 -30.94 -10.24 -10.15
CA VAL H 71 -29.90 -10.10 -9.14
C VAL H 71 -29.43 -11.41 -8.51
N PRO H 72 -30.32 -12.34 -8.05
CA PRO H 72 -29.78 -13.60 -7.52
C PRO H 72 -29.02 -14.46 -8.52
N LEU H 73 -29.31 -14.32 -9.83
CA LEU H 73 -28.51 -15.03 -10.81
C LEU H 73 -27.10 -14.46 -10.93
N LEU H 74 -26.95 -13.13 -10.83
CA LEU H 74 -25.61 -12.56 -10.76
C LEU H 74 -24.89 -12.91 -9.48
N VAL H 75 -25.63 -13.10 -8.38
CA VAL H 75 -25.02 -13.60 -7.16
C VAL H 75 -24.57 -15.06 -7.33
N LYS H 76 -25.33 -15.84 -8.10
CA LYS H 76 -24.97 -17.24 -8.37
C LYS H 76 -23.68 -17.33 -9.18
N LYS H 77 -23.55 -16.51 -10.21
CA LYS H 77 -22.35 -16.53 -11.04
C LYS H 77 -21.22 -15.71 -10.46
N ARG H 78 -21.47 -15.08 -9.30
CA ARG H 78 -20.48 -14.31 -8.53
C ARG H 78 -19.89 -13.18 -9.36
N LYS H 79 -20.75 -12.51 -10.13
CA LYS H 79 -20.33 -11.37 -10.93
C LYS H 79 -20.65 -10.04 -10.26
N VAL H 80 -21.33 -10.04 -9.12
CA VAL H 80 -21.78 -8.82 -8.46
C VAL H 80 -21.24 -8.83 -7.03
N ASN H 81 -20.85 -7.65 -6.55
CA ASN H 81 -20.12 -7.50 -5.32
C ASN H 81 -20.85 -6.62 -4.32
N LYS H 82 -21.71 -5.73 -4.80
CA LYS H 82 -22.58 -4.91 -3.97
C LYS H 82 -23.88 -4.74 -4.74
N ILE H 83 -24.98 -4.73 -3.99
CA ILE H 83 -26.30 -4.53 -4.57
C ILE H 83 -26.98 -3.36 -3.89
N ILE H 84 -26.84 -2.16 -4.44
CA ILE H 84 -27.39 -0.99 -3.79
C ILE H 84 -28.78 -0.70 -4.33
N SER H 85 -29.72 -0.50 -3.43
CA SER H 85 -31.08 -0.11 -3.77
C SER H 85 -31.61 0.72 -2.61
N THR H 86 -32.84 1.18 -2.75
CA THR H 86 -33.52 1.80 -1.63
C THR H 86 -33.95 0.73 -0.62
N PRO H 87 -34.16 1.11 0.66
CA PRO H 87 -34.67 0.14 1.65
C PRO H 87 -35.99 -0.50 1.29
N ALA H 88 -36.91 0.27 0.70
CA ALA H 88 -38.18 -0.28 0.25
C ALA H 88 -38.00 -1.25 -0.90
N THR H 89 -37.00 -1.00 -1.77
CA THR H 89 -36.69 -1.94 -2.83
C THR H 89 -36.12 -3.24 -2.27
N LYS H 90 -35.29 -3.16 -1.23
CA LYS H 90 -34.79 -4.36 -0.56
C LYS H 90 -35.92 -5.18 0.05
N GLU H 91 -36.82 -4.52 0.78
CA GLU H 91 -37.90 -5.22 1.45
C GLU H 91 -38.93 -5.77 0.46
N LEU H 92 -39.19 -5.05 -0.63
CA LEU H 92 -40.07 -5.57 -1.68
C LEU H 92 -39.44 -6.69 -2.48
N CYS H 93 -38.12 -6.63 -2.74
CA CYS H 93 -37.45 -7.69 -3.48
C CYS H 93 -37.35 -8.96 -2.65
N ARG H 94 -37.35 -8.83 -1.31
CA ARG H 94 -37.52 -9.99 -0.42
C ARG H 94 -38.95 -10.52 -0.40
N LEU H 95 -39.82 -10.03 -1.26
CA LEU H 95 -41.09 -10.69 -1.55
C LEU H 95 -41.13 -11.17 -2.99
N LEU H 96 -40.62 -10.34 -3.91
CA LEU H 96 -40.63 -10.67 -5.34
C LEU H 96 -39.77 -11.87 -5.66
N PHE H 97 -38.58 -11.96 -5.05
CA PHE H 97 -37.65 -13.03 -5.41
C PHE H 97 -38.15 -14.40 -4.94
N ASN H 98 -38.73 -14.40 -3.74
CA ASN H 98 -39.29 -15.64 -3.16
C ASN H 98 -40.52 -16.04 -3.98
N ASP H 99 -41.32 -15.05 -4.38
CA ASP H 99 -42.48 -15.34 -5.20
C ASP H 99 -42.08 -15.83 -6.58
N PHE H 100 -41.01 -15.28 -7.17
CA PHE H 100 -40.53 -15.76 -8.48
C PHE H 100 -40.04 -17.20 -8.41
N GLN H 101 -39.29 -17.54 -7.36
CA GLN H 101 -38.82 -18.91 -7.19
C GLN H 101 -39.97 -19.87 -6.91
N ARG H 102 -40.96 -19.42 -6.13
CA ARG H 102 -42.17 -20.21 -5.91
C ARG H 102 -42.90 -20.47 -7.21
N ILE H 103 -42.96 -19.47 -8.09
CA ILE H 103 -43.67 -19.63 -9.35
C ILE H 103 -42.90 -20.55 -10.28
N GLN H 104 -41.58 -20.38 -10.32
CA GLN H 104 -40.68 -21.17 -11.14
C GLN H 104 -40.73 -22.65 -10.78
N GLU H 105 -40.77 -22.95 -9.48
CA GLU H 105 -40.92 -24.35 -9.07
C GLU H 105 -42.34 -24.85 -9.32
N GLU H 106 -43.35 -24.03 -9.03
CA GLU H 106 -44.73 -24.45 -9.23
C GLU H 106 -45.15 -24.52 -10.71
N ASN H 107 -44.45 -23.83 -11.61
CA ASN H 107 -44.75 -23.97 -13.03
C ASN H 107 -43.90 -25.06 -13.67
N ASN H 108 -43.00 -25.68 -12.88
CA ASN H 108 -42.13 -26.80 -13.31
C ASN H 108 -41.24 -26.42 -14.49
N ASP H 109 -40.64 -25.22 -14.32
CA ASP H 109 -39.63 -24.73 -15.29
C ASP H 109 -38.33 -24.63 -14.48
N ILE H 110 -37.24 -25.23 -14.95
CA ILE H 110 -35.95 -25.27 -14.26
C ILE H 110 -35.70 -23.94 -13.58
N PRO H 111 -35.57 -23.91 -12.24
CA PRO H 111 -35.47 -22.64 -11.50
C PRO H 111 -34.27 -21.79 -11.88
N LEU H 112 -34.55 -20.52 -12.21
CA LEU H 112 -33.53 -19.59 -12.67
C LEU H 112 -32.43 -19.37 -11.64
N TYR H 113 -32.79 -19.40 -10.36
CA TYR H 113 -31.84 -19.43 -9.27
C TYR H 113 -32.46 -20.24 -8.14
N SER H 114 -31.98 -20.06 -6.92
CA SER H 114 -32.50 -20.77 -5.77
C SER H 114 -32.79 -19.79 -4.64
N TYR H 115 -33.40 -20.29 -3.56
CA TYR H 115 -33.63 -19.50 -2.35
C TYR H 115 -32.34 -19.12 -1.65
N ASP H 116 -31.32 -19.98 -1.75
CA ASP H 116 -29.98 -19.68 -1.26
C ASP H 116 -29.40 -18.48 -1.99
N ASP H 117 -29.64 -18.41 -3.30
CA ASP H 117 -29.15 -17.30 -4.11
C ASP H 117 -29.80 -15.99 -3.69
N ILE H 118 -31.09 -16.04 -3.35
CA ILE H 118 -31.80 -14.87 -2.84
C ILE H 118 -31.21 -14.44 -1.50
N GLU H 119 -30.95 -15.40 -0.61
CA GLU H 119 -30.40 -15.07 0.71
C GLU H 119 -29.00 -14.48 0.60
N SER H 120 -28.17 -15.03 -0.30
CA SER H 120 -26.83 -14.47 -0.51
C SER H 120 -26.90 -13.10 -1.18
N SER H 121 -27.91 -12.87 -2.03
CA SER H 121 -28.14 -11.56 -2.61
C SER H 121 -28.45 -10.53 -1.54
N PHE H 122 -29.25 -10.92 -0.55
CA PHE H 122 -29.48 -10.00 0.57
C PHE H 122 -28.32 -9.97 1.56
N GLU H 123 -27.40 -10.93 1.48
CA GLU H 123 -26.15 -10.80 2.24
C GLU H 123 -25.24 -9.73 1.66
N ILE H 124 -25.21 -9.57 0.34
CA ILE H 124 -24.38 -8.54 -0.27
C ILE H 124 -25.20 -7.31 -0.68
N TRP H 125 -26.35 -7.09 -0.03
CA TRP H 125 -27.26 -5.98 -0.36
C TRP H 125 -27.07 -4.85 0.63
N ASP H 126 -26.52 -3.74 0.16
CA ASP H 126 -26.48 -2.50 0.91
C ASP H 126 -27.67 -1.65 0.47
N GLU H 127 -28.17 -0.82 1.38
CA GLU H 127 -29.30 0.05 1.06
C GLU H 127 -28.94 1.51 1.33
N ILE H 128 -29.34 2.39 0.42
CA ILE H 128 -29.19 3.82 0.59
C ILE H 128 -30.47 4.46 0.07
N ASP H 129 -30.83 5.60 0.64
CA ASP H 129 -32.10 6.22 0.26
C ASP H 129 -31.88 7.33 -0.78
N ASP H 130 -32.89 8.14 -0.94
CA ASP H 130 -32.82 9.24 -1.92
C ASP H 130 -31.90 10.34 -1.41
N ARG H 131 -31.33 11.09 -2.34
CA ARG H 131 -30.45 12.23 -2.05
C ARG H 131 -29.41 11.92 -0.99
N ASN H 132 -28.63 10.87 -1.22
CA ASN H 132 -27.52 10.52 -0.33
C ASN H 132 -26.42 9.97 -1.20
N THR H 133 -25.41 10.79 -1.44
CA THR H 133 -24.34 10.46 -2.37
C THR H 133 -23.38 9.49 -1.71
N ILE H 134 -23.24 8.35 -2.34
CA ILE H 134 -22.22 7.38 -1.99
C ILE H 134 -21.02 7.51 -2.94
N GLU H 135 -19.83 7.45 -2.37
CA GLU H 135 -18.60 7.59 -3.14
C GLU H 135 -17.95 6.22 -3.26
N LEU H 136 -18.22 5.53 -4.35
CA LEU H 136 -17.63 4.22 -4.60
C LEU H 136 -16.91 4.23 -5.94
N PHE H 137 -15.64 3.83 -5.91
CA PHE H 137 -14.82 3.49 -7.07
C PHE H 137 -14.67 4.65 -8.03
N ASP H 138 -14.20 5.81 -7.55
CA ASP H 138 -13.96 6.98 -8.42
C ASP H 138 -15.27 7.45 -9.08
N THR H 139 -16.41 7.24 -8.42
CA THR H 139 -17.69 7.70 -8.92
C THR H 139 -18.47 8.27 -7.75
N LYS H 140 -19.60 8.91 -8.05
CA LYS H 140 -20.49 9.43 -7.02
C LYS H 140 -21.92 9.09 -7.41
N ILE H 141 -22.55 8.20 -6.64
CA ILE H 141 -23.85 7.64 -6.99
C ILE H 141 -24.90 8.21 -6.04
N THR H 142 -25.88 8.90 -6.60
CA THR H 142 -26.96 9.52 -5.82
C THR H 142 -28.29 9.05 -6.38
N PHE H 143 -29.24 8.76 -5.49
CA PHE H 143 -30.54 8.24 -5.86
C PHE H 143 -31.58 9.35 -5.77
N TYR H 144 -32.55 9.34 -6.67
CA TYR H 144 -33.55 10.40 -6.74
C TYR H 144 -34.91 9.82 -7.10
N ASN H 145 -35.96 10.17 -6.34
CA ASN H 145 -37.30 9.61 -6.51
C ASN H 145 -37.89 9.89 -7.89
N ASN H 146 -38.54 8.88 -8.47
CA ASN H 146 -39.04 8.97 -9.84
C ASN H 146 -40.55 8.75 -10.01
N SER H 147 -41.28 8.58 -8.90
CA SER H 147 -42.74 8.49 -8.78
C SER H 147 -43.36 7.19 -9.31
N HIS H 148 -42.57 6.14 -9.44
CA HIS H 148 -43.05 4.79 -9.75
C HIS H 148 -43.53 4.15 -8.44
N ILE H 149 -43.48 2.81 -8.34
CA ILE H 149 -43.72 2.11 -7.07
C ILE H 149 -42.73 2.56 -5.98
N ILE H 150 -43.03 2.17 -4.74
CA ILE H 150 -42.30 2.66 -3.59
C ILE H 150 -40.84 2.20 -3.63
N GLY H 151 -39.93 3.11 -3.31
CA GLY H 151 -38.53 2.83 -3.33
C GLY H 151 -37.87 3.00 -4.68
N SER H 152 -38.65 3.20 -5.74
CA SER H 152 -38.09 3.42 -7.06
C SER H 152 -37.35 4.75 -7.13
N VAL H 153 -36.24 4.77 -7.85
CA VAL H 153 -35.34 5.91 -7.90
C VAL H 153 -34.81 6.13 -9.31
N SER H 154 -34.18 7.30 -9.50
CA SER H 154 -33.49 7.66 -10.73
C SER H 154 -32.02 7.83 -10.40
N VAL H 155 -31.21 6.86 -10.82
CA VAL H 155 -29.81 6.81 -10.40
C VAL H 155 -28.98 7.84 -11.15
N PHE H 156 -28.10 8.53 -10.43
CA PHE H 156 -27.23 9.57 -10.98
C PHE H 156 -25.78 9.21 -10.69
N ILE H 157 -25.13 8.55 -11.65
CA ILE H 157 -23.73 8.21 -11.47
C ILE H 157 -22.89 9.32 -12.07
N GLU H 158 -22.10 9.98 -11.23
CA GLU H 158 -21.17 10.99 -11.67
C GLU H 158 -19.78 10.36 -11.77
N THR H 159 -19.26 10.26 -13.00
CA THR H 159 -17.94 9.69 -13.28
C THR H 159 -17.11 10.76 -13.96
N HIS H 160 -15.79 10.56 -13.98
CA HIS H 160 -14.89 11.52 -14.61
C HIS H 160 -15.13 11.63 -16.12
N ASN H 161 -15.64 10.58 -16.75
CA ASN H 161 -16.02 10.64 -18.16
C ASN H 161 -17.36 11.32 -18.39
N GLY H 162 -18.13 11.60 -17.34
CA GLY H 162 -19.39 12.30 -17.48
C GLY H 162 -20.38 11.88 -16.41
N ASN H 163 -21.49 12.62 -16.38
CA ASN H 163 -22.59 12.34 -15.46
C ASN H 163 -23.78 11.74 -16.17
N TYR H 164 -24.17 10.57 -15.70
CA TYR H 164 -25.19 9.74 -16.32
C TYR H 164 -26.38 9.69 -15.38
N LEU H 165 -27.56 9.99 -15.92
CA LEU H 165 -28.81 9.88 -15.15
C LEU H 165 -29.66 8.79 -15.78
N PHE H 166 -29.74 7.65 -15.10
CA PHE H 166 -30.60 6.55 -15.48
C PHE H 166 -31.94 6.78 -14.81
N SER H 167 -32.99 6.95 -15.61
CA SER H 167 -34.27 7.36 -15.06
C SER H 167 -35.12 6.21 -14.55
N GLY H 168 -35.00 5.03 -15.14
CA GLY H 168 -35.91 3.95 -14.81
C GLY H 168 -37.32 4.29 -15.27
N ASP H 169 -38.30 3.78 -14.54
CA ASP H 169 -39.71 4.04 -14.84
C ASP H 169 -40.13 5.31 -14.11
N ILE H 170 -40.42 6.36 -14.87
CA ILE H 170 -40.90 7.62 -14.31
C ILE H 170 -42.40 7.49 -14.11
N GLY H 171 -42.88 7.91 -12.96
CA GLY H 171 -44.30 7.81 -12.67
C GLY H 171 -45.11 8.90 -13.34
N SER H 172 -46.43 8.73 -13.27
CA SER H 172 -47.37 9.66 -13.84
C SER H 172 -47.97 10.54 -12.74
N LYS H 173 -48.75 11.54 -13.16
CA LYS H 173 -49.42 12.44 -12.22
C LYS H 173 -50.52 11.76 -11.44
N LEU H 174 -51.00 10.62 -11.90
CA LEU H 174 -52.16 9.97 -11.29
C LEU H 174 -51.76 9.06 -10.14
N GLN H 175 -50.47 8.94 -9.86
CA GLN H 175 -50.03 8.28 -8.64
C GLN H 175 -50.39 9.11 -7.42
N GLN H 176 -51.25 8.56 -6.56
CA GLN H 176 -51.75 9.29 -5.40
C GLN H 176 -50.91 9.07 -4.15
N LEU H 177 -50.00 8.10 -4.15
CA LEU H 177 -49.22 7.78 -2.95
C LEU H 177 -47.77 8.23 -3.02
N MET H 178 -47.27 8.56 -4.20
CA MET H 178 -45.96 9.19 -4.37
C MET H 178 -46.13 10.64 -4.78
N ASP H 179 -45.04 11.39 -4.72
CA ASP H 179 -45.03 12.76 -5.20
C ASP H 179 -45.12 12.73 -6.72
N TYR H 180 -45.85 13.69 -7.30
CA TYR H 180 -45.83 13.77 -8.77
C TYR H 180 -44.47 14.25 -9.28
N PRO H 181 -43.91 15.43 -8.91
CA PRO H 181 -42.71 15.91 -9.64
C PRO H 181 -41.50 15.06 -9.31
N PRO H 182 -40.95 14.36 -10.31
CA PRO H 182 -39.88 13.39 -10.05
C PRO H 182 -38.59 14.12 -9.73
N ASP H 183 -37.97 13.75 -8.61
CA ASP H 183 -36.78 14.45 -8.16
C ASP H 183 -35.61 14.13 -9.09
N MET H 184 -34.82 15.14 -9.38
CA MET H 184 -33.78 15.08 -10.38
C MET H 184 -32.47 15.56 -9.77
N PRO H 185 -31.34 15.19 -10.36
CA PRO H 185 -30.09 15.88 -10.03
C PRO H 185 -30.18 17.36 -10.29
N ASP H 186 -29.65 18.15 -9.36
CA ASP H 186 -29.63 19.59 -9.49
C ASP H 186 -28.40 20.08 -10.23
N GLY H 187 -27.50 19.18 -10.63
CA GLY H 187 -26.32 19.53 -11.37
C GLY H 187 -26.44 19.27 -12.85
N ASN H 188 -25.34 18.91 -13.48
CA ASN H 188 -25.28 18.74 -14.94
C ASN H 188 -25.42 17.26 -15.27
N VAL H 189 -26.52 16.90 -15.90
CA VAL H 189 -26.68 15.57 -16.47
C VAL H 189 -26.19 15.61 -17.91
N ASP H 190 -25.23 14.74 -18.23
CA ASP H 190 -24.68 14.66 -19.57
C ASP H 190 -25.32 13.59 -20.43
N TYR H 191 -25.64 12.44 -19.86
CA TYR H 191 -26.27 11.35 -20.59
C TYR H 191 -27.51 10.91 -19.82
N LEU H 192 -28.67 11.02 -20.45
CA LEU H 192 -29.94 10.67 -19.84
C LEU H 192 -30.40 9.33 -20.40
N ILE H 193 -30.36 8.29 -19.58
CA ILE H 193 -30.85 6.97 -20.00
C ILE H 193 -32.32 6.92 -19.55
N LEU H 194 -33.19 7.47 -20.40
CA LEU H 194 -34.61 7.52 -20.14
C LEU H 194 -35.30 6.29 -20.69
N GLU H 195 -36.37 5.88 -20.03
CA GLU H 195 -37.16 4.72 -20.44
C GLU H 195 -38.49 5.21 -21.00
N SER H 196 -38.76 4.87 -22.25
CA SER H 196 -39.98 5.31 -22.91
C SER H 196 -41.20 4.54 -22.40
N THR H 197 -42.37 5.12 -22.62
CA THR H 197 -43.62 4.55 -22.17
C THR H 197 -43.99 3.32 -23.00
N TYR H 198 -44.96 2.56 -22.49
CA TYR H 198 -45.44 1.37 -23.17
C TYR H 198 -46.84 1.61 -23.74
N SER H 206 -58.09 11.63 -16.51
CA SER H 206 -58.10 10.78 -15.31
C SER H 206 -59.52 10.35 -14.95
N ASP H 207 -59.82 9.06 -15.15
CA ASP H 207 -61.17 8.54 -14.82
C ASP H 207 -61.11 7.67 -13.57
N ARG H 208 -60.22 7.98 -12.64
CA ARG H 208 -60.10 7.22 -11.39
C ARG H 208 -61.42 7.18 -10.63
N ASP H 209 -62.09 8.34 -10.54
CA ASP H 209 -63.35 8.43 -9.75
C ASP H 209 -64.42 7.49 -10.35
N ARG H 210 -64.40 7.29 -11.67
CA ARG H 210 -65.33 6.37 -12.29
C ARG H 210 -65.37 5.02 -11.61
N LEU H 211 -64.22 4.58 -11.06
CA LEU H 211 -64.12 3.39 -10.21
C LEU H 211 -65.19 3.40 -9.13
N LEU H 212 -65.21 4.49 -8.33
CA LEU H 212 -66.22 4.71 -7.28
C LEU H 212 -67.63 4.57 -7.83
N GLU H 213 -67.89 5.20 -8.98
CA GLU H 213 -69.22 5.23 -9.57
C GLU H 213 -69.69 3.82 -9.90
N ILE H 214 -68.83 3.06 -10.57
CA ILE H 214 -69.29 1.77 -11.03
C ILE H 214 -69.33 0.80 -9.87
N ALA H 215 -68.51 1.06 -8.84
CA ALA H 215 -68.57 0.21 -7.67
C ALA H 215 -69.82 0.56 -6.87
N LYS H 216 -70.18 1.85 -6.83
CA LYS H 216 -71.47 2.26 -6.27
C LYS H 216 -72.62 1.77 -7.12
N THR H 217 -72.36 1.52 -8.41
CA THR H 217 -73.37 0.91 -9.25
C THR H 217 -73.59 -0.54 -8.86
N THR H 218 -72.50 -1.26 -8.57
CA THR H 218 -72.60 -2.71 -8.46
C THR H 218 -73.13 -3.13 -7.09
N CYS H 219 -72.65 -2.48 -6.04
CA CYS H 219 -73.04 -2.82 -4.68
C CYS H 219 -74.51 -2.53 -4.43
N GLU H 220 -74.99 -1.39 -4.94
CA GLU H 220 -76.41 -1.05 -4.80
C GLU H 220 -77.27 -1.96 -5.67
N ASN H 221 -76.71 -2.50 -6.76
CA ASN H 221 -77.40 -3.48 -7.58
C ASN H 221 -77.34 -4.87 -6.94
N GLY H 222 -76.56 -5.02 -5.86
CA GLY H 222 -76.53 -6.21 -5.06
C GLY H 222 -75.28 -7.05 -5.20
N GLY H 223 -74.60 -6.97 -6.34
CA GLY H 223 -73.44 -7.79 -6.60
C GLY H 223 -72.19 -7.29 -5.90
N LYS H 224 -71.12 -8.05 -6.07
CA LYS H 224 -69.80 -7.69 -5.59
C LYS H 224 -68.98 -7.17 -6.76
N VAL H 225 -67.75 -6.76 -6.47
CA VAL H 225 -66.86 -6.35 -7.55
C VAL H 225 -65.45 -6.91 -7.38
N LEU H 226 -65.07 -7.75 -8.34
CA LEU H 226 -63.72 -8.30 -8.39
C LEU H 226 -62.83 -7.34 -9.15
N ILE H 227 -61.77 -6.88 -8.50
CA ILE H 227 -60.86 -5.92 -9.11
C ILE H 227 -59.48 -6.52 -9.22
N PRO H 228 -59.12 -7.06 -10.40
CA PRO H 228 -57.73 -7.44 -10.67
C PRO H 228 -56.74 -6.31 -10.53
N SER H 229 -55.59 -6.66 -9.95
CA SER H 229 -54.59 -5.67 -9.63
C SER H 229 -53.24 -6.36 -9.55
N PHE H 230 -52.20 -5.61 -9.91
CA PHE H 230 -50.87 -6.06 -9.58
C PHE H 230 -50.63 -5.87 -8.08
N ALA H 231 -49.74 -6.68 -7.54
CA ALA H 231 -49.45 -6.62 -6.11
C ALA H 231 -48.47 -5.51 -5.77
N ILE H 232 -47.63 -5.12 -6.73
CA ILE H 232 -46.65 -4.06 -6.48
C ILE H 232 -47.22 -2.72 -6.91
N GLY H 233 -47.81 -2.01 -5.96
CA GLY H 233 -48.17 -0.62 -6.15
C GLY H 233 -49.62 -0.42 -6.53
N ARG H 234 -50.13 -1.30 -7.39
CA ARG H 234 -51.45 -1.06 -7.98
C ARG H 234 -52.57 -1.36 -7.00
N LEU H 235 -52.45 -2.47 -6.25
CA LEU H 235 -53.49 -2.82 -5.28
C LEU H 235 -53.53 -1.80 -4.17
N GLN H 236 -52.37 -1.28 -3.79
CA GLN H 236 -52.24 -0.30 -2.73
C GLN H 236 -52.66 1.10 -3.16
N GLU H 237 -52.91 1.34 -4.44
CA GLU H 237 -53.44 2.60 -4.89
C GLU H 237 -54.94 2.54 -5.20
N VAL H 238 -55.40 1.40 -5.69
CA VAL H 238 -56.83 1.08 -5.81
C VAL H 238 -57.42 1.07 -4.41
N LEU H 239 -56.64 0.61 -3.44
CA LEU H 239 -57.11 0.60 -2.06
C LEU H 239 -57.18 2.02 -1.46
N TYR H 240 -56.23 2.90 -1.81
CA TYR H 240 -56.30 4.30 -1.38
C TYR H 240 -57.46 5.04 -2.03
N THR H 241 -57.77 4.70 -3.29
CA THR H 241 -58.92 5.27 -3.97
C THR H 241 -60.23 4.80 -3.35
N PHE H 242 -60.29 3.52 -2.92
CA PHE H 242 -61.44 3.03 -2.18
C PHE H 242 -61.44 3.42 -0.72
N SER H 243 -60.38 4.06 -0.25
CA SER H 243 -60.29 4.55 1.11
C SER H 243 -60.76 5.99 1.24
N ASN H 244 -60.28 6.89 0.36
CA ASN H 244 -60.65 8.30 0.49
C ASN H 244 -62.10 8.53 0.08
N TYR H 245 -62.60 7.77 -0.89
CA TYR H 245 -64.01 7.85 -1.24
C TYR H 245 -64.86 7.26 -0.13
N ASN H 246 -65.86 8.03 0.32
CA ASN H 246 -66.71 7.64 1.44
C ASN H 246 -67.68 6.56 0.98
N PHE H 247 -67.32 5.42 0.78
CA PHE H 247 -68.19 4.35 0.25
C PHE H 247 -69.06 3.79 1.38
N ASN H 248 -69.87 2.86 1.13
CA ASN H 248 -70.87 2.28 2.01
C ASN H 248 -70.70 0.78 2.23
N PHE H 249 -70.12 0.07 1.27
CA PHE H 249 -69.86 -1.36 1.33
C PHE H 249 -68.39 -1.62 1.68
N PRO H 250 -68.07 -2.75 2.31
CA PRO H 250 -66.67 -2.99 2.70
C PRO H 250 -65.79 -3.34 1.52
N VAL H 251 -64.51 -2.97 1.63
CA VAL H 251 -63.49 -3.37 0.67
C VAL H 251 -62.57 -4.36 1.37
N TYR H 252 -62.20 -5.42 0.67
CA TYR H 252 -61.51 -6.57 1.24
C TYR H 252 -60.31 -6.88 0.35
N ILE H 253 -59.10 -6.71 0.88
CA ILE H 253 -57.93 -7.15 0.13
C ILE H 253 -57.69 -8.63 0.36
N ASP H 254 -57.49 -9.37 -0.72
CA ASP H 254 -57.42 -10.83 -0.70
C ASP H 254 -56.22 -11.30 -1.51
N SER H 255 -55.04 -11.17 -0.93
CA SER H 255 -53.81 -11.58 -1.58
C SER H 255 -52.68 -11.63 -0.56
N PRO H 256 -52.06 -12.80 -0.36
CA PRO H 256 -50.96 -12.92 0.62
C PRO H 256 -49.76 -12.04 0.31
N MET H 257 -49.29 -12.05 -0.94
CA MET H 257 -48.24 -11.13 -1.36
C MET H 257 -48.70 -9.68 -1.32
N GLY H 258 -49.94 -9.38 -1.74
CA GLY H 258 -50.42 -8.01 -1.71
C GLY H 258 -50.76 -7.49 -0.33
N SER H 259 -51.24 -8.36 0.58
CA SER H 259 -51.41 -7.93 1.96
C SER H 259 -50.05 -7.69 2.61
N LYS H 260 -49.06 -8.52 2.27
CA LYS H 260 -47.70 -8.29 2.73
C LYS H 260 -47.14 -6.99 2.16
N VAL H 261 -47.42 -6.68 0.90
CA VAL H 261 -46.92 -5.45 0.31
C VAL H 261 -47.67 -4.25 0.90
N THR H 262 -48.95 -4.40 1.23
CA THR H 262 -49.72 -3.34 1.89
C THR H 262 -49.16 -3.02 3.26
N ASN H 263 -48.78 -4.06 4.02
CA ASN H 263 -48.06 -3.87 5.28
C ASN H 263 -46.70 -3.21 5.06
N LEU H 264 -46.03 -3.54 3.95
CA LEU H 264 -44.74 -2.91 3.66
C LEU H 264 -44.90 -1.45 3.27
N ILE H 265 -46.01 -1.10 2.62
CA ILE H 265 -46.31 0.29 2.29
C ILE H 265 -46.54 1.08 3.56
N LYS H 266 -47.31 0.51 4.49
CA LYS H 266 -47.59 1.18 5.76
C LYS H 266 -46.33 1.30 6.62
N GLU H 267 -45.46 0.28 6.60
CA GLU H 267 -44.21 0.33 7.35
C GLU H 267 -43.27 1.39 6.79
N TYR H 268 -43.17 1.47 5.46
CA TYR H 268 -42.31 2.45 4.80
C TYR H 268 -43.09 3.70 4.43
N ASN H 269 -43.71 4.31 5.44
CA ASN H 269 -44.56 5.48 5.20
C ASN H 269 -43.73 6.73 4.90
N ILE H 270 -42.55 6.84 5.50
CA ILE H 270 -41.72 8.03 5.34
C ILE H 270 -41.17 8.12 3.92
N TYR H 271 -41.08 6.99 3.22
CA TYR H 271 -40.63 6.94 1.84
C TYR H 271 -41.77 7.11 0.84
N LEU H 272 -42.86 7.74 1.25
CA LEU H 272 -44.06 7.95 0.45
C LEU H 272 -44.27 9.45 0.33
N LYS H 273 -45.47 9.84 -0.12
CA LYS H 273 -45.81 11.24 -0.35
C LYS H 273 -45.77 12.04 0.96
N LYS H 274 -45.37 13.32 0.82
CA LYS H 274 -45.15 14.21 1.96
C LYS H 274 -46.40 14.41 2.82
N LYS H 275 -47.57 14.44 2.17
CA LYS H 275 -48.83 14.51 2.90
C LYS H 275 -49.03 13.25 3.74
N LEU H 276 -48.74 12.09 3.18
CA LEU H 276 -48.95 10.83 3.90
C LEU H 276 -47.90 10.62 4.98
N ARG H 277 -46.80 11.14 4.94
CA ARG H 277 -45.78 10.97 6.00
C ARG H 277 -45.84 12.16 6.95
N ARG H 278 -45.32 12.09 8.09
CA ARG H 278 -45.36 13.06 9.20
C ARG H 278 -46.71 13.11 9.90
N ASP H 283 -52.37 6.89 12.74
CA ASP H 283 -53.39 6.87 11.71
C ASP H 283 -52.97 5.93 10.59
N ASP H 284 -53.87 5.01 10.24
CA ASP H 284 -53.62 4.13 9.10
C ASP H 284 -53.62 4.94 7.82
N LEU H 285 -52.69 4.61 6.91
CA LEU H 285 -52.59 5.29 5.63
C LEU H 285 -53.84 5.05 4.79
N PHE H 286 -54.43 3.88 4.95
CA PHE H 286 -55.60 3.51 4.19
C PHE H 286 -56.87 3.70 4.99
N ASN H 287 -56.74 4.34 6.15
CA ASN H 287 -57.82 4.75 7.05
C ASN H 287 -58.66 3.55 7.47
N ASN H 288 -57.96 2.45 7.77
CA ASN H 288 -58.51 1.11 7.98
C ASN H 288 -59.51 0.72 6.89
N LYS H 289 -60.60 0.07 7.29
CA LYS H 289 -61.74 -0.28 6.44
C LYS H 289 -61.33 -1.11 5.23
N TYR H 290 -60.32 -1.96 5.41
CA TYR H 290 -59.80 -2.74 4.29
C TYR H 290 -59.59 -4.19 4.68
N ILE H 291 -60.57 -4.74 5.44
CA ILE H 291 -60.48 -5.93 6.28
C ILE H 291 -59.87 -7.12 5.56
N ALA H 292 -58.77 -7.61 6.10
CA ALA H 292 -57.76 -8.32 5.33
C ALA H 292 -57.99 -9.82 5.44
N ILE H 293 -57.98 -10.49 4.30
CA ILE H 293 -58.23 -11.92 4.31
C ILE H 293 -56.89 -12.65 4.37
N ASN H 294 -56.63 -13.27 5.50
CA ASN H 294 -55.32 -13.86 5.79
C ASN H 294 -55.31 -15.34 5.41
N THR H 295 -56.23 -16.10 6.00
CA THR H 295 -56.30 -17.53 5.73
C THR H 295 -57.10 -17.77 4.45
N SER H 296 -56.72 -18.82 3.72
CA SER H 296 -57.42 -19.20 2.49
C SER H 296 -58.84 -19.71 2.77
N ASN H 297 -59.11 -20.18 3.99
CA ASN H 297 -60.46 -20.53 4.38
C ASN H 297 -61.37 -19.30 4.39
N GLN H 298 -60.83 -18.17 4.86
CA GLN H 298 -61.56 -16.92 4.78
C GLN H 298 -61.69 -16.40 3.35
N SER H 299 -60.86 -16.89 2.42
CA SER H 299 -61.02 -16.55 1.00
C SER H 299 -62.11 -17.40 0.35
N LYS H 300 -62.18 -18.69 0.70
CA LYS H 300 -63.31 -19.51 0.26
C LYS H 300 -64.62 -19.04 0.86
N GLU H 301 -64.57 -18.45 2.06
CA GLU H 301 -65.75 -17.84 2.66
C GLU H 301 -66.28 -16.70 1.80
N LEU H 302 -65.40 -15.81 1.34
CA LEU H 302 -65.82 -14.72 0.47
C LEU H 302 -66.24 -15.21 -0.90
N SER H 303 -65.59 -16.28 -1.39
CA SER H 303 -65.98 -16.90 -2.64
C SER H 303 -67.40 -17.44 -2.58
N ASN H 304 -67.80 -17.96 -1.42
CA ASN H 304 -69.17 -18.43 -1.22
C ASN H 304 -70.10 -17.36 -0.63
N SER H 305 -69.61 -16.14 -0.39
CA SER H 305 -70.41 -15.15 0.31
C SER H 305 -71.35 -14.42 -0.65
N LYS H 306 -72.24 -13.61 -0.06
CA LYS H 306 -73.23 -12.85 -0.82
C LYS H 306 -73.36 -11.39 -0.39
N GLU H 307 -72.69 -10.98 0.69
CA GLU H 307 -72.63 -9.58 1.09
C GLU H 307 -71.95 -8.76 -0.01
N PRO H 308 -72.56 -7.65 -0.45
CA PRO H 308 -71.93 -6.87 -1.53
C PRO H 308 -70.70 -6.14 -1.02
N ALA H 309 -69.55 -6.53 -1.55
CA ALA H 309 -68.26 -6.08 -1.04
C ALA H 309 -67.29 -5.93 -2.19
N VAL H 310 -66.21 -5.19 -1.93
CA VAL H 310 -65.20 -4.93 -2.93
C VAL H 310 -64.04 -5.90 -2.65
N ILE H 311 -63.58 -6.60 -3.68
CA ILE H 311 -62.48 -7.55 -3.53
C ILE H 311 -61.27 -7.03 -4.30
N ILE H 312 -60.39 -6.28 -3.63
CA ILE H 312 -59.12 -5.87 -4.25
C ILE H 312 -58.11 -6.96 -4.04
N SER H 313 -58.23 -8.01 -4.84
CA SER H 313 -57.32 -9.17 -4.71
C SER H 313 -56.21 -9.04 -5.73
N ALA H 314 -55.33 -10.03 -5.79
CA ALA H 314 -54.20 -9.96 -6.73
C ALA H 314 -53.75 -11.36 -7.13
N SER H 315 -54.24 -11.82 -8.27
CA SER H 315 -53.59 -12.85 -9.06
C SER H 315 -52.77 -12.24 -10.19
N GLY H 316 -52.73 -10.91 -10.28
CA GLY H 316 -52.08 -10.26 -11.39
C GLY H 316 -53.06 -10.05 -12.53
N MET H 317 -52.69 -10.48 -13.74
CA MET H 317 -53.57 -10.42 -14.89
C MET H 317 -54.39 -11.68 -15.02
N LEU H 318 -55.01 -12.08 -13.90
CA LEU H 318 -55.98 -13.18 -13.80
C LEU H 318 -55.37 -14.54 -14.11
N GLU H 319 -54.05 -14.65 -14.02
CA GLU H 319 -53.40 -15.86 -14.51
C GLU H 319 -53.35 -16.94 -13.44
N GLY H 320 -52.70 -16.65 -12.32
CA GLY H 320 -52.68 -17.55 -11.19
C GLY H 320 -52.64 -16.75 -9.91
N GLY H 321 -53.27 -17.22 -8.85
CA GLY H 321 -53.28 -16.50 -7.59
C GLY H 321 -54.59 -16.73 -6.85
N ARG H 322 -54.90 -15.78 -5.96
CA ARG H 322 -56.08 -15.96 -5.12
C ARG H 322 -57.35 -15.44 -5.78
N ILE H 323 -57.23 -14.74 -6.93
CA ILE H 323 -58.44 -14.36 -7.68
C ILE H 323 -59.13 -15.60 -8.21
N LEU H 324 -58.33 -16.55 -8.71
CA LEU H 324 -58.72 -17.73 -9.49
C LEU H 324 -59.83 -18.56 -8.85
N ASN H 325 -60.06 -18.38 -7.55
CA ASN H 325 -61.21 -19.05 -6.89
C ASN H 325 -62.41 -18.10 -6.99
N HIS H 326 -62.22 -16.83 -6.65
CA HIS H 326 -63.27 -15.81 -6.75
C HIS H 326 -63.82 -15.63 -8.16
N LEU H 327 -62.95 -15.88 -9.14
CA LEU H 327 -63.21 -15.59 -10.54
C LEU H 327 -64.35 -16.43 -11.10
N GLU H 328 -64.41 -17.71 -10.72
CA GLU H 328 -65.49 -18.58 -11.20
C GLU H 328 -66.86 -18.11 -10.71
N GLN H 329 -66.94 -17.75 -9.43
CA GLN H 329 -68.20 -17.29 -8.84
C GLN H 329 -68.63 -15.96 -9.44
N ILE H 330 -67.66 -15.06 -9.69
CA ILE H 330 -67.98 -13.79 -10.36
C ILE H 330 -68.36 -14.03 -11.82
N LYS H 331 -67.70 -14.99 -12.47
CA LYS H 331 -67.92 -15.31 -13.88
C LYS H 331 -69.34 -15.83 -14.13
N ASN H 332 -69.82 -16.73 -13.27
CA ASN H 332 -71.17 -17.24 -13.43
C ASN H 332 -72.23 -16.18 -13.13
N ASP H 333 -71.91 -15.23 -12.26
CA ASP H 333 -72.86 -14.19 -11.90
C ASP H 333 -72.91 -13.10 -12.97
N GLU H 334 -74.11 -12.56 -13.19
CA GLU H 334 -74.29 -11.47 -14.14
C GLU H 334 -74.30 -10.10 -13.48
N ASN H 335 -74.76 -10.00 -12.22
CA ASN H 335 -74.98 -8.71 -11.58
C ASN H 335 -73.73 -8.23 -10.84
N SER H 336 -72.56 -8.69 -11.28
CA SER H 336 -71.28 -8.27 -10.73
C SER H 336 -70.44 -7.71 -11.86
N THR H 337 -69.20 -7.35 -11.55
CA THR H 337 -68.30 -6.83 -12.57
C THR H 337 -66.86 -7.20 -12.24
N LEU H 338 -66.01 -7.14 -13.27
CA LEU H 338 -64.59 -7.47 -13.15
C LEU H 338 -63.79 -6.30 -13.75
N ILE H 339 -63.49 -5.32 -12.90
CA ILE H 339 -62.81 -4.11 -13.35
C ILE H 339 -61.33 -4.38 -13.57
N PHE H 340 -60.91 -4.49 -14.81
CA PHE H 340 -59.49 -4.58 -15.10
C PHE H 340 -58.86 -3.21 -14.99
N VAL H 341 -57.63 -3.16 -14.50
CA VAL H 341 -57.00 -1.91 -14.11
C VAL H 341 -55.69 -1.68 -14.87
N GLY H 342 -54.80 -2.68 -14.91
CA GLY H 342 -53.53 -2.57 -15.59
C GLY H 342 -53.55 -3.19 -16.97
N TYR H 343 -52.37 -3.34 -17.54
CA TYR H 343 -52.23 -3.87 -18.90
C TYR H 343 -52.33 -5.39 -18.85
N GLN H 344 -53.32 -5.94 -19.55
CA GLN H 344 -53.39 -7.38 -19.74
C GLN H 344 -52.48 -7.78 -20.90
N ALA H 345 -51.70 -8.83 -20.71
CA ALA H 345 -50.64 -9.19 -21.63
C ALA H 345 -51.00 -10.45 -22.43
N GLN H 346 -50.09 -10.85 -23.31
CA GLN H 346 -50.29 -11.98 -24.20
C GLN H 346 -50.09 -13.30 -23.47
N ASN H 347 -50.77 -14.35 -23.97
CA ASN H 347 -50.75 -15.72 -23.44
C ASN H 347 -51.20 -15.77 -21.98
N THR H 348 -52.10 -14.86 -21.63
CA THR H 348 -52.52 -14.60 -20.26
C THR H 348 -54.04 -14.57 -20.22
N ARG H 349 -54.59 -15.11 -19.13
CA ARG H 349 -56.04 -15.27 -18.98
C ARG H 349 -56.76 -13.95 -19.09
N GLY H 350 -56.27 -12.93 -18.37
CA GLY H 350 -56.79 -11.57 -18.31
C GLY H 350 -57.13 -10.92 -19.65
N ARG H 351 -56.27 -11.15 -20.64
CA ARG H 351 -56.57 -10.71 -22.00
C ARG H 351 -57.74 -11.48 -22.59
N LYS H 352 -57.76 -12.82 -22.41
CA LYS H 352 -58.78 -13.66 -23.03
C LYS H 352 -60.17 -13.40 -22.46
N ILE H 353 -60.25 -13.12 -21.15
CA ILE H 353 -61.53 -12.69 -20.59
C ILE H 353 -61.79 -11.22 -20.91
N LEU H 354 -60.72 -10.42 -21.11
CA LEU H 354 -60.86 -9.02 -21.51
C LEU H 354 -61.23 -8.87 -23.00
N ASP H 355 -60.54 -9.59 -23.89
CA ASP H 355 -60.91 -9.52 -25.31
C ASP H 355 -62.13 -10.34 -25.67
N GLY H 356 -62.79 -11.04 -24.75
CA GLY H 356 -63.98 -11.78 -25.12
C GLY H 356 -63.76 -13.09 -25.83
N GLU H 357 -62.56 -13.67 -25.67
CA GLU H 357 -62.39 -15.07 -26.05
C GLU H 357 -63.30 -15.94 -25.21
N GLU H 358 -63.40 -15.62 -23.93
CA GLU H 358 -64.37 -16.36 -23.13
C GLU H 358 -65.63 -15.50 -22.96
N LYS H 359 -66.76 -16.19 -22.71
CA LYS H 359 -68.06 -15.60 -22.40
C LYS H 359 -68.15 -15.30 -20.92
N VAL H 360 -68.17 -14.00 -20.58
CA VAL H 360 -68.38 -13.55 -19.22
C VAL H 360 -69.83 -13.14 -19.06
N ARG H 361 -70.40 -13.38 -17.88
CA ARG H 361 -71.70 -12.82 -17.53
C ARG H 361 -71.58 -11.52 -16.77
N CYS H 362 -70.45 -11.29 -16.09
CA CYS H 362 -70.20 -10.05 -15.37
C CYS H 362 -69.59 -9.02 -16.30
N ARG H 363 -69.90 -7.75 -16.02
CA ARG H 363 -69.37 -6.61 -16.76
C ARG H 363 -67.84 -6.57 -16.72
N ILE H 364 -67.24 -6.33 -17.87
CA ILE H 364 -65.79 -6.23 -17.94
C ILE H 364 -65.42 -4.78 -18.23
N GLU H 365 -65.22 -4.00 -17.18
CA GLU H 365 -64.84 -2.61 -17.32
C GLU H 365 -63.31 -2.50 -17.36
N LYS H 366 -62.82 -1.35 -17.81
CA LYS H 366 -61.40 -1.06 -17.74
C LYS H 366 -61.22 0.42 -17.47
N LEU H 367 -60.38 0.75 -16.50
CA LEU H 367 -60.07 2.12 -16.13
C LEU H 367 -58.61 2.36 -16.48
N ASN H 368 -58.37 3.10 -17.57
CA ASN H 368 -57.01 3.36 -18.01
C ASN H 368 -56.30 4.42 -17.16
N SER H 369 -56.98 4.98 -16.15
CA SER H 369 -56.40 6.01 -15.29
C SER H 369 -55.19 5.49 -14.51
N PHE H 370 -55.32 4.33 -13.89
CA PHE H 370 -54.19 3.79 -13.14
C PHE H 370 -53.14 3.24 -14.09
N SER H 371 -51.99 3.93 -14.14
CA SER H 371 -50.89 3.52 -14.99
C SER H 371 -49.60 4.05 -14.35
N ALA H 372 -48.83 3.14 -13.75
CA ALA H 372 -47.65 3.53 -13.01
C ALA H 372 -46.56 4.11 -13.92
N HIS H 373 -46.51 3.64 -15.16
CA HIS H 373 -45.69 4.25 -16.20
C HIS H 373 -46.28 5.57 -16.64
N ALA H 374 -45.40 6.55 -16.84
CA ALA H 374 -45.84 7.85 -17.30
C ALA H 374 -46.22 7.81 -18.79
N ASP H 375 -46.76 8.93 -19.26
CA ASP H 375 -47.06 9.12 -20.67
C ASP H 375 -45.91 9.88 -21.34
N GLN H 376 -46.16 10.31 -22.59
CA GLN H 376 -45.11 10.98 -23.37
C GLN H 376 -44.79 12.35 -22.80
N ASP H 377 -45.81 13.16 -22.53
CA ASP H 377 -45.70 14.54 -22.04
C ASP H 377 -44.93 14.65 -20.73
N GLU H 378 -45.15 13.70 -19.83
CA GLU H 378 -44.46 13.71 -18.55
C GLU H 378 -42.98 13.40 -18.72
N LEU H 379 -42.63 12.53 -19.66
CA LEU H 379 -41.22 12.27 -19.96
C LEU H 379 -40.57 13.48 -20.61
N ILE H 380 -41.32 14.19 -21.45
CA ILE H 380 -40.80 15.43 -22.04
C ILE H 380 -40.55 16.48 -20.97
N ASP H 381 -41.47 16.61 -20.02
CA ASP H 381 -41.28 17.53 -18.91
C ASP H 381 -40.10 17.10 -18.04
N TYR H 382 -39.88 15.80 -17.89
CA TYR H 382 -38.71 15.28 -17.16
C TYR H 382 -37.41 15.69 -17.84
N ILE H 383 -37.36 15.59 -19.17
CA ILE H 383 -36.15 15.99 -19.89
C ILE H 383 -35.96 17.50 -19.82
N GLU H 384 -37.06 18.25 -19.89
CA GLU H 384 -36.99 19.71 -19.91
C GLU H 384 -36.55 20.29 -18.56
N ARG H 385 -36.98 19.68 -17.45
CA ARG H 385 -36.69 20.28 -16.14
C ARG H 385 -35.27 20.06 -15.66
N LEU H 386 -34.43 19.35 -16.42
CA LEU H 386 -33.00 19.32 -16.16
C LEU H 386 -32.40 20.72 -16.29
N LYS H 387 -31.38 21.01 -15.47
CA LYS H 387 -30.77 22.33 -15.45
C LYS H 387 -30.06 22.64 -16.77
N TYR H 388 -29.33 21.67 -17.29
CA TYR H 388 -28.73 21.77 -18.61
C TYR H 388 -29.32 20.68 -19.46
N THR H 389 -29.70 21.02 -20.69
CA THR H 389 -30.29 20.07 -21.62
C THR H 389 -29.28 18.97 -21.91
N PRO H 390 -29.66 17.70 -21.75
CA PRO H 390 -28.69 16.61 -21.83
C PRO H 390 -28.13 16.44 -23.23
N TYR H 391 -26.87 16.00 -23.29
CA TYR H 391 -26.21 15.84 -24.57
C TYR H 391 -26.84 14.70 -25.38
N LYS H 392 -27.32 13.67 -24.70
CA LYS H 392 -27.83 12.49 -25.37
C LYS H 392 -28.90 11.85 -24.51
N VAL H 393 -29.97 11.41 -25.15
CA VAL H 393 -31.06 10.72 -24.44
C VAL H 393 -31.17 9.32 -25.04
N PHE H 394 -30.62 8.34 -24.33
CA PHE H 394 -30.74 6.94 -24.73
C PHE H 394 -32.09 6.41 -24.28
N LEU H 395 -33.09 6.55 -25.14
CA LEU H 395 -34.33 5.79 -24.99
C LEU H 395 -34.01 4.31 -25.09
N VAL H 396 -34.57 3.52 -24.18
CA VAL H 396 -34.17 2.11 -24.12
C VAL H 396 -35.35 1.16 -24.29
N HIS H 397 -36.33 1.22 -23.39
CA HIS H 397 -37.39 0.23 -23.39
C HIS H 397 -38.69 0.81 -23.94
N GLY H 398 -39.69 -0.03 -24.01
CA GLY H 398 -40.95 0.32 -24.63
C GLY H 398 -41.13 -0.38 -25.97
N GLU H 399 -42.29 -0.14 -26.57
CA GLU H 399 -42.54 -0.58 -27.93
C GLU H 399 -41.65 0.20 -28.89
N LYS H 400 -41.41 -0.38 -30.07
CA LYS H 400 -40.61 0.29 -31.08
C LYS H 400 -41.29 1.55 -31.60
N GLU H 401 -42.61 1.46 -31.84
CA GLU H 401 -43.37 2.55 -32.46
C GLU H 401 -43.45 3.76 -31.55
N GLN H 402 -43.75 3.53 -30.26
CA GLN H 402 -43.79 4.59 -29.26
C GLN H 402 -42.42 5.25 -29.10
N ARG H 403 -41.36 4.45 -29.21
CA ARG H 403 -40.01 4.97 -29.12
C ARG H 403 -39.66 5.85 -30.32
N GLU H 404 -40.12 5.47 -31.52
CA GLU H 404 -39.93 6.32 -32.70
C GLU H 404 -40.64 7.66 -32.54
N ILE H 405 -41.88 7.63 -32.03
CA ILE H 405 -42.66 8.86 -31.85
C ILE H 405 -42.02 9.78 -30.82
N LEU H 406 -41.62 9.22 -29.67
CA LEU H 406 -41.03 10.03 -28.61
C LEU H 406 -39.64 10.51 -29.01
N ALA H 407 -38.91 9.72 -29.81
CA ALA H 407 -37.60 10.15 -30.31
C ALA H 407 -37.74 11.33 -31.26
N LYS H 408 -38.76 11.29 -32.13
CA LYS H 408 -39.00 12.42 -33.04
C LYS H 408 -39.38 13.68 -32.28
N ARG H 409 -40.20 13.54 -31.23
CA ARG H 409 -40.57 14.73 -30.48
C ARG H 409 -39.40 15.27 -29.65
N ILE H 410 -38.52 14.39 -29.16
CA ILE H 410 -37.34 14.83 -28.42
C ILE H 410 -36.35 15.54 -29.36
N ILE H 411 -36.25 15.05 -30.60
CA ILE H 411 -35.48 15.74 -31.65
C ILE H 411 -36.08 17.11 -31.94
N SER H 412 -37.42 17.22 -31.93
CA SER H 412 -38.09 18.50 -32.14
C SER H 412 -37.75 19.51 -31.04
N LYS H 413 -37.57 19.03 -29.81
CA LYS H 413 -37.12 19.85 -28.68
C LYS H 413 -35.57 20.06 -28.66
N LYS H 414 -34.89 19.76 -29.77
CA LYS H 414 -33.45 19.95 -29.97
C LYS H 414 -32.60 19.16 -28.98
N ILE H 415 -32.82 17.85 -28.88
CA ILE H 415 -32.02 16.99 -28.01
C ILE H 415 -31.65 15.75 -28.82
N ARG H 416 -30.40 15.30 -28.68
CA ARG H 416 -29.92 14.14 -29.42
C ARG H 416 -30.49 12.85 -28.85
N VAL H 417 -30.90 11.94 -29.73
CA VAL H 417 -31.52 10.68 -29.36
C VAL H 417 -30.71 9.55 -29.97
N GLU H 418 -30.23 8.64 -29.12
CA GLU H 418 -29.72 7.35 -29.59
C GLU H 418 -30.67 6.26 -29.14
N LEU H 419 -31.58 5.90 -30.04
CA LEU H 419 -32.48 4.76 -29.92
C LEU H 419 -31.63 3.49 -29.90
N PRO H 420 -32.08 2.40 -29.24
CA PRO H 420 -31.16 1.27 -28.99
C PRO H 420 -30.92 0.37 -30.19
N GLU H 421 -30.61 0.96 -31.35
CA GLU H 421 -30.19 0.23 -32.53
C GLU H 421 -28.88 0.73 -33.09
N ASN H 422 -28.40 1.85 -32.55
CA ASN H 422 -27.14 2.46 -33.07
C ASN H 422 -26.06 2.29 -32.00
N GLU H 428 -19.04 11.49 -30.50
CA GLU H 428 -18.99 11.20 -29.07
C GLU H 428 -17.98 12.10 -28.37
N ILE H 429 -18.49 13.20 -27.81
CA ILE H 429 -17.70 14.18 -27.08
C ILE H 429 -17.01 13.55 -25.86
N LEU H 430 -15.75 13.87 -25.67
CA LEU H 430 -14.99 13.35 -24.53
C LEU H 430 -15.16 14.32 -23.38
N ILE H 431 -16.23 14.11 -22.60
CA ILE H 431 -16.39 14.87 -21.36
C ILE H 431 -15.36 14.39 -20.36
N GLU H 432 -14.67 15.35 -19.74
CA GLU H 432 -13.59 15.02 -18.82
C GLU H 432 -13.60 16.12 -17.75
N LYS H 433 -14.20 15.81 -16.60
CA LYS H 433 -14.08 16.65 -15.43
C LYS H 433 -12.62 16.79 -15.02
N LYS H 434 -12.15 18.02 -15.05
CA LYS H 434 -10.76 18.33 -14.80
C LYS H 434 -10.63 18.98 -13.44
N VAL H 435 -9.40 18.97 -12.91
CA VAL H 435 -9.14 19.58 -11.62
C VAL H 435 -8.08 20.66 -11.80
N VAL H 436 -8.51 21.92 -11.94
CA VAL H 436 -7.53 22.97 -12.14
C VAL H 436 -6.92 23.35 -10.79
N LEU H 437 -5.66 23.77 -10.82
CA LEU H 437 -4.93 24.03 -9.60
C LEU H 437 -5.10 25.47 -9.10
N ASN H 438 -4.94 26.45 -9.99
CA ASN H 438 -5.27 27.87 -9.79
C ASN H 438 -4.59 28.52 -8.58
N ILE H 439 -3.50 27.95 -8.08
CA ILE H 439 -2.77 28.51 -6.95
C ILE H 439 -1.30 28.51 -7.37
N ASN H 440 -0.50 29.40 -6.77
CA ASN H 440 0.90 29.60 -7.14
C ASN H 440 1.64 28.32 -6.78
N THR H 441 2.52 27.90 -7.68
CA THR H 441 3.29 26.67 -7.54
C THR H 441 4.79 26.97 -7.74
N ASP H 442 5.19 28.26 -7.74
CA ASP H 442 6.60 28.58 -7.92
C ASP H 442 7.41 28.29 -6.66
N ASN H 443 6.89 28.64 -5.48
CA ASN H 443 7.63 28.50 -4.23
C ASN H 443 7.27 27.17 -3.58
N MET H 444 8.00 26.14 -3.96
CA MET H 444 7.85 24.81 -3.41
C MET H 444 9.12 24.46 -2.65
N CYS H 445 9.05 23.43 -1.80
CA CYS H 445 10.21 22.98 -1.06
C CYS H 445 10.27 21.46 -1.08
N ASN H 446 11.43 20.94 -0.72
CA ASN H 446 11.67 19.50 -0.61
C ASN H 446 12.07 19.17 0.83
N PHE H 447 11.35 18.22 1.45
CA PHE H 447 11.67 17.80 2.80
C PHE H 447 12.08 16.33 2.86
N ALA H 448 11.23 15.43 2.38
CA ALA H 448 11.46 13.99 2.53
C ALA H 448 11.44 13.32 1.16
N SER H 449 12.15 13.93 0.20
CA SER H 449 12.13 13.60 -1.23
C SER H 449 10.73 13.77 -1.81
N TYR H 450 10.05 14.84 -1.41
CA TYR H 450 8.76 15.21 -1.98
C TYR H 450 8.79 16.71 -2.26
N ARG H 451 8.48 17.10 -3.49
CA ARG H 451 8.33 18.51 -3.81
C ARG H 451 7.02 19.01 -3.22
N LEU H 452 7.03 19.53 -1.99
CA LEU H 452 5.79 19.86 -1.30
C LEU H 452 5.65 21.36 -1.10
N MET H 453 4.39 21.79 -0.85
CA MET H 453 4.10 23.19 -0.56
C MET H 453 2.85 23.29 0.31
N PRO H 454 2.92 23.97 1.45
CA PRO H 454 1.72 24.20 2.27
C PRO H 454 0.86 25.31 1.68
N PHE H 455 -0.44 25.07 1.63
CA PHE H 455 -1.39 26.07 1.18
C PHE H 455 -2.58 26.10 2.13
N SER H 456 -3.28 27.23 2.15
CA SER H 456 -4.55 27.37 2.88
C SER H 456 -5.56 27.95 1.90
N GLY H 457 -6.49 27.13 1.44
CA GLY H 457 -7.36 27.55 0.36
C GLY H 457 -8.74 26.90 0.41
N PHE H 458 -9.42 26.88 -0.72
CA PHE H 458 -10.81 26.46 -0.79
C PHE H 458 -11.04 25.57 -1.99
N ILE H 459 -11.62 24.39 -1.78
CA ILE H 459 -11.95 23.48 -2.86
C ILE H 459 -13.40 23.75 -3.28
N VAL H 460 -13.60 24.11 -4.55
CA VAL H 460 -14.90 24.53 -5.02
C VAL H 460 -15.31 23.45 -6.03
N GLU H 461 -16.56 23.06 -6.02
CA GLU H 461 -17.02 22.01 -6.92
C GLU H 461 -17.98 22.60 -7.95
N LYS H 462 -17.34 22.92 -9.13
CA LYS H 462 -18.14 23.46 -10.25
C LYS H 462 -18.52 22.29 -11.15
N ASP H 463 -19.43 22.52 -12.12
CA ASP H 463 -19.79 21.48 -13.08
C ASP H 463 -18.71 21.41 -14.14
N ASP H 464 -18.28 20.19 -14.46
CA ASP H 464 -17.21 19.78 -15.38
C ASP H 464 -15.83 20.19 -14.84
N ARG H 465 -15.73 20.71 -13.63
CA ARG H 465 -14.52 21.36 -13.18
C ARG H 465 -14.54 21.48 -11.68
N ILE H 466 -13.58 20.87 -11.01
CA ILE H 466 -13.40 21.00 -9.57
C ILE H 466 -12.21 21.93 -9.39
N GLU H 467 -12.43 23.12 -8.86
CA GLU H 467 -11.32 24.05 -8.81
C GLU H 467 -10.82 24.19 -7.39
N ILE H 468 -9.54 24.04 -7.20
CA ILE H 468 -8.90 24.46 -5.98
C ILE H 468 -8.53 25.92 -6.17
N ASN H 469 -8.99 26.78 -5.27
CA ASN H 469 -8.90 28.22 -5.46
C ASN H 469 -8.43 28.83 -4.17
N ASP H 470 -7.52 29.80 -4.29
CA ASP H 470 -6.87 30.37 -3.11
C ASP H 470 -7.84 31.23 -2.30
N LYS H 471 -7.37 31.79 -1.19
CA LYS H 471 -8.21 32.62 -0.34
C LYS H 471 -8.68 33.89 -1.05
N ASN H 472 -7.88 34.38 -2.00
CA ASN H 472 -8.24 35.58 -2.75
C ASN H 472 -9.55 35.42 -3.53
N TRP H 473 -9.78 34.24 -4.11
CA TRP H 473 -11.04 33.88 -4.72
C TRP H 473 -12.20 34.01 -3.73
N PHE H 474 -12.01 33.51 -2.50
CA PHE H 474 -13.08 33.61 -1.53
C PHE H 474 -13.27 35.04 -1.05
N ASP H 475 -12.22 35.88 -1.05
CA ASP H 475 -12.47 37.26 -0.63
C ASP H 475 -13.32 37.98 -1.67
N MET H 476 -13.07 37.74 -2.96
CA MET H 476 -13.95 38.34 -3.96
C MET H 476 -15.37 37.73 -3.93
N ILE H 477 -15.46 36.40 -3.75
CA ILE H 477 -16.74 35.71 -3.79
C ILE H 477 -17.63 36.10 -2.61
N TRP H 478 -16.94 36.27 -1.44
CA TRP H 478 -17.67 36.72 -0.22
C TRP H 478 -17.99 38.22 -0.33
N ASN H 479 -17.07 39.02 -0.83
CA ASN H 479 -17.29 40.46 -0.95
C ASN H 479 -18.55 40.73 -1.76
N GLU H 480 -18.66 40.10 -2.94
CA GLU H 480 -19.83 40.22 -3.81
C GLU H 480 -21.14 39.84 -3.14
N GLU H 481 -21.14 38.76 -2.37
CA GLU H 481 -22.32 38.34 -1.61
C GLU H 481 -22.72 39.33 -0.54
N ALA H 504 -39.73 19.76 10.04
CA ALA H 504 -40.57 18.65 10.48
C ALA H 504 -40.00 18.01 11.75
N LEU H 505 -38.69 17.73 11.71
CA LEU H 505 -38.02 17.15 12.86
C LEU H 505 -37.93 18.18 13.99
N PRO H 506 -38.04 17.77 15.25
CA PRO H 506 -37.94 18.72 16.35
C PRO H 506 -36.52 19.24 16.53
N ASP H 507 -36.41 20.32 17.31
CA ASP H 507 -35.16 21.06 17.44
C ASP H 507 -34.77 21.17 18.91
N MET H 508 -34.01 20.19 19.39
CA MET H 508 -33.34 20.30 20.66
C MET H 508 -31.98 20.96 20.45
N SER H 509 -31.26 21.20 21.54
CA SER H 509 -29.94 21.80 21.48
C SER H 509 -28.87 20.72 21.63
N HIS H 510 -27.62 21.13 21.40
CA HIS H 510 -26.49 20.21 21.55
C HIS H 510 -26.35 19.74 22.99
N ASP H 511 -26.53 20.65 23.94
CA ASP H 511 -26.40 20.34 25.36
C ASP H 511 -27.49 19.37 25.82
N LYS H 512 -28.74 19.63 25.42
CA LYS H 512 -29.85 18.79 25.85
C LYS H 512 -29.79 17.41 25.20
N ILE H 513 -29.35 17.35 23.93
CA ILE H 513 -29.15 16.06 23.26
C ILE H 513 -28.07 15.26 23.96
N ILE H 514 -26.95 15.91 24.32
CA ILE H 514 -25.85 15.22 25.00
C ILE H 514 -26.28 14.73 26.38
N GLU H 515 -26.99 15.58 27.13
CA GLU H 515 -27.46 15.23 28.47
C GLU H 515 -28.48 14.10 28.44
N ASN H 516 -29.42 14.14 27.49
CA ASN H 516 -30.45 13.12 27.46
C ASN H 516 -29.92 11.79 26.91
N ILE H 517 -28.98 11.82 25.95
CA ILE H 517 -28.34 10.58 25.53
C ILE H 517 -27.49 9.99 26.65
N GLU H 518 -26.84 10.83 27.46
CA GLU H 518 -26.12 10.32 28.63
C GLU H 518 -27.05 9.69 29.66
N TYR H 519 -28.17 10.35 29.98
CA TYR H 519 -29.11 9.82 30.95
C TYR H 519 -29.77 8.54 30.45
N LEU H 520 -30.17 8.51 29.18
CA LEU H 520 -30.80 7.32 28.64
C LEU H 520 -29.79 6.24 28.27
N PHE H 521 -28.49 6.55 28.36
CA PHE H 521 -27.44 5.55 28.29
C PHE H 521 -27.09 4.98 29.66
N ASN H 522 -27.31 5.74 30.73
CA ASN H 522 -27.04 5.24 32.07
C ASN H 522 -28.27 4.64 32.75
N ILE H 523 -29.38 4.58 32.23
CA ILE H 523 -30.56 3.85 32.78
C ILE H 523 -30.83 2.72 31.78
N LYS H 524 -30.00 2.64 30.67
CA LYS H 524 -29.98 1.53 29.72
C LYS H 524 -31.24 1.52 28.83
N ILE H 525 -31.67 2.69 28.38
CA ILE H 525 -32.62 2.81 27.25
C ILE H 525 -31.88 2.87 25.93
N LEU H 526 -30.92 3.78 25.84
CA LEU H 526 -30.05 3.87 24.69
C LEU H 526 -28.84 3.01 25.02
N SER H 527 -28.79 1.85 24.40
CA SER H 527 -27.65 0.97 24.58
C SER H 527 -26.59 1.28 23.55
N LYS H 528 -25.61 0.40 23.40
CA LYS H 528 -24.61 0.56 22.36
C LYS H 528 -24.98 -0.15 21.06
N ASN H 529 -25.95 -1.14 21.26
CA ASN H 529 -26.47 -1.81 20.05
C ASN H 529 -27.46 -0.85 19.40
N ARG H 530 -28.15 -0.08 20.13
CA ARG H 530 -29.15 0.88 19.65
C ARG H 530 -28.48 2.07 18.98
N ILE H 531 -27.39 2.56 19.58
CA ILE H 531 -26.66 3.70 19.01
C ILE H 531 -25.97 3.29 17.71
N LYS H 532 -25.41 2.08 17.67
CA LYS H 532 -24.78 1.57 16.46
C LYS H 532 -25.79 1.38 15.33
N GLU H 533 -26.96 0.82 15.65
CA GLU H 533 -27.99 0.62 14.64
C GLU H 533 -28.58 1.95 14.17
N PHE H 534 -28.72 2.93 15.08
CA PHE H 534 -29.14 4.26 14.68
C PHE H 534 -28.12 4.94 13.77
N TRP H 535 -26.82 4.78 14.06
CA TRP H 535 -25.79 5.31 13.17
C TRP H 535 -25.80 4.62 11.81
N GLU H 536 -26.03 3.30 11.77
CA GLU H 536 -26.14 2.60 10.49
C GLU H 536 -27.33 3.09 9.68
N GLU H 537 -28.49 3.25 10.31
CA GLU H 537 -29.66 3.74 9.59
C GLU H 537 -29.52 5.20 9.20
N PHE H 538 -28.81 6.00 9.99
CA PHE H 538 -28.54 7.38 9.63
C PHE H 538 -27.55 7.49 8.46
N CYS H 539 -26.60 6.55 8.38
CA CYS H 539 -25.76 6.45 7.19
C CYS H 539 -26.59 6.04 5.98
N LYS H 540 -27.59 5.18 6.19
CA LYS H 540 -28.53 4.83 5.13
C LYS H 540 -29.46 5.98 4.76
N GLY H 541 -29.56 7.02 5.57
CA GLY H 541 -30.33 8.20 5.24
C GLY H 541 -31.15 8.68 6.43
N GLN H 542 -31.57 9.94 6.36
CA GLN H 542 -32.30 10.53 7.48
C GLN H 542 -33.70 9.96 7.63
N LYS H 543 -34.38 9.66 6.52
CA LYS H 543 -35.69 9.05 6.61
C LYS H 543 -35.61 7.59 7.06
N ALA H 544 -34.50 6.92 6.77
CA ALA H 544 -34.26 5.59 7.32
C ALA H 544 -34.09 5.63 8.83
N ALA H 545 -33.41 6.67 9.33
CA ALA H 545 -33.28 6.84 10.78
C ALA H 545 -34.62 7.17 11.43
N ILE H 546 -35.44 8.00 10.77
CA ILE H 546 -36.79 8.28 11.25
C ILE H 546 -37.64 7.02 11.28
N LYS H 547 -37.53 6.17 10.25
CA LYS H 547 -38.24 4.90 10.23
C LYS H 547 -37.77 3.97 11.34
N TYR H 548 -36.46 3.93 11.61
CA TYR H 548 -35.93 3.08 12.67
C TYR H 548 -36.44 3.49 14.04
N ILE H 549 -36.39 4.79 14.34
CA ILE H 549 -36.81 5.24 15.67
C ILE H 549 -38.33 5.17 15.80
N THR H 550 -39.05 5.37 14.70
CA THR H 550 -40.50 5.18 14.73
C THR H 550 -40.86 3.71 14.94
N GLN H 551 -40.08 2.79 14.34
CA GLN H 551 -40.36 1.37 14.51
C GLN H 551 -40.04 0.90 15.92
N VAL H 552 -39.00 1.47 16.53
CA VAL H 552 -38.66 1.12 17.91
C VAL H 552 -39.68 1.72 18.88
N HIS H 553 -40.01 3.00 18.69
CA HIS H 553 -40.83 3.73 19.65
C HIS H 553 -42.32 3.37 19.56
N ARG H 554 -42.75 2.72 18.47
CA ARG H 554 -44.16 2.41 18.28
C ARG H 554 -44.65 1.40 19.31
N LYS H 555 -45.56 1.84 20.17
CA LYS H 555 -46.25 0.95 21.09
C LYS H 555 -47.27 0.15 20.29
N ASN H 556 -47.10 -1.17 20.29
CA ASN H 556 -48.01 -2.07 19.58
C ASN H 556 -49.36 -2.05 20.28
N PRO H 557 -50.47 -1.88 19.55
CA PRO H 557 -51.80 -1.82 20.19
C PRO H 557 -52.18 -3.06 21.01
N ASN H 558 -51.84 -4.25 20.53
CA ASN H 558 -52.28 -5.47 21.20
C ASN H 558 -51.47 -5.75 22.46
N THR H 559 -50.14 -5.70 22.35
CA THR H 559 -49.30 -6.04 23.50
C THR H 559 -49.12 -4.85 24.44
N GLY H 560 -48.89 -3.66 23.89
CA GLY H 560 -48.58 -2.51 24.72
C GLY H 560 -47.10 -2.44 25.04
N ARG H 561 -46.27 -2.84 24.09
CA ARG H 561 -44.82 -2.92 24.26
C ARG H 561 -44.15 -2.04 23.23
N ARG H 562 -43.18 -1.25 23.66
CA ARG H 562 -42.29 -0.54 22.74
C ARG H 562 -40.93 -1.21 22.76
N ASN H 563 -40.29 -1.25 21.59
CA ASN H 563 -39.03 -1.97 21.39
C ASN H 563 -37.81 -1.27 21.97
N TRP H 564 -37.92 -0.21 22.78
CA TRP H 564 -36.77 0.29 23.52
C TRP H 564 -36.37 -0.71 24.59
N ASN H 565 -35.20 -0.48 25.19
CA ASN H 565 -34.73 -1.33 26.32
C ASN H 565 -35.33 -0.80 27.61
N PRO H 566 -36.00 -1.64 28.43
CA PRO H 566 -36.67 -1.14 29.62
C PRO H 566 -35.68 -0.38 30.50
N PRO H 567 -36.13 0.63 31.28
CA PRO H 567 -35.24 1.44 32.11
C PRO H 567 -34.85 0.78 33.44
N GLU H 568 -33.56 0.69 33.73
CA GLU H 568 -33.01 0.09 34.92
C GLU H 568 -33.20 1.07 36.07
N GLY H 569 -33.77 0.59 37.15
CA GLY H 569 -34.05 1.39 38.31
C GLY H 569 -35.54 1.45 38.58
N ASP H 570 -35.90 2.25 39.57
CA ASP H 570 -37.28 2.38 40.02
C ASP H 570 -37.94 3.53 39.25
N PHE H 571 -38.85 3.18 38.35
CA PHE H 571 -39.69 4.16 37.66
C PHE H 571 -41.09 3.58 37.52
N THR H 572 -42.09 4.45 37.58
CA THR H 572 -43.47 4.04 37.34
C THR H 572 -43.76 4.04 35.84
N ASP H 573 -44.97 3.57 35.49
CA ASP H 573 -45.36 3.43 34.08
C ASP H 573 -45.40 4.78 33.37
N ASN H 574 -45.93 5.80 34.03
CA ASN H 574 -45.96 7.15 33.46
C ASN H 574 -44.56 7.72 33.32
N GLU H 575 -43.69 7.46 34.31
CA GLU H 575 -42.29 7.86 34.23
C GLU H 575 -41.56 7.13 33.12
N ILE H 576 -41.84 5.83 32.96
CA ILE H 576 -41.19 5.02 31.93
C ILE H 576 -41.61 5.50 30.54
N GLU H 577 -42.89 5.85 30.36
CA GLU H 577 -43.33 6.42 29.09
C GLU H 577 -42.73 7.81 28.85
N LYS H 578 -42.58 8.60 29.92
CA LYS H 578 -41.94 9.91 29.79
C LYS H 578 -40.45 9.82 29.50
N LEU H 579 -39.81 8.70 29.84
CA LEU H 579 -38.42 8.46 29.45
C LEU H 579 -38.32 7.94 28.02
N TYR H 580 -39.27 7.09 27.61
CA TYR H 580 -39.30 6.58 26.24
C TYR H 580 -39.57 7.70 25.24
N GLU H 581 -40.45 8.63 25.59
CA GLU H 581 -40.72 9.77 24.70
C GLU H 581 -39.51 10.71 24.63
N THR H 582 -38.77 10.80 25.74
CA THR H 582 -37.50 11.53 25.73
C THR H 582 -36.49 10.88 24.80
N ALA H 583 -36.45 9.54 24.79
CA ALA H 583 -35.60 8.82 23.85
C ALA H 583 -36.00 9.08 22.40
N TYR H 584 -37.31 9.07 22.14
CA TYR H 584 -37.85 9.36 20.81
C TYR H 584 -37.47 10.76 20.33
N ASN H 585 -37.69 11.76 21.18
CA ASN H 585 -37.43 13.15 20.78
C ASN H 585 -35.94 13.44 20.68
N THR H 586 -35.14 12.90 21.61
CA THR H 586 -33.70 13.14 21.59
C THR H 586 -33.04 12.48 20.41
N LEU H 587 -33.49 11.29 20.00
CA LEU H 587 -32.91 10.72 18.81
C LEU H 587 -33.49 11.31 17.53
N LEU H 588 -34.75 11.77 17.52
CA LEU H 588 -35.30 12.44 16.34
C LEU H 588 -34.63 13.79 16.09
N SER H 589 -34.26 14.50 17.17
CA SER H 589 -33.59 15.79 17.01
C SER H 589 -32.17 15.60 16.51
N LEU H 590 -31.57 14.44 16.77
CA LEU H 590 -30.24 14.15 16.25
C LEU H 590 -30.24 13.97 14.75
N ILE H 591 -31.35 13.48 14.17
CA ILE H 591 -31.44 13.24 12.73
C ILE H 591 -31.35 14.54 11.94
N LYS H 592 -31.82 15.64 12.53
CA LYS H 592 -31.74 16.96 11.87
C LYS H 592 -30.29 17.41 11.72
N TYR H 593 -29.44 17.03 12.66
CA TYR H 593 -28.05 17.49 12.68
C TYR H 593 -27.24 16.76 11.61
N ASP H 594 -26.08 17.32 11.28
CA ASP H 594 -25.27 16.78 10.19
C ASP H 594 -24.53 15.52 10.62
N LYS H 595 -24.00 14.80 9.63
CA LYS H 595 -23.48 13.44 9.81
C LYS H 595 -22.28 13.40 10.74
N ASN H 596 -21.31 14.29 10.51
CA ASN H 596 -20.13 14.35 11.36
C ASN H 596 -20.49 14.77 12.78
N LYS H 597 -21.46 15.68 12.92
CA LYS H 597 -21.90 16.12 14.24
C LYS H 597 -22.58 14.99 15.01
N VAL H 598 -23.38 14.16 14.31
CA VAL H 598 -23.99 12.99 14.93
C VAL H 598 -22.91 11.99 15.34
N TYR H 599 -21.89 11.83 14.49
CA TYR H 599 -20.74 10.97 14.81
C TYR H 599 -20.01 11.44 16.05
N ASN H 600 -19.78 12.75 16.17
CA ASN H 600 -19.08 13.29 17.33
C ASN H 600 -19.92 13.18 18.60
N ILE H 601 -21.25 13.34 18.46
CA ILE H 601 -22.12 13.17 19.61
C ILE H 601 -22.20 11.69 20.02
N LEU H 602 -22.19 10.78 19.05
CA LEU H 602 -22.35 9.36 19.29
C LEU H 602 -21.04 8.58 19.19
N ILE H 603 -19.93 9.17 19.65
CA ILE H 603 -18.67 8.45 19.79
C ILE H 603 -18.16 8.45 21.22
N ASN H 604 -18.77 9.22 22.12
CA ASN H 604 -18.47 9.14 23.54
C ASN H 604 -19.25 8.04 24.23
N PHE H 605 -20.19 7.40 23.54
CA PHE H 605 -21.09 6.45 24.16
C PHE H 605 -20.86 5.06 23.56
N ASN H 606 -20.99 4.96 22.25
CA ASN H 606 -20.49 3.80 21.51
C ASN H 606 -19.23 4.28 20.79
N PRO H 607 -18.04 3.97 21.32
CA PRO H 607 -16.81 4.51 20.72
C PRO H 607 -16.35 3.78 19.46
N LYS H 608 -17.19 2.89 18.91
CA LYS H 608 -16.90 2.22 17.65
C LYS H 608 -17.94 2.58 16.58
N LEU H 609 -18.93 3.40 16.92
CA LEU H 609 -19.98 3.81 15.98
C LEU H 609 -20.65 5.08 16.47
N VAL I 435 19.67 34.91 14.12
CA VAL I 435 18.52 34.03 14.02
C VAL I 435 18.26 33.37 15.38
N VAL I 436 17.01 32.97 15.63
CA VAL I 436 16.56 32.58 16.96
C VAL I 436 16.21 31.09 16.98
N LEU I 437 16.69 30.38 17.99
CA LEU I 437 16.37 28.97 18.20
C LEU I 437 15.23 28.86 19.22
N ASN I 438 14.08 28.37 18.76
CA ASN I 438 12.96 28.02 19.64
C ASN I 438 12.87 26.52 19.89
N ILE I 439 14.02 25.84 19.90
CA ILE I 439 14.12 24.40 20.09
C ILE I 439 14.91 24.17 21.36
N ASN I 440 14.46 23.21 22.18
CA ASN I 440 15.26 22.78 23.33
C ASN I 440 16.57 22.17 22.82
N THR I 441 17.68 22.67 23.33
CA THR I 441 19.00 22.26 22.89
C THR I 441 19.51 21.02 23.64
N ASP I 442 18.59 20.28 24.26
CA ASP I 442 18.89 19.01 24.92
C ASP I 442 18.94 17.91 23.87
N ASN I 443 19.24 16.66 24.45
CA ASN I 443 19.41 15.49 23.56
C ASN I 443 20.65 15.73 22.71
N MET I 444 21.63 16.39 23.24
CA MET I 444 22.84 16.65 22.49
C MET I 444 23.80 15.50 22.71
N CYS I 445 24.11 14.79 21.63
CA CYS I 445 24.99 13.64 21.68
C CYS I 445 26.45 14.07 21.52
N ASN I 446 27.33 13.10 21.30
CA ASN I 446 28.74 13.42 21.08
C ASN I 446 29.23 12.51 19.94
N PHE I 447 29.19 13.06 18.73
CA PHE I 447 29.77 12.41 17.56
C PHE I 447 31.11 13.06 17.27
N ALA I 448 32.17 12.24 17.23
CA ALA I 448 33.58 12.62 17.02
C ALA I 448 33.96 13.64 18.10
N SER I 449 34.45 14.83 17.74
CA SER I 449 34.72 15.89 18.70
C SER I 449 33.68 16.99 18.60
N TYR I 450 32.48 16.65 18.12
CA TYR I 450 31.41 17.60 17.91
C TYR I 450 30.21 17.18 18.75
N ARG I 451 29.35 18.15 19.07
CA ARG I 451 28.09 17.88 19.73
C ARG I 451 26.95 18.11 18.76
N LEU I 452 26.09 17.10 18.63
CA LEU I 452 25.07 17.07 17.59
C LEU I 452 23.71 16.77 18.21
N MET I 453 22.66 17.18 17.52
CA MET I 453 21.32 16.68 17.81
C MET I 453 20.58 16.55 16.49
N PRO I 454 20.05 15.36 16.19
CA PRO I 454 19.24 15.16 14.99
C PRO I 454 17.91 15.89 15.04
N PHE I 455 17.64 16.74 14.04
CA PHE I 455 16.50 17.64 14.06
C PHE I 455 15.67 17.44 12.80
N SER I 456 14.40 17.83 12.89
CA SER I 456 13.49 17.85 11.76
C SER I 456 12.46 18.90 12.12
N GLY I 457 12.45 20.01 11.37
CA GLY I 457 11.62 21.17 11.70
C GLY I 457 11.39 22.14 10.55
N PHE I 458 10.99 23.36 10.92
CA PHE I 458 10.57 24.45 10.05
C PHE I 458 11.39 25.71 10.32
N ILE I 459 11.97 26.28 9.26
CA ILE I 459 12.60 27.60 9.34
C ILE I 459 11.57 28.66 8.98
N VAL I 460 10.89 29.23 9.97
CA VAL I 460 10.03 30.37 9.66
C VAL I 460 10.88 31.63 9.59
N GLU I 461 10.54 32.53 8.66
CA GLU I 461 11.19 33.83 8.57
C GLU I 461 10.16 34.93 8.79
N LYS I 462 10.50 35.85 9.70
CA LYS I 462 9.69 37.06 9.93
C LYS I 462 10.55 38.13 10.58
N ASP I 463 10.77 39.24 9.87
CA ASP I 463 11.40 40.47 10.36
C ASP I 463 12.84 40.24 10.82
N ASP I 464 13.58 39.38 10.11
CA ASP I 464 14.97 38.97 10.34
C ASP I 464 15.16 38.20 11.64
N ARG I 465 13.98 37.77 12.28
CA ARG I 465 14.16 36.93 13.50
C ARG I 465 14.60 35.53 13.06
N ILE I 466 14.19 35.07 11.93
CA ILE I 466 14.39 33.76 11.30
C ILE I 466 14.37 32.62 12.31
N GLU I 467 13.18 32.31 12.81
CA GLU I 467 13.02 31.45 13.98
C GLU I 467 13.09 30.00 13.55
N ILE I 468 14.03 29.25 14.12
CA ILE I 468 14.05 27.81 13.87
C ILE I 468 13.14 27.19 14.91
N ASN I 469 11.89 26.96 14.52
CA ASN I 469 10.85 26.41 15.36
C ASN I 469 10.88 24.89 15.33
N ASP I 470 9.81 24.24 15.74
CA ASP I 470 9.75 22.78 15.77
C ASP I 470 8.47 22.34 15.06
N LYS I 471 8.15 21.05 15.19
CA LYS I 471 6.93 20.46 14.67
C LYS I 471 5.69 20.87 15.47
N ASN I 472 5.88 21.40 16.69
CA ASN I 472 4.79 21.78 17.57
C ASN I 472 4.25 23.18 17.32
N TRP I 473 5.11 24.10 16.86
CA TRP I 473 4.63 25.41 16.43
C TRP I 473 3.73 25.29 15.21
N PHE I 474 4.12 24.43 14.28
CA PHE I 474 3.45 24.33 13.00
C PHE I 474 2.09 23.67 13.12
N ASP I 475 1.95 22.77 14.09
CA ASP I 475 0.65 22.13 14.31
C ASP I 475 -0.35 23.16 14.84
N MET I 476 0.11 24.02 15.75
CA MET I 476 -0.69 25.13 16.25
C MET I 476 -1.04 26.10 15.14
N ILE I 477 -0.08 26.41 14.27
CA ILE I 477 -0.26 27.39 13.22
C ILE I 477 -1.17 26.81 12.14
N TRP I 478 -1.13 25.49 11.98
CA TRP I 478 -2.01 24.79 11.08
C TRP I 478 -3.45 24.80 11.59
N ASN I 479 -3.62 24.61 12.90
CA ASN I 479 -4.94 24.73 13.48
C ASN I 479 -5.47 26.17 13.38
N GLU I 480 -4.58 27.16 13.49
CA GLU I 480 -4.97 28.55 13.31
C GLU I 480 -5.54 28.81 11.92
N GLU I 481 -4.83 28.33 10.88
CA GLU I 481 -5.38 28.52 9.54
C GLU I 481 -6.58 27.64 9.24
N TYR I 482 -6.64 26.44 9.80
CA TYR I 482 -7.77 25.57 9.56
C TYR I 482 -9.04 26.16 10.17
N ASN I 483 -8.95 26.70 11.39
CA ASN I 483 -10.12 27.35 11.98
C ASN I 483 -10.43 28.68 11.30
N LYS I 484 -9.41 29.37 10.79
CA LYS I 484 -9.67 30.61 10.06
C LYS I 484 -10.41 30.34 8.75
N MET I 485 -10.01 29.26 8.05
CA MET I 485 -10.77 28.92 6.83
C MET I 485 -12.17 28.47 7.25
N ARG I 486 -12.26 27.51 8.15
CA ARG I 486 -13.56 26.94 8.51
C ARG I 486 -14.43 27.89 9.31
N SER I 487 -13.98 29.11 9.61
CA SER I 487 -14.74 30.10 10.35
C SER I 487 -15.58 31.02 9.46
N GLN I 488 -15.07 31.37 8.29
CA GLN I 488 -15.73 32.34 7.41
C GLN I 488 -16.83 31.72 6.56
N ILE I 489 -17.14 30.45 6.79
CA ILE I 489 -18.24 29.80 6.11
C ILE I 489 -19.37 29.49 7.09
N ALA I 504 -3.17 19.11 32.19
CA ALA I 504 -2.61 18.93 33.53
C ALA I 504 -2.19 17.48 33.74
N LEU I 505 -0.96 17.18 33.37
CA LEU I 505 -0.38 15.85 33.49
C LEU I 505 0.45 15.74 34.77
N PRO I 506 0.37 14.59 35.45
CA PRO I 506 1.14 14.42 36.69
C PRO I 506 2.64 14.43 36.42
N ASP I 507 3.38 15.12 37.28
CA ASP I 507 4.83 15.25 37.13
C ASP I 507 5.52 14.20 38.00
N MET I 508 5.83 13.07 37.39
CA MET I 508 6.77 12.12 37.95
C MET I 508 8.14 12.41 37.38
N SER I 509 9.17 12.23 38.21
CA SER I 509 10.54 12.44 37.76
C SER I 509 10.97 11.35 36.79
N HIS I 510 12.07 11.63 36.07
CA HIS I 510 12.57 10.76 35.01
C HIS I 510 12.95 9.37 35.53
N ASP I 511 13.56 9.32 36.72
CA ASP I 511 13.95 8.06 37.33
C ASP I 511 12.74 7.24 37.74
N LYS I 512 11.69 7.90 38.23
CA LYS I 512 10.45 7.19 38.57
C LYS I 512 9.80 6.61 37.32
N ILE I 513 9.81 7.36 36.21
CA ILE I 513 9.27 6.88 34.94
C ILE I 513 10.03 5.65 34.48
N ILE I 514 11.36 5.70 34.55
CA ILE I 514 12.20 4.57 34.13
C ILE I 514 11.98 3.35 35.01
N GLU I 515 11.90 3.55 36.33
CA GLU I 515 11.68 2.44 37.27
C GLU I 515 10.30 1.80 37.09
N ASN I 516 9.25 2.62 36.98
CA ASN I 516 7.91 2.07 36.79
C ASN I 516 7.76 1.40 35.44
N ILE I 517 8.39 1.96 34.39
CA ILE I 517 8.33 1.33 33.08
C ILE I 517 9.09 0.00 33.08
N GLU I 518 10.22 -0.06 33.79
CA GLU I 518 10.98 -1.31 33.90
C GLU I 518 10.20 -2.39 34.66
N TYR I 519 9.50 -2.01 35.74
CA TYR I 519 8.71 -3.01 36.43
C TYR I 519 7.51 -3.45 35.61
N LEU I 520 6.83 -2.51 34.94
CA LEU I 520 5.62 -2.84 34.21
C LEU I 520 5.91 -3.51 32.87
N PHE I 521 7.17 -3.52 32.43
CA PHE I 521 7.60 -4.30 31.27
C PHE I 521 8.00 -5.71 31.67
N ASN I 522 8.28 -5.94 32.96
CA ASN I 522 8.69 -7.25 33.45
C ASN I 522 7.53 -8.06 34.04
N ILE I 523 6.50 -7.40 34.56
CA ILE I 523 5.25 -8.08 34.88
C ILE I 523 4.34 -8.18 33.68
N LYS I 524 4.80 -7.72 32.50
CA LYS I 524 4.13 -7.85 31.21
C LYS I 524 2.78 -7.14 31.15
N ILE I 525 2.73 -5.96 31.76
CA ILE I 525 1.64 -5.02 31.54
C ILE I 525 1.95 -4.07 30.39
N LEU I 526 3.12 -3.45 30.43
CA LEU I 526 3.63 -2.68 29.28
C LEU I 526 4.40 -3.64 28.39
N SER I 527 3.79 -4.02 27.28
CA SER I 527 4.45 -4.85 26.30
C SER I 527 5.11 -4.00 25.23
N LYS I 528 5.85 -4.67 24.34
CA LYS I 528 6.50 -3.99 23.23
C LYS I 528 5.48 -3.41 22.26
N ASN I 529 4.39 -4.14 22.02
CA ASN I 529 3.31 -3.65 21.17
C ASN I 529 2.62 -2.45 21.82
N ARG I 530 2.46 -2.49 23.15
CA ARG I 530 1.87 -1.36 23.87
C ARG I 530 2.74 -0.11 23.79
N ILE I 531 4.06 -0.29 23.97
CA ILE I 531 5.00 0.81 23.89
C ILE I 531 5.05 1.38 22.47
N LYS I 532 4.97 0.51 21.46
CA LYS I 532 4.94 0.98 20.07
C LYS I 532 3.67 1.77 19.77
N GLU I 533 2.50 1.29 20.23
CA GLU I 533 1.27 2.03 19.97
C GLU I 533 1.21 3.34 20.74
N PHE I 534 1.78 3.36 21.95
CA PHE I 534 1.90 4.63 22.68
C PHE I 534 2.83 5.59 21.95
N TRP I 535 3.88 5.07 21.31
CA TRP I 535 4.75 5.93 20.52
C TRP I 535 4.04 6.49 19.30
N GLU I 536 3.23 5.66 18.63
CA GLU I 536 2.44 6.13 17.48
C GLU I 536 1.45 7.22 17.88
N GLU I 537 0.72 7.01 18.98
CA GLU I 537 -0.26 7.99 19.39
C GLU I 537 0.38 9.23 20.02
N PHE I 538 1.58 9.10 20.57
CA PHE I 538 2.33 10.29 20.99
C PHE I 538 2.80 11.09 19.79
N CYS I 539 3.19 10.40 18.71
CA CYS I 539 3.54 11.08 17.48
C CYS I 539 2.34 11.80 16.89
N LYS I 540 1.14 11.22 17.04
CA LYS I 540 -0.07 11.89 16.56
C LYS I 540 -0.44 13.12 17.39
N GLY I 541 0.07 13.25 18.59
CA GLY I 541 -0.16 14.42 19.43
C GLY I 541 -0.34 14.04 20.88
N GLN I 542 -0.25 15.03 21.76
CA GLN I 542 -0.40 14.78 23.19
C GLN I 542 -1.84 14.42 23.55
N LYS I 543 -2.82 15.10 22.93
CA LYS I 543 -4.22 14.81 23.22
C LYS I 543 -4.62 13.41 22.76
N ALA I 544 -4.15 13.00 21.58
CA ALA I 544 -4.36 11.63 21.12
C ALA I 544 -3.68 10.62 22.01
N ALA I 545 -2.55 10.99 22.59
CA ALA I 545 -1.86 10.03 23.44
C ALA I 545 -2.57 9.88 24.78
N ILE I 546 -3.08 10.99 25.37
CA ILE I 546 -3.95 10.91 26.56
C ILE I 546 -5.21 10.13 26.26
N LYS I 547 -5.79 10.32 25.07
CA LYS I 547 -6.97 9.59 24.64
C LYS I 547 -6.70 8.09 24.53
N TYR I 548 -5.53 7.72 23.99
CA TYR I 548 -5.17 6.31 23.87
C TYR I 548 -4.96 5.66 25.24
N ILE I 549 -4.25 6.34 26.15
CA ILE I 549 -4.00 5.77 27.47
C ILE I 549 -5.29 5.69 28.29
N THR I 550 -6.18 6.68 28.11
CA THR I 550 -7.49 6.64 28.76
C THR I 550 -8.33 5.50 28.21
N GLN I 551 -8.25 5.25 26.89
CA GLN I 551 -8.94 4.12 26.29
C GLN I 551 -8.45 2.79 26.84
N VAL I 552 -7.13 2.65 27.00
CA VAL I 552 -6.56 1.41 27.51
C VAL I 552 -6.89 1.22 28.99
N HIS I 553 -6.83 2.28 29.79
CA HIS I 553 -7.03 2.17 31.23
C HIS I 553 -8.50 2.12 31.63
N ARG I 554 -9.43 2.39 30.71
CA ARG I 554 -10.84 2.49 31.06
C ARG I 554 -11.40 1.14 31.47
N LYS I 555 -11.88 1.06 32.71
CA LYS I 555 -12.62 -0.08 33.20
C LYS I 555 -14.02 0.01 32.61
N ASN I 556 -14.36 -0.92 31.71
CA ASN I 556 -15.70 -1.03 31.18
C ASN I 556 -16.67 -1.35 32.32
N PRO I 557 -17.76 -0.57 32.48
CA PRO I 557 -18.70 -0.82 33.58
C PRO I 557 -19.43 -2.15 33.50
N ASN I 558 -19.48 -2.75 32.33
CA ASN I 558 -20.17 -4.01 32.12
C ASN I 558 -19.30 -5.23 32.39
N THR I 559 -18.07 -5.25 31.86
CA THR I 559 -17.20 -6.40 32.05
C THR I 559 -16.33 -6.29 33.29
N GLY I 560 -15.97 -5.08 33.70
CA GLY I 560 -15.08 -4.90 34.82
C GLY I 560 -13.62 -5.06 34.49
N ARG I 561 -13.23 -4.83 33.25
CA ARG I 561 -11.88 -5.11 32.79
C ARG I 561 -11.30 -3.90 32.09
N ARG I 562 -9.97 -3.91 31.93
CA ARG I 562 -9.27 -2.84 31.23
C ARG I 562 -8.42 -3.44 30.13
N ASN I 563 -8.07 -2.62 29.15
CA ASN I 563 -7.37 -3.08 27.96
C ASN I 563 -5.86 -3.22 28.16
N TRP I 564 -5.36 -3.16 29.39
CA TRP I 564 -3.97 -3.51 29.64
C TRP I 564 -3.80 -5.02 29.59
N ASN I 565 -2.61 -5.46 29.24
CA ASN I 565 -2.26 -6.87 29.37
C ASN I 565 -2.18 -7.23 30.85
N PRO I 566 -2.70 -8.39 31.26
CA PRO I 566 -2.74 -8.72 32.68
C PRO I 566 -1.34 -8.93 33.23
N PRO I 567 -1.14 -8.62 34.52
CA PRO I 567 0.18 -8.82 35.13
C PRO I 567 0.56 -10.29 35.20
N GLU I 568 1.75 -10.60 34.70
CA GLU I 568 2.28 -11.95 34.83
C GLU I 568 2.87 -12.12 36.21
N GLY I 569 2.51 -13.22 36.88
CA GLY I 569 2.92 -13.44 38.24
C GLY I 569 1.72 -13.46 39.17
N ASP I 570 1.90 -13.97 40.38
CA ASP I 570 0.80 -14.12 41.32
C ASP I 570 0.60 -12.84 42.10
N PHE I 571 -0.58 -12.23 41.97
CA PHE I 571 -0.92 -11.01 42.68
C PHE I 571 -2.33 -11.18 43.25
N THR I 572 -2.82 -10.12 43.89
CA THR I 572 -4.20 -10.00 44.28
C THR I 572 -4.88 -8.99 43.38
N ASP I 573 -6.22 -8.96 43.45
CA ASP I 573 -6.99 -8.07 42.59
C ASP I 573 -6.67 -6.61 42.88
N ASN I 574 -6.53 -6.24 44.15
CA ASN I 574 -6.18 -4.88 44.52
C ASN I 574 -4.77 -4.53 44.04
N GLU I 575 -3.84 -5.47 44.15
CA GLU I 575 -2.48 -5.27 43.64
C GLU I 575 -2.47 -5.14 42.12
N ILE I 576 -3.29 -5.95 41.45
CA ILE I 576 -3.39 -5.92 39.99
C ILE I 576 -3.94 -4.57 39.51
N GLU I 577 -4.97 -4.04 40.18
CA GLU I 577 -5.50 -2.75 39.77
C GLU I 577 -4.57 -1.60 40.16
N LYS I 578 -3.81 -1.76 41.26
CA LYS I 578 -2.78 -0.78 41.60
C LYS I 578 -1.69 -0.72 40.54
N LEU I 579 -1.30 -1.89 40.01
CA LEU I 579 -0.31 -1.95 38.93
C LEU I 579 -0.87 -1.35 37.64
N TYR I 580 -2.17 -1.55 37.38
CA TYR I 580 -2.82 -0.91 36.25
C TYR I 580 -2.84 0.61 36.38
N GLU I 581 -3.13 1.12 37.58
CA GLU I 581 -3.14 2.56 37.81
C GLU I 581 -1.72 3.15 37.74
N THR I 582 -0.72 2.37 38.14
CA THR I 582 0.68 2.76 37.95
C THR I 582 1.03 2.87 36.47
N ALA I 583 0.51 1.94 35.65
CA ALA I 583 0.72 2.01 34.21
C ALA I 583 0.08 3.26 33.61
N TYR I 584 -1.15 3.57 34.05
CA TYR I 584 -1.85 4.79 33.62
C TYR I 584 -1.07 6.05 33.98
N ASN I 585 -0.63 6.13 35.25
CA ASN I 585 0.03 7.33 35.74
C ASN I 585 1.40 7.51 35.11
N THR I 586 2.14 6.40 34.93
CA THR I 586 3.47 6.48 34.31
C THR I 586 3.41 6.91 32.86
N LEU I 587 2.46 6.36 32.09
CA LEU I 587 2.39 6.75 30.68
C LEU I 587 1.82 8.16 30.50
N LEU I 588 0.85 8.54 31.36
CA LEU I 588 0.33 9.90 31.33
C LEU I 588 1.40 10.91 31.74
N SER I 589 2.24 10.56 32.71
CA SER I 589 3.39 11.37 33.06
C SER I 589 4.47 11.38 31.99
N LEU I 590 4.50 10.38 31.11
CA LEU I 590 5.41 10.39 29.97
C LEU I 590 4.98 11.35 28.87
N ILE I 591 3.66 11.59 28.76
CA ILE I 591 3.08 12.49 27.75
C ILE I 591 3.59 13.90 28.03
N LYS I 592 3.85 14.19 29.32
CA LYS I 592 4.29 15.51 29.75
C LYS I 592 5.63 15.89 29.14
N TYR I 593 6.53 14.93 28.96
CA TYR I 593 7.87 15.20 28.43
C TYR I 593 7.81 15.49 26.93
N ASP I 594 8.98 15.74 26.33
CA ASP I 594 9.07 16.01 24.91
C ASP I 594 9.40 14.74 24.15
N LYS I 595 9.28 14.84 22.81
CA LYS I 595 9.33 13.67 21.92
C LYS I 595 10.67 12.95 21.98
N ASN I 596 11.76 13.72 22.09
CA ASN I 596 13.09 13.13 22.13
C ASN I 596 13.35 12.35 23.40
N LYS I 597 12.91 12.89 24.54
CA LYS I 597 13.09 12.20 25.82
C LYS I 597 12.21 10.97 25.93
N VAL I 598 10.98 11.04 25.40
CA VAL I 598 10.10 9.88 25.35
C VAL I 598 10.70 8.80 24.47
N TYR I 599 11.30 9.20 23.34
CA TYR I 599 11.98 8.24 22.46
C TYR I 599 13.16 7.58 23.17
N ASN I 600 13.95 8.36 23.89
CA ASN I 600 15.12 7.81 24.57
C ASN I 600 14.71 6.92 25.75
N ILE I 601 13.59 7.22 26.40
CA ILE I 601 13.09 6.34 27.46
C ILE I 601 12.57 5.02 26.87
N LEU I 602 11.78 5.11 25.80
CA LEU I 602 11.11 3.91 25.29
C LEU I 602 11.99 3.07 24.38
N ILE I 603 13.13 3.59 23.91
CA ILE I 603 13.98 2.80 23.01
C ILE I 603 14.81 1.77 23.77
N ASN I 604 14.94 1.90 25.08
CA ASN I 604 15.64 0.92 25.89
C ASN I 604 14.72 -0.19 26.38
N PHE I 605 13.47 -0.20 25.93
CA PHE I 605 12.52 -1.25 26.26
C PHE I 605 11.82 -1.85 25.06
N ASN I 606 11.86 -1.18 23.91
CA ASN I 606 11.29 -1.68 22.66
C ASN I 606 12.03 -1.02 21.50
N PRO I 607 13.12 -1.64 20.99
CA PRO I 607 13.85 -1.10 19.85
C PRO I 607 13.18 -1.46 18.52
N LYS J 3 14.27 -29.33 -24.31
CA LYS J 3 13.94 -29.43 -22.89
C LYS J 3 12.47 -29.19 -22.67
N THR J 4 11.97 -29.66 -21.54
CA THR J 4 10.57 -29.55 -21.19
C THR J 4 10.44 -28.92 -19.82
N MET J 5 9.19 -28.75 -19.41
CA MET J 5 8.82 -28.17 -18.13
C MET J 5 7.49 -28.75 -17.70
N LYS J 6 7.35 -29.03 -16.41
CA LYS J 6 6.06 -29.47 -15.90
C LYS J 6 5.24 -28.28 -15.45
N LYS J 7 3.95 -28.34 -15.75
CA LYS J 7 3.01 -27.27 -15.45
C LYS J 7 1.84 -27.89 -14.69
N ILE J 8 1.98 -27.98 -13.37
CA ILE J 8 0.96 -28.57 -12.50
C ILE J 8 -0.02 -27.46 -12.10
N TYR J 9 -1.19 -27.44 -12.71
CA TYR J 9 -2.21 -26.48 -12.31
C TYR J 9 -3.01 -27.07 -11.16
N VAL J 10 -3.07 -26.36 -10.03
CA VAL J 10 -3.80 -26.82 -8.86
C VAL J 10 -4.99 -25.89 -8.61
N THR J 11 -6.12 -26.50 -8.29
CA THR J 11 -7.37 -25.83 -8.00
C THR J 11 -7.81 -26.26 -6.61
N MET J 12 -8.06 -25.29 -5.74
CA MET J 12 -8.27 -25.56 -4.32
C MET J 12 -9.62 -25.02 -3.88
N LYS J 13 -10.48 -25.90 -3.38
CA LYS J 13 -11.78 -25.50 -2.88
C LYS J 13 -11.76 -25.65 -1.36
N THR J 14 -12.13 -24.59 -0.65
CA THR J 14 -12.08 -24.60 0.81
C THR J 14 -13.26 -25.39 1.36
N LEU J 15 -12.98 -26.42 2.14
CA LEU J 15 -14.02 -27.26 2.71
C LEU J 15 -14.34 -26.84 4.13
N SER J 16 -13.69 -25.78 4.59
CA SER J 16 -13.73 -25.31 5.96
C SER J 16 -13.46 -23.82 5.89
N PRO J 17 -13.80 -23.06 6.92
CA PRO J 17 -13.35 -21.67 6.97
C PRO J 17 -11.83 -21.58 6.97
N LEU J 18 -11.33 -20.59 6.23
CA LEU J 18 -9.87 -20.49 6.07
C LEU J 18 -9.41 -19.16 6.59
N TYR J 19 -8.22 -19.13 7.17
CA TYR J 19 -7.57 -17.94 7.67
C TYR J 19 -6.10 -17.96 7.29
N THR J 20 -5.65 -16.94 6.56
CA THR J 20 -4.24 -16.63 6.42
C THR J 20 -4.04 -15.18 6.82
N GLY J 21 -3.15 -14.93 7.78
CA GLY J 21 -3.01 -13.60 8.33
C GLY J 21 -2.31 -12.67 7.36
N GLU J 22 -2.75 -11.41 7.37
CA GLU J 22 -2.20 -10.40 6.47
C GLU J 22 -0.76 -10.08 6.83
N VAL J 23 0.13 -10.11 5.85
CA VAL J 23 1.54 -9.88 6.13
C VAL J 23 1.86 -8.40 6.03
N ARG J 24 1.17 -7.68 5.15
CA ARG J 24 1.48 -6.29 4.89
C ARG J 24 1.10 -5.45 6.10
N ARG J 25 2.04 -4.64 6.54
CA ARG J 25 1.86 -3.92 7.78
C ARG J 25 0.84 -2.80 7.64
N GLU J 26 0.88 -2.06 6.53
CA GLU J 26 -0.08 -0.97 6.29
C GLU J 26 -1.50 -1.49 6.17
N ASP J 27 -1.70 -2.60 5.46
CA ASP J 27 -3.02 -3.21 5.35
C ASP J 27 -3.49 -3.75 6.69
N LYS J 28 -2.57 -4.33 7.48
CA LYS J 28 -2.92 -4.80 8.80
C LYS J 28 -3.30 -3.66 9.74
N GLU J 29 -2.57 -2.53 9.70
CA GLU J 29 -2.91 -1.38 10.54
C GLU J 29 -4.24 -0.74 10.11
N ALA J 30 -4.48 -0.64 8.80
CA ALA J 30 -5.72 -0.05 8.32
C ALA J 30 -6.92 -0.94 8.67
N ALA J 31 -6.76 -2.25 8.53
CA ALA J 31 -7.84 -3.16 8.86
C ALA J 31 -8.00 -3.33 10.38
N GLN J 32 -6.91 -3.16 11.14
CA GLN J 32 -6.94 -3.45 12.57
C GLN J 32 -7.53 -2.32 13.42
N LYS J 33 -8.25 -1.39 12.78
CA LYS J 33 -9.18 -0.54 13.46
C LYS J 33 -10.60 -1.10 13.43
N ARG J 34 -10.84 -2.12 12.59
CA ARG J 34 -12.14 -2.79 12.55
C ARG J 34 -12.02 -4.26 12.96
N VAL J 35 -11.20 -5.02 12.25
CA VAL J 35 -11.01 -6.43 12.56
C VAL J 35 -9.82 -6.57 13.49
N ASN J 36 -9.73 -7.69 14.19
CA ASN J 36 -8.53 -7.95 14.96
C ASN J 36 -7.60 -8.92 14.26
N PHE J 37 -8.02 -9.48 13.13
CA PHE J 37 -7.25 -10.50 12.43
C PHE J 37 -7.61 -10.45 10.96
N PRO J 38 -6.92 -9.63 10.18
CA PRO J 38 -7.24 -9.49 8.76
C PRO J 38 -6.71 -10.66 7.94
N VAL J 39 -7.34 -10.89 6.79
CA VAL J 39 -6.87 -11.91 5.87
C VAL J 39 -5.86 -11.30 4.89
N ARG J 40 -4.97 -12.14 4.38
CA ARG J 40 -3.97 -11.73 3.41
C ARG J 40 -4.65 -11.46 2.08
N LYS J 41 -4.75 -10.19 1.71
CA LYS J 41 -5.53 -9.76 0.57
C LYS J 41 -4.65 -9.01 -0.43
N THR J 42 -4.85 -9.31 -1.70
CA THR J 42 -4.20 -8.58 -2.77
C THR J 42 -4.77 -7.17 -2.91
N ALA J 43 -4.00 -6.29 -3.55
CA ALA J 43 -4.48 -4.97 -3.88
C ALA J 43 -5.56 -5.00 -4.96
N THR J 44 -5.66 -6.09 -5.72
CA THR J 44 -6.77 -6.36 -6.62
C THR J 44 -7.95 -7.02 -5.92
N ASN J 45 -8.00 -6.94 -4.58
CA ASN J 45 -9.09 -7.44 -3.72
C ASN J 45 -9.32 -8.93 -3.86
N LYS J 46 -8.26 -9.68 -4.12
CA LYS J 46 -8.30 -11.14 -4.13
C LYS J 46 -7.56 -11.62 -2.88
N VAL J 47 -7.65 -12.92 -2.60
CA VAL J 47 -7.10 -13.49 -1.38
C VAL J 47 -5.91 -14.37 -1.76
N LEU J 48 -4.77 -14.11 -1.10
CA LEU J 48 -3.45 -14.64 -1.43
C LEU J 48 -2.98 -15.55 -0.29
N ILE J 49 -2.91 -16.85 -0.53
CA ILE J 49 -2.35 -17.74 0.49
C ILE J 49 -0.94 -18.13 0.09
N PRO J 50 0.03 -18.15 1.01
CA PRO J 50 1.32 -18.76 0.70
C PRO J 50 1.22 -20.25 0.47
N PHE J 51 2.02 -20.74 -0.47
CA PHE J 51 1.90 -22.11 -0.94
C PHE J 51 3.21 -22.89 -0.99
N LYS J 52 4.36 -22.23 -1.16
CA LYS J 52 5.63 -22.94 -1.24
C LYS J 52 6.02 -23.55 0.10
N GLY J 53 5.81 -22.79 1.19
CA GLY J 53 6.18 -23.26 2.50
C GLY J 53 5.36 -24.45 2.95
N ALA J 54 4.09 -24.51 2.54
CA ALA J 54 3.23 -25.63 2.89
C ALA J 54 3.64 -26.91 2.18
N LEU J 55 3.94 -26.81 0.88
CA LEU J 55 4.40 -27.97 0.13
C LEU J 55 5.76 -28.45 0.65
N ARG J 56 6.66 -27.50 0.94
CA ARG J 56 7.99 -27.86 1.42
C ARG J 56 7.93 -28.48 2.81
N SER J 57 7.13 -27.90 3.71
CA SER J 57 6.96 -28.46 5.05
C SER J 57 6.26 -29.80 5.00
N ALA J 58 5.30 -29.97 4.09
CA ALA J 58 4.59 -31.23 3.92
C ALA J 58 5.54 -32.34 3.49
N LEU J 59 6.33 -32.08 2.45
CA LEU J 59 7.29 -33.09 1.99
C LEU J 59 8.42 -33.30 2.97
N GLU J 60 8.81 -32.28 3.75
CA GLU J 60 9.85 -32.46 4.76
C GLU J 60 9.38 -33.36 5.89
N ILE J 61 8.18 -33.10 6.43
CA ILE J 61 7.61 -33.92 7.50
C ILE J 61 7.33 -35.33 7.00
N MET J 62 6.86 -35.47 5.76
CA MET J 62 6.56 -36.80 5.22
C MET J 62 7.84 -37.60 4.96
N LEU J 63 8.83 -36.98 4.31
CA LEU J 63 10.02 -37.70 3.90
C LEU J 63 10.97 -37.95 5.07
N LYS J 64 10.82 -37.19 6.16
CA LYS J 64 11.55 -37.53 7.38
C LYS J 64 11.00 -38.78 8.04
N ALA J 65 9.73 -39.12 7.77
CA ALA J 65 9.11 -40.33 8.32
C ALA J 65 9.39 -41.57 7.47
N LYS J 66 9.65 -41.39 6.17
CA LYS J 66 10.03 -42.50 5.30
C LYS J 66 11.51 -42.84 5.42
N GLY J 67 12.25 -42.12 6.27
CA GLY J 67 13.66 -42.34 6.44
C GLY J 67 14.55 -41.68 5.41
N GLU J 68 13.97 -40.95 4.45
CA GLU J 68 14.75 -40.33 3.40
C GLU J 68 15.50 -39.11 3.94
N ASN J 69 16.70 -38.88 3.39
CA ASN J 69 17.60 -37.83 3.86
C ASN J 69 17.09 -36.49 3.38
N VAL J 70 16.20 -35.89 4.16
CA VAL J 70 15.70 -34.54 3.90
C VAL J 70 16.11 -33.66 5.06
N CYS J 71 16.50 -32.43 4.74
CA CYS J 71 16.93 -31.48 5.75
C CYS J 71 15.72 -30.78 6.35
N ASP J 72 15.97 -29.94 7.33
CA ASP J 72 14.94 -29.12 7.97
C ASP J 72 15.26 -27.67 7.64
N THR J 73 14.35 -26.99 6.95
CA THR J 73 14.45 -25.56 6.72
C THR J 73 13.47 -24.77 7.59
N GLY J 74 12.90 -25.42 8.59
CA GLY J 74 11.95 -24.78 9.45
C GLY J 74 12.54 -24.41 10.80
N GLU J 75 13.55 -25.14 11.25
CA GLU J 75 14.24 -24.74 12.47
C GLU J 75 15.02 -23.45 12.23
N SER J 76 15.31 -22.75 13.32
CA SER J 76 15.70 -21.34 13.26
C SER J 76 17.05 -21.13 12.58
N ARG J 77 17.03 -20.34 11.51
CA ARG J 77 18.16 -20.02 10.63
C ARG J 77 18.91 -21.24 10.14
N ALA J 78 18.19 -22.32 9.84
CA ALA J 78 18.83 -23.51 9.30
C ALA J 78 19.21 -23.35 7.86
N ARG J 79 20.39 -23.67 7.59
CA ARG J 79 20.90 -23.71 6.24
C ARG J 79 20.44 -24.98 5.53
N PRO J 80 19.80 -24.86 4.38
CA PRO J 80 19.43 -26.05 3.60
C PRO J 80 20.65 -26.78 3.09
N CYS J 81 20.49 -28.10 2.90
CA CYS J 81 21.62 -28.95 2.59
C CYS J 81 22.06 -28.82 1.13
N GLY J 82 21.15 -29.08 0.20
CA GLY J 82 21.46 -29.08 -1.22
C GLY J 82 21.59 -30.45 -1.83
N ARG J 83 21.48 -31.52 -1.05
CA ARG J 83 21.61 -32.89 -1.51
C ARG J 83 20.35 -33.69 -1.22
N CYS J 84 19.20 -33.03 -1.22
CA CYS J 84 17.94 -33.67 -0.86
C CYS J 84 16.91 -33.35 -1.92
N VAL J 85 15.84 -34.14 -1.92
CA VAL J 85 14.77 -33.97 -2.91
C VAL J 85 14.02 -32.68 -2.67
N THR J 86 13.85 -32.30 -1.40
CA THR J 86 13.21 -31.04 -1.07
C THR J 86 14.09 -29.86 -1.45
N CYS J 87 15.42 -30.01 -1.36
CA CYS J 87 16.33 -28.97 -1.83
C CYS J 87 16.43 -28.94 -3.35
N SER J 88 16.03 -30.01 -4.03
CA SER J 88 15.99 -29.96 -5.48
C SER J 88 14.72 -29.30 -5.97
N LEU J 89 13.58 -29.66 -5.37
CA LEU J 89 12.29 -29.18 -5.84
C LEU J 89 11.89 -27.86 -5.21
N PHE J 90 12.51 -27.45 -4.11
CA PHE J 90 12.11 -26.20 -3.49
C PHE J 90 13.30 -25.27 -3.22
N GLY J 91 14.50 -25.83 -3.10
CA GLY J 91 15.69 -25.01 -3.14
C GLY J 91 16.73 -25.14 -2.05
N SER J 92 17.94 -24.65 -2.34
CA SER J 92 19.07 -24.65 -1.44
C SER J 92 19.73 -23.28 -1.48
N MET J 93 20.85 -23.13 -0.77
CA MET J 93 21.58 -21.87 -0.72
C MET J 93 22.16 -21.47 -2.06
N GLY J 94 22.92 -22.36 -2.68
CA GLY J 94 23.19 -22.31 -4.10
C GLY J 94 22.39 -23.43 -4.76
N ARG J 95 21.93 -23.16 -6.00
CA ARG J 95 20.88 -23.84 -6.78
C ARG J 95 19.45 -23.62 -6.30
N ALA J 96 18.74 -22.64 -6.90
CA ALA J 96 17.31 -22.43 -6.68
C ALA J 96 16.45 -23.68 -6.91
N GLY J 97 15.22 -23.63 -6.41
CA GLY J 97 14.31 -24.75 -6.55
C GLY J 97 13.75 -24.80 -7.95
N ARG J 98 13.66 -26.03 -8.47
CA ARG J 98 13.21 -26.22 -9.85
C ARG J 98 11.73 -25.89 -10.02
N ALA J 99 10.93 -25.99 -8.97
CA ALA J 99 9.50 -25.76 -9.03
C ALA J 99 9.21 -24.34 -8.56
N SER J 100 8.74 -23.51 -9.49
CA SER J 100 8.22 -22.18 -9.16
C SER J 100 6.78 -22.37 -8.72
N VAL J 101 6.54 -22.25 -7.42
CA VAL J 101 5.22 -22.42 -6.85
C VAL J 101 4.59 -21.04 -6.71
N ASP J 102 3.44 -20.90 -7.34
CA ASP J 102 2.74 -19.59 -7.32
C ASP J 102 1.88 -19.46 -6.09
N PHE J 103 1.59 -18.23 -5.72
CA PHE J 103 0.69 -17.92 -4.62
C PHE J 103 -0.72 -18.33 -5.00
N LEU J 104 -1.42 -18.94 -4.04
CA LEU J 104 -2.78 -19.40 -4.27
C LEU J 104 -3.73 -18.22 -4.27
N ILE J 105 -3.98 -17.63 -5.47
CA ILE J 105 -4.87 -16.49 -5.68
C ILE J 105 -6.29 -17.01 -5.87
N SER J 106 -7.24 -16.38 -5.19
CA SER J 106 -8.64 -16.75 -5.34
C SER J 106 -9.17 -16.41 -6.72
N ASN J 107 -10.15 -17.19 -7.16
CA ASN J 107 -10.88 -16.92 -8.39
C ASN J 107 -11.98 -15.88 -8.19
N ASP J 108 -12.22 -15.45 -6.96
CA ASP J 108 -13.27 -14.51 -6.63
C ASP J 108 -12.73 -13.42 -5.72
N THR J 109 -13.53 -12.37 -5.55
CA THR J 109 -13.08 -11.13 -4.93
C THR J 109 -13.33 -11.28 -3.39
N LYS J 110 -12.66 -10.16 -2.68
CA LYS J 110 -12.81 -10.09 -1.20
C LYS J 110 -14.28 -10.05 -0.81
N GLU J 111 -15.15 -9.40 -1.43
CA GLU J 111 -16.50 -9.14 -0.95
C GLU J 111 -17.45 -10.30 -1.23
N GLN J 112 -17.00 -11.33 -1.95
CA GLN J 112 -17.76 -12.54 -2.20
C GLN J 112 -17.31 -13.73 -1.38
N ILE J 113 -16.05 -13.78 -0.94
CA ILE J 113 -15.54 -14.94 -0.23
C ILE J 113 -15.01 -14.65 1.16
N VAL J 114 -14.88 -13.39 1.57
CA VAL J 114 -14.30 -13.07 2.87
C VAL J 114 -15.39 -12.49 3.75
N ARG J 115 -15.57 -13.09 4.93
CA ARG J 115 -16.59 -12.64 5.87
C ARG J 115 -15.95 -12.38 7.23
N GLU J 116 -16.35 -11.27 7.84
CA GLU J 116 -15.99 -10.97 9.22
C GLU J 116 -16.64 -11.98 10.14
N SER J 117 -15.90 -12.45 11.14
CA SER J 117 -16.39 -13.43 12.09
C SER J 117 -16.06 -12.99 13.51
N THR J 118 -16.89 -13.42 14.45
CA THR J 118 -16.72 -13.10 15.85
C THR J 118 -16.28 -14.35 16.59
N HIS J 119 -15.14 -14.26 17.29
CA HIS J 119 -14.65 -15.37 18.07
C HIS J 119 -14.58 -14.97 19.54
N LEU J 120 -14.68 -15.96 20.42
CA LEU J 120 -14.81 -15.73 21.85
C LEU J 120 -13.72 -16.43 22.63
N ARG J 121 -13.65 -16.08 23.92
CA ARG J 121 -12.91 -16.81 24.93
C ARG J 121 -13.84 -16.96 26.13
N ILE J 122 -14.26 -18.19 26.40
CA ILE J 122 -15.27 -18.50 27.41
C ILE J 122 -14.52 -18.93 28.67
N GLU J 123 -14.81 -18.29 29.80
CA GLU J 123 -14.24 -18.71 31.08
C GLU J 123 -14.75 -20.09 31.47
N ARG J 124 -13.88 -20.88 32.08
CA ARG J 124 -14.15 -22.29 32.31
C ARG J 124 -15.02 -22.54 33.52
N GLN J 125 -15.24 -21.52 34.37
CA GLN J 125 -15.98 -21.71 35.61
C GLN J 125 -17.22 -20.84 35.72
N THR J 126 -17.35 -19.78 34.94
CA THR J 126 -18.55 -18.96 34.93
C THR J 126 -19.29 -19.04 33.60
N LYS J 127 -18.72 -19.76 32.61
CA LYS J 127 -19.20 -19.93 31.24
C LYS J 127 -19.67 -18.64 30.59
N SER J 128 -18.83 -17.61 30.66
CA SER J 128 -19.14 -16.29 30.16
C SER J 128 -17.97 -15.79 29.31
N ALA J 129 -18.28 -14.96 28.32
CA ALA J 129 -17.27 -14.52 27.38
C ALA J 129 -16.31 -13.54 28.04
N SER J 130 -15.05 -13.95 28.13
CA SER J 130 -14.02 -13.09 28.68
C SER J 130 -13.38 -12.22 27.60
N ASP J 131 -13.10 -12.77 26.43
CA ASP J 131 -12.54 -12.01 25.33
C ASP J 131 -13.41 -12.17 24.09
N THR J 132 -13.43 -11.14 23.27
CA THR J 132 -14.08 -11.21 21.96
C THR J 132 -13.12 -10.61 20.95
N PHE J 133 -12.93 -11.30 19.82
CA PHE J 133 -12.05 -10.83 18.77
C PHE J 133 -12.67 -11.13 17.42
N LYS J 134 -12.74 -10.12 16.57
CA LYS J 134 -13.25 -10.28 15.23
C LYS J 134 -12.11 -10.57 14.27
N GLY J 135 -12.27 -11.60 13.47
CA GLY J 135 -11.28 -11.94 12.46
C GLY J 135 -11.96 -12.31 11.16
N GLU J 136 -11.25 -12.07 10.07
CA GLU J 136 -11.82 -12.37 8.76
C GLU J 136 -11.54 -13.81 8.39
N GLU J 137 -12.46 -14.42 7.64
CA GLU J 137 -12.27 -15.79 7.21
C GLU J 137 -12.81 -16.00 5.81
N VAL J 138 -12.17 -16.89 5.07
CA VAL J 138 -12.58 -17.22 3.71
C VAL J 138 -13.65 -18.29 3.77
N ILE J 139 -14.74 -18.09 3.01
CA ILE J 139 -15.89 -18.99 3.01
C ILE J 139 -15.58 -20.38 2.48
N GLU J 140 -16.53 -21.28 2.72
CA GLU J 140 -16.48 -22.67 2.28
C GLU J 140 -17.03 -22.74 0.87
N GLY J 141 -16.16 -23.00 -0.10
CA GLY J 141 -16.57 -23.06 -1.48
C GLY J 141 -15.72 -22.18 -2.38
N ALA J 142 -14.93 -21.30 -1.76
CA ALA J 142 -14.05 -20.41 -2.49
C ALA J 142 -12.98 -21.18 -3.23
N THR J 143 -12.69 -20.75 -4.46
CA THR J 143 -11.80 -21.46 -5.35
C THR J 143 -10.52 -20.65 -5.53
N PHE J 144 -9.38 -21.30 -5.27
CA PHE J 144 -8.06 -20.68 -5.33
C PHE J 144 -7.24 -21.44 -6.35
N THR J 145 -6.63 -20.73 -7.29
CA THR J 145 -5.90 -21.37 -8.37
C THR J 145 -4.41 -21.01 -8.28
N ALA J 146 -3.56 -22.02 -8.36
CA ALA J 146 -2.12 -21.79 -8.44
C ALA J 146 -1.55 -22.72 -9.51
N THR J 147 -0.33 -22.41 -9.92
CA THR J 147 0.34 -23.16 -10.96
C THR J 147 1.70 -23.53 -10.38
N ILE J 148 2.18 -24.72 -10.64
CA ILE J 148 3.53 -25.11 -10.24
C ILE J 148 4.34 -25.38 -11.49
N THR J 149 5.44 -24.68 -11.60
CA THR J 149 6.25 -24.64 -12.81
C THR J 149 7.60 -25.30 -12.51
N ILE J 150 7.69 -26.61 -12.75
CA ILE J 150 8.96 -27.31 -12.53
C ILE J 150 9.85 -27.12 -13.75
N SER J 151 11.04 -26.56 -13.52
CA SER J 151 11.87 -26.08 -14.61
C SER J 151 12.60 -27.22 -15.31
N ASN J 152 13.39 -27.98 -14.55
CA ASN J 152 14.01 -29.19 -15.06
C ASN J 152 13.25 -30.37 -14.49
N PRO J 153 12.29 -30.93 -15.23
CA PRO J 153 11.39 -31.93 -14.65
C PRO J 153 12.07 -33.28 -14.48
N GLN J 154 11.98 -33.82 -13.28
CA GLN J 154 12.34 -35.20 -12.99
C GLN J 154 11.05 -36.02 -12.93
N GLU J 155 11.16 -37.28 -12.52
CA GLU J 155 9.99 -38.14 -12.56
C GLU J 155 9.12 -38.02 -11.31
N LYS J 156 9.73 -38.08 -10.14
CA LYS J 156 8.98 -38.14 -8.89
C LYS J 156 8.47 -36.79 -8.42
N ASP J 157 8.69 -35.72 -9.18
CA ASP J 157 8.31 -34.38 -8.74
C ASP J 157 6.79 -34.22 -8.64
N LEU J 158 6.05 -34.68 -9.66
CA LEU J 158 4.59 -34.62 -9.64
C LEU J 158 4.02 -35.50 -8.53
N SER J 159 4.61 -36.68 -8.34
CA SER J 159 4.15 -37.58 -7.28
C SER J 159 4.38 -36.99 -5.89
N LEU J 160 5.53 -36.37 -5.66
CA LEU J 160 5.81 -35.79 -4.36
C LEU J 160 4.99 -34.53 -4.13
N ILE J 161 4.73 -33.76 -5.18
CA ILE J 161 3.87 -32.58 -5.07
C ILE J 161 2.44 -33.00 -4.75
N GLN J 162 1.96 -34.09 -5.37
CA GLN J 162 0.61 -34.59 -5.08
C GLN J 162 0.51 -35.16 -3.67
N SER J 163 1.58 -35.82 -3.21
CA SER J 163 1.59 -36.32 -1.83
C SER J 163 1.58 -35.17 -0.83
N ALA J 164 2.33 -34.10 -1.13
CA ALA J 164 2.29 -32.89 -0.30
C ALA J 164 0.91 -32.26 -0.33
N LEU J 165 0.24 -32.31 -1.47
CA LEU J 165 -1.12 -31.76 -1.56
C LEU J 165 -2.10 -32.59 -0.76
N LYS J 166 -1.93 -33.91 -0.73
CA LYS J 166 -2.76 -34.74 0.14
C LYS J 166 -2.49 -34.45 1.63
N PHE J 167 -1.23 -34.16 1.98
CA PHE J 167 -0.89 -33.78 3.34
C PHE J 167 -1.53 -32.45 3.74
N ILE J 168 -1.50 -31.46 2.84
CA ILE J 168 -2.21 -30.20 3.09
C ILE J 168 -3.72 -30.39 3.09
N GLU J 169 -4.24 -31.35 2.32
CA GLU J 169 -5.66 -31.70 2.37
C GLU J 169 -6.05 -32.24 3.73
N GLU J 170 -5.16 -33.00 4.37
CA GLU J 170 -5.47 -33.47 5.71
C GLU J 170 -5.28 -32.37 6.76
N ASN J 171 -4.04 -31.88 6.92
CA ASN J 171 -3.73 -30.92 7.97
C ASN J 171 -4.27 -29.52 7.72
N GLY J 172 -3.83 -28.85 6.67
CA GLY J 172 -4.45 -27.58 6.33
C GLY J 172 -3.49 -26.63 5.66
N ILE J 173 -4.08 -25.54 5.18
CA ILE J 173 -3.39 -24.38 4.60
C ILE J 173 -3.72 -23.14 5.45
N GLY J 174 -2.73 -22.27 5.59
CA GLY J 174 -2.95 -21.04 6.32
C GLY J 174 -2.71 -21.13 7.81
N GLY J 175 -3.60 -20.53 8.59
CA GLY J 175 -3.45 -20.49 10.04
C GLY J 175 -4.71 -20.99 10.74
N TRP J 176 -4.63 -20.96 12.07
CA TRP J 176 -5.67 -21.46 13.00
C TRP J 176 -6.02 -22.93 12.73
N LEU J 177 -5.01 -23.73 12.36
CA LEU J 177 -5.27 -25.07 11.83
C LEU J 177 -5.74 -26.03 12.92
N ASN J 178 -5.26 -25.59 14.24
CA ASN J 178 -5.64 -26.49 15.36
C ASN J 178 -7.16 -26.40 15.59
N LYS J 179 -7.81 -25.38 15.25
CA LYS J 179 -9.22 -25.12 15.55
C LYS J 179 -10.17 -25.60 14.47
N GLY J 180 -9.65 -26.19 13.39
CA GLY J 180 -10.46 -26.65 12.29
C GLY J 180 -10.43 -25.79 11.06
N TYR J 181 -9.57 -24.78 11.01
CA TYR J 181 -9.50 -23.87 9.89
C TYR J 181 -8.51 -24.38 8.85
N GLY J 182 -8.83 -24.15 7.59
CA GLY J 182 -7.92 -24.43 6.51
C GLY J 182 -8.02 -25.79 5.88
N ARG J 183 -9.07 -26.56 6.17
CA ARG J 183 -9.24 -27.85 5.52
C ARG J 183 -9.74 -27.63 4.10
N VAL J 184 -8.92 -28.01 3.12
CA VAL J 184 -9.12 -27.64 1.73
C VAL J 184 -8.93 -28.87 0.86
N SER J 185 -9.50 -28.83 -0.35
CA SER J 185 -9.36 -29.91 -1.32
C SER J 185 -8.59 -29.40 -2.53
N PHE J 186 -7.66 -30.23 -3.02
CA PHE J 186 -6.80 -29.89 -4.15
C PHE J 186 -7.12 -30.78 -5.35
N GLU J 187 -7.18 -30.17 -6.52
CA GLU J 187 -7.30 -30.88 -7.80
C GLU J 187 -6.13 -30.50 -8.69
N VAL J 188 -5.62 -31.49 -9.42
CA VAL J 188 -4.34 -31.38 -10.10
C VAL J 188 -4.55 -31.70 -11.58
N LYS J 189 -4.04 -30.82 -12.45
CA LYS J 189 -3.94 -31.11 -13.87
C LYS J 189 -2.52 -30.75 -14.29
N SER J 190 -1.71 -31.75 -14.60
CA SER J 190 -0.33 -31.50 -14.97
C SER J 190 -0.15 -31.69 -16.47
N GLU J 191 0.82 -30.97 -17.04
CA GLU J 191 1.19 -31.17 -18.43
C GLU J 191 2.69 -30.93 -18.58
N ASP J 192 3.28 -31.60 -19.57
CA ASP J 192 4.71 -31.37 -19.88
C ASP J 192 4.77 -30.47 -21.12
N VAL J 193 4.98 -29.16 -20.92
CA VAL J 193 5.06 -28.17 -21.98
C VAL J 193 6.50 -28.06 -22.43
N ALA J 194 6.70 -27.67 -23.69
CA ALA J 194 8.04 -27.37 -24.14
C ALA J 194 8.48 -26.02 -23.59
N THR J 195 9.79 -25.89 -23.36
CA THR J 195 10.32 -24.60 -22.96
C THR J 195 10.25 -23.59 -24.11
N ASP J 196 10.42 -24.06 -25.35
CA ASP J 196 10.39 -23.21 -26.54
C ASP J 196 8.99 -23.06 -27.12
N ARG J 197 7.95 -23.19 -26.31
CA ARG J 197 6.58 -23.16 -26.78
C ARG J 197 6.05 -21.75 -27.00
N PHE J 198 6.77 -20.73 -26.53
CA PHE J 198 6.42 -19.34 -26.79
C PHE J 198 7.10 -18.80 -28.04
N LEU J 199 8.07 -19.53 -28.58
CA LEU J 199 8.81 -19.11 -29.76
C LEU J 199 8.04 -19.50 -31.01
N LYS J 200 7.77 -18.52 -31.87
CA LYS J 200 7.02 -18.78 -33.09
C LYS J 200 7.96 -18.94 -34.28
N ILE K 2 -10.18 23.09 -26.87
CA ILE K 2 -9.59 24.17 -27.63
C ILE K 2 -8.68 25.03 -26.75
N LYS K 3 -7.70 25.68 -27.37
CA LYS K 3 -6.80 26.58 -26.66
C LYS K 3 -7.13 28.02 -27.06
N PHE K 4 -7.62 28.80 -26.10
CA PHE K 4 -8.02 30.18 -26.34
C PHE K 4 -6.80 31.10 -26.19
N ILE K 5 -5.93 31.05 -27.21
CA ILE K 5 -4.73 31.88 -27.22
C ILE K 5 -5.09 33.34 -27.42
N GLY K 6 -5.90 33.62 -28.43
CA GLY K 6 -6.31 34.98 -28.75
C GLY K 6 -7.78 35.24 -28.52
N ALA K 15 -7.70 34.39 -31.95
CA ALA K 15 -6.83 33.32 -32.40
C ALA K 15 -6.91 32.10 -31.47
N PHE K 16 -7.65 31.09 -31.88
CA PHE K 16 -7.82 29.87 -31.10
C PHE K 16 -6.91 28.77 -31.63
N LEU K 17 -6.99 27.61 -30.96
CA LEU K 17 -6.23 26.43 -31.36
C LEU K 17 -7.11 25.21 -31.07
N LEU K 18 -6.72 24.07 -31.65
CA LEU K 18 -7.47 22.82 -31.57
C LEU K 18 -6.52 21.67 -31.83
N GLU K 19 -6.89 20.48 -31.37
CA GLU K 19 -6.15 19.27 -31.71
C GLU K 19 -7.04 18.17 -32.28
N ALA K 23 -3.12 17.50 -35.88
CA ALA K 23 -3.49 18.80 -36.44
C ALA K 23 -3.57 19.85 -35.34
N LYS K 24 -3.18 21.07 -35.68
CA LYS K 24 -3.18 22.20 -34.74
C LYS K 24 -3.72 23.46 -35.43
N ILE K 25 -4.95 23.34 -35.96
CA ILE K 25 -5.62 24.44 -36.68
C ILE K 25 -5.71 25.69 -35.80
N LEU K 26 -5.22 26.81 -36.33
CA LEU K 26 -4.98 28.03 -35.57
C LEU K 26 -6.07 29.09 -35.76
N ILE K 27 -7.11 28.76 -36.51
CA ILE K 27 -8.37 29.53 -36.67
C ILE K 27 -8.17 30.98 -37.09
N THR K 139 -10.47 15.26 -40.24
CA THR K 139 -10.98 16.61 -40.00
C THR K 139 -11.71 17.13 -41.24
N LYS K 140 -13.02 16.88 -41.31
CA LYS K 140 -13.90 17.35 -42.38
C LYS K 140 -14.40 18.79 -42.15
N ILE K 141 -13.51 19.73 -42.50
CA ILE K 141 -13.83 21.17 -42.30
C ILE K 141 -14.75 21.63 -43.42
N THR K 142 -15.61 22.60 -43.11
CA THR K 142 -16.50 23.20 -44.11
C THR K 142 -16.83 24.62 -43.67
N PHE K 143 -16.70 25.58 -44.58
CA PHE K 143 -16.99 26.97 -44.27
C PHE K 143 -18.46 27.30 -44.57
N TYR K 144 -19.02 28.26 -43.83
CA TYR K 144 -20.38 28.74 -44.06
C TYR K 144 -20.43 30.21 -43.69
N ASN K 145 -21.15 31.03 -44.47
CA ASN K 145 -21.18 32.49 -44.32
C ASN K 145 -21.62 32.95 -42.93
N ASN K 146 -20.84 33.85 -42.32
CA ASN K 146 -21.14 34.32 -40.98
C ASN K 146 -21.98 35.59 -40.97
N SER K 147 -22.32 36.11 -42.15
CA SER K 147 -23.24 37.24 -42.46
C SER K 147 -23.53 38.32 -41.39
N SER K 154 -18.03 31.36 -40.78
CA SER K 154 -17.97 30.47 -39.64
C SER K 154 -17.40 29.14 -40.11
N VAL K 155 -16.50 28.59 -39.33
CA VAL K 155 -15.81 27.38 -39.72
C VAL K 155 -16.46 26.22 -38.97
N PHE K 156 -16.76 25.15 -39.68
CA PHE K 156 -17.33 23.96 -39.06
C PHE K 156 -16.23 22.91 -39.14
N ILE K 157 -15.52 22.75 -38.03
CA ILE K 157 -14.46 21.76 -37.93
C ILE K 157 -15.04 20.50 -37.27
N GLU K 158 -15.31 19.49 -38.07
CA GLU K 158 -15.79 18.24 -37.53
C GLU K 158 -14.53 17.50 -37.16
N THR K 159 -14.52 16.91 -36.00
CA THR K 159 -13.53 15.94 -35.58
C THR K 159 -14.28 14.71 -35.09
N HIS K 160 -13.55 13.60 -34.94
CA HIS K 160 -14.13 12.43 -34.28
C HIS K 160 -14.45 12.73 -32.82
N ASN K 161 -13.67 13.61 -32.18
CA ASN K 161 -13.96 14.06 -30.82
C ASN K 161 -14.82 15.32 -30.97
N GLY K 162 -16.04 15.13 -31.42
CA GLY K 162 -16.97 16.24 -31.47
C GLY K 162 -16.81 17.11 -32.70
N ASN K 163 -17.92 17.70 -33.12
CA ASN K 163 -17.95 18.60 -34.26
C ASN K 163 -17.95 20.03 -33.75
N TYR K 164 -16.78 20.66 -33.75
CA TYR K 164 -16.65 22.03 -33.29
C TYR K 164 -17.20 23.00 -34.33
N LEU K 165 -17.62 24.17 -33.84
CA LEU K 165 -18.10 25.24 -34.70
C LEU K 165 -17.61 26.55 -34.07
N PHE K 166 -16.45 27.00 -34.74
CA PHE K 166 -15.88 28.33 -34.41
C PHE K 166 -16.71 29.32 -35.21
N SER K 167 -17.78 29.89 -34.54
CA SER K 167 -18.72 30.75 -35.23
C SER K 167 -18.07 31.99 -35.83
N GLY K 168 -16.98 32.46 -35.22
CA GLY K 168 -16.40 33.72 -35.63
C GLY K 168 -17.30 34.87 -35.20
N ASP K 169 -17.22 35.96 -35.95
CA ASP K 169 -18.04 37.13 -35.68
C ASP K 169 -19.27 37.10 -36.59
N ILE K 170 -20.39 37.58 -36.06
CA ILE K 170 -21.65 37.55 -36.79
C ILE K 170 -22.13 38.98 -37.04
N GLY K 171 -22.31 39.73 -35.96
CA GLY K 171 -22.85 41.08 -36.04
C GLY K 171 -24.35 41.08 -36.26
N MET K 184 -26.17 28.39 -41.11
CA MET K 184 -25.51 27.63 -40.02
C MET K 184 -25.63 26.14 -40.34
N PRO K 185 -24.59 25.32 -40.09
CA PRO K 185 -24.62 23.90 -40.44
C PRO K 185 -25.88 23.16 -40.01
N ASP K 186 -26.55 22.54 -41.00
CA ASP K 186 -27.78 21.75 -40.75
C ASP K 186 -27.37 20.33 -40.37
N GLY K 187 -26.69 20.18 -39.24
CA GLY K 187 -26.19 18.89 -38.80
C GLY K 187 -25.90 18.90 -37.31
N ASN K 188 -24.95 18.06 -36.91
CA ASN K 188 -24.63 17.85 -35.50
C ASN K 188 -23.56 18.87 -35.13
N VAL K 189 -23.91 19.77 -34.22
CA VAL K 189 -22.94 20.61 -33.55
C VAL K 189 -22.72 20.02 -32.15
N ASP K 190 -21.52 20.22 -31.62
CA ASP K 190 -21.27 19.84 -30.24
C ASP K 190 -20.77 21.02 -29.42
N TYR K 191 -19.75 21.70 -29.94
CA TYR K 191 -19.17 22.86 -29.28
C TYR K 191 -19.29 24.07 -30.19
N LEU K 192 -19.83 25.16 -29.65
CA LEU K 192 -20.08 26.38 -30.40
C LEU K 192 -19.22 27.49 -29.79
N ILE K 193 -18.03 27.70 -30.38
CA ILE K 193 -17.17 28.80 -29.96
C ILE K 193 -17.75 30.07 -30.55
N LEU K 194 -18.46 30.82 -29.72
CA LEU K 194 -19.30 31.93 -30.17
C LEU K 194 -18.73 33.24 -29.66
N GLU K 195 -18.47 34.18 -30.56
CA GLU K 195 -17.87 35.46 -30.20
C GLU K 195 -18.96 36.44 -29.78
N SER K 196 -18.95 36.84 -28.51
CA SER K 196 -19.93 37.75 -27.97
C SER K 196 -19.38 39.18 -27.99
N THR K 197 -20.10 40.08 -28.66
CA THR K 197 -19.69 41.47 -28.71
C THR K 197 -20.91 42.39 -28.81
N GLN K 376 -27.12 41.30 -28.85
CA GLN K 376 -27.37 40.24 -27.84
C GLN K 376 -28.42 39.28 -28.39
N ASP K 377 -29.70 39.67 -28.31
CA ASP K 377 -30.78 38.80 -28.76
C ASP K 377 -30.43 38.10 -30.07
N GLU K 378 -29.56 38.72 -30.88
CA GLU K 378 -29.16 38.11 -32.15
C GLU K 378 -28.32 36.86 -31.93
N LEU K 379 -27.56 36.82 -30.85
CA LEU K 379 -26.75 35.64 -30.55
C LEU K 379 -27.63 34.47 -30.11
N ILE K 380 -28.67 34.79 -29.33
CA ILE K 380 -29.65 33.77 -28.90
C ILE K 380 -30.46 33.28 -30.10
N ASP K 381 -30.73 34.19 -31.03
CA ASP K 381 -31.44 33.76 -32.27
C ASP K 381 -30.53 32.81 -33.02
N TYR K 382 -29.25 33.17 -33.16
CA TYR K 382 -28.31 32.29 -33.86
C TYR K 382 -28.24 30.91 -33.23
N ILE K 383 -28.20 30.88 -31.89
CA ILE K 383 -28.13 29.61 -31.17
C ILE K 383 -29.41 28.80 -31.37
N GLU K 384 -30.56 29.46 -31.30
CA GLU K 384 -31.85 28.77 -31.48
C GLU K 384 -32.24 28.63 -32.94
N ARG K 385 -31.31 28.21 -33.78
CA ARG K 385 -31.63 27.70 -35.10
C ARG K 385 -30.71 26.55 -35.50
N LEU K 386 -29.79 26.16 -34.64
CA LEU K 386 -28.93 24.98 -34.80
C LEU K 386 -29.68 23.75 -34.31
N LYS K 387 -29.88 22.79 -35.21
CA LYS K 387 -30.42 21.50 -34.84
C LYS K 387 -29.46 20.81 -33.88
N TYR K 388 -30.00 20.13 -32.87
CA TYR K 388 -29.26 19.49 -31.78
C TYR K 388 -28.42 20.51 -31.01
N THR K 389 -29.08 21.26 -30.11
CA THR K 389 -28.50 22.38 -29.36
C THR K 389 -27.17 21.99 -28.71
N PRO K 390 -26.18 22.89 -28.72
CA PRO K 390 -24.80 22.49 -28.39
C PRO K 390 -24.62 22.13 -26.93
N TYR K 391 -23.62 21.27 -26.70
CA TYR K 391 -23.31 20.83 -25.35
C TYR K 391 -22.69 21.96 -24.53
N LYS K 392 -21.68 22.64 -25.09
CA LYS K 392 -21.08 23.79 -24.44
C LYS K 392 -20.92 24.92 -25.45
N VAL K 393 -20.95 26.18 -24.96
CA VAL K 393 -20.81 27.36 -25.85
C VAL K 393 -19.71 28.29 -25.32
N PHE K 394 -18.47 28.10 -25.76
CA PHE K 394 -17.35 28.94 -25.35
C PHE K 394 -17.57 30.35 -25.86
N LEU K 395 -17.63 31.31 -24.93
CA LEU K 395 -17.90 32.69 -25.26
C LEU K 395 -16.58 33.46 -25.26
N VAL K 396 -16.34 34.24 -26.32
CA VAL K 396 -15.05 34.87 -26.55
C VAL K 396 -15.28 36.26 -27.14
N HIS K 397 -14.19 37.04 -27.22
CA HIS K 397 -14.12 38.35 -27.90
C HIS K 397 -15.04 39.38 -27.26
N GLY K 398 -15.17 39.31 -25.93
CA GLY K 398 -15.99 40.24 -25.20
C GLY K 398 -15.32 40.66 -23.91
N GLU K 399 -15.87 41.72 -23.32
CA GLU K 399 -15.38 42.23 -22.05
C GLU K 399 -15.88 41.38 -20.89
N LYS K 400 -15.48 41.78 -19.67
CA LYS K 400 -15.80 41.02 -18.48
C LYS K 400 -17.29 40.99 -18.18
N GLU K 401 -18.00 42.05 -18.56
CA GLU K 401 -19.43 42.08 -18.34
C GLU K 401 -20.20 41.44 -19.49
N GLN K 402 -19.77 41.66 -20.75
CA GLN K 402 -20.50 41.23 -21.94
C GLN K 402 -20.62 39.71 -22.05
N ARG K 403 -19.49 39.03 -21.80
CA ARG K 403 -19.45 37.53 -21.89
C ARG K 403 -20.17 36.96 -20.67
N GLU K 404 -20.28 37.74 -19.60
CA GLU K 404 -21.02 37.32 -18.39
C GLU K 404 -22.54 37.42 -18.61
N ILE K 405 -23.01 38.52 -19.20
CA ILE K 405 -24.45 38.72 -19.34
C ILE K 405 -25.01 37.79 -20.41
N LEU K 406 -24.25 37.58 -21.51
CA LEU K 406 -24.64 36.58 -22.50
C LEU K 406 -24.64 35.20 -21.89
N ALA K 407 -23.67 34.92 -21.01
CA ALA K 407 -23.61 33.64 -20.32
C ALA K 407 -24.87 33.40 -19.50
N LYS K 408 -25.30 34.40 -18.70
CA LYS K 408 -26.51 34.28 -17.86
C LYS K 408 -27.74 34.01 -18.71
N ARG K 409 -27.85 34.69 -19.86
CA ARG K 409 -28.97 34.42 -20.75
C ARG K 409 -28.92 33.01 -21.33
N ILE K 410 -27.73 32.51 -21.68
CA ILE K 410 -27.62 31.17 -22.27
C ILE K 410 -27.88 30.08 -21.21
N ILE K 411 -27.41 30.28 -19.95
CA ILE K 411 -27.77 29.38 -18.85
C ILE K 411 -29.29 29.32 -18.65
N SER K 412 -29.97 30.46 -18.85
CA SER K 412 -31.44 30.41 -18.81
C SER K 412 -32.04 29.54 -19.92
N LYS K 413 -31.35 29.39 -21.06
CA LYS K 413 -31.86 28.53 -22.12
C LYS K 413 -31.32 27.10 -22.02
N LYS K 414 -30.82 26.69 -20.85
CA LYS K 414 -30.43 25.32 -20.51
C LYS K 414 -29.30 24.80 -21.41
N ILE K 415 -28.30 25.67 -21.62
CA ILE K 415 -27.11 25.34 -22.42
C ILE K 415 -25.88 25.75 -21.62
N ARG K 416 -24.92 24.84 -21.48
CA ARG K 416 -23.72 25.08 -20.69
C ARG K 416 -22.83 26.11 -21.36
N VAL K 417 -22.30 27.06 -20.58
CA VAL K 417 -21.32 28.00 -21.10
C VAL K 417 -19.98 27.69 -20.48
N GLU K 418 -18.95 28.29 -21.14
CA GLU K 418 -17.55 28.19 -20.66
C GLU K 418 -16.89 29.52 -21.01
N LEU K 419 -16.47 30.31 -20.03
CA LEU K 419 -15.93 31.68 -20.31
C LEU K 419 -14.40 31.65 -20.21
N PRO K 420 -13.66 31.36 -21.30
CA PRO K 420 -12.20 31.27 -21.27
C PRO K 420 -11.55 32.63 -21.08
N LYS K 433 -0.99 19.02 -19.41
CA LYS K 433 0.19 19.09 -18.55
C LYS K 433 0.13 18.02 -17.46
N LYS K 434 0.65 18.34 -16.28
CA LYS K 434 0.59 17.43 -15.15
C LYS K 434 -0.83 17.33 -14.64
N VAL K 435 -1.28 16.10 -14.41
CA VAL K 435 -2.64 15.90 -13.81
C VAL K 435 -2.59 16.38 -12.36
N VAL K 436 -3.70 16.88 -11.84
CA VAL K 436 -3.76 17.28 -10.41
C VAL K 436 -4.68 16.29 -9.70
N LEU K 437 -4.10 15.39 -8.89
CA LEU K 437 -4.90 14.33 -8.23
C LEU K 437 -5.15 14.71 -6.77
N ASN K 438 -6.38 15.13 -6.46
CA ASN K 438 -6.69 15.57 -5.07
C ASN K 438 -6.91 14.31 -4.22
N ILE K 439 -6.16 14.18 -3.12
CA ILE K 439 -6.30 13.01 -2.21
C ILE K 439 -6.76 13.53 -0.85
N ASN K 440 -7.97 14.10 -0.79
CA ASN K 440 -8.49 14.70 0.48
C ASN K 440 -9.96 14.30 0.67
N THR K 441 -10.67 14.93 1.62
CA THR K 441 -12.07 14.54 1.97
C THR K 441 -13.12 15.13 1.03
N ASP K 442 -14.40 14.89 1.31
CA ASP K 442 -15.48 15.40 0.40
C ASP K 442 -16.59 16.14 1.16
N ASN K 443 -16.35 16.57 2.41
CA ASN K 443 -17.37 17.38 3.07
C ASN K 443 -17.60 18.63 2.21
N MET K 444 -18.75 19.30 2.37
CA MET K 444 -19.12 20.39 1.46
C MET K 444 -19.89 21.52 2.15
N CYS K 445 -20.43 22.45 1.34
CA CYS K 445 -21.26 23.58 1.73
C CYS K 445 -21.90 24.08 0.44
N ASN K 446 -22.87 24.99 0.59
CA ASN K 446 -23.65 25.52 -0.52
C ASN K 446 -23.54 27.05 -0.53
N PHE K 447 -22.29 27.50 -0.46
CA PHE K 447 -21.96 28.87 -0.12
C PHE K 447 -22.07 29.80 -1.33
N ALA K 448 -23.06 30.70 -1.30
CA ALA K 448 -23.24 31.78 -2.28
C ALA K 448 -23.34 31.28 -3.72
N SER K 449 -24.09 30.17 -3.89
CA SER K 449 -24.28 29.45 -5.16
C SER K 449 -22.95 28.95 -5.74
N TYR K 450 -21.98 28.74 -4.88
CA TYR K 450 -20.65 28.19 -5.26
C TYR K 450 -20.28 27.06 -4.29
N ARG K 451 -20.75 25.84 -4.59
CA ARG K 451 -20.49 24.68 -3.70
C ARG K 451 -19.00 24.68 -3.36
N LEU K 452 -18.66 24.88 -2.09
CA LEU K 452 -17.23 24.96 -1.71
C LEU K 452 -16.95 24.32 -0.35
N MET K 453 -15.78 24.06 -0.03
CA MET K 453 -15.17 23.40 1.12
C MET K 453 -13.83 23.99 1.53
N PRO K 454 -13.66 24.35 2.80
CA PRO K 454 -12.36 24.87 3.26
C PRO K 454 -11.33 23.78 3.44
N PHE K 455 -10.18 23.97 2.81
CA PHE K 455 -9.08 23.01 2.94
C PHE K 455 -7.76 23.74 3.06
N SER K 456 -7.06 23.50 4.17
CA SER K 456 -5.64 23.81 4.30
C SER K 456 -4.88 22.50 4.14
N GLY K 457 -3.96 22.44 3.17
CA GLY K 457 -3.19 21.24 2.93
C GLY K 457 -1.88 21.40 2.21
N PHE K 458 -1.45 20.31 1.58
CA PHE K 458 -0.20 20.31 0.85
C PHE K 458 -0.42 19.89 -0.60
N ILE K 459 0.50 20.37 -1.45
CA ILE K 459 0.45 20.04 -2.90
C ILE K 459 1.80 19.43 -3.28
N VAL K 460 1.86 18.12 -3.44
CA VAL K 460 3.11 17.46 -3.84
C VAL K 460 3.14 17.36 -5.37
N GLU K 461 4.35 17.44 -5.95
CA GLU K 461 4.54 17.38 -7.39
C GLU K 461 5.43 16.19 -7.76
N LYS K 462 4.80 15.04 -7.96
CA LYS K 462 5.44 13.92 -8.62
C LYS K 462 5.59 14.22 -10.11
N ASP K 463 6.57 13.57 -10.73
CA ASP K 463 6.88 13.84 -12.15
C ASP K 463 5.63 14.01 -12.99
N ASP K 464 4.69 13.07 -12.93
CA ASP K 464 3.54 13.12 -13.81
C ASP K 464 2.32 13.77 -13.19
N ARG K 465 2.38 14.11 -11.91
CA ARG K 465 1.14 14.59 -11.25
C ARG K 465 1.44 15.58 -10.13
N ILE K 466 0.42 16.30 -9.67
CA ILE K 466 0.58 17.24 -8.53
C ILE K 466 -0.51 16.88 -7.52
N GLU K 467 -0.23 15.98 -6.59
CA GLU K 467 -1.27 15.49 -5.65
C GLU K 467 -1.64 16.56 -4.62
N ILE K 468 -2.92 16.63 -4.24
CA ILE K 468 -3.32 17.56 -3.19
C ILE K 468 -3.75 16.71 -2.01
N ASN K 469 -2.92 16.67 -0.97
CA ASN K 469 -3.11 15.78 0.16
C ASN K 469 -3.17 16.56 1.46
N ASP K 470 -3.70 15.90 2.48
CA ASP K 470 -4.01 16.52 3.75
C ASP K 470 -2.80 16.47 4.69
N LYS K 471 -3.00 16.98 5.91
CA LYS K 471 -1.90 17.10 6.87
C LYS K 471 -1.51 15.78 7.50
N ASN K 472 -2.40 14.76 7.49
CA ASN K 472 -2.03 13.45 8.00
C ASN K 472 -0.92 12.81 7.17
N TRP K 473 -0.88 13.13 5.87
CA TRP K 473 0.26 12.78 5.03
C TRP K 473 1.54 13.45 5.52
N PHE K 474 1.45 14.72 5.91
CA PHE K 474 2.63 15.42 6.42
C PHE K 474 3.10 14.84 7.75
N ASP K 475 2.15 14.47 8.61
CA ASP K 475 2.51 13.77 9.84
C ASP K 475 3.18 12.43 9.53
N MET K 476 2.70 11.72 8.50
CA MET K 476 3.31 10.46 8.09
C MET K 476 4.76 10.63 7.64
N ILE K 477 5.02 11.63 6.78
CA ILE K 477 6.39 11.82 6.33
C ILE K 477 7.26 12.42 7.44
N TRP K 478 6.64 13.10 8.41
CA TRP K 478 7.40 13.58 9.56
C TRP K 478 7.82 12.45 10.47
N ASN K 479 6.92 11.49 10.71
CA ASN K 479 7.30 10.31 11.48
C ASN K 479 8.36 9.50 10.75
N GLU K 480 8.29 9.45 9.41
CA GLU K 480 9.34 8.79 8.63
C GLU K 480 10.70 9.46 8.80
N GLU K 481 10.75 10.78 8.67
CA GLU K 481 12.02 11.48 8.77
C GLU K 481 12.54 11.49 10.21
N TYR K 482 11.66 11.54 11.21
CA TYR K 482 12.11 11.44 12.60
C TYR K 482 12.65 10.05 12.91
N ASN K 483 11.95 9.00 12.47
CA ASN K 483 12.35 7.63 12.73
C ASN K 483 13.45 7.15 11.78
N LYS K 484 13.93 8.00 10.90
CA LYS K 484 15.18 7.78 10.20
C LYS K 484 16.31 8.66 10.74
N MET K 485 16.01 9.90 11.10
CA MET K 485 17.01 10.83 11.60
C MET K 485 17.51 10.47 12.99
N ARG K 486 16.67 9.87 13.82
CA ARG K 486 17.17 9.40 15.11
C ARG K 486 17.91 8.08 15.03
N SER K 487 17.99 7.47 13.85
CA SER K 487 18.76 6.25 13.63
C SER K 487 20.00 6.53 12.80
N GLN K 488 20.64 7.65 13.06
CA GLN K 488 21.83 7.97 12.27
C GLN K 488 23.00 8.44 13.12
N ILE K 489 22.72 8.98 14.29
CA ILE K 489 23.74 9.18 15.30
C ILE K 489 23.35 8.33 16.50
N VAL K 490 24.14 7.30 16.79
CA VAL K 490 23.81 6.35 17.85
C VAL K 490 24.35 6.82 19.19
N ALA K 491 25.14 7.91 19.20
CA ALA K 491 25.82 8.61 20.30
C ALA K 491 27.00 7.81 20.84
N GLU K 492 27.96 8.54 21.42
CA GLU K 492 29.29 8.08 21.79
C GLU K 492 29.99 7.34 20.65
N ASP K 493 29.86 7.85 19.43
CA ASP K 493 30.39 7.18 18.25
C ASP K 493 31.49 8.01 17.62
N PHE K 494 32.51 7.30 17.11
CA PHE K 494 33.72 7.87 16.49
C PHE K 494 34.47 8.78 17.46
N SER K 495 34.38 8.49 18.75
CA SER K 495 34.79 9.40 19.80
C SER K 495 35.70 8.69 20.79
N THR K 496 36.66 9.44 21.33
CA THR K 496 37.64 8.91 22.27
C THR K 496 37.13 9.09 23.69
N ASP K 497 36.88 7.96 24.36
CA ASP K 497 36.42 7.96 25.75
C ASP K 497 36.74 6.59 26.35
N GLN K 498 36.46 6.47 27.65
CA GLN K 498 36.66 5.25 28.46
C GLN K 498 38.09 4.69 28.40
N MET K 503 34.82 0.46 30.85
CA MET K 503 35.38 -0.61 30.00
C MET K 503 35.38 -1.93 30.77
N ALA K 504 36.51 -2.34 31.33
CA ALA K 504 36.62 -3.61 32.04
C ALA K 504 36.34 -4.81 31.18
N LEU K 505 36.84 -4.78 29.94
CA LEU K 505 36.65 -5.89 29.02
C LEU K 505 37.56 -7.07 29.37
N PRO K 506 37.15 -8.33 29.08
CA PRO K 506 37.93 -9.50 29.46
C PRO K 506 39.31 -9.56 28.81
N ASP K 507 40.07 -10.64 29.05
CA ASP K 507 41.44 -10.75 28.50
C ASP K 507 41.77 -12.20 28.13
N MET K 508 42.34 -12.42 26.95
CA MET K 508 42.77 -13.76 26.50
C MET K 508 43.82 -13.45 25.41
N SER K 509 44.86 -14.07 25.23
CA SER K 509 46.02 -13.78 24.41
C SER K 509 45.65 -13.72 22.93
N HIS K 510 46.53 -13.09 22.16
CA HIS K 510 46.36 -12.97 20.71
C HIS K 510 46.25 -14.33 20.02
N ASP K 511 46.90 -15.35 20.61
CA ASP K 511 46.86 -16.71 20.05
C ASP K 511 45.56 -17.41 20.45
N LYS K 512 44.93 -17.00 21.55
CA LYS K 512 43.63 -17.55 21.92
C LYS K 512 42.51 -16.90 21.13
N ILE K 513 42.63 -15.59 20.87
CA ILE K 513 41.70 -14.89 19.99
C ILE K 513 41.75 -15.47 18.58
N ILE K 514 42.97 -15.72 18.05
CA ILE K 514 43.13 -16.30 16.72
C ILE K 514 42.53 -17.71 16.64
N GLU K 515 42.80 -18.54 17.64
CA GLU K 515 42.27 -19.90 17.68
C GLU K 515 40.75 -19.93 17.78
N ASN K 516 40.19 -19.06 18.63
CA ASN K 516 38.75 -19.01 18.81
C ASN K 516 38.05 -18.49 17.57
N ILE K 517 38.60 -17.45 16.93
CA ILE K 517 38.00 -16.92 15.71
C ILE K 517 38.12 -17.92 14.56
N GLU K 518 39.21 -18.70 14.54
CA GLU K 518 39.34 -19.77 13.56
C GLU K 518 38.26 -20.84 13.75
N TYR K 519 38.08 -21.31 14.99
CA TYR K 519 37.07 -22.33 15.28
C TYR K 519 35.67 -21.81 15.00
N LEU K 520 35.38 -20.57 15.38
CA LEU K 520 34.06 -19.99 15.18
C LEU K 520 33.86 -19.45 13.77
N PHE K 521 34.87 -19.51 12.91
CA PHE K 521 34.65 -19.31 11.48
C PHE K 521 34.49 -20.62 10.74
N ASN K 522 35.13 -21.70 11.21
CA ASN K 522 34.89 -23.01 10.61
C ASN K 522 33.47 -23.49 10.87
N ILE K 523 33.07 -23.57 12.14
CA ILE K 523 31.64 -23.67 12.43
C ILE K 523 31.04 -22.30 12.13
N LYS K 524 29.86 -22.28 11.52
CA LYS K 524 29.38 -21.02 10.99
C LYS K 524 28.67 -20.19 12.05
N ILE K 525 29.44 -19.67 13.01
CA ILE K 525 28.93 -18.75 14.02
C ILE K 525 29.44 -17.34 13.76
N LEU K 526 30.76 -17.17 13.69
CA LEU K 526 31.36 -15.94 13.20
C LEU K 526 31.51 -16.05 11.69
N SER K 527 30.83 -15.18 10.97
CA SER K 527 30.82 -15.21 9.52
C SER K 527 31.51 -13.96 8.98
N LYS K 528 31.59 -13.88 7.65
CA LYS K 528 32.17 -12.69 7.02
C LYS K 528 31.29 -11.47 7.24
N ASN K 529 29.97 -11.65 7.22
CA ASN K 529 29.06 -10.55 7.49
C ASN K 529 29.13 -10.13 8.96
N ARG K 530 29.26 -11.11 9.87
CA ARG K 530 29.35 -10.81 11.29
C ARG K 530 30.66 -10.08 11.62
N ILE K 531 31.78 -10.57 11.07
CA ILE K 531 33.08 -9.93 11.28
C ILE K 531 33.11 -8.55 10.66
N LYS K 532 32.50 -8.39 9.48
CA LYS K 532 32.44 -7.09 8.81
C LYS K 532 31.62 -6.10 9.61
N GLU K 533 30.45 -6.51 10.09
CA GLU K 533 29.61 -5.61 10.88
C GLU K 533 30.22 -5.31 12.25
N PHE K 534 30.97 -6.25 12.81
CA PHE K 534 31.69 -6.00 14.05
C PHE K 534 32.78 -4.96 13.84
N TRP K 535 33.51 -5.05 12.71
CA TRP K 535 34.51 -4.04 12.39
C TRP K 535 33.86 -2.68 12.14
N GLU K 536 32.71 -2.68 11.45
CA GLU K 536 32.00 -1.43 11.18
C GLU K 536 31.56 -0.75 12.48
N GLU K 537 31.00 -1.52 13.41
CA GLU K 537 30.61 -0.97 14.71
C GLU K 537 31.77 -0.82 15.67
N PHE K 538 32.96 -1.34 15.32
CA PHE K 538 34.16 -1.11 16.12
C PHE K 538 34.84 0.19 15.74
N CYS K 539 34.78 0.55 14.46
CA CYS K 539 35.30 1.85 14.03
C CYS K 539 34.54 3.01 14.65
N LYS K 540 33.26 2.82 14.98
CA LYS K 540 32.45 3.84 15.61
C LYS K 540 32.59 3.81 17.13
N GLY K 541 33.75 3.42 17.63
CA GLY K 541 34.02 3.40 19.04
C GLY K 541 33.99 1.99 19.60
N GLN K 542 34.59 1.83 20.78
CA GLN K 542 34.51 0.56 21.48
C GLN K 542 33.10 0.32 22.00
N LYS K 543 32.40 1.38 22.39
CA LYS K 543 31.08 1.28 22.99
C LYS K 543 30.05 0.74 22.00
N ALA K 544 30.14 1.19 20.75
CA ALA K 544 29.21 0.70 19.72
C ALA K 544 29.46 -0.76 19.41
N ALA K 545 30.72 -1.20 19.49
CA ALA K 545 31.03 -2.62 19.29
C ALA K 545 30.52 -3.46 20.45
N ILE K 546 30.60 -2.93 21.68
CA ILE K 546 30.02 -3.60 22.84
C ILE K 546 28.50 -3.71 22.70
N LYS K 547 27.85 -2.63 22.22
CA LYS K 547 26.40 -2.66 22.02
C LYS K 547 26.00 -3.65 20.93
N TYR K 548 26.80 -3.73 19.85
CA TYR K 548 26.57 -4.71 18.80
C TYR K 548 26.70 -6.12 19.35
N ILE K 549 27.73 -6.37 20.13
CA ILE K 549 27.98 -7.73 20.59
C ILE K 549 27.01 -8.17 21.67
N THR K 550 26.58 -7.26 22.53
CA THR K 550 25.52 -7.56 23.45
C THR K 550 24.15 -7.56 22.80
N GLN K 551 24.02 -7.09 21.56
CA GLN K 551 22.78 -7.22 20.81
C GLN K 551 22.70 -8.54 20.04
N VAL K 552 23.85 -9.14 19.71
CA VAL K 552 23.90 -10.46 19.08
C VAL K 552 23.92 -11.58 20.10
N HIS K 553 24.34 -11.30 21.34
CA HIS K 553 24.37 -12.30 22.39
C HIS K 553 23.16 -12.27 23.31
N ARG K 554 22.29 -11.26 23.21
CA ARG K 554 21.08 -11.21 24.03
C ARG K 554 20.15 -12.36 23.71
N LYS K 555 20.04 -13.29 24.64
CA LYS K 555 19.02 -14.32 24.59
C LYS K 555 17.71 -13.64 24.95
N ASN K 556 16.81 -13.56 23.97
CA ASN K 556 15.50 -12.95 24.19
C ASN K 556 14.73 -13.75 25.23
N PRO K 557 14.17 -13.08 26.25
CA PRO K 557 13.48 -13.82 27.32
C PRO K 557 12.19 -14.51 26.86
N ASN K 558 11.62 -14.09 25.74
CA ASN K 558 10.41 -14.73 25.23
C ASN K 558 10.74 -15.94 24.36
N THR K 559 11.50 -15.73 23.29
CA THR K 559 11.78 -16.81 22.35
C THR K 559 12.91 -17.71 22.84
N GLY K 560 13.99 -17.13 23.35
CA GLY K 560 15.14 -17.92 23.75
C GLY K 560 16.09 -18.16 22.60
N ARG K 561 16.32 -17.13 21.80
CA ARG K 561 17.15 -17.24 20.60
C ARG K 561 18.14 -16.08 20.58
N ARG K 562 19.42 -16.38 20.74
CA ARG K 562 20.44 -15.39 20.48
C ARG K 562 20.56 -15.17 18.97
N ASN K 563 21.01 -13.97 18.60
CA ASN K 563 21.09 -13.58 17.19
C ASN K 563 22.42 -13.96 16.54
N TRP K 564 23.12 -14.95 17.08
CA TRP K 564 24.25 -15.55 16.38
C TRP K 564 23.73 -16.44 15.26
N ASN K 565 24.56 -16.61 14.25
CA ASN K 565 24.29 -17.66 13.28
C ASN K 565 24.49 -19.00 13.96
N PRO K 566 23.57 -19.95 13.81
CA PRO K 566 23.68 -21.24 14.50
C PRO K 566 24.87 -22.03 13.99
N PRO K 567 25.47 -22.88 14.83
CA PRO K 567 26.67 -23.61 14.41
C PRO K 567 26.35 -24.71 13.41
N GLU K 568 27.34 -25.04 12.59
CA GLU K 568 27.24 -26.09 11.59
C GLU K 568 27.92 -27.34 12.16
N GLY K 569 27.13 -28.35 12.47
CA GLY K 569 27.67 -29.57 13.04
C GLY K 569 26.57 -30.35 13.75
N ASP K 570 26.98 -31.10 14.76
CA ASP K 570 26.09 -31.92 15.56
C ASP K 570 26.35 -31.68 17.05
N PHE K 571 26.45 -30.40 17.43
CA PHE K 571 26.69 -30.04 18.82
C PHE K 571 25.42 -30.18 19.64
N THR K 572 25.59 -30.44 20.93
CA THR K 572 24.46 -30.46 21.86
C THR K 572 24.16 -29.05 22.35
N ASP K 573 23.01 -28.92 23.04
CA ASP K 573 22.47 -27.61 23.42
C ASP K 573 23.39 -26.87 24.38
N ASN K 574 23.96 -27.58 25.36
CA ASN K 574 24.93 -27.00 26.27
C ASN K 574 26.20 -26.61 25.53
N GLU K 575 26.62 -27.43 24.56
CA GLU K 575 27.80 -27.10 23.76
C GLU K 575 27.56 -25.88 22.88
N ILE K 576 26.36 -25.76 22.30
CA ILE K 576 26.00 -24.58 21.50
C ILE K 576 25.99 -23.33 22.37
N GLU K 577 25.50 -23.44 23.62
CA GLU K 577 25.55 -22.33 24.56
C GLU K 577 26.98 -21.92 24.88
N LYS K 578 27.86 -22.92 25.07
CA LYS K 578 29.27 -22.63 25.36
C LYS K 578 29.97 -22.01 24.15
N LEU K 579 29.62 -22.45 22.94
CA LEU K 579 30.21 -21.86 21.73
C LEU K 579 29.78 -20.42 21.54
N TYR K 580 28.50 -20.12 21.83
CA TYR K 580 28.03 -18.74 21.76
C TYR K 580 28.71 -17.86 22.81
N GLU K 581 28.92 -18.41 24.01
CA GLU K 581 29.62 -17.68 25.07
C GLU K 581 31.08 -17.41 24.69
N THR K 582 31.74 -18.39 24.06
CA THR K 582 33.09 -18.22 23.56
C THR K 582 33.16 -17.15 22.49
N ALA K 583 32.14 -17.09 21.61
CA ALA K 583 32.07 -16.05 20.60
C ALA K 583 31.95 -14.66 21.22
N TYR K 584 31.09 -14.54 22.24
CA TYR K 584 30.92 -13.28 22.97
C TYR K 584 32.22 -12.83 23.62
N ASN K 585 32.88 -13.76 24.34
CA ASN K 585 34.10 -13.41 25.07
C ASN K 585 35.24 -13.08 24.13
N THR K 586 35.37 -13.82 23.02
CA THR K 586 36.41 -13.57 22.04
C THR K 586 36.27 -12.21 21.37
N LEU K 587 35.05 -11.87 20.95
CA LEU K 587 34.86 -10.58 20.30
C LEU K 587 35.01 -9.42 21.27
N LEU K 588 34.55 -9.63 22.51
CA LEU K 588 34.64 -8.56 23.54
C LEU K 588 36.11 -8.36 23.90
N SER K 589 36.89 -9.45 23.94
CA SER K 589 38.31 -9.32 24.22
C SER K 589 39.05 -8.68 23.06
N LEU K 590 38.58 -8.91 21.82
CA LEU K 590 39.22 -8.28 20.67
C LEU K 590 38.96 -6.78 20.63
N ILE K 591 37.83 -6.32 21.21
CA ILE K 591 37.56 -4.88 21.34
C ILE K 591 38.65 -4.15 22.14
N LYS K 592 39.27 -4.83 23.12
CA LYS K 592 40.32 -4.19 23.93
C LYS K 592 41.56 -3.88 23.11
N TYR K 593 41.93 -4.75 22.17
CA TYR K 593 43.12 -4.57 21.36
C TYR K 593 42.96 -3.38 20.43
N ASP K 594 44.09 -2.79 20.03
CA ASP K 594 44.05 -1.60 19.21
C ASP K 594 43.64 -1.95 17.78
N LYS K 595 43.26 -0.91 17.03
CA LYS K 595 42.57 -1.05 15.75
C LYS K 595 43.40 -1.77 14.70
N ASN K 596 44.71 -1.56 14.73
CA ASN K 596 45.61 -2.25 13.81
C ASN K 596 45.64 -3.74 14.07
N LYS K 597 45.66 -4.13 15.35
CA LYS K 597 45.64 -5.55 15.70
C LYS K 597 44.30 -6.19 15.36
N VAL K 598 43.20 -5.47 15.57
CA VAL K 598 41.87 -5.99 15.23
C VAL K 598 41.73 -6.17 13.73
N TYR K 599 42.26 -5.22 12.96
CA TYR K 599 42.28 -5.34 11.51
C TYR K 599 43.14 -6.53 11.07
N ASN K 600 44.36 -6.65 11.62
CA ASN K 600 45.27 -7.70 11.19
C ASN K 600 44.85 -9.08 11.68
N ILE K 601 43.99 -9.16 12.70
CA ILE K 601 43.36 -10.41 13.05
C ILE K 601 42.19 -10.72 12.12
N LEU K 602 41.42 -9.70 11.73
CA LEU K 602 40.15 -9.91 11.05
C LEU K 602 40.22 -9.70 9.54
N ILE K 603 41.40 -9.61 8.94
CA ILE K 603 41.50 -9.69 7.49
C ILE K 603 42.15 -11.00 7.06
N ASN K 604 42.39 -11.90 8.00
CA ASN K 604 42.75 -13.28 7.71
C ASN K 604 41.53 -14.16 7.61
N PHE K 605 40.35 -13.62 7.98
CA PHE K 605 39.08 -14.33 7.91
C PHE K 605 38.04 -13.63 7.05
N ASN K 606 38.15 -12.31 6.84
CA ASN K 606 37.28 -11.60 5.89
C ASN K 606 38.17 -10.49 5.33
N PRO K 607 38.63 -10.63 4.08
CA PRO K 607 39.57 -9.66 3.49
C PRO K 607 39.06 -8.24 3.37
N LYS K 608 37.77 -8.05 3.11
CA LYS K 608 37.18 -6.71 3.05
C LYS K 608 36.69 -6.35 4.46
N LEU K 609 37.55 -5.66 5.21
CA LEU K 609 37.31 -5.18 6.57
C LEU K 609 36.92 -6.29 7.55
N LYS L 433 26.14 31.61 22.04
CA LYS L 433 24.75 32.05 21.90
C LYS L 433 24.45 32.45 20.46
N LYS L 434 25.51 32.69 19.68
CA LYS L 434 25.35 33.06 18.28
C LYS L 434 24.89 31.87 17.46
N VAL L 435 23.87 32.07 16.62
CA VAL L 435 23.29 31.00 15.82
C VAL L 435 23.54 31.28 14.35
N VAL L 436 24.08 30.28 13.65
CA VAL L 436 24.41 30.38 12.23
C VAL L 436 23.57 29.35 11.48
N LEU L 437 22.91 29.77 10.40
CA LEU L 437 22.01 28.90 9.66
C LEU L 437 22.68 28.55 8.34
N ASN L 438 23.14 27.30 8.21
CA ASN L 438 23.85 26.83 7.02
C ASN L 438 22.95 26.02 6.09
N ILE L 439 21.64 26.23 6.17
CA ILE L 439 20.71 25.63 5.22
C ILE L 439 20.40 26.74 4.22
N ASN L 440 20.43 26.40 2.93
CA ASN L 440 19.96 27.33 1.91
C ASN L 440 18.50 27.76 2.12
N THR L 441 18.28 29.07 2.20
CA THR L 441 16.96 29.60 2.49
C THR L 441 16.29 30.17 1.25
N ASP L 442 16.50 29.52 0.10
CA ASP L 442 15.92 30.01 -1.15
C ASP L 442 14.55 29.40 -1.40
N ASN L 443 14.48 28.06 -1.45
CA ASN L 443 13.24 27.35 -1.77
C ASN L 443 12.35 27.34 -0.52
N MET L 444 11.64 28.45 -0.33
CA MET L 444 10.84 28.71 0.86
C MET L 444 9.41 29.01 0.42
N CYS L 445 8.44 28.34 1.03
CA CYS L 445 7.03 28.53 0.72
C CYS L 445 6.41 29.54 1.67
N ASN L 446 5.09 29.75 1.57
CA ASN L 446 4.37 30.73 2.36
C ASN L 446 3.09 30.08 2.86
N PHE L 447 2.92 30.01 4.18
CA PHE L 447 1.70 29.51 4.79
C PHE L 447 1.47 30.30 6.06
N ALA L 448 0.20 30.61 6.35
CA ALA L 448 -0.25 31.37 7.53
C ALA L 448 0.30 32.78 7.60
N SER L 449 0.54 33.39 6.42
CA SER L 449 1.24 34.67 6.19
C SER L 449 2.73 34.59 6.56
N TYR L 450 3.21 33.41 6.93
CA TYR L 450 4.60 33.25 7.32
C TYR L 450 5.35 32.49 6.25
N ARG L 451 6.52 32.99 5.90
CA ARG L 451 7.39 32.23 5.02
C ARG L 451 7.99 31.10 5.82
N LEU L 452 7.96 29.89 5.27
CA LEU L 452 8.46 28.74 6.00
C LEU L 452 8.95 27.68 5.02
N MET L 453 9.82 26.80 5.50
CA MET L 453 10.23 25.61 4.77
C MET L 453 10.55 24.48 5.73
N PRO L 454 9.97 23.29 5.50
CA PRO L 454 10.43 22.09 6.21
C PRO L 454 11.85 21.72 5.88
N PHE L 455 12.69 21.87 6.92
CA PHE L 455 14.12 21.52 6.81
C PHE L 455 14.38 20.23 7.59
N SER L 456 15.34 19.43 7.12
CA SER L 456 15.70 18.12 7.66
C SER L 456 17.21 18.10 7.89
N GLY L 457 17.65 18.51 9.09
CA GLY L 457 19.10 18.61 9.30
C GLY L 457 19.50 18.47 10.76
N PHE L 458 20.71 18.93 11.07
CA PHE L 458 21.41 18.62 12.31
C PHE L 458 21.81 19.91 12.98
N ILE L 459 21.49 20.03 14.27
CA ILE L 459 21.99 21.13 15.06
C ILE L 459 23.33 20.71 15.65
N VAL L 460 24.36 21.51 15.37
CA VAL L 460 25.73 21.24 15.79
C VAL L 460 26.11 22.32 16.79
N GLU L 461 26.92 21.95 17.78
CA GLU L 461 27.38 22.88 18.80
C GLU L 461 28.90 22.94 18.83
N LYS L 462 29.44 24.16 18.93
CA LYS L 462 30.86 24.38 19.16
C LYS L 462 31.03 25.27 20.39
N ASP L 463 32.30 25.61 20.66
CA ASP L 463 32.63 26.45 21.81
C ASP L 463 32.17 27.90 21.64
N ASP L 464 31.85 28.34 20.42
CA ASP L 464 31.43 29.71 20.20
C ASP L 464 30.20 29.85 19.30
N ARG L 465 29.65 28.74 18.79
CA ARG L 465 28.62 28.80 17.76
C ARG L 465 27.67 27.64 17.90
N ILE L 466 26.40 27.89 17.63
CA ILE L 466 25.38 26.85 17.53
C ILE L 466 24.88 26.92 16.10
N GLU L 467 25.24 25.95 15.26
CA GLU L 467 24.96 26.06 13.84
C GLU L 467 23.95 24.99 13.45
N ILE L 468 23.32 25.21 12.30
CA ILE L 468 22.34 24.29 11.76
C ILE L 468 22.88 23.86 10.41
N ASN L 469 23.45 22.65 10.36
CA ASN L 469 24.09 22.12 9.16
C ASN L 469 23.30 20.94 8.62
N ASP L 470 23.24 20.83 7.28
CA ASP L 470 22.35 19.86 6.64
C ASP L 470 22.87 18.43 6.74
N LYS L 471 22.11 17.52 6.13
CA LYS L 471 22.49 16.12 6.08
C LYS L 471 23.79 15.95 5.31
N ASN L 472 24.02 16.79 4.30
CA ASN L 472 25.23 16.72 3.49
C ASN L 472 26.48 16.97 4.34
N TRP L 473 26.38 17.89 5.30
CA TRP L 473 27.45 18.10 6.28
C TRP L 473 27.71 16.86 7.11
N PHE L 474 26.65 16.17 7.53
CA PHE L 474 26.83 14.97 8.34
C PHE L 474 27.43 13.84 7.51
N ASP L 475 27.11 13.76 6.21
CA ASP L 475 27.78 12.82 5.32
C ASP L 475 29.27 13.13 5.19
N MET L 476 29.62 14.41 5.04
CA MET L 476 31.02 14.81 4.94
C MET L 476 31.79 14.48 6.23
N ILE L 477 31.18 14.77 7.38
CA ILE L 477 31.84 14.52 8.67
C ILE L 477 31.95 13.02 8.94
N TRP L 478 30.92 12.24 8.58
CA TRP L 478 30.96 10.80 8.78
C TRP L 478 32.02 10.14 7.91
N ASN L 479 32.08 10.50 6.62
CA ASN L 479 33.13 9.95 5.76
C ASN L 479 34.51 10.44 6.15
N GLU L 480 34.61 11.67 6.67
CA GLU L 480 35.89 12.17 7.17
C GLU L 480 36.36 11.38 8.38
N GLU L 481 35.46 11.06 9.31
CA GLU L 481 35.85 10.29 10.48
C GLU L 481 36.11 8.83 10.14
N TYR L 482 35.38 8.26 9.18
CA TYR L 482 35.65 6.90 8.76
C TYR L 482 36.97 6.80 7.99
N ASN L 483 37.32 7.84 7.24
CA ASN L 483 38.63 7.86 6.59
C ASN L 483 39.74 8.12 7.59
N LYS L 484 39.47 8.87 8.65
CA LYS L 484 40.43 9.06 9.73
C LYS L 484 40.71 7.76 10.46
N MET L 485 39.66 6.96 10.68
CA MET L 485 39.83 5.65 11.29
C MET L 485 40.53 4.68 10.32
N ARG L 486 40.22 4.81 9.03
CA ARG L 486 40.85 3.96 8.02
C ARG L 486 42.32 4.32 7.82
N SER L 487 42.69 5.58 8.02
CA SER L 487 44.09 6.00 7.93
C SER L 487 44.87 5.77 9.22
N GLN L 488 44.83 4.55 9.75
CA GLN L 488 45.59 4.20 10.95
C GLN L 488 46.27 2.85 10.76
N PRO L 506 58.46 -23.87 -7.34
CA PRO L 506 59.07 -25.16 -7.71
C PRO L 506 60.13 -24.97 -8.80
N ASP L 507 60.27 -25.97 -9.69
CA ASP L 507 61.33 -25.88 -10.72
C ASP L 507 60.87 -26.54 -12.03
N MET L 508 60.75 -25.75 -13.10
CA MET L 508 60.38 -26.27 -14.42
C MET L 508 61.40 -25.80 -15.45
N SER L 509 61.20 -26.19 -16.70
CA SER L 509 62.11 -25.80 -17.77
C SER L 509 61.87 -24.35 -18.19
N HIS L 510 62.75 -23.85 -19.05
CA HIS L 510 62.63 -22.53 -19.66
C HIS L 510 61.75 -22.56 -20.92
N ASP L 511 61.44 -23.75 -21.43
CA ASP L 511 60.59 -23.92 -22.59
C ASP L 511 59.22 -24.48 -22.22
N LYS L 512 59.18 -25.30 -21.16
CA LYS L 512 57.93 -25.77 -20.57
C LYS L 512 57.06 -24.60 -20.11
N ILE L 513 57.70 -23.58 -19.52
CA ILE L 513 56.98 -22.39 -19.11
C ILE L 513 56.47 -21.60 -20.32
N ILE L 514 57.22 -21.64 -21.43
CA ILE L 514 56.81 -20.93 -22.64
C ILE L 514 55.59 -21.61 -23.26
N GLU L 515 55.63 -22.95 -23.37
CA GLU L 515 54.51 -23.71 -23.90
C GLU L 515 53.30 -23.62 -23.00
N ASN L 516 53.52 -23.62 -21.68
CA ASN L 516 52.42 -23.50 -20.72
C ASN L 516 51.74 -22.14 -20.82
N ILE L 517 52.52 -21.07 -20.88
CA ILE L 517 51.92 -19.74 -20.96
C ILE L 517 51.28 -19.52 -22.34
N GLU L 518 51.82 -20.14 -23.39
CA GLU L 518 51.19 -20.13 -24.70
C GLU L 518 49.83 -20.83 -24.68
N TYR L 519 49.75 -21.99 -24.04
CA TYR L 519 48.49 -22.71 -23.93
C TYR L 519 47.47 -21.95 -23.09
N LEU L 520 47.90 -21.39 -21.97
CA LEU L 520 46.97 -20.70 -21.09
C LEU L 520 46.57 -19.33 -21.65
N PHE L 521 47.38 -18.77 -22.55
CA PHE L 521 46.95 -17.58 -23.28
C PHE L 521 45.97 -17.93 -24.38
N ASN L 522 46.16 -19.09 -25.01
CA ASN L 522 45.27 -19.48 -26.10
C ASN L 522 43.88 -19.85 -25.59
N ILE L 523 43.81 -20.52 -24.43
CA ILE L 523 42.51 -20.92 -23.88
C ILE L 523 41.90 -19.87 -22.98
N LYS L 524 42.51 -18.68 -22.90
CA LYS L 524 41.99 -17.48 -22.20
C LYS L 524 41.79 -17.71 -20.71
N ILE L 525 42.85 -18.11 -20.03
CA ILE L 525 42.88 -18.09 -18.57
C ILE L 525 44.01 -17.18 -18.08
N LEU L 526 45.09 -17.11 -18.84
CA LEU L 526 46.13 -16.11 -18.62
C LEU L 526 46.00 -15.09 -19.74
N SER L 527 45.80 -13.84 -19.35
CA SER L 527 45.56 -12.78 -20.30
C SER L 527 46.52 -11.63 -20.03
N LYS L 528 46.54 -10.66 -20.94
CA LYS L 528 47.36 -9.46 -20.85
C LYS L 528 47.13 -8.68 -19.56
N ASN L 529 45.88 -8.67 -19.07
CA ASN L 529 45.54 -8.07 -17.78
C ASN L 529 46.23 -8.79 -16.63
N ARG L 530 46.10 -10.12 -16.60
CA ARG L 530 46.77 -11.01 -15.63
C ARG L 530 48.27 -10.81 -15.63
N ILE L 531 48.86 -10.76 -16.83
CA ILE L 531 50.30 -10.63 -16.96
C ILE L 531 50.75 -9.24 -16.51
N LYS L 532 49.94 -8.21 -16.81
CA LYS L 532 50.22 -6.85 -16.36
C LYS L 532 50.20 -6.75 -14.84
N GLU L 533 49.19 -7.34 -14.19
CA GLU L 533 49.11 -7.31 -12.74
C GLU L 533 50.22 -8.15 -12.11
N PHE L 534 50.58 -9.27 -12.76
CA PHE L 534 51.69 -10.09 -12.30
C PHE L 534 53.03 -9.35 -12.37
N TRP L 535 53.24 -8.60 -13.45
CA TRP L 535 54.47 -7.80 -13.55
C TRP L 535 54.47 -6.63 -12.58
N GLU L 536 53.30 -6.04 -12.32
CA GLU L 536 53.21 -4.97 -11.31
C GLU L 536 53.52 -5.50 -9.92
N GLU L 537 53.07 -6.71 -9.61
CA GLU L 537 53.41 -7.30 -8.32
C GLU L 537 54.85 -7.80 -8.28
N PHE L 538 55.41 -8.18 -9.43
CA PHE L 538 56.81 -8.59 -9.48
C PHE L 538 57.74 -7.40 -9.24
N CYS L 539 57.38 -6.23 -9.79
CA CYS L 539 58.15 -5.02 -9.51
C CYS L 539 58.04 -4.61 -8.05
N LYS L 540 56.98 -5.01 -7.36
CA LYS L 540 56.85 -4.79 -5.93
C LYS L 540 57.66 -5.79 -5.10
N GLY L 541 58.23 -6.82 -5.72
CA GLY L 541 59.03 -7.79 -5.03
C GLY L 541 58.69 -9.19 -5.46
N GLN L 542 59.10 -10.16 -4.64
CA GLN L 542 58.90 -11.57 -4.97
C GLN L 542 57.87 -12.25 -4.07
N LYS L 543 57.84 -11.93 -2.77
CA LYS L 543 56.80 -12.47 -1.90
C LYS L 543 55.43 -11.91 -2.25
N ALA L 544 55.37 -10.66 -2.73
CA ALA L 544 54.11 -10.07 -3.14
C ALA L 544 53.57 -10.74 -4.39
N ALA L 545 54.45 -11.22 -5.27
CA ALA L 545 54.00 -11.97 -6.43
C ALA L 545 53.39 -13.31 -6.02
N ILE L 546 54.01 -13.99 -5.04
CA ILE L 546 53.41 -15.17 -4.44
C ILE L 546 52.10 -14.87 -3.72
N LYS L 547 51.97 -13.68 -3.13
CA LYS L 547 50.76 -13.29 -2.44
C LYS L 547 49.60 -13.06 -3.40
N TYR L 548 49.85 -12.27 -4.45
CA TYR L 548 48.93 -12.06 -5.57
C TYR L 548 48.50 -13.36 -6.23
N ILE L 549 49.47 -14.25 -6.48
CA ILE L 549 49.15 -15.50 -7.16
C ILE L 549 48.34 -16.43 -6.25
N THR L 550 48.60 -16.39 -4.93
CA THR L 550 47.79 -17.16 -4.00
C THR L 550 46.38 -16.59 -3.89
N GLN L 551 46.25 -15.26 -3.94
CA GLN L 551 44.94 -14.62 -3.89
C GLN L 551 44.10 -14.93 -5.12
N VAL L 552 44.74 -14.94 -6.30
CA VAL L 552 44.05 -15.29 -7.54
C VAL L 552 43.65 -16.76 -7.52
N HIS L 553 44.54 -17.64 -7.07
CA HIS L 553 44.26 -19.07 -7.03
C HIS L 553 43.42 -19.49 -5.82
N ARG L 554 43.11 -18.56 -4.90
CA ARG L 554 42.38 -18.90 -3.68
C ARG L 554 40.97 -19.32 -4.01
N LYS L 555 40.69 -20.62 -3.87
CA LYS L 555 39.36 -21.15 -4.09
C LYS L 555 38.50 -20.82 -2.88
N ASN L 556 37.40 -20.11 -3.11
CA ASN L 556 36.49 -19.74 -2.04
C ASN L 556 35.77 -20.99 -1.56
N PRO L 557 35.82 -21.32 -0.26
CA PRO L 557 35.21 -22.58 0.20
C PRO L 557 33.69 -22.60 0.15
N ASN L 558 33.04 -21.45 0.03
CA ASN L 558 31.59 -21.38 0.00
C ASN L 558 31.02 -21.50 -1.40
N THR L 559 31.77 -21.08 -2.42
CA THR L 559 31.32 -21.17 -3.81
C THR L 559 32.13 -22.14 -4.66
N GLY L 560 33.35 -22.48 -4.27
CA GLY L 560 34.20 -23.33 -5.07
C GLY L 560 34.68 -22.69 -6.35
N ARG L 561 35.13 -21.44 -6.26
CA ARG L 561 35.53 -20.68 -7.42
C ARG L 561 36.90 -20.05 -7.20
N ARG L 562 37.69 -20.02 -8.27
CA ARG L 562 38.98 -19.33 -8.29
C ARG L 562 38.87 -18.13 -9.23
N ASN L 563 39.61 -17.07 -8.91
CA ASN L 563 39.53 -15.80 -9.62
C ASN L 563 40.18 -15.79 -11.02
N TRP L 564 40.64 -16.95 -11.49
CA TRP L 564 41.15 -17.08 -12.85
C TRP L 564 40.03 -16.91 -13.87
N ASN L 565 40.42 -16.67 -15.12
CA ASN L 565 39.40 -16.66 -16.15
C ASN L 565 39.05 -18.09 -16.55
N PRO L 566 37.78 -18.42 -16.78
CA PRO L 566 37.43 -19.76 -17.19
C PRO L 566 37.95 -20.06 -18.60
N PRO L 567 38.30 -21.32 -18.87
CA PRO L 567 38.91 -21.63 -20.16
C PRO L 567 37.90 -21.65 -21.30
N GLU L 568 38.41 -21.48 -22.51
CA GLU L 568 37.59 -21.57 -23.71
C GLU L 568 37.64 -22.95 -24.33
N GLY L 569 36.47 -23.50 -24.59
CA GLY L 569 36.33 -24.84 -25.10
C GLY L 569 35.61 -25.72 -24.12
N ASP L 570 35.27 -26.91 -24.60
CA ASP L 570 34.54 -27.89 -23.83
C ASP L 570 35.55 -28.69 -23.01
N PHE L 571 35.68 -28.32 -21.74
CA PHE L 571 36.58 -28.99 -20.81
C PHE L 571 35.78 -29.55 -19.64
N THR L 572 36.20 -30.70 -19.14
CA THR L 572 35.63 -31.25 -17.92
C THR L 572 36.12 -30.43 -16.71
N ASP L 573 35.40 -30.57 -15.60
CA ASP L 573 35.68 -29.78 -14.41
C ASP L 573 37.04 -30.12 -13.80
N ASN L 574 37.43 -31.39 -13.85
CA ASN L 574 38.76 -31.79 -13.42
C ASN L 574 39.84 -31.22 -14.33
N GLU L 575 39.56 -31.12 -15.64
CA GLU L 575 40.49 -30.48 -16.56
C GLU L 575 40.64 -28.99 -16.26
N ILE L 576 39.54 -28.32 -15.92
CA ILE L 576 39.60 -26.91 -15.57
C ILE L 576 40.37 -26.70 -14.27
N GLU L 577 40.19 -27.61 -13.30
CA GLU L 577 40.97 -27.55 -12.06
C GLU L 577 42.45 -27.81 -12.31
N LYS L 578 42.76 -28.73 -13.24
CA LYS L 578 44.15 -29.00 -13.60
C LYS L 578 44.79 -27.80 -14.30
N LEU L 579 44.02 -27.10 -15.15
CA LEU L 579 44.55 -25.90 -15.78
C LEU L 579 44.73 -24.75 -14.79
N TYR L 580 43.85 -24.67 -13.77
CA TYR L 580 44.03 -23.73 -12.68
C TYR L 580 45.34 -24.01 -11.93
N GLU L 581 45.59 -25.29 -11.63
CA GLU L 581 46.81 -25.69 -10.95
C GLU L 581 48.04 -25.44 -11.83
N THR L 582 47.89 -25.63 -13.14
CA THR L 582 48.98 -25.37 -14.08
C THR L 582 49.33 -23.89 -14.14
N ALA L 583 48.32 -23.02 -14.11
CA ALA L 583 48.57 -21.57 -14.08
C ALA L 583 49.25 -21.16 -12.79
N TYR L 584 48.80 -21.72 -11.66
CA TYR L 584 49.41 -21.43 -10.36
C TYR L 584 50.87 -21.88 -10.31
N ASN L 585 51.13 -23.11 -10.74
CA ASN L 585 52.49 -23.65 -10.71
C ASN L 585 53.40 -22.96 -11.72
N THR L 586 52.87 -22.59 -12.88
CA THR L 586 53.66 -21.93 -13.91
C THR L 586 54.10 -20.55 -13.45
N LEU L 587 53.17 -19.75 -12.93
CA LEU L 587 53.61 -18.44 -12.50
C LEU L 587 54.44 -18.51 -11.23
N LEU L 588 54.16 -19.45 -10.31
CA LEU L 588 55.01 -19.64 -9.12
C LEU L 588 56.42 -20.07 -9.50
N SER L 589 56.58 -20.88 -10.55
CA SER L 589 57.90 -21.20 -11.06
C SER L 589 58.57 -19.98 -11.67
N LEU L 590 57.77 -19.09 -12.28
CA LEU L 590 58.33 -17.85 -12.82
C LEU L 590 58.80 -16.88 -11.74
N ILE L 591 58.21 -16.91 -10.54
CA ILE L 591 58.71 -16.06 -9.45
C ILE L 591 60.13 -16.44 -8.99
N LYS L 592 60.58 -17.65 -9.33
CA LYS L 592 61.93 -18.08 -8.98
C LYS L 592 62.99 -17.75 -10.03
N TYR L 593 62.60 -17.31 -11.22
CA TYR L 593 63.56 -16.88 -12.23
C TYR L 593 64.02 -15.45 -11.93
N ASP L 594 64.84 -14.89 -12.81
CA ASP L 594 65.35 -13.52 -12.68
C ASP L 594 64.55 -12.55 -13.54
N LYS L 595 64.60 -11.27 -13.15
CA LYS L 595 63.79 -10.17 -13.69
C LYS L 595 63.83 -10.00 -15.20
N ASN L 596 65.04 -9.93 -15.78
CA ASN L 596 65.24 -9.85 -17.23
C ASN L 596 64.63 -11.08 -17.89
N LYS L 597 64.83 -12.25 -17.28
CA LYS L 597 64.24 -13.44 -17.87
C LYS L 597 62.72 -13.40 -17.75
N VAL L 598 62.18 -12.90 -16.63
CA VAL L 598 60.72 -12.86 -16.44
C VAL L 598 60.12 -11.90 -17.47
N TYR L 599 60.87 -10.83 -17.80
CA TYR L 599 60.51 -9.94 -18.90
C TYR L 599 60.51 -10.67 -20.24
N ASN L 600 61.56 -11.46 -20.51
CA ASN L 600 61.70 -12.12 -21.81
C ASN L 600 60.66 -13.22 -22.04
N ILE L 601 60.26 -13.93 -20.98
CA ILE L 601 59.17 -14.91 -21.12
C ILE L 601 57.80 -14.24 -21.20
N LEU L 602 57.54 -13.19 -20.40
CA LEU L 602 56.19 -12.62 -20.43
C LEU L 602 55.94 -11.77 -21.68
N ILE L 603 56.99 -11.13 -22.23
CA ILE L 603 56.92 -10.54 -23.55
C ILE L 603 56.81 -11.72 -24.51
N ASN L 604 56.14 -11.51 -25.67
CA ASN L 604 55.44 -12.40 -26.63
C ASN L 604 54.01 -12.68 -26.15
N PHE L 605 53.64 -12.25 -24.95
CA PHE L 605 52.26 -12.43 -24.53
C PHE L 605 51.59 -11.09 -24.21
N ASN L 606 52.20 -10.29 -23.35
CA ASN L 606 51.73 -8.94 -23.11
C ASN L 606 52.86 -7.97 -23.45
N PRO L 607 52.94 -7.51 -24.70
CA PRO L 607 54.06 -6.64 -25.10
C PRO L 607 54.08 -5.27 -24.42
N LYS L 608 52.95 -4.79 -23.88
CA LYS L 608 52.97 -3.54 -23.14
C LYS L 608 53.66 -3.67 -21.80
N LEU L 609 53.50 -4.81 -21.13
CA LEU L 609 54.13 -5.05 -19.83
C LEU L 609 54.35 -6.54 -19.59
ZN ZN O . -64.53 -10.70 30.29
ZN ZN P . -31.63 -11.70 40.98
ZN ZN Q . -0.65 -24.36 30.64
ZN ZN R . 26.32 -15.67 -28.31
ZN ZN S . 32.22 15.49 -41.85
ZN ZN T . 48.84 44.98 -34.27
ZN ZN U . 82.51 17.02 -9.57
ZN ZN V . -41.53 -0.68 -13.16
ZN ZN W . 17.97 -30.26 1.65
#